data_2RNR
#
_entry.id   2RNR
#
loop_
_entity.id
_entity.type
_entity.pdbx_description
1 polymer 'Transcription initiation factor IIE subunit alpha'
2 polymer 'TFIIH basal transcription factor complex p62 subunit'
#
loop_
_entity_poly.entity_id
_entity_poly.type
_entity_poly.pdbx_seq_one_letter_code
_entity_poly.pdbx_strand_id
1 'polypeptide(L)' GSEEDEEEDDEFEEVADDPIVMVAGRPFSYSEVSQRPELVAQMTPEEKEAYIAMGQRMFEDLFE A
2 'polypeptide(L)'
;GSMATSSEEVLLIVKKVRQKKQDGALYLMAERIAWAPEGKDRFTISHMYADIKCQKISPEGKAKIQLQLVLHAGDTTNFH
FSNESTAVKERDAVKDLLQQLLPKFKRKAN
;
B
#
# COMPACT_ATOMS: atom_id res chain seq x y z
N GLU A 3 -3.59 -29.26 3.52
CA GLU A 3 -3.36 -27.84 3.88
C GLU A 3 -1.99 -27.69 4.49
N GLU A 4 -1.19 -26.87 3.84
CA GLU A 4 0.18 -26.62 4.24
C GLU A 4 0.44 -25.12 4.24
N ASP A 5 1.68 -24.73 4.38
CA ASP A 5 2.03 -23.32 4.38
C ASP A 5 3.38 -23.09 3.72
N GLU A 6 3.34 -22.46 2.55
CA GLU A 6 4.56 -22.16 1.80
C GLU A 6 5.04 -20.76 2.13
N GLU A 7 4.32 -20.11 3.04
CA GLU A 7 4.67 -18.76 3.47
C GLU A 7 5.66 -18.83 4.63
N GLU A 8 6.73 -18.06 4.56
CA GLU A 8 7.76 -18.08 5.59
C GLU A 8 8.01 -16.71 6.22
N ASP A 9 7.99 -15.66 5.40
CA ASP A 9 8.25 -14.29 5.87
C ASP A 9 9.70 -14.16 6.34
N ASP A 10 10.63 -14.29 5.40
CA ASP A 10 12.05 -14.23 5.71
C ASP A 10 12.75 -13.04 5.09
N GLU A 11 12.00 -12.17 4.40
CA GLU A 11 12.61 -11.04 3.76
C GLU A 11 11.54 -10.10 3.30
N PHE A 12 11.11 -9.27 4.22
CA PHE A 12 10.08 -8.32 3.91
C PHE A 12 10.53 -6.93 4.32
N GLU A 13 10.30 -5.98 3.44
CA GLU A 13 10.66 -4.60 3.68
C GLU A 13 9.52 -4.00 4.44
N GLU A 14 9.74 -3.55 5.66
CA GLU A 14 8.65 -2.93 6.36
C GLU A 14 8.31 -1.66 5.58
N VAL A 15 7.23 -1.71 4.85
CA VAL A 15 6.83 -0.58 4.05
C VAL A 15 6.24 0.47 4.97
N ALA A 16 6.39 1.72 4.60
CA ALA A 16 5.86 2.80 5.41
C ALA A 16 4.91 3.63 4.57
N ASP A 17 3.75 3.89 5.12
CA ASP A 17 2.73 4.71 4.45
C ASP A 17 3.30 6.06 4.08
N ASP A 18 3.74 6.17 2.84
CA ASP A 18 4.34 7.41 2.37
C ASP A 18 3.58 7.98 1.18
N PRO A 19 3.03 9.19 1.34
CA PRO A 19 2.30 9.89 0.28
C PRO A 19 3.23 10.48 -0.77
N ILE A 20 2.65 10.87 -1.89
CA ILE A 20 3.41 11.46 -2.99
C ILE A 20 3.19 12.96 -3.05
N VAL A 21 4.27 13.71 -2.96
CA VAL A 21 4.21 15.16 -3.02
C VAL A 21 5.06 15.64 -4.19
N MET A 22 4.43 16.36 -5.11
CA MET A 22 5.12 16.86 -6.28
C MET A 22 5.89 18.10 -5.98
N VAL A 23 7.07 18.18 -6.54
CA VAL A 23 7.94 19.32 -6.38
C VAL A 23 8.44 19.74 -7.74
N ALA A 24 8.16 20.98 -8.10
CA ALA A 24 8.55 21.53 -9.39
C ALA A 24 7.84 20.76 -10.50
N GLY A 25 6.72 20.13 -10.15
CA GLY A 25 5.98 19.36 -11.13
C GLY A 25 6.49 17.94 -11.26
N ARG A 26 7.42 17.58 -10.39
CA ARG A 26 7.99 16.24 -10.39
C ARG A 26 7.46 15.46 -9.20
N PRO A 27 6.94 14.25 -9.43
CA PRO A 27 6.36 13.43 -8.36
C PRO A 27 7.42 12.79 -7.46
N PHE A 28 7.52 13.32 -6.26
CA PHE A 28 8.45 12.80 -5.27
C PHE A 28 7.67 12.25 -4.08
N SER A 29 8.28 11.39 -3.31
CA SER A 29 7.62 10.85 -2.15
C SER A 29 7.78 11.83 -0.98
N TYR A 30 7.01 11.66 0.06
CA TYR A 30 7.07 12.56 1.20
C TYR A 30 8.41 12.46 1.90
N SER A 31 8.86 11.23 2.14
CA SER A 31 10.14 11.00 2.78
C SER A 31 11.28 11.46 1.87
N GLU A 32 10.97 11.57 0.59
CA GLU A 32 11.93 11.99 -0.41
C GLU A 32 12.04 13.51 -0.39
N VAL A 33 10.89 14.16 -0.36
CA VAL A 33 10.81 15.61 -0.33
C VAL A 33 11.37 16.15 0.98
N SER A 34 11.11 15.45 2.07
CA SER A 34 11.58 15.87 3.39
C SER A 34 13.08 15.67 3.55
N GLN A 35 13.62 14.66 2.88
CA GLN A 35 15.05 14.38 2.95
C GLN A 35 15.83 15.33 2.08
N ARG A 36 15.16 15.95 1.11
CA ARG A 36 15.82 16.90 0.22
C ARG A 36 15.36 18.33 0.46
N PRO A 37 16.16 19.09 1.24
CA PRO A 37 15.86 20.49 1.53
C PRO A 37 15.80 21.33 0.26
N GLU A 38 16.49 20.87 -0.79
CA GLU A 38 16.51 21.59 -2.05
C GLU A 38 15.17 21.42 -2.73
N LEU A 39 14.54 20.27 -2.51
CA LEU A 39 13.24 20.00 -3.09
C LEU A 39 12.22 20.98 -2.54
N VAL A 40 12.18 21.10 -1.23
CA VAL A 40 11.25 22.03 -0.59
C VAL A 40 11.64 23.48 -0.92
N ALA A 41 12.91 23.65 -1.27
CA ALA A 41 13.44 24.95 -1.62
C ALA A 41 13.17 25.28 -3.09
N GLN A 42 12.77 24.27 -3.85
CA GLN A 42 12.46 24.46 -5.26
C GLN A 42 11.01 24.15 -5.48
N MET A 43 10.33 23.83 -4.39
CA MET A 43 8.93 23.53 -4.45
C MET A 43 8.15 24.83 -4.38
N THR A 44 7.11 24.89 -5.15
CA THR A 44 6.29 26.09 -5.22
C THR A 44 5.45 26.22 -3.96
N PRO A 45 4.88 27.42 -3.70
CA PRO A 45 4.02 27.64 -2.53
C PRO A 45 2.95 26.57 -2.46
N GLU A 46 2.35 26.27 -3.61
CA GLU A 46 1.33 25.25 -3.71
C GLU A 46 1.87 23.89 -3.27
N GLU A 47 3.05 23.54 -3.78
CA GLU A 47 3.67 22.28 -3.45
C GLU A 47 4.06 22.24 -1.98
N LYS A 48 4.60 23.35 -1.48
CA LYS A 48 4.98 23.46 -0.08
C LYS A 48 3.75 23.29 0.82
N GLU A 49 2.67 23.97 0.45
CA GLU A 49 1.45 23.89 1.22
C GLU A 49 0.89 22.47 1.14
N ALA A 50 1.03 21.88 -0.04
CA ALA A 50 0.58 20.51 -0.27
C ALA A 50 1.39 19.56 0.61
N TYR A 51 2.70 19.78 0.63
CA TYR A 51 3.61 18.98 1.43
C TYR A 51 3.25 19.12 2.90
N ILE A 52 3.06 20.36 3.33
CA ILE A 52 2.70 20.65 4.71
C ILE A 52 1.36 20.00 5.06
N ALA A 53 0.37 20.19 4.21
CA ALA A 53 -0.97 19.63 4.42
C ALA A 53 -0.93 18.11 4.48
N MET A 54 -0.17 17.51 3.57
CA MET A 54 -0.03 16.06 3.52
C MET A 54 0.60 15.55 4.82
N GLY A 55 1.48 16.37 5.39
CA GLY A 55 2.13 16.01 6.62
C GLY A 55 1.18 16.11 7.77
N GLN A 56 0.32 17.13 7.74
CA GLN A 56 -0.67 17.34 8.80
C GLN A 56 -1.59 16.14 8.90
N ARG A 57 -1.86 15.51 7.76
CA ARG A 57 -2.71 14.32 7.72
C ARG A 57 -2.08 13.22 8.57
N MET A 58 -0.78 13.03 8.41
CA MET A 58 -0.06 12.01 9.17
C MET A 58 0.17 12.49 10.60
N PHE A 59 0.35 13.79 10.73
CA PHE A 59 0.59 14.43 12.04
C PHE A 59 -0.66 14.32 12.92
N GLU A 60 -1.82 14.31 12.29
CA GLU A 60 -3.09 14.21 13.00
C GLU A 60 -3.40 12.76 13.34
N ASP A 61 -2.52 11.89 12.92
CA ASP A 61 -2.68 10.45 13.17
C ASP A 61 -1.64 9.96 14.16
N LEU A 62 -1.20 10.85 15.03
CA LEU A 62 -0.21 10.50 16.03
C LEU A 62 -0.82 10.65 17.43
N PHE A 63 -0.24 11.54 18.23
CA PHE A 63 -0.71 11.82 19.59
C PHE A 63 -0.60 10.59 20.49
N GLU A 64 0.18 9.62 20.04
CA GLU A 64 0.40 8.37 20.77
C GLU A 64 1.45 7.55 20.04
N MET B 3 -16.07 -2.00 -5.96
CA MET B 3 -17.25 -2.89 -5.86
C MET B 3 -18.29 -2.33 -4.89
N ALA B 4 -17.92 -1.26 -4.17
CA ALA B 4 -18.83 -0.65 -3.22
C ALA B 4 -19.91 0.14 -3.96
N THR B 5 -21.09 0.21 -3.36
CA THR B 5 -22.21 0.93 -3.95
C THR B 5 -21.96 2.44 -3.99
N SER B 6 -20.93 2.86 -3.27
CA SER B 6 -20.55 4.27 -3.22
C SER B 6 -19.71 4.67 -4.43
N SER B 7 -19.41 3.68 -5.29
CA SER B 7 -18.60 3.91 -6.49
C SER B 7 -17.22 4.42 -6.10
N GLU B 8 -16.36 3.50 -5.66
CA GLU B 8 -15.02 3.85 -5.22
C GLU B 8 -14.02 3.82 -6.37
N GLU B 9 -12.93 4.55 -6.19
CA GLU B 9 -11.86 4.63 -7.18
C GLU B 9 -10.97 3.39 -7.11
N VAL B 10 -11.27 2.36 -7.89
CA VAL B 10 -10.44 1.16 -7.92
C VAL B 10 -9.06 1.54 -8.42
N LEU B 11 -8.08 1.25 -7.60
CA LEU B 11 -6.72 1.60 -7.89
C LEU B 11 -6.04 0.56 -8.75
N LEU B 12 -5.93 -0.64 -8.24
CA LEU B 12 -5.26 -1.69 -8.96
C LEU B 12 -5.89 -3.06 -8.77
N ILE B 13 -6.12 -3.73 -9.88
CA ILE B 13 -6.68 -5.07 -9.89
C ILE B 13 -5.56 -6.07 -10.21
N VAL B 14 -5.09 -6.78 -9.20
CA VAL B 14 -4.04 -7.76 -9.41
C VAL B 14 -4.66 -9.14 -9.43
N LYS B 15 -4.18 -9.98 -10.32
CA LYS B 15 -4.70 -11.34 -10.46
C LYS B 15 -3.58 -12.32 -10.19
N LYS B 16 -3.93 -13.61 -10.06
CA LYS B 16 -2.97 -14.67 -9.76
C LYS B 16 -2.35 -14.43 -8.38
N VAL B 17 -3.08 -13.66 -7.57
CA VAL B 17 -2.67 -13.34 -6.22
C VAL B 17 -3.10 -14.48 -5.30
N ARG B 18 -2.14 -15.21 -4.77
CA ARG B 18 -2.43 -16.35 -3.92
C ARG B 18 -2.37 -15.98 -2.44
N GLN B 19 -3.51 -16.03 -1.78
CA GLN B 19 -3.57 -15.75 -0.36
C GLN B 19 -3.49 -17.06 0.39
N LYS B 20 -2.30 -17.41 0.84
CA LYS B 20 -2.06 -18.67 1.55
C LYS B 20 -2.43 -19.84 0.65
N LYS B 21 -1.78 -19.89 -0.52
CA LYS B 21 -1.99 -20.95 -1.52
C LYS B 21 -3.35 -20.86 -2.22
N GLN B 22 -4.12 -19.82 -1.94
CA GLN B 22 -5.42 -19.66 -2.57
C GLN B 22 -5.29 -18.70 -3.76
N ASP B 23 -5.41 -19.23 -4.96
CA ASP B 23 -5.28 -18.42 -6.16
C ASP B 23 -6.52 -17.57 -6.41
N GLY B 24 -6.30 -16.26 -6.39
CA GLY B 24 -7.37 -15.33 -6.64
C GLY B 24 -6.84 -14.03 -7.22
N ALA B 25 -7.28 -12.92 -6.67
CA ALA B 25 -6.88 -11.62 -7.14
C ALA B 25 -6.89 -10.60 -6.00
N LEU B 26 -5.96 -9.66 -6.06
CA LEU B 26 -5.83 -8.63 -5.05
C LEU B 26 -6.38 -7.33 -5.62
N TYR B 27 -7.44 -6.83 -5.02
CA TYR B 27 -8.07 -5.60 -5.47
C TYR B 27 -7.81 -4.42 -4.55
N LEU B 28 -7.09 -3.43 -5.05
CA LEU B 28 -6.86 -2.23 -4.26
C LEU B 28 -7.96 -1.27 -4.60
N MET B 29 -8.89 -1.08 -3.70
CA MET B 29 -9.96 -0.15 -3.96
C MET B 29 -9.70 1.15 -3.24
N ALA B 30 -10.47 2.15 -3.63
CA ALA B 30 -10.32 3.50 -3.12
C ALA B 30 -9.99 3.59 -1.63
N GLU B 31 -10.83 3.01 -0.80
CA GLU B 31 -10.62 3.07 0.64
C GLU B 31 -10.40 1.69 1.26
N ARG B 32 -10.38 0.64 0.45
CA ARG B 32 -10.22 -0.69 1.01
C ARG B 32 -9.48 -1.63 0.07
N ILE B 33 -8.67 -2.47 0.65
CA ILE B 33 -7.92 -3.47 -0.08
C ILE B 33 -8.63 -4.81 0.11
N ALA B 34 -9.17 -5.36 -0.95
CA ALA B 34 -9.90 -6.59 -0.86
C ALA B 34 -9.41 -7.63 -1.87
N TRP B 35 -9.24 -8.84 -1.39
CA TRP B 35 -8.78 -9.93 -2.22
C TRP B 35 -9.86 -11.00 -2.32
N ALA B 36 -9.95 -11.65 -3.47
CA ALA B 36 -10.91 -12.74 -3.69
C ALA B 36 -10.28 -13.80 -4.58
N PRO B 37 -10.67 -15.07 -4.43
CA PRO B 37 -10.10 -16.17 -5.21
C PRO B 37 -10.75 -16.29 -6.59
N GLU B 38 -10.04 -16.98 -7.50
CA GLU B 38 -10.47 -17.24 -8.89
C GLU B 38 -11.48 -16.23 -9.41
N GLY B 39 -12.75 -16.62 -9.45
CA GLY B 39 -13.79 -15.74 -9.92
C GLY B 39 -14.89 -15.60 -8.89
N LYS B 40 -14.70 -14.67 -7.96
CA LYS B 40 -15.69 -14.43 -6.92
C LYS B 40 -16.14 -12.98 -6.90
N ASP B 41 -17.42 -12.80 -6.60
CA ASP B 41 -18.01 -11.47 -6.52
C ASP B 41 -17.74 -10.87 -5.13
N ARG B 42 -17.98 -11.70 -4.12
CA ARG B 42 -17.77 -11.30 -2.75
C ARG B 42 -16.32 -11.60 -2.35
N PHE B 43 -15.59 -10.57 -1.98
CA PHE B 43 -14.20 -10.71 -1.59
C PHE B 43 -14.05 -11.56 -0.34
N THR B 44 -12.95 -12.26 -0.24
CA THR B 44 -12.67 -13.12 0.89
C THR B 44 -11.99 -12.33 2.01
N ILE B 45 -11.08 -11.47 1.62
CA ILE B 45 -10.34 -10.65 2.57
C ILE B 45 -10.52 -9.18 2.24
N SER B 46 -11.09 -8.43 3.16
CA SER B 46 -11.32 -7.01 2.98
C SER B 46 -10.76 -6.22 4.14
N HIS B 47 -9.78 -5.38 3.86
CA HIS B 47 -9.16 -4.55 4.86
C HIS B 47 -9.23 -3.13 4.39
N MET B 48 -9.37 -2.21 5.30
CA MET B 48 -9.44 -0.82 4.94
C MET B 48 -8.14 -0.14 5.27
N TYR B 49 -7.73 0.78 4.42
CA TYR B 49 -6.47 1.51 4.60
C TYR B 49 -6.45 2.24 5.95
N ALA B 50 -7.59 2.29 6.61
CA ALA B 50 -7.73 2.94 7.89
C ALA B 50 -7.34 2.03 9.05
N ASP B 51 -7.40 0.72 8.84
CA ASP B 51 -7.05 -0.23 9.89
C ASP B 51 -5.67 -0.81 9.66
N ILE B 52 -5.05 -0.46 8.55
CA ILE B 52 -3.71 -0.94 8.25
C ILE B 52 -2.68 -0.04 8.90
N LYS B 53 -1.77 -0.64 9.65
CA LYS B 53 -0.73 0.08 10.36
C LYS B 53 0.47 0.34 9.47
N CYS B 54 1.01 -0.71 8.90
CA CYS B 54 2.16 -0.62 8.02
C CYS B 54 2.15 -1.79 7.05
N GLN B 55 3.21 -1.93 6.28
CA GLN B 55 3.28 -2.98 5.31
C GLN B 55 4.63 -3.69 5.41
N LYS B 56 4.74 -4.82 4.74
CA LYS B 56 5.96 -5.60 4.66
C LYS B 56 5.95 -6.27 3.31
N ILE B 57 7.03 -6.22 2.59
CA ILE B 57 7.03 -6.79 1.27
C ILE B 57 8.29 -7.56 0.95
N SER B 58 8.13 -8.66 0.23
CA SER B 58 9.29 -9.45 -0.17
C SER B 58 9.92 -8.74 -1.35
N PRO B 59 11.14 -8.21 -1.18
CA PRO B 59 11.83 -7.49 -2.24
C PRO B 59 12.32 -8.41 -3.36
N GLU B 60 13.31 -7.93 -4.12
CA GLU B 60 13.84 -8.69 -5.26
C GLU B 60 14.70 -9.87 -4.82
N GLY B 61 14.80 -10.10 -3.52
CA GLY B 61 15.57 -11.24 -3.03
C GLY B 61 14.65 -12.42 -2.79
N LYS B 62 13.42 -12.29 -3.25
CA LYS B 62 12.42 -13.31 -3.09
C LYS B 62 11.94 -13.85 -4.43
N ALA B 63 11.97 -15.16 -4.58
CA ALA B 63 11.49 -15.79 -5.80
C ALA B 63 9.98 -15.73 -5.82
N LYS B 64 9.41 -15.82 -4.63
CA LYS B 64 7.98 -15.74 -4.46
C LYS B 64 7.65 -14.28 -4.17
N ILE B 65 6.77 -13.72 -4.98
CA ILE B 65 6.39 -12.34 -4.85
C ILE B 65 5.32 -12.18 -3.77
N GLN B 66 5.72 -11.84 -2.56
CA GLN B 66 4.77 -11.72 -1.45
C GLN B 66 4.64 -10.28 -0.94
N LEU B 67 3.48 -9.98 -0.37
CA LEU B 67 3.16 -8.67 0.17
C LEU B 67 2.42 -8.80 1.50
N GLN B 68 3.06 -8.45 2.59
CA GLN B 68 2.45 -8.54 3.92
C GLN B 68 1.86 -7.19 4.35
N LEU B 69 0.65 -7.24 4.88
CA LEU B 69 -0.03 -6.05 5.36
C LEU B 69 -0.16 -6.12 6.86
N VAL B 70 0.49 -5.21 7.57
CA VAL B 70 0.41 -5.18 9.02
C VAL B 70 -0.68 -4.22 9.46
N LEU B 71 -1.75 -4.77 9.98
CA LEU B 71 -2.86 -3.94 10.41
C LEU B 71 -2.72 -3.53 11.87
N HIS B 72 -3.48 -2.51 12.27
CA HIS B 72 -3.45 -2.02 13.65
C HIS B 72 -4.08 -3.03 14.58
N ALA B 73 -4.94 -3.88 14.03
CA ALA B 73 -5.64 -4.89 14.80
C ALA B 73 -4.68 -5.95 15.36
N GLY B 74 -3.57 -6.18 14.67
CA GLY B 74 -2.63 -7.18 15.12
C GLY B 74 -2.69 -8.37 14.23
N ASP B 75 -2.98 -8.09 12.97
CA ASP B 75 -3.12 -9.08 11.95
C ASP B 75 -2.25 -8.68 10.81
N THR B 76 -1.56 -9.62 10.24
CA THR B 76 -0.72 -9.32 9.12
C THR B 76 -0.96 -10.37 8.02
N THR B 77 -1.39 -9.92 6.85
CA THR B 77 -1.69 -10.84 5.75
C THR B 77 -0.64 -10.73 4.65
N ASN B 78 -0.07 -11.87 4.24
CA ASN B 78 0.96 -11.89 3.19
C ASN B 78 0.38 -12.41 1.88
N PHE B 79 0.23 -11.53 0.90
CA PHE B 79 -0.29 -11.89 -0.41
C PHE B 79 0.84 -12.49 -1.26
N HIS B 80 0.64 -13.72 -1.70
CA HIS B 80 1.64 -14.42 -2.49
C HIS B 80 1.29 -14.33 -3.99
N PHE B 81 1.84 -13.33 -4.65
CA PHE B 81 1.60 -13.12 -6.08
C PHE B 81 2.35 -14.20 -6.87
N SER B 82 1.64 -14.84 -7.77
CA SER B 82 2.23 -15.90 -8.58
C SER B 82 2.11 -15.63 -10.08
N ASN B 83 1.92 -14.37 -10.46
CA ASN B 83 1.83 -14.02 -11.86
C ASN B 83 3.25 -14.03 -12.44
N GLU B 84 3.67 -15.18 -12.95
CA GLU B 84 5.03 -15.34 -13.50
C GLU B 84 5.49 -14.19 -14.39
N SER B 85 4.55 -13.46 -14.99
CA SER B 85 4.90 -12.36 -15.87
C SER B 85 4.89 -11.00 -15.17
N THR B 86 4.03 -10.80 -14.17
CA THR B 86 3.93 -9.50 -13.51
C THR B 86 4.04 -9.53 -11.99
N ALA B 87 4.03 -10.71 -11.39
CA ALA B 87 4.06 -10.89 -9.94
C ALA B 87 4.77 -9.76 -9.21
N VAL B 88 6.08 -9.69 -9.38
CA VAL B 88 6.92 -8.66 -8.77
C VAL B 88 6.36 -7.25 -8.99
N LYS B 89 6.12 -6.88 -10.24
CA LYS B 89 5.62 -5.55 -10.57
C LYS B 89 4.23 -5.31 -9.99
N GLU B 90 3.37 -6.31 -10.01
CA GLU B 90 2.03 -6.17 -9.46
C GLU B 90 2.12 -6.02 -7.94
N ARG B 91 3.10 -6.71 -7.33
CA ARG B 91 3.33 -6.59 -5.90
C ARG B 91 3.82 -5.21 -5.58
N ASP B 92 4.85 -4.81 -6.32
CA ASP B 92 5.46 -3.51 -6.19
C ASP B 92 4.46 -2.42 -6.47
N ALA B 93 3.52 -2.72 -7.34
CA ALA B 93 2.49 -1.75 -7.71
C ALA B 93 1.52 -1.58 -6.58
N VAL B 94 1.07 -2.71 -6.09
CA VAL B 94 0.15 -2.74 -4.98
C VAL B 94 0.79 -2.07 -3.80
N LYS B 95 2.04 -2.43 -3.54
CA LYS B 95 2.83 -1.88 -2.46
C LYS B 95 2.96 -0.38 -2.62
N ASP B 96 3.24 0.05 -3.85
CA ASP B 96 3.36 1.46 -4.13
C ASP B 96 2.05 2.17 -3.82
N LEU B 97 0.99 1.72 -4.48
CA LEU B 97 -0.33 2.30 -4.27
C LEU B 97 -0.73 2.22 -2.82
N LEU B 98 -0.44 1.09 -2.20
CA LEU B 98 -0.75 0.86 -0.80
C LEU B 98 -0.07 1.87 0.09
N GLN B 99 1.24 1.96 -0.05
CA GLN B 99 2.04 2.88 0.75
C GLN B 99 1.62 4.35 0.51
N GLN B 100 1.41 4.70 -0.75
CA GLN B 100 1.03 6.07 -1.11
C GLN B 100 -0.39 6.44 -0.71
N LEU B 101 -1.31 5.49 -0.78
CA LEU B 101 -2.71 5.75 -0.46
C LEU B 101 -3.04 5.56 1.01
N LEU B 102 -2.16 4.91 1.75
CA LEU B 102 -2.38 4.67 3.17
C LEU B 102 -2.70 5.94 3.94
N PRO B 103 -1.84 6.99 3.88
CA PRO B 103 -2.07 8.24 4.63
C PRO B 103 -3.46 8.83 4.39
N LYS B 104 -4.08 8.49 3.27
CA LYS B 104 -5.40 9.00 2.95
C LYS B 104 -6.45 8.47 3.92
N PHE B 105 -6.30 7.23 4.37
CA PHE B 105 -7.26 6.63 5.29
C PHE B 105 -6.60 6.17 6.59
N LYS B 106 -5.30 6.35 6.67
CA LYS B 106 -4.52 5.95 7.83
C LYS B 106 -5.13 6.47 9.13
N ARG B 107 -5.52 5.54 9.98
CA ARG B 107 -6.11 5.87 11.27
C ARG B 107 -5.46 5.02 12.36
N LYS B 108 -4.48 5.58 13.03
CA LYS B 108 -3.76 4.91 14.10
C LYS B 108 -4.67 4.51 15.25
N ALA B 109 -5.15 3.27 15.21
CA ALA B 109 -6.01 2.76 16.28
C ALA B 109 -5.19 1.83 17.17
N ASN B 110 -3.89 1.91 16.98
CA ASN B 110 -2.91 1.12 17.72
C ASN B 110 -1.53 1.45 17.21
N GLU A 3 -2.65 -26.95 3.68
CA GLU A 3 -2.29 -25.52 3.61
C GLU A 3 -1.43 -25.15 4.79
N GLU A 4 -0.15 -24.98 4.51
CA GLU A 4 0.83 -24.66 5.52
C GLU A 4 1.27 -23.21 5.35
N ASP A 5 2.46 -22.88 5.84
CA ASP A 5 2.95 -21.52 5.71
C ASP A 5 4.38 -21.49 5.20
N GLU A 6 4.54 -21.68 3.90
CA GLU A 6 5.86 -21.62 3.29
C GLU A 6 6.04 -20.29 2.59
N GLU A 7 5.12 -19.36 2.88
CA GLU A 7 5.18 -18.02 2.29
C GLU A 7 6.19 -17.16 3.04
N GLU A 8 6.27 -17.36 4.35
CA GLU A 8 7.23 -16.64 5.22
C GLU A 8 6.97 -15.14 5.30
N ASP A 9 7.95 -14.45 5.90
CA ASP A 9 7.94 -13.01 6.11
C ASP A 9 9.29 -12.63 6.69
N ASP A 10 10.33 -12.80 5.88
CA ASP A 10 11.69 -12.55 6.33
C ASP A 10 12.43 -11.63 5.39
N GLU A 11 11.74 -11.11 4.39
CA GLU A 11 12.37 -10.27 3.42
C GLU A 11 11.38 -9.25 2.93
N PHE A 12 10.74 -8.60 3.88
CA PHE A 12 9.75 -7.58 3.56
C PHE A 12 10.23 -6.24 4.12
N GLU A 13 9.85 -5.19 3.43
CA GLU A 13 10.18 -3.85 3.84
C GLU A 13 8.96 -3.25 4.48
N GLU A 14 9.10 -2.72 5.67
CA GLU A 14 7.96 -2.11 6.32
C GLU A 14 7.60 -0.88 5.50
N VAL A 15 6.52 -0.99 4.75
CA VAL A 15 6.10 0.12 3.92
C VAL A 15 5.39 1.12 4.80
N ALA A 16 5.57 2.37 4.47
CA ALA A 16 4.95 3.42 5.22
C ALA A 16 3.87 4.05 4.36
N ASP A 17 2.82 4.50 5.01
CA ASP A 17 1.72 5.18 4.34
C ASP A 17 2.18 6.54 3.83
N ASP A 18 3.06 6.48 2.85
CA ASP A 18 3.65 7.66 2.26
C ASP A 18 2.78 8.24 1.16
N PRO A 19 2.36 9.49 1.31
CA PRO A 19 1.52 10.18 0.33
C PRO A 19 2.34 10.67 -0.87
N ILE A 20 1.66 11.35 -1.77
CA ILE A 20 2.28 11.87 -2.96
C ILE A 20 2.30 13.39 -2.94
N VAL A 21 3.49 13.95 -3.02
CA VAL A 21 3.68 15.39 -3.00
C VAL A 21 4.37 15.82 -4.29
N MET A 22 3.76 16.76 -5.00
CA MET A 22 4.31 17.22 -6.25
C MET A 22 5.27 18.36 -6.01
N VAL A 23 6.40 18.31 -6.69
CA VAL A 23 7.40 19.35 -6.60
C VAL A 23 7.72 19.85 -7.99
N ALA A 24 7.42 21.12 -8.23
CA ALA A 24 7.65 21.74 -9.52
C ALA A 24 6.78 21.06 -10.58
N GLY A 25 5.66 20.51 -10.13
CA GLY A 25 4.75 19.82 -11.03
C GLY A 25 5.08 18.34 -11.17
N ARG A 26 6.22 17.93 -10.63
CA ARG A 26 6.64 16.54 -10.69
C ARG A 26 6.13 15.80 -9.45
N PRO A 27 5.32 14.76 -9.65
CA PRO A 27 4.77 13.97 -8.54
C PRO A 27 5.78 13.04 -7.88
N PHE A 28 6.18 13.40 -6.67
CA PHE A 28 7.12 12.59 -5.91
C PHE A 28 6.42 12.11 -4.64
N SER A 29 7.04 11.19 -3.93
CA SER A 29 6.46 10.69 -2.70
C SER A 29 6.98 11.55 -1.55
N TYR A 30 6.31 11.51 -0.41
CA TYR A 30 6.72 12.30 0.74
C TYR A 30 8.11 11.90 1.20
N SER A 31 8.34 10.60 1.36
CA SER A 31 9.64 10.07 1.78
C SER A 31 10.67 10.27 0.67
N GLU A 32 10.19 10.62 -0.50
CA GLU A 32 11.06 10.87 -1.64
C GLU A 32 11.49 12.32 -1.65
N VAL A 33 10.50 13.20 -1.44
CA VAL A 33 10.72 14.63 -1.40
C VAL A 33 11.62 15.00 -0.21
N SER A 34 11.44 14.27 0.90
CA SER A 34 12.22 14.53 2.10
C SER A 34 13.66 14.05 1.95
N GLN A 35 13.84 12.96 1.22
CA GLN A 35 15.18 12.41 1.01
C GLN A 35 16.00 13.32 0.11
N ARG A 36 15.33 14.07 -0.75
CA ARG A 36 16.02 14.98 -1.64
C ARG A 36 15.79 16.44 -1.25
N PRO A 37 16.76 17.03 -0.53
CA PRO A 37 16.70 18.43 -0.11
C PRO A 37 16.56 19.37 -1.30
N GLU A 38 17.04 18.93 -2.46
CA GLU A 38 16.95 19.74 -3.68
C GLU A 38 15.51 19.81 -4.13
N LEU A 39 14.76 18.75 -3.86
CA LEU A 39 13.36 18.70 -4.23
C LEU A 39 12.60 19.74 -3.43
N VAL A 40 12.81 19.77 -2.13
CA VAL A 40 12.13 20.75 -1.28
C VAL A 40 12.68 22.15 -1.60
N ALA A 41 13.86 22.18 -2.20
CA ALA A 41 14.49 23.44 -2.59
C ALA A 41 14.00 23.88 -3.97
N GLN A 42 13.35 22.96 -4.67
CA GLN A 42 12.82 23.24 -6.00
C GLN A 42 11.31 23.32 -5.89
N MET A 43 10.83 23.02 -4.69
CA MET A 43 9.42 23.05 -4.43
C MET A 43 9.02 24.45 -4.04
N THR A 44 7.88 24.84 -4.52
CA THR A 44 7.37 26.18 -4.26
C THR A 44 6.84 26.27 -2.85
N PRO A 45 6.59 27.49 -2.34
CA PRO A 45 6.04 27.67 -0.99
C PRO A 45 4.79 26.81 -0.81
N GLU A 46 3.94 26.81 -1.83
CA GLU A 46 2.72 26.02 -1.81
C GLU A 46 3.04 24.54 -1.66
N GLU A 47 3.98 24.06 -2.48
CA GLU A 47 4.39 22.67 -2.45
C GLU A 47 5.04 22.34 -1.11
N LYS A 48 5.87 23.24 -0.61
CA LYS A 48 6.53 23.06 0.68
C LYS A 48 5.50 22.94 1.79
N GLU A 49 4.52 23.82 1.78
CA GLU A 49 3.47 23.80 2.79
C GLU A 49 2.66 22.52 2.65
N ALA A 50 2.45 22.12 1.41
CA ALA A 50 1.74 20.90 1.11
C ALA A 50 2.51 19.70 1.65
N TYR A 51 3.81 19.69 1.40
CA TYR A 51 4.68 18.63 1.86
C TYR A 51 4.66 18.58 3.39
N ILE A 52 4.81 19.74 4.01
CA ILE A 52 4.81 19.84 5.46
C ILE A 52 3.48 19.36 6.04
N ALA A 53 2.38 19.85 5.46
CA ALA A 53 1.04 19.47 5.91
C ALA A 53 0.79 17.98 5.72
N MET A 54 1.34 17.42 4.64
CA MET A 54 1.18 16.00 4.35
C MET A 54 1.83 15.15 5.44
N GLY A 55 2.96 15.62 5.95
CA GLY A 55 3.66 14.89 6.99
C GLY A 55 2.90 14.92 8.28
N GLN A 56 2.25 16.06 8.54
CA GLN A 56 1.45 16.25 9.73
C GLN A 56 0.38 15.17 9.84
N ARG A 57 -0.13 14.74 8.69
CA ARG A 57 -1.17 13.72 8.62
C ARG A 57 -0.70 12.43 9.31
N MET A 58 0.41 11.88 8.86
CA MET A 58 0.95 10.66 9.44
C MET A 58 1.50 10.93 10.84
N PHE A 59 1.96 12.16 11.04
CA PHE A 59 2.53 12.58 12.32
C PHE A 59 1.50 12.57 13.45
N GLU A 60 0.23 12.84 13.13
CA GLU A 60 -0.81 12.86 14.14
C GLU A 60 -1.63 11.57 14.13
N ASP A 61 -1.13 10.59 13.41
CA ASP A 61 -1.83 9.31 13.30
C ASP A 61 -1.07 8.22 14.02
N LEU A 62 -0.14 8.61 14.87
CA LEU A 62 0.65 7.66 15.65
C LEU A 62 -0.09 7.32 16.93
N PHE A 63 -1.24 7.93 17.11
CA PHE A 63 -2.06 7.72 18.27
C PHE A 63 -2.84 6.41 18.15
N GLU A 64 -2.14 5.31 18.37
CA GLU A 64 -2.76 4.00 18.32
C GLU A 64 -3.84 3.87 19.39
N MET B 3 -22.43 -0.05 -11.75
CA MET B 3 -23.26 0.19 -10.55
C MET B 3 -24.05 -1.07 -10.18
N ALA B 4 -23.36 -2.04 -9.60
CA ALA B 4 -23.98 -3.29 -9.20
C ALA B 4 -23.60 -3.63 -7.76
N THR B 5 -22.35 -3.36 -7.42
CA THR B 5 -21.85 -3.62 -6.07
C THR B 5 -20.66 -2.72 -5.80
N SER B 6 -20.33 -2.49 -4.54
CA SER B 6 -19.19 -1.68 -4.18
C SER B 6 -17.88 -2.42 -4.44
N SER B 7 -17.60 -2.63 -5.71
CA SER B 7 -16.40 -3.33 -6.15
C SER B 7 -16.01 -2.83 -7.54
N GLU B 8 -16.43 -1.62 -7.86
CA GLU B 8 -16.17 -1.03 -9.17
C GLU B 8 -15.22 0.15 -9.08
N GLU B 9 -14.96 0.59 -7.86
CA GLU B 9 -14.05 1.70 -7.62
C GLU B 9 -12.65 1.17 -7.43
N VAL B 10 -12.39 0.02 -8.01
CA VAL B 10 -11.11 -0.62 -7.87
C VAL B 10 -10.02 0.10 -8.63
N LEU B 11 -8.92 0.27 -7.93
CA LEU B 11 -7.76 0.96 -8.43
C LEU B 11 -6.87 -0.02 -9.16
N LEU B 12 -6.73 -1.20 -8.59
CA LEU B 12 -5.88 -2.22 -9.17
C LEU B 12 -6.46 -3.62 -9.01
N ILE B 13 -6.33 -4.43 -10.05
CA ILE B 13 -6.81 -5.79 -10.05
C ILE B 13 -5.66 -6.75 -10.33
N VAL B 14 -5.18 -7.41 -9.29
CA VAL B 14 -4.09 -8.34 -9.47
C VAL B 14 -4.61 -9.77 -9.41
N LYS B 15 -4.07 -10.62 -10.24
CA LYS B 15 -4.48 -12.02 -10.28
C LYS B 15 -3.33 -12.91 -9.87
N LYS B 16 -3.63 -14.19 -9.66
CA LYS B 16 -2.64 -15.16 -9.23
C LYS B 16 -2.05 -14.77 -7.87
N VAL B 17 -2.79 -13.91 -7.17
CA VAL B 17 -2.39 -13.43 -5.86
C VAL B 17 -2.68 -14.49 -4.79
N ARG B 18 -1.62 -15.09 -4.26
CA ARG B 18 -1.75 -16.13 -3.25
C ARG B 18 -1.90 -15.55 -1.84
N GLN B 19 -2.72 -16.22 -1.05
CA GLN B 19 -2.93 -15.87 0.33
C GLN B 19 -3.07 -17.16 1.11
N LYS B 20 -1.99 -17.56 1.77
CA LYS B 20 -1.97 -18.80 2.54
C LYS B 20 -2.07 -19.99 1.59
N LYS B 21 -1.27 -19.94 0.53
CA LYS B 21 -1.22 -20.99 -0.49
C LYS B 21 -2.52 -21.03 -1.32
N GLN B 22 -3.25 -19.92 -1.35
CA GLN B 22 -4.47 -19.85 -2.12
C GLN B 22 -4.32 -18.77 -3.18
N ASP B 23 -4.18 -19.16 -4.43
CA ASP B 23 -4.03 -18.20 -5.50
C ASP B 23 -5.36 -17.67 -5.99
N GLY B 24 -5.54 -16.38 -5.80
CA GLY B 24 -6.74 -15.73 -6.22
C GLY B 24 -6.49 -14.40 -6.87
N ALA B 25 -6.99 -13.36 -6.24
CA ALA B 25 -6.87 -12.02 -6.76
C ALA B 25 -6.82 -10.99 -5.66
N LEU B 26 -6.02 -9.96 -5.85
CA LEU B 26 -5.91 -8.90 -4.87
C LEU B 26 -6.50 -7.64 -5.50
N TYR B 27 -7.66 -7.25 -5.00
CA TYR B 27 -8.33 -6.08 -5.53
C TYR B 27 -8.18 -4.87 -4.60
N LEU B 28 -7.57 -3.81 -5.11
CA LEU B 28 -7.45 -2.60 -4.32
C LEU B 28 -8.60 -1.71 -4.66
N MET B 29 -9.54 -1.57 -3.75
CA MET B 29 -10.65 -0.69 -3.98
C MET B 29 -10.28 0.70 -3.55
N ALA B 30 -11.10 1.66 -3.93
CA ALA B 30 -10.85 3.06 -3.65
C ALA B 30 -10.22 3.32 -2.27
N GLU B 31 -10.89 2.85 -1.23
CA GLU B 31 -10.40 3.04 0.14
C GLU B 31 -10.31 1.73 0.91
N ARG B 32 -10.40 0.60 0.22
CA ARG B 32 -10.35 -0.68 0.92
C ARG B 32 -9.66 -1.73 0.06
N ILE B 33 -8.97 -2.65 0.72
CA ILE B 33 -8.27 -3.70 0.02
C ILE B 33 -8.96 -5.04 0.27
N ALA B 34 -9.40 -5.68 -0.80
CA ALA B 34 -10.08 -6.97 -0.68
C ALA B 34 -9.49 -8.02 -1.59
N TRP B 35 -9.29 -9.21 -1.05
CA TRP B 35 -8.73 -10.33 -1.78
C TRP B 35 -9.73 -11.48 -1.86
N ALA B 36 -9.68 -12.23 -2.96
CA ALA B 36 -10.54 -13.41 -3.16
C ALA B 36 -9.77 -14.46 -3.94
N PRO B 37 -10.10 -15.75 -3.81
CA PRO B 37 -9.40 -16.82 -4.52
C PRO B 37 -9.87 -16.93 -5.97
N GLU B 38 -9.03 -17.55 -6.81
CA GLU B 38 -9.33 -17.73 -8.23
C GLU B 38 -9.45 -16.36 -8.92
N GLY B 39 -10.66 -15.84 -8.99
CA GLY B 39 -10.89 -14.56 -9.60
C GLY B 39 -12.34 -14.16 -9.53
N LYS B 40 -12.98 -14.51 -8.43
CA LYS B 40 -14.39 -14.23 -8.22
C LYS B 40 -14.65 -12.74 -7.99
N ASP B 41 -15.91 -12.37 -8.10
CA ASP B 41 -16.35 -10.99 -7.90
C ASP B 41 -16.56 -10.71 -6.42
N ARG B 42 -16.82 -11.78 -5.67
CA ARG B 42 -17.02 -11.67 -4.23
C ARG B 42 -15.73 -12.03 -3.51
N PHE B 43 -15.22 -11.07 -2.75
CA PHE B 43 -13.97 -11.24 -2.03
C PHE B 43 -14.16 -11.94 -0.70
N THR B 44 -13.03 -12.35 -0.12
CA THR B 44 -13.02 -13.04 1.15
C THR B 44 -12.46 -12.14 2.25
N ILE B 45 -11.25 -11.65 2.03
CA ILE B 45 -10.59 -10.78 2.98
C ILE B 45 -10.75 -9.32 2.57
N SER B 46 -11.41 -8.54 3.41
CA SER B 46 -11.63 -7.13 3.13
C SER B 46 -11.17 -6.27 4.30
N HIS B 47 -10.21 -5.39 4.02
CA HIS B 47 -9.67 -4.51 5.02
C HIS B 47 -9.68 -3.10 4.48
N MET B 48 -9.94 -2.16 5.34
CA MET B 48 -9.97 -0.77 4.95
C MET B 48 -8.64 -0.14 5.23
N TYR B 49 -8.21 0.76 4.35
CA TYR B 49 -6.93 1.44 4.51
C TYR B 49 -6.87 2.20 5.84
N ALA B 50 -8.04 2.33 6.47
CA ALA B 50 -8.18 3.01 7.74
C ALA B 50 -7.68 2.16 8.91
N ASP B 51 -7.82 0.84 8.83
CA ASP B 51 -7.41 -0.03 9.91
C ASP B 51 -6.02 -0.60 9.66
N ILE B 52 -5.44 -0.29 8.52
CA ILE B 52 -4.11 -0.76 8.21
C ILE B 52 -3.05 0.18 8.77
N LYS B 53 -2.21 -0.36 9.64
CA LYS B 53 -1.15 0.41 10.29
C LYS B 53 0.00 0.68 9.34
N CYS B 54 0.51 -0.38 8.73
CA CYS B 54 1.62 -0.26 7.79
C CYS B 54 1.57 -1.42 6.81
N GLN B 55 2.58 -1.50 5.95
CA GLN B 55 2.63 -2.53 4.96
C GLN B 55 4.00 -3.20 4.98
N LYS B 56 4.12 -4.29 4.25
CA LYS B 56 5.36 -5.01 4.11
C LYS B 56 5.46 -5.51 2.69
N ILE B 57 6.65 -5.46 2.11
CA ILE B 57 6.84 -5.92 0.74
C ILE B 57 8.17 -6.60 0.56
N SER B 58 8.20 -7.69 -0.20
CA SER B 58 9.46 -8.35 -0.47
C SER B 58 10.13 -7.58 -1.60
N PRO B 59 11.15 -6.77 -1.29
CA PRO B 59 11.82 -5.91 -2.27
C PRO B 59 12.32 -6.64 -3.51
N GLU B 60 12.54 -5.87 -4.57
CA GLU B 60 13.03 -6.37 -5.85
C GLU B 60 14.28 -7.22 -5.64
N GLY B 61 14.27 -8.40 -6.20
CA GLY B 61 15.39 -9.31 -6.08
C GLY B 61 15.00 -10.62 -5.43
N LYS B 62 13.92 -10.59 -4.66
CA LYS B 62 13.44 -11.80 -4.00
C LYS B 62 12.54 -12.59 -4.93
N ALA B 63 12.78 -13.90 -4.99
CA ALA B 63 12.00 -14.79 -5.84
C ALA B 63 10.54 -14.78 -5.42
N LYS B 64 10.31 -14.55 -4.14
CA LYS B 64 8.98 -14.49 -3.59
C LYS B 64 8.45 -13.07 -3.69
N ILE B 65 7.41 -12.85 -4.46
CA ILE B 65 6.84 -11.53 -4.54
C ILE B 65 5.66 -11.47 -3.60
N GLN B 66 5.89 -11.00 -2.39
CA GLN B 66 4.83 -10.97 -1.41
C GLN B 66 4.69 -9.61 -0.75
N LEU B 67 3.45 -9.33 -0.38
CA LEU B 67 3.05 -8.10 0.29
C LEU B 67 2.49 -8.46 1.65
N GLN B 68 2.45 -7.52 2.58
CA GLN B 68 1.87 -7.78 3.88
C GLN B 68 1.13 -6.57 4.39
N LEU B 69 -0.09 -6.78 4.83
CA LEU B 69 -0.92 -5.72 5.38
C LEU B 69 -0.86 -5.75 6.89
N VAL B 70 -0.04 -4.90 7.47
CA VAL B 70 0.08 -4.81 8.91
C VAL B 70 -1.00 -3.90 9.44
N LEU B 71 -2.06 -4.47 9.96
CA LEU B 71 -3.17 -3.68 10.46
C LEU B 71 -2.94 -3.23 11.90
N HIS B 72 -3.67 -2.20 12.30
CA HIS B 72 -3.58 -1.65 13.65
C HIS B 72 -4.09 -2.65 14.67
N ALA B 73 -4.97 -3.53 14.23
CA ALA B 73 -5.57 -4.54 15.10
C ALA B 73 -4.54 -5.53 15.63
N GLY B 74 -3.47 -5.76 14.87
CA GLY B 74 -2.47 -6.70 15.30
C GLY B 74 -2.51 -7.93 14.44
N ASP B 75 -2.92 -7.71 13.20
CA ASP B 75 -3.04 -8.75 12.23
C ASP B 75 -2.29 -8.31 11.00
N THR B 76 -1.61 -9.23 10.38
CA THR B 76 -0.86 -8.89 9.21
C THR B 76 -1.13 -9.93 8.11
N THR B 77 -1.68 -9.49 6.99
CA THR B 77 -1.99 -10.40 5.90
C THR B 77 -0.95 -10.35 4.79
N ASN B 78 -0.33 -11.49 4.49
CA ASN B 78 0.69 -11.55 3.44
C ASN B 78 0.07 -12.05 2.14
N PHE B 79 0.35 -11.35 1.06
CA PHE B 79 -0.14 -11.70 -0.27
C PHE B 79 1.03 -12.10 -1.16
N HIS B 80 1.02 -13.32 -1.64
CA HIS B 80 2.11 -13.82 -2.48
C HIS B 80 1.74 -13.75 -3.97
N PHE B 81 2.29 -12.76 -4.64
CA PHE B 81 2.05 -12.57 -6.07
C PHE B 81 3.00 -13.47 -6.85
N SER B 82 2.45 -14.36 -7.64
CA SER B 82 3.26 -15.29 -8.40
C SER B 82 2.98 -15.22 -9.90
N ASN B 83 2.96 -14.03 -10.48
CA ASN B 83 2.76 -13.92 -11.91
C ASN B 83 4.14 -13.82 -12.53
N GLU B 84 4.58 -14.88 -13.18
CA GLU B 84 5.93 -14.95 -13.77
C GLU B 84 6.11 -14.00 -14.94
N SER B 85 5.83 -12.73 -14.70
CA SER B 85 5.97 -11.69 -15.69
C SER B 85 5.86 -10.33 -15.00
N THR B 86 4.91 -10.20 -14.10
CA THR B 86 4.68 -8.95 -13.40
C THR B 86 4.66 -9.07 -11.88
N ALA B 87 4.80 -10.29 -11.37
CA ALA B 87 4.75 -10.58 -9.94
C ALA B 87 5.22 -9.41 -9.07
N VAL B 88 6.51 -9.15 -9.11
CA VAL B 88 7.13 -8.05 -8.36
C VAL B 88 6.41 -6.71 -8.54
N LYS B 89 6.16 -6.34 -9.79
CA LYS B 89 5.52 -5.06 -10.08
C LYS B 89 4.07 -5.06 -9.60
N GLU B 90 3.46 -6.24 -9.51
CA GLU B 90 2.10 -6.35 -9.02
C GLU B 90 2.06 -6.02 -7.55
N ARG B 91 2.95 -6.65 -6.78
CA ARG B 91 3.06 -6.41 -5.35
C ARG B 91 3.41 -4.95 -5.12
N ASP B 92 4.41 -4.50 -5.86
CA ASP B 92 4.87 -3.14 -5.76
C ASP B 92 3.79 -2.15 -6.14
N ALA B 93 2.97 -2.52 -7.10
CA ALA B 93 1.88 -1.67 -7.57
C ALA B 93 0.83 -1.54 -6.50
N VAL B 94 0.46 -2.69 -5.96
CA VAL B 94 -0.52 -2.75 -4.91
C VAL B 94 -0.03 -1.94 -3.72
N LYS B 95 1.23 -2.17 -3.39
CA LYS B 95 1.90 -1.47 -2.31
C LYS B 95 1.89 0.01 -2.58
N ASP B 96 2.19 0.37 -3.81
CA ASP B 96 2.24 1.77 -4.21
C ASP B 96 0.93 2.45 -3.88
N LEU B 97 -0.16 1.94 -4.46
CA LEU B 97 -1.49 2.48 -4.24
C LEU B 97 -1.80 2.47 -2.75
N LEU B 98 -1.52 1.34 -2.11
CA LEU B 98 -1.74 1.15 -0.69
C LEU B 98 -1.07 2.25 0.13
N GLN B 99 0.25 2.33 -0.01
CA GLN B 99 1.06 3.30 0.70
C GLN B 99 0.61 4.75 0.44
N GLN B 100 0.32 5.07 -0.82
CA GLN B 100 -0.08 6.43 -1.20
C GLN B 100 -1.47 6.81 -0.67
N LEU B 101 -2.40 5.87 -0.69
CA LEU B 101 -3.77 6.15 -0.26
C LEU B 101 -3.95 6.07 1.24
N LEU B 102 -3.23 5.16 1.88
CA LEU B 102 -3.30 4.94 3.33
C LEU B 102 -3.47 6.21 4.18
N PRO B 103 -2.56 7.21 4.08
CA PRO B 103 -2.64 8.42 4.91
C PRO B 103 -3.93 9.22 4.75
N LYS B 104 -4.76 8.86 3.78
CA LYS B 104 -6.01 9.58 3.58
C LYS B 104 -7.17 8.87 4.25
N PHE B 105 -6.95 7.62 4.66
CA PHE B 105 -7.99 6.85 5.32
C PHE B 105 -7.51 6.40 6.69
N LYS B 106 -6.21 6.55 6.93
CA LYS B 106 -5.58 6.17 8.19
C LYS B 106 -6.29 6.77 9.39
N ARG B 107 -7.02 5.92 10.12
CA ARG B 107 -7.75 6.31 11.32
C ARG B 107 -8.69 5.20 11.74
N LYS B 108 -8.54 4.74 12.97
CA LYS B 108 -9.37 3.67 13.50
C LYS B 108 -10.54 4.28 14.26
N ALA B 109 -10.91 3.67 15.38
CA ALA B 109 -12.01 4.17 16.20
C ALA B 109 -11.49 5.22 17.16
N ASN B 110 -10.30 5.71 16.85
CA ASN B 110 -9.61 6.72 17.63
C ASN B 110 -8.40 7.19 16.84
N GLU A 3 2.22 -28.68 6.28
CA GLU A 3 1.35 -27.48 6.29
C GLU A 3 1.89 -26.50 7.32
N GLU A 4 3.14 -26.11 7.13
CA GLU A 4 3.81 -25.20 8.04
C GLU A 4 3.85 -23.81 7.43
N ASP A 5 3.04 -23.66 6.39
CA ASP A 5 2.90 -22.41 5.64
C ASP A 5 4.20 -21.98 4.99
N GLU A 6 4.29 -22.21 3.69
CA GLU A 6 5.44 -21.87 2.89
C GLU A 6 5.52 -20.36 2.67
N GLU A 7 4.47 -19.66 3.08
CA GLU A 7 4.40 -18.22 2.96
C GLU A 7 5.06 -17.61 4.19
N GLU A 8 6.36 -17.35 4.10
CA GLU A 8 7.13 -16.82 5.21
C GLU A 8 7.29 -15.30 5.15
N ASP A 9 8.29 -14.83 5.90
CA ASP A 9 8.62 -13.42 5.99
C ASP A 9 10.14 -13.28 5.97
N ASP A 10 10.74 -13.94 4.99
CA ASP A 10 12.21 -13.97 4.85
C ASP A 10 12.80 -12.63 4.41
N GLU A 11 11.99 -11.77 3.80
CA GLU A 11 12.48 -10.49 3.33
C GLU A 11 11.31 -9.60 3.02
N PHE A 12 10.91 -8.83 3.99
CA PHE A 12 9.80 -7.94 3.80
C PHE A 12 10.16 -6.55 4.25
N GLU A 13 10.10 -5.63 3.32
CA GLU A 13 10.44 -4.26 3.58
C GLU A 13 9.22 -3.60 4.14
N GLU A 14 9.29 -3.11 5.36
CA GLU A 14 8.15 -2.43 5.93
C GLU A 14 7.88 -1.22 5.07
N VAL A 15 6.86 -1.29 4.25
CA VAL A 15 6.54 -0.20 3.38
C VAL A 15 5.88 0.87 4.21
N ALA A 16 6.22 2.10 3.94
CA ALA A 16 5.66 3.20 4.67
C ALA A 16 4.54 3.81 3.84
N ASP A 17 3.54 4.28 4.53
CA ASP A 17 2.41 4.98 3.92
C ASP A 17 2.87 6.32 3.40
N ASP A 18 3.70 6.27 2.38
CA ASP A 18 4.28 7.45 1.78
C ASP A 18 3.39 8.05 0.70
N PRO A 19 2.94 9.30 0.91
CA PRO A 19 2.10 10.01 -0.04
C PRO A 19 2.91 10.63 -1.17
N ILE A 20 2.23 11.07 -2.20
CA ILE A 20 2.88 11.68 -3.34
C ILE A 20 2.74 13.20 -3.27
N VAL A 21 3.88 13.86 -3.13
CA VAL A 21 3.91 15.32 -3.05
C VAL A 21 4.73 15.87 -4.22
N MET A 22 4.08 16.68 -5.05
CA MET A 22 4.72 17.23 -6.22
C MET A 22 5.53 18.46 -5.86
N VAL A 23 6.69 18.57 -6.45
CA VAL A 23 7.57 19.70 -6.25
C VAL A 23 7.99 20.25 -7.60
N ALA A 24 7.64 21.51 -7.83
CA ALA A 24 7.92 22.19 -9.08
C ALA A 24 7.17 21.50 -10.21
N GLY A 25 6.04 20.87 -9.85
CA GLY A 25 5.25 20.17 -10.84
C GLY A 25 5.69 18.74 -11.03
N ARG A 26 6.85 18.41 -10.48
CA ARG A 26 7.39 17.07 -10.58
C ARG A 26 6.87 16.22 -9.44
N PRO A 27 6.18 15.11 -9.75
CA PRO A 27 5.61 14.23 -8.74
C PRO A 27 6.66 13.44 -7.97
N PHE A 28 6.90 13.87 -6.73
CA PHE A 28 7.85 13.21 -5.87
C PHE A 28 7.12 12.53 -4.74
N SER A 29 7.81 11.74 -3.97
CA SER A 29 7.21 11.06 -2.85
C SER A 29 7.61 11.79 -1.57
N TYR A 30 6.91 11.54 -0.49
CA TYR A 30 7.22 12.19 0.77
C TYR A 30 8.59 11.77 1.26
N SER A 31 8.91 10.48 1.11
CA SER A 31 10.22 9.98 1.50
C SER A 31 11.32 10.65 0.67
N GLU A 32 10.90 11.27 -0.42
CA GLU A 32 11.78 11.99 -1.30
C GLU A 32 11.88 13.43 -0.85
N VAL A 33 10.74 14.10 -0.85
CA VAL A 33 10.66 15.50 -0.48
C VAL A 33 11.15 15.75 0.95
N SER A 34 10.94 14.79 1.85
CA SER A 34 11.35 14.97 3.24
C SER A 34 12.84 14.79 3.43
N GLN A 35 13.43 13.89 2.67
CA GLN A 35 14.85 13.61 2.79
C GLN A 35 15.68 14.47 1.85
N ARG A 36 15.00 15.25 1.02
CA ARG A 36 15.69 16.09 0.06
C ARG A 36 15.40 17.57 0.27
N PRO A 37 16.36 18.28 0.88
CA PRO A 37 16.25 19.70 1.15
C PRO A 37 16.10 20.51 -0.14
N GLU A 38 16.60 19.96 -1.25
CA GLU A 38 16.53 20.64 -2.54
C GLU A 38 15.10 20.67 -3.01
N LEU A 39 14.37 19.59 -2.73
CA LEU A 39 12.99 19.48 -3.14
C LEU A 39 12.15 20.52 -2.42
N VAL A 40 12.31 20.61 -1.12
CA VAL A 40 11.54 21.58 -0.34
C VAL A 40 12.07 22.99 -0.62
N ALA A 41 13.26 23.06 -1.20
CA ALA A 41 13.90 24.32 -1.56
C ALA A 41 13.42 24.79 -2.93
N GLN A 42 12.93 23.84 -3.72
CA GLN A 42 12.46 24.14 -5.07
C GLN A 42 10.95 24.05 -5.08
N MET A 43 10.40 23.65 -3.95
CA MET A 43 8.98 23.53 -3.82
C MET A 43 8.41 24.87 -3.44
N THR A 44 7.34 25.21 -4.11
CA THR A 44 6.69 26.49 -3.91
C THR A 44 5.95 26.50 -2.57
N PRO A 45 5.50 27.67 -2.11
CA PRO A 45 4.74 27.76 -0.85
C PRO A 45 3.58 26.77 -0.88
N GLU A 46 2.86 26.75 -2.00
CA GLU A 46 1.73 25.84 -2.18
C GLU A 46 2.18 24.40 -1.96
N GLU A 47 3.28 24.02 -2.59
CA GLU A 47 3.82 22.67 -2.49
C GLU A 47 4.36 22.41 -1.08
N LYS A 48 5.04 23.40 -0.53
CA LYS A 48 5.59 23.31 0.83
C LYS A 48 4.50 23.08 1.85
N GLU A 49 3.50 23.94 1.83
CA GLU A 49 2.40 23.85 2.76
C GLU A 49 1.64 22.56 2.53
N ALA A 50 1.61 22.13 1.28
CA ALA A 50 0.96 20.89 0.91
C ALA A 50 1.72 19.73 1.55
N TYR A 51 3.04 19.73 1.36
CA TYR A 51 3.90 18.71 1.92
C TYR A 51 3.79 18.71 3.43
N ILE A 52 3.78 19.90 4.02
CA ILE A 52 3.68 20.05 5.46
C ILE A 52 2.33 19.50 5.95
N ALA A 53 1.27 19.86 5.26
CA ALA A 53 -0.08 19.39 5.61
C ALA A 53 -0.20 17.88 5.43
N MET A 54 0.52 17.35 4.45
CA MET A 54 0.51 15.92 4.18
C MET A 54 1.30 15.18 5.27
N GLY A 55 2.45 15.74 5.61
CA GLY A 55 3.30 15.15 6.61
C GLY A 55 2.65 15.10 7.98
N GLN A 56 1.81 16.09 8.28
CA GLN A 56 1.12 16.18 9.57
C GLN A 56 0.36 14.89 9.87
N ARG A 57 0.01 14.14 8.84
CA ARG A 57 -0.71 12.89 9.02
C ARG A 57 0.20 11.81 9.57
N MET A 58 1.18 11.42 8.77
CA MET A 58 2.13 10.37 9.16
C MET A 58 2.92 10.79 10.38
N PHE A 59 3.31 12.06 10.43
CA PHE A 59 4.11 12.58 11.54
C PHE A 59 3.41 12.40 12.88
N GLU A 60 2.09 12.53 12.88
CA GLU A 60 1.34 12.38 14.12
C GLU A 60 0.84 10.94 14.27
N ASP A 61 1.41 10.07 13.45
CA ASP A 61 1.03 8.66 13.45
C ASP A 61 2.27 7.77 13.47
N LEU A 62 3.38 8.32 13.94
CA LEU A 62 4.64 7.58 14.02
C LEU A 62 4.80 6.95 15.39
N PHE A 63 3.78 7.10 16.19
CA PHE A 63 3.77 6.60 17.54
C PHE A 63 3.36 5.12 17.56
N GLU A 64 4.07 4.30 16.78
CA GLU A 64 3.79 2.87 16.68
C GLU A 64 5.09 2.09 16.63
N MET B 3 -17.06 16.85 -7.66
CA MET B 3 -17.83 15.84 -6.91
C MET B 3 -16.90 14.82 -6.28
N ALA B 4 -17.44 13.94 -5.45
CA ALA B 4 -16.64 12.91 -4.80
C ALA B 4 -16.79 11.59 -5.54
N THR B 5 -15.74 10.78 -5.51
CA THR B 5 -15.75 9.49 -6.17
C THR B 5 -16.34 8.43 -5.26
N SER B 6 -17.35 7.73 -5.77
CA SER B 6 -18.02 6.67 -5.01
C SER B 6 -18.64 5.68 -5.99
N SER B 7 -17.91 5.38 -7.05
CA SER B 7 -18.38 4.47 -8.08
C SER B 7 -17.56 3.18 -8.08
N GLU B 8 -17.08 2.80 -6.90
CA GLU B 8 -16.25 1.61 -6.74
C GLU B 8 -15.00 1.72 -7.57
N GLU B 9 -14.26 2.80 -7.33
CA GLU B 9 -13.03 3.10 -8.04
C GLU B 9 -11.96 2.05 -7.79
N VAL B 10 -11.96 0.98 -8.57
CA VAL B 10 -10.96 -0.02 -8.41
C VAL B 10 -9.65 0.46 -8.98
N LEU B 11 -8.71 0.62 -8.08
CA LEU B 11 -7.40 1.13 -8.41
C LEU B 11 -6.59 0.07 -9.13
N LEU B 12 -6.52 -1.10 -8.56
CA LEU B 12 -5.76 -2.17 -9.15
C LEU B 12 -6.41 -3.54 -8.95
N ILE B 13 -6.27 -4.36 -9.97
CA ILE B 13 -6.77 -5.71 -9.95
C ILE B 13 -5.62 -6.68 -10.17
N VAL B 14 -5.20 -7.36 -9.12
CA VAL B 14 -4.11 -8.29 -9.23
C VAL B 14 -4.66 -9.70 -9.32
N LYS B 15 -4.07 -10.52 -10.16
CA LYS B 15 -4.53 -11.88 -10.35
C LYS B 15 -3.48 -12.87 -9.84
N LYS B 16 -3.88 -14.14 -9.76
CA LYS B 16 -3.01 -15.20 -9.27
C LYS B 16 -2.44 -14.87 -7.89
N VAL B 17 -3.20 -14.10 -7.13
CA VAL B 17 -2.82 -13.71 -5.78
C VAL B 17 -3.30 -14.78 -4.82
N ARG B 18 -2.37 -15.52 -4.24
CA ARG B 18 -2.70 -16.60 -3.34
C ARG B 18 -2.57 -16.19 -1.88
N GLN B 19 -3.63 -16.41 -1.13
CA GLN B 19 -3.65 -16.12 0.30
C GLN B 19 -3.52 -17.44 1.04
N LYS B 20 -2.30 -17.73 1.51
CA LYS B 20 -2.02 -18.98 2.21
C LYS B 20 -2.30 -20.16 1.27
N LYS B 21 -1.77 -20.04 0.06
CA LYS B 21 -1.92 -21.06 -1.00
C LYS B 21 -3.31 -21.04 -1.64
N GLN B 22 -4.15 -20.07 -1.32
CA GLN B 22 -5.48 -19.99 -1.91
C GLN B 22 -5.44 -19.03 -3.08
N ASP B 23 -5.59 -19.54 -4.30
CA ASP B 23 -5.53 -18.71 -5.50
C ASP B 23 -6.75 -17.84 -5.65
N GLY B 24 -6.50 -16.55 -5.82
CA GLY B 24 -7.55 -15.60 -6.05
C GLY B 24 -7.03 -14.34 -6.70
N ALA B 25 -7.42 -13.20 -6.16
CA ALA B 25 -7.02 -11.92 -6.70
C ALA B 25 -6.95 -10.86 -5.61
N LEU B 26 -6.04 -9.92 -5.76
CA LEU B 26 -5.88 -8.85 -4.80
C LEU B 26 -6.39 -7.57 -5.43
N TYR B 27 -7.54 -7.11 -4.97
CA TYR B 27 -8.15 -5.92 -5.52
C TYR B 27 -7.99 -4.70 -4.62
N LEU B 28 -7.46 -3.63 -5.17
CA LEU B 28 -7.33 -2.38 -4.42
C LEU B 28 -8.49 -1.51 -4.81
N MET B 29 -9.42 -1.31 -3.90
CA MET B 29 -10.55 -0.49 -4.22
C MET B 29 -10.33 0.92 -3.73
N ALA B 30 -11.23 1.78 -4.16
CA ALA B 30 -11.17 3.20 -3.90
C ALA B 30 -10.65 3.57 -2.50
N GLU B 31 -11.28 3.04 -1.47
CA GLU B 31 -10.88 3.35 -0.10
C GLU B 31 -10.55 2.11 0.72
N ARG B 32 -10.56 0.93 0.10
CA ARG B 32 -10.29 -0.28 0.85
C ARG B 32 -9.67 -1.36 -0.03
N ILE B 33 -8.88 -2.22 0.60
CA ILE B 33 -8.22 -3.29 -0.12
C ILE B 33 -8.93 -4.60 0.20
N ALA B 34 -9.37 -5.30 -0.83
CA ALA B 34 -10.07 -6.56 -0.64
C ALA B 34 -9.56 -7.64 -1.58
N TRP B 35 -9.32 -8.81 -1.02
CA TRP B 35 -8.82 -9.96 -1.77
C TRP B 35 -9.91 -11.04 -1.79
N ALA B 36 -9.97 -11.77 -2.90
CA ALA B 36 -10.90 -12.87 -3.06
C ALA B 36 -10.23 -14.00 -3.81
N PRO B 37 -10.66 -15.26 -3.63
CA PRO B 37 -10.04 -16.39 -4.30
C PRO B 37 -10.56 -16.58 -5.72
N GLU B 38 -10.54 -17.83 -6.19
CA GLU B 38 -11.03 -18.24 -7.51
C GLU B 38 -12.09 -17.28 -8.05
N GLY B 39 -13.17 -17.14 -7.31
CA GLY B 39 -14.23 -16.24 -7.71
C GLY B 39 -14.11 -14.92 -6.97
N LYS B 40 -14.29 -13.83 -7.67
CA LYS B 40 -14.20 -12.51 -7.06
C LYS B 40 -15.59 -12.01 -6.68
N ASP B 41 -16.60 -12.79 -7.01
CA ASP B 41 -17.97 -12.47 -6.68
C ASP B 41 -18.17 -12.62 -5.18
N ARG B 42 -17.15 -13.19 -4.55
CA ARG B 42 -17.15 -13.41 -3.12
C ARG B 42 -15.77 -13.05 -2.59
N PHE B 43 -15.72 -12.07 -1.70
CA PHE B 43 -14.45 -11.62 -1.13
C PHE B 43 -14.16 -12.37 0.16
N THR B 44 -12.89 -12.40 0.54
CA THR B 44 -12.47 -13.08 1.75
C THR B 44 -11.86 -12.11 2.75
N ILE B 45 -10.95 -11.29 2.29
CA ILE B 45 -10.27 -10.34 3.14
C ILE B 45 -10.51 -8.90 2.68
N SER B 46 -11.19 -8.12 3.51
CA SER B 46 -11.48 -6.73 3.19
C SER B 46 -11.04 -5.82 4.33
N HIS B 47 -10.16 -4.88 4.05
CA HIS B 47 -9.66 -3.95 5.04
C HIS B 47 -9.56 -2.58 4.46
N MET B 48 -9.96 -1.60 5.23
CA MET B 48 -9.90 -0.23 4.80
C MET B 48 -8.49 0.28 5.00
N TYR B 49 -8.06 1.19 4.15
CA TYR B 49 -6.71 1.76 4.23
C TYR B 49 -6.47 2.45 5.58
N ALA B 50 -7.56 2.68 6.31
CA ALA B 50 -7.50 3.30 7.62
C ALA B 50 -7.12 2.28 8.69
N ASP B 51 -7.32 1.00 8.40
CA ASP B 51 -6.99 -0.07 9.35
C ASP B 51 -5.59 -0.57 9.09
N ILE B 52 -5.06 -0.24 7.92
CA ILE B 52 -3.73 -0.67 7.54
C ILE B 52 -2.70 0.26 8.15
N LYS B 53 -1.79 -0.31 8.92
CA LYS B 53 -0.75 0.45 9.59
C LYS B 53 0.41 0.71 8.65
N CYS B 54 0.96 -0.37 8.13
CA CYS B 54 2.08 -0.32 7.21
C CYS B 54 2.02 -1.51 6.28
N GLN B 55 3.01 -1.63 5.42
CA GLN B 55 3.06 -2.72 4.47
C GLN B 55 4.38 -3.43 4.59
N LYS B 56 4.53 -4.50 3.86
CA LYS B 56 5.76 -5.27 3.82
C LYS B 56 5.80 -5.95 2.47
N ILE B 57 6.96 -6.02 1.87
CA ILE B 57 7.06 -6.59 0.54
C ILE B 57 8.25 -7.48 0.36
N SER B 58 8.14 -8.36 -0.62
CA SER B 58 9.22 -9.22 -1.00
C SER B 58 10.01 -8.46 -2.06
N PRO B 59 11.13 -7.84 -1.67
CA PRO B 59 11.92 -7.02 -2.57
C PRO B 59 12.63 -7.85 -3.67
N GLU B 60 13.62 -7.25 -4.32
CA GLU B 60 14.36 -7.91 -5.41
C GLU B 60 14.99 -9.24 -5.01
N GLY B 61 15.23 -9.44 -3.72
CA GLY B 61 15.84 -10.69 -3.28
C GLY B 61 14.82 -11.79 -3.01
N LYS B 62 13.66 -11.71 -3.66
CA LYS B 62 12.62 -12.70 -3.45
C LYS B 62 12.05 -13.24 -4.76
N ALA B 63 11.97 -14.56 -4.83
CA ALA B 63 11.39 -15.22 -6.00
C ALA B 63 9.90 -15.36 -5.77
N LYS B 64 9.52 -15.44 -4.50
CA LYS B 64 8.13 -15.54 -4.11
C LYS B 64 7.61 -14.13 -3.90
N ILE B 65 6.74 -13.68 -4.78
CA ILE B 65 6.22 -12.34 -4.71
C ILE B 65 5.17 -12.27 -3.60
N GLN B 66 5.44 -11.52 -2.54
CA GLN B 66 4.50 -11.43 -1.44
C GLN B 66 4.44 -10.04 -0.84
N LEU B 67 3.25 -9.66 -0.38
CA LEU B 67 3.00 -8.38 0.24
C LEU B 67 2.30 -8.57 1.58
N GLN B 68 2.92 -8.10 2.65
CA GLN B 68 2.33 -8.24 3.97
C GLN B 68 1.58 -6.97 4.38
N LEU B 69 0.29 -7.11 4.60
CA LEU B 69 -0.54 -6.00 5.02
C LEU B 69 -0.48 -5.88 6.53
N VAL B 70 0.35 -4.97 7.02
CA VAL B 70 0.49 -4.77 8.44
C VAL B 70 -0.60 -3.83 8.93
N LEU B 71 -1.56 -4.36 9.64
CA LEU B 71 -2.66 -3.56 10.14
C LEU B 71 -2.42 -3.08 11.57
N HIS B 72 -3.06 -1.98 11.94
CA HIS B 72 -2.91 -1.39 13.27
C HIS B 72 -3.36 -2.35 14.36
N ALA B 73 -4.35 -3.17 14.03
CA ALA B 73 -4.91 -4.13 14.97
C ALA B 73 -3.87 -5.14 15.44
N GLY B 74 -2.83 -5.36 14.65
CA GLY B 74 -1.82 -6.32 15.03
C GLY B 74 -1.98 -7.57 14.21
N ASP B 75 -2.46 -7.36 12.99
CA ASP B 75 -2.70 -8.41 12.06
C ASP B 75 -1.93 -8.08 10.82
N THR B 76 -1.22 -9.04 10.31
CA THR B 76 -0.47 -8.80 9.12
C THR B 76 -0.77 -9.92 8.11
N THR B 77 -1.30 -9.56 6.95
CA THR B 77 -1.64 -10.55 5.94
C THR B 77 -0.63 -10.56 4.79
N ASN B 78 0.08 -11.67 4.62
CA ASN B 78 1.07 -11.81 3.56
C ASN B 78 0.44 -12.40 2.30
N PHE B 79 0.21 -11.55 1.30
CA PHE B 79 -0.38 -12.00 0.04
C PHE B 79 0.70 -12.59 -0.84
N HIS B 80 0.52 -13.83 -1.27
CA HIS B 80 1.51 -14.51 -2.09
C HIS B 80 1.11 -14.47 -3.56
N PHE B 81 1.76 -13.59 -4.30
CA PHE B 81 1.50 -13.43 -5.72
C PHE B 81 2.26 -14.52 -6.47
N SER B 82 1.56 -15.21 -7.35
CA SER B 82 2.17 -16.30 -8.11
C SER B 82 2.06 -16.07 -9.61
N ASN B 83 1.84 -14.82 -10.02
CA ASN B 83 1.75 -14.50 -11.43
C ASN B 83 3.15 -14.20 -11.95
N GLU B 84 4.02 -15.21 -11.80
CA GLU B 84 5.44 -15.16 -12.19
C GLU B 84 5.85 -14.02 -13.14
N SER B 85 5.16 -13.89 -14.26
CA SER B 85 5.45 -12.87 -15.26
C SER B 85 5.34 -11.44 -14.71
N THR B 86 4.28 -11.15 -13.97
CA THR B 86 4.08 -9.79 -13.46
C THR B 86 3.83 -9.75 -11.96
N ALA B 87 3.87 -10.89 -11.28
CA ALA B 87 3.62 -10.96 -9.84
C ALA B 87 4.36 -9.85 -9.09
N VAL B 88 5.67 -9.78 -9.27
CA VAL B 88 6.49 -8.74 -8.63
C VAL B 88 5.92 -7.35 -8.90
N LYS B 89 5.63 -7.08 -10.16
CA LYS B 89 5.08 -5.79 -10.58
C LYS B 89 3.70 -5.57 -9.99
N GLU B 90 2.88 -6.61 -9.94
CA GLU B 90 1.55 -6.51 -9.39
C GLU B 90 1.61 -6.26 -7.88
N ARG B 91 2.55 -6.93 -7.21
CA ARG B 91 2.76 -6.74 -5.77
C ARG B 91 3.27 -5.34 -5.51
N ASP B 92 4.28 -4.98 -6.31
CA ASP B 92 4.87 -3.65 -6.24
C ASP B 92 3.85 -2.59 -6.57
N ALA B 93 2.92 -2.95 -7.42
CA ALA B 93 1.86 -2.04 -7.86
C ALA B 93 0.87 -1.81 -6.74
N VAL B 94 0.41 -2.91 -6.17
CA VAL B 94 -0.52 -2.87 -5.07
C VAL B 94 0.10 -2.06 -3.95
N LYS B 95 1.36 -2.36 -3.70
CA LYS B 95 2.16 -1.71 -2.70
C LYS B 95 2.28 -0.23 -2.99
N ASP B 96 2.52 0.10 -4.24
CA ASP B 96 2.66 1.46 -4.66
C ASP B 96 1.40 2.26 -4.33
N LEU B 97 0.28 1.80 -4.87
CA LEU B 97 -1.01 2.42 -4.65
C LEU B 97 -1.33 2.45 -3.16
N LEU B 98 -1.09 1.32 -2.50
CA LEU B 98 -1.31 1.17 -1.07
C LEU B 98 -0.57 2.24 -0.29
N GLN B 99 0.74 2.25 -0.44
CA GLN B 99 1.62 3.19 0.24
C GLN B 99 1.20 4.64 0.03
N GLN B 100 0.82 4.99 -1.20
CA GLN B 100 0.45 6.38 -1.53
C GLN B 100 -0.92 6.78 -0.98
N LEU B 101 -1.88 5.88 -1.04
CA LEU B 101 -3.24 6.19 -0.59
C LEU B 101 -3.43 6.03 0.91
N LEU B 102 -2.55 5.26 1.53
CA LEU B 102 -2.62 4.99 2.96
C LEU B 102 -2.72 6.24 3.83
N PRO B 103 -1.78 7.21 3.73
CA PRO B 103 -1.77 8.42 4.57
C PRO B 103 -3.07 9.23 4.50
N LYS B 104 -3.91 8.95 3.51
CA LYS B 104 -5.17 9.68 3.37
C LYS B 104 -6.25 9.03 4.24
N PHE B 105 -5.97 7.83 4.73
CA PHE B 105 -6.90 7.12 5.59
C PHE B 105 -6.24 6.79 6.92
N LYS B 106 -4.90 6.77 6.90
CA LYS B 106 -4.09 6.47 8.08
C LYS B 106 -4.35 7.48 9.18
N ARG B 107 -5.07 7.03 10.21
CA ARG B 107 -5.41 7.87 11.35
C ARG B 107 -6.27 7.08 12.33
N LYS B 108 -6.04 5.78 12.38
CA LYS B 108 -6.82 4.92 13.26
C LYS B 108 -5.92 3.86 13.89
N ALA B 109 -5.43 4.15 15.11
CA ALA B 109 -4.59 3.20 15.81
C ALA B 109 -5.44 2.10 16.45
N ASN B 110 -6.08 1.34 15.58
CA ASN B 110 -6.95 0.25 16.00
C ASN B 110 -7.22 -0.65 14.80
N GLU A 3 1.49 -26.40 6.33
CA GLU A 3 1.89 -25.33 5.39
C GLU A 3 2.53 -24.20 6.17
N GLU A 4 1.79 -23.09 6.29
CA GLU A 4 2.24 -21.91 7.03
C GLU A 4 3.50 -21.34 6.39
N ASP A 5 3.64 -21.61 5.11
CA ASP A 5 4.77 -21.14 4.32
C ASP A 5 4.37 -19.97 3.46
N GLU A 6 3.20 -19.42 3.77
CA GLU A 6 2.67 -18.28 3.05
C GLU A 6 2.61 -17.09 3.98
N GLU A 7 2.34 -17.37 5.24
CA GLU A 7 2.29 -16.35 6.28
C GLU A 7 3.67 -16.24 6.92
N GLU A 8 4.60 -15.66 6.18
CA GLU A 8 5.98 -15.53 6.64
C GLU A 8 6.28 -14.11 7.11
N ASP A 9 7.55 -13.73 7.00
CA ASP A 9 8.06 -12.42 7.42
C ASP A 9 9.56 -12.50 7.62
N ASP A 10 10.28 -12.79 6.55
CA ASP A 10 11.73 -12.96 6.63
C ASP A 10 12.49 -11.85 5.90
N GLU A 11 11.86 -11.19 4.94
CA GLU A 11 12.52 -10.14 4.18
C GLU A 11 11.48 -9.19 3.66
N PHE A 12 10.81 -8.53 4.58
CA PHE A 12 9.78 -7.60 4.21
C PHE A 12 10.12 -6.21 4.69
N GLU A 13 9.91 -5.23 3.83
CA GLU A 13 10.15 -3.85 4.16
C GLU A 13 8.87 -3.27 4.68
N GLU A 14 8.88 -2.72 5.88
CA GLU A 14 7.67 -2.11 6.38
C GLU A 14 7.39 -0.91 5.50
N VAL A 15 6.40 -1.05 4.64
CA VAL A 15 6.08 0.02 3.72
C VAL A 15 5.32 1.09 4.47
N ALA A 16 5.90 2.27 4.50
CA ALA A 16 5.27 3.38 5.16
C ALA A 16 4.24 4.01 4.24
N ASP A 17 3.17 4.48 4.85
CA ASP A 17 2.10 5.15 4.13
C ASP A 17 2.59 6.50 3.62
N ASP A 18 3.44 6.43 2.62
CA ASP A 18 4.04 7.61 2.03
C ASP A 18 3.20 8.17 0.90
N PRO A 19 2.74 9.42 1.03
CA PRO A 19 1.92 10.08 0.03
C PRO A 19 2.76 10.63 -1.11
N ILE A 20 2.08 11.29 -2.04
CA ILE A 20 2.73 11.87 -3.20
C ILE A 20 2.67 13.39 -3.10
N VAL A 21 3.83 14.00 -3.11
CA VAL A 21 3.94 15.45 -3.03
C VAL A 21 4.68 15.97 -4.26
N MET A 22 4.03 16.88 -4.97
CA MET A 22 4.59 17.43 -6.19
C MET A 22 5.48 18.60 -5.85
N VAL A 23 6.61 18.68 -6.52
CA VAL A 23 7.54 19.76 -6.32
C VAL A 23 7.88 20.38 -7.67
N ALA A 24 7.49 21.62 -7.85
CA ALA A 24 7.70 22.35 -9.09
C ALA A 24 6.94 21.66 -10.23
N GLY A 25 5.83 21.00 -9.86
CA GLY A 25 5.02 20.32 -10.84
C GLY A 25 5.44 18.87 -11.03
N ARG A 26 6.59 18.52 -10.47
CA ARG A 26 7.11 17.17 -10.58
C ARG A 26 6.60 16.32 -9.41
N PRO A 27 5.87 15.24 -9.70
CA PRO A 27 5.31 14.36 -8.67
C PRO A 27 6.36 13.47 -8.00
N PHE A 28 6.67 13.78 -6.76
CA PHE A 28 7.62 13.00 -5.98
C PHE A 28 6.91 12.40 -4.78
N SER A 29 7.54 11.46 -4.11
CA SER A 29 6.95 10.88 -2.92
C SER A 29 7.40 11.70 -1.71
N TYR A 30 6.71 11.57 -0.59
CA TYR A 30 7.06 12.32 0.60
C TYR A 30 8.45 11.94 1.07
N SER A 31 8.72 10.64 1.12
CA SER A 31 10.03 10.13 1.53
C SER A 31 11.10 10.54 0.52
N GLU A 32 10.65 10.94 -0.66
CA GLU A 32 11.55 11.34 -1.72
C GLU A 32 11.86 12.84 -1.58
N VAL A 33 10.80 13.61 -1.37
CA VAL A 33 10.92 15.05 -1.20
C VAL A 33 11.70 15.38 0.07
N SER A 34 11.52 14.57 1.11
CA SER A 34 12.21 14.79 2.38
C SER A 34 13.69 14.43 2.28
N GLN A 35 14.01 13.42 1.47
CA GLN A 35 15.39 13.00 1.29
C GLN A 35 16.18 14.04 0.50
N ARG A 36 15.48 14.80 -0.33
CA ARG A 36 16.14 15.82 -1.14
C ARG A 36 15.78 17.23 -0.68
N PRO A 37 16.68 17.85 0.11
CA PRO A 37 16.48 19.21 0.61
C PRO A 37 16.37 20.21 -0.54
N GLU A 38 16.95 19.85 -1.69
CA GLU A 38 16.89 20.71 -2.87
C GLU A 38 15.48 20.71 -3.41
N LEU A 39 14.79 19.58 -3.25
CA LEU A 39 13.42 19.48 -3.71
C LEU A 39 12.54 20.43 -2.92
N VAL A 40 12.70 20.42 -1.61
CA VAL A 40 11.92 21.32 -0.76
C VAL A 40 12.36 22.76 -0.99
N ALA A 41 13.55 22.90 -1.54
CA ALA A 41 14.12 24.21 -1.86
C ALA A 41 13.67 24.66 -3.24
N GLN A 42 13.13 23.73 -4.01
CA GLN A 42 12.65 24.02 -5.35
C GLN A 42 11.14 23.96 -5.33
N MET A 43 10.61 23.62 -4.17
CA MET A 43 9.19 23.51 -4.00
C MET A 43 8.64 24.85 -3.60
N THR A 44 7.50 25.14 -4.15
CA THR A 44 6.82 26.40 -3.91
C THR A 44 6.27 26.43 -2.49
N PRO A 45 5.94 27.63 -1.96
CA PRO A 45 5.36 27.75 -0.63
C PRO A 45 4.15 26.81 -0.50
N GLU A 46 3.36 26.77 -1.56
CA GLU A 46 2.19 25.92 -1.63
C GLU A 46 2.60 24.45 -1.50
N GLU A 47 3.59 24.04 -2.29
CA GLU A 47 4.06 22.66 -2.25
C GLU A 47 4.71 22.35 -0.91
N LYS A 48 5.45 23.31 -0.37
CA LYS A 48 6.09 23.15 0.93
C LYS A 48 5.05 22.94 2.02
N GLU A 49 4.01 23.77 1.99
CA GLU A 49 2.95 23.66 2.98
C GLU A 49 2.22 22.34 2.81
N ALA A 50 2.06 21.95 1.54
CA ALA A 50 1.43 20.70 1.21
C ALA A 50 2.25 19.54 1.75
N TYR A 51 3.57 19.61 1.53
CA TYR A 51 4.50 18.61 2.01
C TYR A 51 4.46 18.53 3.53
N ILE A 52 4.50 19.69 4.17
CA ILE A 52 4.45 19.76 5.62
C ILE A 52 3.15 19.17 6.15
N ALA A 53 2.04 19.58 5.54
CA ALA A 53 0.72 19.11 5.94
C ALA A 53 0.59 17.60 5.73
N MET A 54 1.15 17.12 4.62
CA MET A 54 1.12 15.69 4.32
C MET A 54 1.83 14.90 5.40
N GLY A 55 2.99 15.40 5.82
CA GLY A 55 3.76 14.73 6.84
C GLY A 55 3.06 14.76 8.18
N GLN A 56 2.43 15.89 8.48
CA GLN A 56 1.69 16.05 9.73
C GLN A 56 0.65 14.94 9.89
N ARG A 57 0.03 14.56 8.78
CA ARG A 57 -0.98 13.52 8.78
C ARG A 57 -0.41 12.19 9.26
N MET A 58 0.65 11.72 8.61
CA MET A 58 1.28 10.47 9.01
C MET A 58 1.87 10.64 10.39
N PHE A 59 2.35 11.85 10.68
CA PHE A 59 2.94 12.17 11.96
C PHE A 59 1.95 11.97 13.11
N GLU A 60 0.68 12.30 12.89
CA GLU A 60 -0.32 12.12 13.94
C GLU A 60 -0.99 10.76 13.80
N ASP A 61 -0.35 9.91 13.01
CA ASP A 61 -0.86 8.56 12.76
C ASP A 61 0.23 7.52 13.06
N LEU A 62 1.36 7.99 13.59
CA LEU A 62 2.47 7.09 13.95
C LEU A 62 2.25 6.48 15.31
N PHE A 63 1.24 6.98 15.99
CA PHE A 63 0.90 6.51 17.32
C PHE A 63 -0.29 5.57 17.25
N GLU A 64 -0.45 4.93 16.11
CA GLU A 64 -1.55 4.01 15.87
C GLU A 64 -0.99 2.69 15.31
N MET B 3 -20.71 4.30 6.79
CA MET B 3 -19.26 4.13 7.04
C MET B 3 -18.47 4.94 6.04
N ALA B 4 -17.14 4.77 6.03
CA ALA B 4 -16.29 5.49 5.11
C ALA B 4 -16.39 4.87 3.71
N THR B 5 -17.24 5.45 2.89
CA THR B 5 -17.44 4.98 1.54
C THR B 5 -17.82 6.14 0.62
N SER B 6 -16.83 6.68 -0.07
CA SER B 6 -17.06 7.80 -0.97
C SER B 6 -16.97 7.35 -2.42
N SER B 7 -16.19 6.30 -2.67
CA SER B 7 -16.01 5.77 -4.01
C SER B 7 -15.69 4.28 -3.95
N GLU B 8 -15.80 3.59 -5.07
CA GLU B 8 -15.52 2.16 -5.12
C GLU B 8 -14.73 1.79 -6.38
N GLU B 9 -14.37 2.81 -7.16
CA GLU B 9 -13.61 2.62 -8.39
C GLU B 9 -12.31 1.86 -8.10
N VAL B 10 -12.20 0.68 -8.68
CA VAL B 10 -11.03 -0.16 -8.50
C VAL B 10 -9.79 0.47 -9.09
N LEU B 11 -8.75 0.52 -8.28
CA LEU B 11 -7.48 1.10 -8.66
C LEU B 11 -6.64 0.09 -9.40
N LEU B 12 -6.55 -1.11 -8.84
CA LEU B 12 -5.75 -2.16 -9.44
C LEU B 12 -6.38 -3.53 -9.27
N ILE B 13 -6.19 -4.37 -10.28
CA ILE B 13 -6.69 -5.73 -10.29
C ILE B 13 -5.55 -6.70 -10.54
N VAL B 14 -5.08 -7.37 -9.49
CA VAL B 14 -3.99 -8.30 -9.64
C VAL B 14 -4.52 -9.72 -9.65
N LYS B 15 -3.97 -10.55 -10.52
CA LYS B 15 -4.38 -11.94 -10.60
C LYS B 15 -3.24 -12.85 -10.14
N LYS B 16 -3.55 -14.13 -9.95
CA LYS B 16 -2.58 -15.11 -9.46
C LYS B 16 -2.05 -14.72 -8.10
N VAL B 17 -2.81 -13.86 -7.41
CA VAL B 17 -2.44 -13.43 -6.08
C VAL B 17 -2.76 -14.55 -5.11
N ARG B 18 -1.75 -15.30 -4.71
CA ARG B 18 -1.92 -16.43 -3.84
C ARG B 18 -1.94 -16.04 -2.37
N GLN B 19 -2.93 -16.58 -1.68
CA GLN B 19 -3.07 -16.38 -0.24
C GLN B 19 -3.24 -17.75 0.37
N LYS B 20 -2.12 -18.35 0.78
CA LYS B 20 -2.08 -19.68 1.36
C LYS B 20 -2.15 -20.74 0.25
N LYS B 21 -1.30 -20.54 -0.77
CA LYS B 21 -1.17 -21.45 -1.92
C LYS B 21 -2.34 -21.39 -2.91
N GLN B 22 -3.30 -20.49 -2.71
CA GLN B 22 -4.42 -20.39 -3.63
C GLN B 22 -4.34 -19.07 -4.37
N ASP B 23 -4.13 -19.13 -5.68
CA ASP B 23 -4.02 -17.93 -6.47
C ASP B 23 -5.37 -17.33 -6.75
N GLY B 24 -5.52 -16.11 -6.32
CA GLY B 24 -6.73 -15.39 -6.52
C GLY B 24 -6.47 -14.05 -7.16
N ALA B 25 -7.04 -13.03 -6.57
CA ALA B 25 -6.90 -11.70 -7.08
C ALA B 25 -6.84 -10.69 -5.95
N LEU B 26 -5.93 -9.75 -6.09
CA LEU B 26 -5.78 -8.72 -5.09
C LEU B 26 -6.37 -7.45 -5.68
N TYR B 27 -7.57 -7.11 -5.23
CA TYR B 27 -8.27 -5.94 -5.75
C TYR B 27 -8.10 -4.73 -4.85
N LEU B 28 -7.52 -3.67 -5.40
CA LEU B 28 -7.39 -2.45 -4.65
C LEU B 28 -8.54 -1.57 -5.05
N MET B 29 -9.54 -1.48 -4.21
CA MET B 29 -10.66 -0.63 -4.53
C MET B 29 -10.37 0.76 -4.04
N ALA B 30 -11.19 1.68 -4.50
CA ALA B 30 -11.02 3.09 -4.20
C ALA B 30 -10.55 3.37 -2.77
N GLU B 31 -11.26 2.85 -1.78
CA GLU B 31 -10.89 3.09 -0.39
C GLU B 31 -10.79 1.78 0.40
N ARG B 32 -10.80 0.64 -0.28
CA ARG B 32 -10.73 -0.64 0.41
C ARG B 32 -10.02 -1.69 -0.42
N ILE B 33 -9.21 -2.50 0.23
CA ILE B 33 -8.47 -3.54 -0.45
C ILE B 33 -9.11 -4.89 -0.16
N ALA B 34 -9.53 -5.59 -1.20
CA ALA B 34 -10.17 -6.89 -1.04
C ALA B 34 -9.57 -7.94 -1.97
N TRP B 35 -9.30 -9.09 -1.40
CA TRP B 35 -8.71 -10.21 -2.13
C TRP B 35 -9.69 -11.38 -2.19
N ALA B 36 -9.69 -12.09 -3.32
CA ALA B 36 -10.53 -13.27 -3.50
C ALA B 36 -9.84 -14.22 -4.48
N PRO B 37 -10.03 -15.55 -4.35
CA PRO B 37 -9.39 -16.51 -5.25
C PRO B 37 -9.90 -16.38 -6.69
N GLU B 38 -9.14 -16.94 -7.65
CA GLU B 38 -9.53 -16.89 -9.06
C GLU B 38 -10.73 -17.81 -9.34
N GLY B 39 -11.86 -17.49 -8.73
CA GLY B 39 -13.06 -18.27 -8.92
C GLY B 39 -13.95 -18.25 -7.70
N LYS B 40 -14.23 -17.05 -7.19
CA LYS B 40 -15.07 -16.90 -6.02
C LYS B 40 -16.03 -15.73 -6.20
N ASP B 41 -17.24 -15.92 -5.71
CA ASP B 41 -18.30 -14.90 -5.78
C ASP B 41 -17.95 -13.68 -4.94
N ARG B 42 -17.75 -13.91 -3.65
CA ARG B 42 -17.42 -12.84 -2.73
C ARG B 42 -15.96 -12.89 -2.33
N PHE B 43 -15.40 -11.73 -2.04
CA PHE B 43 -14.00 -11.62 -1.64
C PHE B 43 -13.78 -12.31 -0.30
N THR B 44 -12.58 -12.84 -0.12
CA THR B 44 -12.23 -13.54 1.10
C THR B 44 -11.72 -12.56 2.15
N ILE B 45 -10.73 -11.78 1.77
CA ILE B 45 -10.11 -10.81 2.68
C ILE B 45 -10.43 -9.39 2.24
N SER B 46 -11.15 -8.67 3.07
CA SER B 46 -11.51 -7.29 2.76
C SER B 46 -11.13 -6.35 3.92
N HIS B 47 -10.27 -5.38 3.61
CA HIS B 47 -9.82 -4.42 4.62
C HIS B 47 -9.79 -3.03 4.02
N MET B 48 -10.21 -2.07 4.79
CA MET B 48 -10.20 -0.70 4.35
C MET B 48 -8.85 -0.07 4.68
N TYR B 49 -8.38 0.82 3.83
CA TYR B 49 -7.08 1.49 4.02
C TYR B 49 -7.02 2.22 5.37
N ALA B 50 -8.18 2.40 5.97
CA ALA B 50 -8.32 3.08 7.25
C ALA B 50 -7.77 2.24 8.39
N ASP B 51 -7.88 0.92 8.26
CA ASP B 51 -7.41 0.00 9.28
C ASP B 51 -5.98 -0.44 9.00
N ILE B 52 -5.57 -0.38 7.74
CA ILE B 52 -4.23 -0.78 7.38
C ILE B 52 -3.21 0.22 7.90
N LYS B 53 -2.36 -0.25 8.79
CA LYS B 53 -1.32 0.57 9.40
C LYS B 53 -0.13 0.76 8.47
N CYS B 54 0.46 -0.34 8.06
CA CYS B 54 1.60 -0.30 7.18
C CYS B 54 1.60 -1.51 6.27
N GLN B 55 2.64 -1.66 5.49
CA GLN B 55 2.74 -2.77 4.58
C GLN B 55 4.09 -3.45 4.75
N LYS B 56 4.28 -4.56 4.05
CA LYS B 56 5.53 -5.30 4.09
C LYS B 56 5.75 -5.87 2.70
N ILE B 57 6.97 -5.82 2.21
CA ILE B 57 7.24 -6.31 0.85
C ILE B 57 8.58 -6.98 0.71
N SER B 58 8.71 -7.78 -0.34
CA SER B 58 9.96 -8.42 -0.68
C SER B 58 10.74 -7.45 -1.55
N PRO B 59 11.70 -6.74 -0.98
CA PRO B 59 12.47 -5.73 -1.68
C PRO B 59 13.45 -6.30 -2.69
N GLU B 60 12.95 -6.44 -3.92
CA GLU B 60 13.67 -6.97 -5.08
C GLU B 60 14.88 -7.84 -4.72
N GLY B 61 14.57 -9.08 -4.41
CA GLY B 61 15.59 -10.05 -4.05
C GLY B 61 14.99 -11.40 -3.77
N LYS B 62 13.76 -11.38 -3.27
CA LYS B 62 13.03 -12.60 -2.95
C LYS B 62 12.25 -13.11 -4.14
N ALA B 63 12.34 -14.42 -4.38
CA ALA B 63 11.62 -15.06 -5.47
C ALA B 63 10.13 -15.02 -5.15
N LYS B 64 9.85 -14.97 -3.86
CA LYS B 64 8.49 -14.91 -3.35
C LYS B 64 8.02 -13.47 -3.42
N ILE B 65 7.09 -13.17 -4.31
CA ILE B 65 6.57 -11.82 -4.40
C ILE B 65 5.52 -11.64 -3.30
N GLN B 66 5.98 -11.27 -2.11
CA GLN B 66 5.08 -11.14 -0.96
C GLN B 66 4.80 -9.69 -0.60
N LEU B 67 3.58 -9.45 -0.16
CA LEU B 67 3.11 -8.16 0.29
C LEU B 67 2.27 -8.35 1.56
N GLN B 68 2.81 -7.96 2.71
CA GLN B 68 2.09 -8.14 3.96
C GLN B 68 1.35 -6.87 4.36
N LEU B 69 0.04 -7.00 4.53
CA LEU B 69 -0.79 -5.89 4.95
C LEU B 69 -0.81 -5.81 6.46
N VAL B 70 -0.03 -4.91 7.02
CA VAL B 70 0.04 -4.74 8.45
C VAL B 70 -1.06 -3.79 8.89
N LEU B 71 -2.11 -4.33 9.47
CA LEU B 71 -3.25 -3.54 9.89
C LEU B 71 -3.07 -3.04 11.32
N HIS B 72 -3.78 -1.95 11.64
CA HIS B 72 -3.74 -1.35 12.98
C HIS B 72 -4.38 -2.29 13.99
N ALA B 73 -5.32 -3.10 13.51
CA ALA B 73 -6.04 -4.05 14.34
C ALA B 73 -5.10 -5.06 15.01
N GLY B 74 -3.98 -5.35 14.36
CA GLY B 74 -3.04 -6.30 14.92
C GLY B 74 -3.05 -7.55 14.10
N ASP B 75 -3.32 -7.37 12.82
CA ASP B 75 -3.39 -8.45 11.88
C ASP B 75 -2.53 -8.08 10.72
N THR B 76 -1.81 -9.04 10.20
CA THR B 76 -0.96 -8.78 9.08
C THR B 76 -1.17 -9.89 8.04
N THR B 77 -1.62 -9.53 6.86
CA THR B 77 -1.89 -10.52 5.82
C THR B 77 -0.85 -10.46 4.69
N ASN B 78 -0.11 -11.54 4.50
CA ASN B 78 0.92 -11.60 3.46
C ASN B 78 0.33 -12.15 2.17
N PHE B 79 0.34 -11.33 1.13
CA PHE B 79 -0.14 -11.75 -0.18
C PHE B 79 1.03 -12.23 -1.01
N HIS B 80 0.90 -13.41 -1.59
CA HIS B 80 1.97 -13.98 -2.38
C HIS B 80 1.62 -13.96 -3.87
N PHE B 81 2.25 -13.06 -4.59
CA PHE B 81 2.01 -12.94 -6.03
C PHE B 81 2.87 -13.96 -6.75
N SER B 82 2.24 -14.86 -7.48
CA SER B 82 2.95 -15.89 -8.20
C SER B 82 2.83 -15.76 -9.71
N ASN B 83 2.31 -14.64 -10.19
CA ASN B 83 2.21 -14.42 -11.63
C ASN B 83 3.57 -13.94 -12.12
N GLU B 84 4.53 -14.87 -12.06
CA GLU B 84 5.95 -14.68 -12.42
C GLU B 84 6.24 -13.49 -13.34
N SER B 85 5.50 -13.39 -14.44
CA SER B 85 5.69 -12.34 -15.42
C SER B 85 5.62 -10.94 -14.80
N THR B 86 4.62 -10.67 -13.97
CA THR B 86 4.47 -9.34 -13.39
C THR B 86 4.33 -9.35 -11.87
N ALA B 87 4.31 -10.54 -11.25
CA ALA B 87 4.15 -10.69 -9.80
C ALA B 87 4.81 -9.56 -9.01
N VAL B 88 6.13 -9.47 -9.11
CA VAL B 88 6.90 -8.41 -8.44
C VAL B 88 6.31 -7.02 -8.68
N LYS B 89 6.05 -6.71 -9.93
CA LYS B 89 5.50 -5.41 -10.30
C LYS B 89 4.12 -5.24 -9.70
N GLU B 90 3.35 -6.31 -9.63
CA GLU B 90 2.02 -6.27 -9.06
C GLU B 90 2.09 -5.96 -7.56
N ARG B 91 2.96 -6.69 -6.86
CA ARG B 91 3.15 -6.47 -5.43
C ARG B 91 3.57 -5.04 -5.22
N ASP B 92 4.53 -4.61 -6.00
CA ASP B 92 5.05 -3.27 -5.94
C ASP B 92 4.00 -2.25 -6.34
N ALA B 93 3.17 -2.61 -7.29
CA ALA B 93 2.12 -1.72 -7.78
C ALA B 93 1.05 -1.52 -6.75
N VAL B 94 0.58 -2.63 -6.24
CA VAL B 94 -0.44 -2.65 -5.22
C VAL B 94 0.08 -1.86 -4.01
N LYS B 95 1.33 -2.13 -3.68
CA LYS B 95 2.02 -1.48 -2.59
C LYS B 95 2.10 0.01 -2.84
N ASP B 96 2.42 0.38 -4.08
CA ASP B 96 2.51 1.77 -4.44
C ASP B 96 1.19 2.47 -4.16
N LEU B 97 0.12 1.91 -4.72
CA LEU B 97 -1.20 2.46 -4.53
C LEU B 97 -1.56 2.46 -3.05
N LEU B 98 -1.19 1.38 -2.38
CA LEU B 98 -1.45 1.22 -0.96
C LEU B 98 -0.77 2.31 -0.15
N GLN B 99 0.56 2.32 -0.21
CA GLN B 99 1.39 3.29 0.51
C GLN B 99 0.97 4.73 0.24
N GLN B 100 0.72 5.08 -1.02
CA GLN B 100 0.35 6.45 -1.38
C GLN B 100 -1.06 6.84 -0.91
N LEU B 101 -1.99 5.90 -0.92
CA LEU B 101 -3.38 6.19 -0.53
C LEU B 101 -3.58 6.09 0.98
N LEU B 102 -2.87 5.15 1.59
CA LEU B 102 -2.97 4.88 3.04
C LEU B 102 -3.16 6.12 3.93
N PRO B 103 -2.24 7.12 3.88
CA PRO B 103 -2.30 8.30 4.75
C PRO B 103 -3.60 9.10 4.64
N LYS B 104 -4.43 8.78 3.65
CA LYS B 104 -5.67 9.49 3.47
C LYS B 104 -6.86 8.75 4.07
N PHE B 105 -6.64 7.50 4.48
CA PHE B 105 -7.72 6.72 5.06
C PHE B 105 -7.37 6.23 6.46
N LYS B 106 -6.07 6.07 6.71
CA LYS B 106 -5.58 5.57 8.00
C LYS B 106 -6.12 6.33 9.19
N ARG B 107 -6.73 5.57 10.09
CA ARG B 107 -7.29 6.09 11.33
C ARG B 107 -7.86 4.94 12.15
N LYS B 108 -7.13 4.56 13.19
CA LYS B 108 -7.55 3.46 14.04
C LYS B 108 -8.52 3.96 15.11
N ALA B 109 -9.80 3.63 14.94
CA ALA B 109 -10.83 4.03 15.88
C ALA B 109 -10.93 3.03 17.04
N ASN B 110 -9.79 2.71 17.63
CA ASN B 110 -9.73 1.78 18.74
C ASN B 110 -8.39 1.92 19.44
N GLU A 3 -3.74 -21.00 4.34
CA GLU A 3 -4.77 -20.34 5.18
C GLU A 3 -4.31 -20.27 6.62
N GLU A 4 -3.46 -21.21 6.99
CA GLU A 4 -2.93 -21.27 8.34
C GLU A 4 -1.95 -20.13 8.56
N ASP A 5 -0.77 -20.36 8.05
CA ASP A 5 0.34 -19.41 8.10
C ASP A 5 1.55 -20.05 7.44
N GLU A 6 1.82 -19.64 6.22
CA GLU A 6 2.92 -20.23 5.46
C GLU A 6 3.85 -19.16 4.91
N GLU A 7 3.30 -18.00 4.60
CA GLU A 7 4.09 -16.89 4.06
C GLU A 7 4.96 -16.31 5.17
N GLU A 8 6.22 -16.72 5.19
CA GLU A 8 7.15 -16.27 6.22
C GLU A 8 7.80 -14.95 5.83
N ASP A 9 8.16 -14.18 6.85
CA ASP A 9 8.83 -12.90 6.67
C ASP A 9 10.30 -13.16 6.37
N ASP A 10 10.55 -13.70 5.18
CA ASP A 10 11.89 -14.06 4.77
C ASP A 10 12.69 -12.88 4.22
N GLU A 11 12.00 -11.86 3.71
CA GLU A 11 12.68 -10.73 3.14
C GLU A 11 11.65 -9.70 2.76
N PHE A 12 11.22 -8.92 3.71
CA PHE A 12 10.24 -7.92 3.45
C PHE A 12 10.73 -6.55 3.90
N GLU A 13 10.32 -5.56 3.15
CA GLU A 13 10.67 -4.18 3.44
C GLU A 13 9.47 -3.57 4.11
N GLU A 14 9.65 -3.02 5.29
CA GLU A 14 8.53 -2.39 5.97
C GLU A 14 8.09 -1.22 5.13
N VAL A 15 6.97 -1.37 4.44
CA VAL A 15 6.47 -0.32 3.59
C VAL A 15 5.80 0.72 4.45
N ALA A 16 6.25 1.94 4.34
CA ALA A 16 5.69 3.01 5.11
C ALA A 16 4.65 3.74 4.27
N ASP A 17 3.52 4.02 4.89
CA ASP A 17 2.44 4.75 4.26
C ASP A 17 2.93 6.13 3.85
N ASP A 18 3.53 6.19 2.69
CA ASP A 18 4.10 7.43 2.18
C ASP A 18 3.32 7.97 1.00
N PRO A 19 2.76 9.18 1.14
CA PRO A 19 2.01 9.83 0.09
C PRO A 19 2.90 10.41 -1.01
N ILE A 20 2.29 10.86 -2.08
CA ILE A 20 3.03 11.43 -3.20
C ILE A 20 2.89 12.95 -3.20
N VAL A 21 4.03 13.62 -3.15
CA VAL A 21 4.07 15.07 -3.14
C VAL A 21 4.94 15.54 -4.31
N MET A 22 4.32 16.29 -5.21
CA MET A 22 5.02 16.76 -6.39
C MET A 22 5.75 18.06 -6.10
N VAL A 23 6.95 18.15 -6.63
CA VAL A 23 7.77 19.33 -6.46
C VAL A 23 8.21 19.83 -7.82
N ALA A 24 7.77 21.04 -8.16
CA ALA A 24 8.08 21.66 -9.43
C ALA A 24 7.50 20.83 -10.57
N GLY A 25 6.41 20.11 -10.27
CA GLY A 25 5.78 19.28 -11.28
C GLY A 25 6.28 17.85 -11.27
N ARG A 26 7.39 17.61 -10.59
CA ARG A 26 7.97 16.29 -10.51
C ARG A 26 7.37 15.54 -9.32
N PRO A 27 6.70 14.41 -9.58
CA PRO A 27 6.06 13.61 -8.53
C PRO A 27 7.05 12.81 -7.68
N PHE A 28 7.24 13.26 -6.46
CA PHE A 28 8.13 12.58 -5.52
C PHE A 28 7.30 12.06 -4.36
N SER A 29 7.89 11.20 -3.55
CA SER A 29 7.19 10.69 -2.39
C SER A 29 7.48 11.61 -1.21
N TYR A 30 6.69 11.50 -0.15
CA TYR A 30 6.88 12.33 1.03
C TYR A 30 8.24 12.09 1.66
N SER A 31 8.58 10.82 1.86
CA SER A 31 9.86 10.46 2.45
C SER A 31 11.00 10.81 1.49
N GLU A 32 10.64 11.07 0.24
CA GLU A 32 11.59 11.44 -0.78
C GLU A 32 11.84 12.95 -0.70
N VAL A 33 10.75 13.68 -0.71
CA VAL A 33 10.78 15.13 -0.63
C VAL A 33 11.42 15.59 0.68
N SER A 34 11.11 14.88 1.76
CA SER A 34 11.66 15.21 3.08
C SER A 34 13.15 14.91 3.17
N GLN A 35 13.60 13.93 2.39
CA GLN A 35 15.00 13.56 2.40
C GLN A 35 15.83 14.56 1.59
N ARG A 36 15.17 15.30 0.71
CA ARG A 36 15.87 16.28 -0.10
C ARG A 36 15.45 17.70 0.25
N PRO A 37 16.24 18.39 1.07
CA PRO A 37 15.96 19.78 1.46
C PRO A 37 15.91 20.70 0.25
N GLU A 38 16.62 20.33 -0.82
CA GLU A 38 16.65 21.11 -2.04
C GLU A 38 15.32 20.99 -2.75
N LEU A 39 14.71 19.81 -2.66
CA LEU A 39 13.42 19.59 -3.29
C LEU A 39 12.38 20.48 -2.66
N VAL A 40 12.38 20.54 -1.33
CA VAL A 40 11.44 21.37 -0.61
C VAL A 40 11.77 22.84 -0.85
N ALA A 41 13.02 23.09 -1.24
CA ALA A 41 13.49 24.42 -1.54
C ALA A 41 13.10 24.81 -2.97
N GLN A 42 12.82 23.80 -3.78
CA GLN A 42 12.42 24.02 -5.17
C GLN A 42 10.92 23.91 -5.25
N MET A 43 10.33 23.43 -4.15
CA MET A 43 8.92 23.26 -4.07
C MET A 43 8.28 24.60 -3.79
N THR A 44 7.25 24.86 -4.54
CA THR A 44 6.52 26.11 -4.46
C THR A 44 5.73 26.18 -3.16
N PRO A 45 5.15 27.35 -2.81
CA PRO A 45 4.33 27.47 -1.60
C PRO A 45 3.23 26.42 -1.60
N GLU A 46 2.55 26.28 -2.73
CA GLU A 46 1.48 25.30 -2.87
C GLU A 46 2.00 23.90 -2.56
N GLU A 47 3.17 23.57 -3.12
CA GLU A 47 3.78 22.28 -2.91
C GLU A 47 4.26 22.13 -1.47
N LYS A 48 4.85 23.19 -0.95
CA LYS A 48 5.32 23.23 0.44
C LYS A 48 4.19 22.95 1.41
N GLU A 49 3.12 23.71 1.28
CA GLU A 49 1.97 23.58 2.15
C GLU A 49 1.33 22.22 1.94
N ALA A 50 1.42 21.72 0.71
CA ALA A 50 0.90 20.41 0.37
C ALA A 50 1.70 19.34 1.10
N TYR A 51 3.02 19.46 1.03
CA TYR A 51 3.92 18.55 1.69
C TYR A 51 3.70 18.60 3.20
N ILE A 52 3.64 19.82 3.73
CA ILE A 52 3.43 20.03 5.15
C ILE A 52 2.09 19.43 5.60
N ALA A 53 1.03 19.73 4.87
CA ALA A 53 -0.31 19.23 5.21
C ALA A 53 -0.39 17.72 5.07
N MET A 54 0.40 17.16 4.17
CA MET A 54 0.41 15.71 3.96
C MET A 54 1.13 15.03 5.12
N GLY A 55 2.17 15.68 5.63
CA GLY A 55 2.92 15.14 6.73
C GLY A 55 2.10 15.13 8.00
N GLN A 56 1.19 16.09 8.10
CA GLN A 56 0.30 16.22 9.25
C GLN A 56 -0.34 14.90 9.61
N ARG A 57 -0.69 14.12 8.59
CA ARG A 57 -1.33 12.83 8.83
C ARG A 57 -0.37 11.89 9.55
N MET A 58 0.71 11.52 8.88
CA MET A 58 1.71 10.61 9.43
C MET A 58 2.31 11.17 10.72
N PHE A 59 2.28 12.48 10.88
CA PHE A 59 2.81 13.14 12.07
C PHE A 59 1.99 12.77 13.30
N GLU A 60 0.70 12.56 13.11
CA GLU A 60 -0.19 12.18 14.21
C GLU A 60 -0.35 10.68 14.23
N ASP A 61 0.31 10.05 13.30
CA ASP A 61 0.25 8.60 13.14
C ASP A 61 1.57 7.95 13.49
N LEU A 62 2.33 8.59 14.37
CA LEU A 62 3.61 8.06 14.81
C LEU A 62 3.40 7.18 16.03
N PHE A 63 3.88 7.63 17.17
CA PHE A 63 3.73 6.90 18.43
C PHE A 63 4.23 5.46 18.29
N GLU A 64 5.34 5.30 17.57
CA GLU A 64 5.95 4.01 17.35
C GLU A 64 7.34 4.23 16.80
N MET B 3 -15.06 17.00 -1.60
CA MET B 3 -14.09 16.06 -1.01
C MET B 3 -13.46 15.20 -2.09
N ALA B 4 -12.52 14.35 -1.70
CA ALA B 4 -11.86 13.47 -2.66
C ALA B 4 -12.71 12.25 -2.92
N THR B 5 -12.75 11.82 -4.18
CA THR B 5 -13.53 10.66 -4.56
C THR B 5 -12.90 9.37 -4.05
N SER B 6 -13.61 8.69 -3.16
CA SER B 6 -13.17 7.44 -2.57
C SER B 6 -14.37 6.67 -2.03
N SER B 7 -15.11 6.04 -2.93
CA SER B 7 -16.29 5.28 -2.56
C SER B 7 -16.19 3.83 -3.01
N GLU B 8 -16.01 3.62 -4.31
CA GLU B 8 -15.91 2.27 -4.87
C GLU B 8 -15.06 2.25 -6.14
N GLU B 9 -14.38 3.34 -6.42
CA GLU B 9 -13.53 3.43 -7.59
C GLU B 9 -12.30 2.54 -7.42
N VAL B 10 -12.36 1.35 -7.97
CA VAL B 10 -11.27 0.38 -7.88
C VAL B 10 -10.00 0.94 -8.48
N LEU B 11 -8.92 0.76 -7.76
CA LEU B 11 -7.63 1.26 -8.17
C LEU B 11 -6.89 0.23 -9.00
N LEU B 12 -6.75 -0.97 -8.44
CA LEU B 12 -6.04 -2.02 -9.12
C LEU B 12 -6.65 -3.39 -8.87
N ILE B 13 -6.74 -4.18 -9.94
CA ILE B 13 -7.26 -5.54 -9.89
C ILE B 13 -6.15 -6.51 -10.25
N VAL B 14 -5.60 -7.20 -9.28
CA VAL B 14 -4.53 -8.13 -9.56
C VAL B 14 -5.00 -9.57 -9.42
N LYS B 15 -4.74 -10.36 -10.43
CA LYS B 15 -5.13 -11.76 -10.40
C LYS B 15 -3.89 -12.61 -10.17
N LYS B 16 -4.08 -13.90 -9.92
CA LYS B 16 -2.99 -14.84 -9.64
C LYS B 16 -2.39 -14.56 -8.27
N VAL B 17 -3.09 -13.75 -7.49
CA VAL B 17 -2.63 -13.38 -6.16
C VAL B 17 -3.00 -14.48 -5.16
N ARG B 18 -1.99 -15.22 -4.70
CA ARG B 18 -2.21 -16.32 -3.78
C ARG B 18 -2.10 -15.88 -2.33
N GLN B 19 -3.24 -15.78 -1.66
CA GLN B 19 -3.26 -15.41 -0.27
C GLN B 19 -3.15 -16.67 0.56
N LYS B 20 -2.03 -16.83 1.25
CA LYS B 20 -1.78 -18.01 2.09
C LYS B 20 -2.07 -19.30 1.31
N LYS B 21 -1.50 -19.39 0.09
CA LYS B 21 -1.62 -20.54 -0.82
C LYS B 21 -2.93 -20.56 -1.60
N GLN B 22 -3.78 -19.57 -1.40
CA GLN B 22 -5.06 -19.52 -2.09
C GLN B 22 -4.97 -18.63 -3.32
N ASP B 23 -5.10 -19.22 -4.50
CA ASP B 23 -5.01 -18.46 -5.74
C ASP B 23 -6.27 -17.65 -5.98
N GLY B 24 -6.10 -16.34 -5.96
CA GLY B 24 -7.22 -15.46 -6.19
C GLY B 24 -6.82 -14.15 -6.82
N ALA B 25 -7.35 -13.08 -6.25
CA ALA B 25 -7.12 -11.75 -6.76
C ALA B 25 -7.00 -10.75 -5.64
N LEU B 26 -6.11 -9.80 -5.82
CA LEU B 26 -5.89 -8.76 -4.85
C LEU B 26 -6.50 -7.48 -5.39
N TYR B 27 -7.65 -7.12 -4.87
CA TYR B 27 -8.37 -5.94 -5.32
C TYR B 27 -8.09 -4.73 -4.44
N LEU B 28 -7.62 -3.65 -5.03
CA LEU B 28 -7.41 -2.42 -4.30
C LEU B 28 -8.55 -1.50 -4.61
N MET B 29 -9.43 -1.29 -3.66
CA MET B 29 -10.57 -0.43 -3.90
C MET B 29 -10.28 0.96 -3.38
N ALA B 30 -11.13 1.87 -3.80
CA ALA B 30 -11.02 3.28 -3.49
C ALA B 30 -10.54 3.60 -2.07
N GLU B 31 -11.12 2.94 -1.09
CA GLU B 31 -10.77 3.19 0.31
C GLU B 31 -10.44 1.91 1.08
N ARG B 32 -10.48 0.76 0.41
CA ARG B 32 -10.22 -0.49 1.10
C ARG B 32 -9.60 -1.52 0.20
N ILE B 33 -8.82 -2.40 0.79
CA ILE B 33 -8.16 -3.47 0.05
C ILE B 33 -8.86 -4.78 0.35
N ALA B 34 -9.38 -5.42 -0.68
CA ALA B 34 -10.09 -6.66 -0.50
C ALA B 34 -9.61 -7.73 -1.48
N TRP B 35 -9.20 -8.86 -0.93
CA TRP B 35 -8.72 -9.96 -1.73
C TRP B 35 -9.77 -11.07 -1.77
N ALA B 36 -9.83 -11.80 -2.89
CA ALA B 36 -10.74 -12.92 -3.05
C ALA B 36 -10.13 -13.96 -3.99
N PRO B 37 -10.44 -15.24 -3.83
CA PRO B 37 -9.86 -16.30 -4.69
C PRO B 37 -10.43 -16.27 -6.11
N GLU B 38 -9.78 -16.99 -7.02
CA GLU B 38 -10.24 -17.01 -8.40
C GLU B 38 -11.58 -17.72 -8.48
N GLY B 39 -12.42 -17.30 -9.41
CA GLY B 39 -13.75 -17.86 -9.52
C GLY B 39 -14.68 -17.12 -8.59
N LYS B 40 -14.31 -17.07 -7.32
CA LYS B 40 -15.07 -16.36 -6.32
C LYS B 40 -14.53 -14.94 -6.25
N ASP B 41 -14.74 -14.21 -7.35
CA ASP B 41 -14.28 -12.83 -7.47
C ASP B 41 -14.81 -11.96 -6.33
N ARG B 42 -15.81 -12.47 -5.63
CA ARG B 42 -16.38 -11.75 -4.51
C ARG B 42 -15.45 -11.88 -3.31
N PHE B 43 -14.98 -10.73 -2.86
CA PHE B 43 -14.02 -10.61 -1.76
C PHE B 43 -14.20 -11.59 -0.60
N THR B 44 -13.07 -11.99 -0.06
CA THR B 44 -12.99 -12.89 1.06
C THR B 44 -12.35 -12.16 2.24
N ILE B 45 -11.29 -11.43 1.95
CA ILE B 45 -10.57 -10.66 2.94
C ILE B 45 -10.74 -9.17 2.66
N SER B 46 -11.18 -8.42 3.66
CA SER B 46 -11.39 -6.99 3.51
C SER B 46 -10.67 -6.21 4.60
N HIS B 47 -9.83 -5.27 4.18
CA HIS B 47 -9.10 -4.42 5.09
C HIS B 47 -9.20 -2.99 4.61
N MET B 48 -9.47 -2.09 5.52
CA MET B 48 -9.58 -0.71 5.14
C MET B 48 -8.25 -0.04 5.36
N TYR B 49 -7.89 0.87 4.47
CA TYR B 49 -6.60 1.57 4.57
C TYR B 49 -6.48 2.35 5.88
N ALA B 50 -7.56 2.36 6.66
CA ALA B 50 -7.60 3.05 7.94
C ALA B 50 -7.13 2.14 9.08
N ASP B 51 -7.30 0.83 8.93
CA ASP B 51 -6.89 -0.11 9.96
C ASP B 51 -5.51 -0.67 9.67
N ILE B 52 -4.99 -0.37 8.49
CA ILE B 52 -3.67 -0.85 8.11
C ILE B 52 -2.60 0.10 8.65
N LYS B 53 -1.76 -0.43 9.51
CA LYS B 53 -0.69 0.33 10.16
C LYS B 53 0.44 0.61 9.19
N CYS B 54 1.01 -0.44 8.62
CA CYS B 54 2.12 -0.35 7.68
C CYS B 54 2.09 -1.55 6.76
N GLN B 55 3.12 -1.72 5.96
CA GLN B 55 3.16 -2.85 5.06
C GLN B 55 4.55 -3.50 5.07
N LYS B 56 4.68 -4.58 4.33
CA LYS B 56 5.92 -5.30 4.18
C LYS B 56 5.94 -5.87 2.78
N ILE B 57 7.09 -5.93 2.14
CA ILE B 57 7.14 -6.43 0.77
C ILE B 57 8.40 -7.19 0.44
N SER B 58 8.25 -8.22 -0.37
CA SER B 58 9.40 -8.96 -0.85
C SER B 58 9.94 -8.17 -2.04
N PRO B 59 11.03 -7.44 -1.84
CA PRO B 59 11.61 -6.55 -2.85
C PRO B 59 12.02 -7.25 -4.15
N GLU B 60 12.32 -6.43 -5.15
CA GLU B 60 12.72 -6.91 -6.47
C GLU B 60 13.95 -7.79 -6.38
N GLY B 61 13.81 -9.01 -6.88
CA GLY B 61 14.90 -9.95 -6.86
C GLY B 61 14.51 -11.23 -6.16
N LYS B 62 13.49 -11.13 -5.30
CA LYS B 62 13.00 -12.28 -4.57
C LYS B 62 12.16 -13.18 -5.47
N ALA B 63 12.38 -14.48 -5.35
CA ALA B 63 11.65 -15.46 -6.14
C ALA B 63 10.16 -15.40 -5.87
N LYS B 64 9.79 -15.41 -4.60
CA LYS B 64 8.38 -15.35 -4.23
C LYS B 64 7.99 -13.89 -3.99
N ILE B 65 7.06 -13.41 -4.79
CA ILE B 65 6.60 -12.03 -4.72
C ILE B 65 5.51 -11.90 -3.66
N GLN B 66 5.90 -11.61 -2.43
CA GLN B 66 4.92 -11.48 -1.34
C GLN B 66 4.75 -10.04 -0.87
N LEU B 67 3.51 -9.71 -0.52
CA LEU B 67 3.15 -8.40 -0.02
C LEU B 67 2.45 -8.54 1.33
N GLN B 68 3.07 -8.08 2.40
CA GLN B 68 2.51 -8.18 3.73
C GLN B 68 1.85 -6.87 4.15
N LEU B 69 0.66 -6.98 4.73
CA LEU B 69 -0.05 -5.82 5.22
C LEU B 69 -0.11 -5.86 6.73
N VAL B 70 0.60 -4.97 7.38
CA VAL B 70 0.61 -4.92 8.83
C VAL B 70 -0.49 -4.00 9.31
N LEU B 71 -1.51 -4.58 9.91
CA LEU B 71 -2.63 -3.80 10.39
C LEU B 71 -2.38 -3.31 11.81
N HIS B 72 -3.22 -2.40 12.26
CA HIS B 72 -3.10 -1.82 13.59
C HIS B 72 -3.54 -2.79 14.67
N ALA B 73 -4.39 -3.74 14.31
CA ALA B 73 -4.90 -4.70 15.27
C ALA B 73 -3.83 -5.70 15.69
N GLY B 74 -2.90 -5.99 14.80
CA GLY B 74 -1.84 -6.94 15.11
C GLY B 74 -1.96 -8.13 14.21
N ASP B 75 -2.45 -7.87 13.02
CA ASP B 75 -2.67 -8.86 12.00
C ASP B 75 -1.88 -8.44 10.80
N THR B 76 -1.19 -9.38 10.22
CA THR B 76 -0.43 -9.06 9.04
C THR B 76 -0.74 -10.08 7.95
N THR B 77 -1.27 -9.61 6.83
CA THR B 77 -1.63 -10.49 5.73
C THR B 77 -0.58 -10.45 4.62
N ASN B 78 -0.05 -11.62 4.24
CA ASN B 78 0.96 -11.67 3.19
C ASN B 78 0.38 -12.28 1.92
N PHE B 79 0.32 -11.48 0.88
CA PHE B 79 -0.18 -11.92 -0.41
C PHE B 79 0.97 -12.44 -1.25
N HIS B 80 0.83 -13.65 -1.77
CA HIS B 80 1.88 -14.25 -2.58
C HIS B 80 1.54 -14.20 -4.06
N PHE B 81 2.18 -13.30 -4.78
CA PHE B 81 1.95 -13.16 -6.21
C PHE B 81 2.76 -14.23 -6.93
N SER B 82 2.08 -15.02 -7.73
CA SER B 82 2.71 -16.11 -8.45
C SER B 82 2.51 -16.01 -9.95
N ASN B 83 2.81 -14.85 -10.50
CA ASN B 83 2.71 -14.63 -11.92
C ASN B 83 4.13 -14.46 -12.46
N GLU B 84 4.79 -15.58 -12.68
CA GLU B 84 6.18 -15.63 -13.15
C GLU B 84 6.38 -14.87 -14.47
N SER B 85 6.46 -13.55 -14.34
CA SER B 85 6.65 -12.62 -15.45
C SER B 85 6.45 -11.19 -14.94
N THR B 86 5.33 -10.97 -14.26
CA THR B 86 5.03 -9.64 -13.74
C THR B 86 4.69 -9.63 -12.25
N ALA B 87 4.73 -10.80 -11.61
CA ALA B 87 4.41 -10.94 -10.18
C ALA B 87 4.97 -9.77 -9.35
N VAL B 88 6.29 -9.58 -9.42
CA VAL B 88 6.94 -8.49 -8.70
C VAL B 88 6.26 -7.15 -8.97
N LYS B 89 6.10 -6.81 -10.24
CA LYS B 89 5.48 -5.54 -10.63
C LYS B 89 4.03 -5.47 -10.16
N GLU B 90 3.33 -6.60 -10.15
CA GLU B 90 1.94 -6.63 -9.70
C GLU B 90 1.87 -6.30 -8.21
N ARG B 91 2.77 -6.91 -7.43
CA ARG B 91 2.83 -6.66 -5.99
C ARG B 91 3.29 -5.24 -5.74
N ASP B 92 4.34 -4.85 -6.45
CA ASP B 92 4.91 -3.51 -6.34
C ASP B 92 3.87 -2.47 -6.68
N ALA B 93 3.01 -2.80 -7.60
CA ALA B 93 1.96 -1.89 -8.04
C ALA B 93 0.94 -1.71 -6.95
N VAL B 94 0.48 -2.82 -6.44
CA VAL B 94 -0.47 -2.84 -5.36
C VAL B 94 0.09 -2.07 -4.19
N LYS B 95 1.35 -2.36 -3.90
CA LYS B 95 2.11 -1.74 -2.84
C LYS B 95 2.22 -0.25 -3.07
N ASP B 96 2.46 0.13 -4.30
CA ASP B 96 2.58 1.53 -4.64
C ASP B 96 1.29 2.25 -4.29
N LEU B 97 0.18 1.74 -4.81
CA LEU B 97 -1.13 2.30 -4.54
C LEU B 97 -1.43 2.24 -3.05
N LEU B 98 -1.03 1.15 -2.43
CA LEU B 98 -1.26 0.93 -1.00
C LEU B 98 -0.53 1.97 -0.16
N GLN B 99 0.79 1.99 -0.26
CA GLN B 99 1.62 2.92 0.49
C GLN B 99 1.22 4.38 0.26
N GLN B 100 0.90 4.73 -0.99
CA GLN B 100 0.53 6.10 -1.33
C GLN B 100 -0.88 6.47 -0.87
N LEU B 101 -1.79 5.52 -0.89
CA LEU B 101 -3.18 5.78 -0.51
C LEU B 101 -3.40 5.61 0.99
N LEU B 102 -2.49 4.91 1.65
CA LEU B 102 -2.59 4.68 3.09
C LEU B 102 -2.79 5.96 3.90
N PRO B 103 -1.88 6.96 3.76
CA PRO B 103 -1.96 8.21 4.54
C PRO B 103 -3.23 9.03 4.32
N LYS B 104 -4.19 8.47 3.61
CA LYS B 104 -5.45 9.14 3.38
C LYS B 104 -6.47 8.63 4.39
N PHE B 105 -6.30 7.39 4.82
CA PHE B 105 -7.21 6.77 5.78
C PHE B 105 -6.46 6.31 7.02
N LYS B 106 -5.15 6.21 6.88
CA LYS B 106 -4.26 5.78 7.94
C LYS B 106 -4.46 6.60 9.21
N ARG B 107 -4.75 5.90 10.29
CA ARG B 107 -4.92 6.53 11.58
C ARG B 107 -4.39 5.61 12.67
N LYS B 108 -3.47 6.13 13.46
CA LYS B 108 -2.84 5.38 14.53
C LYS B 108 -3.83 4.97 15.61
N ALA B 109 -4.44 3.80 15.45
CA ALA B 109 -5.36 3.28 16.43
C ALA B 109 -4.63 2.30 17.34
N ASN B 110 -3.32 2.25 17.10
CA ASN B 110 -2.40 1.39 17.83
C ASN B 110 -1.03 1.50 17.17
N GLU A 3 -2.12 -26.65 -1.39
CA GLU A 3 -2.00 -25.36 -0.69
C GLU A 3 -1.87 -25.58 0.80
N GLU A 4 -0.62 -25.56 1.28
CA GLU A 4 -0.33 -25.78 2.68
C GLU A 4 0.11 -24.49 3.34
N ASP A 5 0.86 -24.60 4.42
CA ASP A 5 1.36 -23.43 5.13
C ASP A 5 2.79 -23.11 4.71
N GLU A 6 2.93 -22.04 3.94
CA GLU A 6 4.22 -21.62 3.44
C GLU A 6 4.33 -20.10 3.55
N GLU A 7 3.53 -19.54 4.45
CA GLU A 7 3.50 -18.11 4.68
C GLU A 7 4.49 -17.75 5.78
N GLU A 8 5.63 -17.21 5.40
CA GLU A 8 6.65 -16.84 6.37
C GLU A 8 6.89 -15.34 6.42
N ASP A 9 8.12 -14.98 6.74
CA ASP A 9 8.53 -13.58 6.85
C ASP A 9 10.05 -13.53 6.70
N ASP A 10 10.53 -14.20 5.67
CA ASP A 10 11.96 -14.30 5.40
C ASP A 10 12.59 -13.00 4.93
N GLU A 11 11.80 -12.06 4.43
CA GLU A 11 12.33 -10.81 3.94
C GLU A 11 11.19 -9.89 3.58
N PHE A 12 10.77 -9.09 4.52
CA PHE A 12 9.69 -8.17 4.27
C PHE A 12 10.06 -6.79 4.78
N GLU A 13 10.07 -5.83 3.88
CA GLU A 13 10.41 -4.46 4.20
C GLU A 13 9.17 -3.77 4.67
N GLU A 14 9.20 -3.20 5.86
CA GLU A 14 8.03 -2.49 6.33
C GLU A 14 7.79 -1.32 5.41
N VAL A 15 6.78 -1.45 4.58
CA VAL A 15 6.47 -0.41 3.65
C VAL A 15 5.77 0.69 4.39
N ALA A 16 6.43 1.81 4.49
CA ALA A 16 5.88 2.96 5.17
C ALA A 16 4.83 3.61 4.30
N ASP A 17 3.79 4.07 4.93
CA ASP A 17 2.70 4.77 4.28
C ASP A 17 3.17 6.13 3.78
N ASP A 18 4.01 6.08 2.78
CA ASP A 18 4.60 7.28 2.20
C ASP A 18 3.83 7.76 0.97
N PRO A 19 3.29 8.98 1.04
CA PRO A 19 2.55 9.58 -0.05
C PRO A 19 3.46 10.18 -1.12
N ILE A 20 2.88 10.54 -2.25
CA ILE A 20 3.63 11.12 -3.35
C ILE A 20 3.39 12.63 -3.38
N VAL A 21 4.48 13.37 -3.22
CA VAL A 21 4.42 14.82 -3.24
C VAL A 21 5.31 15.35 -4.36
N MET A 22 4.71 16.05 -5.29
CA MET A 22 5.42 16.57 -6.43
C MET A 22 6.15 17.85 -6.04
N VAL A 23 7.33 18.00 -6.57
CA VAL A 23 8.14 19.17 -6.33
C VAL A 23 8.62 19.73 -7.65
N ALA A 24 8.23 20.97 -7.93
CA ALA A 24 8.58 21.65 -9.16
C ALA A 24 8.03 20.87 -10.35
N GLY A 25 6.95 20.13 -10.12
CA GLY A 25 6.33 19.35 -11.18
C GLY A 25 6.88 17.95 -11.27
N ARG A 26 7.90 17.65 -10.47
CA ARG A 26 8.51 16.33 -10.46
C ARG A 26 7.94 15.49 -9.33
N PRO A 27 7.44 14.30 -9.64
CA PRO A 27 6.84 13.42 -8.65
C PRO A 27 7.87 12.77 -7.72
N PHE A 28 7.86 13.19 -6.48
CA PHE A 28 8.77 12.64 -5.47
C PHE A 28 7.94 12.04 -4.34
N SER A 29 8.56 11.22 -3.53
CA SER A 29 7.86 10.63 -2.40
C SER A 29 8.05 11.53 -1.20
N TYR A 30 7.24 11.35 -0.17
CA TYR A 30 7.34 12.16 1.03
C TYR A 30 8.67 11.92 1.71
N SER A 31 9.06 10.65 1.78
CA SER A 31 10.33 10.27 2.39
C SER A 31 11.49 10.86 1.60
N GLU A 32 11.19 11.26 0.37
CA GLU A 32 12.16 11.86 -0.52
C GLU A 32 12.20 13.37 -0.33
N VAL A 33 11.03 13.98 -0.39
CA VAL A 33 10.89 15.41 -0.24
C VAL A 33 11.33 15.87 1.15
N SER A 34 11.11 15.02 2.16
CA SER A 34 11.46 15.36 3.53
C SER A 34 12.96 15.25 3.78
N GLN A 35 13.60 14.30 3.12
CA GLN A 35 15.02 14.08 3.30
C GLN A 35 15.84 15.02 2.42
N ARG A 36 15.19 15.65 1.46
CA ARG A 36 15.87 16.57 0.56
C ARG A 36 15.43 18.01 0.78
N PRO A 37 16.21 18.77 1.56
CA PRO A 37 15.92 20.17 1.83
C PRO A 37 15.90 21.01 0.55
N GLU A 38 16.62 20.55 -0.48
CA GLU A 38 16.66 21.25 -1.75
C GLU A 38 15.33 21.11 -2.45
N LEU A 39 14.68 19.96 -2.25
CA LEU A 39 13.39 19.71 -2.86
C LEU A 39 12.38 20.68 -2.31
N VAL A 40 12.33 20.81 -1.00
CA VAL A 40 11.39 21.72 -0.37
C VAL A 40 11.80 23.17 -0.65
N ALA A 41 13.07 23.34 -1.00
CA ALA A 41 13.62 24.65 -1.31
C ALA A 41 13.36 25.00 -2.78
N GLN A 42 12.97 24.00 -3.56
CA GLN A 42 12.68 24.22 -4.97
C GLN A 42 11.22 23.91 -5.21
N MET A 43 10.53 23.58 -4.14
CA MET A 43 9.13 23.27 -4.23
C MET A 43 8.35 24.56 -4.11
N THR A 44 7.30 24.63 -4.88
CA THR A 44 6.47 25.82 -4.91
C THR A 44 5.69 25.95 -3.61
N PRO A 45 5.20 27.15 -3.27
CA PRO A 45 4.41 27.35 -2.06
C PRO A 45 3.27 26.34 -2.02
N GLU A 46 2.68 26.10 -3.18
CA GLU A 46 1.60 25.15 -3.33
C GLU A 46 2.08 23.75 -2.96
N GLU A 47 3.23 23.35 -3.51
CA GLU A 47 3.79 22.03 -3.24
C GLU A 47 4.22 21.92 -1.79
N LYS A 48 4.79 23.00 -1.25
CA LYS A 48 5.20 23.04 0.15
C LYS A 48 4.01 22.87 1.07
N GLU A 49 2.93 23.60 0.79
CA GLU A 49 1.73 23.51 1.61
C GLU A 49 1.13 22.12 1.47
N ALA A 50 1.20 21.60 0.26
CA ALA A 50 0.71 20.26 -0.01
C ALA A 50 1.53 19.25 0.78
N TYR A 51 2.84 19.39 0.72
CA TYR A 51 3.76 18.51 1.43
C TYR A 51 3.46 18.57 2.93
N ILE A 52 3.32 19.79 3.44
CA ILE A 52 3.03 19.99 4.85
C ILE A 52 1.69 19.34 5.23
N ALA A 53 0.66 19.65 4.47
CA ALA A 53 -0.67 19.10 4.69
C ALA A 53 -0.67 17.58 4.61
N MET A 54 0.11 17.03 3.70
CA MET A 54 0.22 15.60 3.52
C MET A 54 0.89 14.96 4.72
N GLY A 55 1.85 15.69 5.28
CA GLY A 55 2.58 15.21 6.43
C GLY A 55 1.76 15.20 7.69
N GLN A 56 0.94 16.24 7.87
CA GLN A 56 0.11 16.36 9.07
C GLN A 56 -0.74 15.12 9.33
N ARG A 57 -1.38 14.59 8.28
CA ARG A 57 -2.22 13.41 8.44
C ARG A 57 -1.41 12.19 8.90
N MET A 58 -0.11 12.21 8.64
CA MET A 58 0.76 11.11 9.05
C MET A 58 1.44 11.45 10.37
N PHE A 59 1.72 12.74 10.56
CA PHE A 59 2.38 13.24 11.75
C PHE A 59 1.49 13.04 12.98
N GLU A 60 0.21 13.32 12.82
CA GLU A 60 -0.75 13.16 13.90
C GLU A 60 -1.38 11.77 13.83
N ASP A 61 -0.58 10.81 13.38
CA ASP A 61 -1.02 9.43 13.22
C ASP A 61 0.17 8.48 13.39
N LEU A 62 0.81 8.56 14.56
CA LEU A 62 1.97 7.71 14.82
C LEU A 62 1.78 6.87 16.08
N PHE A 63 1.18 7.46 17.10
CA PHE A 63 0.98 6.77 18.37
C PHE A 63 -0.33 7.21 19.01
N GLU A 64 -1.23 7.72 18.20
CA GLU A 64 -2.50 8.20 18.68
C GLU A 64 -3.64 7.44 18.00
N MET B 3 -27.38 -0.68 1.26
CA MET B 3 -26.42 0.08 0.43
C MET B 3 -25.00 -0.28 0.82
N ALA B 4 -24.09 -0.24 -0.13
CA ALA B 4 -22.70 -0.56 0.12
C ALA B 4 -21.80 0.34 -0.72
N THR B 5 -20.51 0.33 -0.44
CA THR B 5 -19.57 1.15 -1.18
C THR B 5 -19.20 0.51 -2.52
N SER B 6 -20.17 0.49 -3.43
CA SER B 6 -19.96 -0.07 -4.75
C SER B 6 -19.41 0.99 -5.71
N SER B 7 -19.47 2.24 -5.26
CA SER B 7 -18.99 3.36 -6.06
C SER B 7 -17.58 3.77 -5.63
N GLU B 8 -16.82 2.81 -5.09
CA GLU B 8 -15.46 3.08 -4.65
C GLU B 8 -14.50 3.09 -5.84
N GLU B 9 -13.62 4.09 -5.87
CA GLU B 9 -12.63 4.22 -6.93
C GLU B 9 -11.61 3.09 -6.85
N VAL B 10 -11.84 2.02 -7.60
CA VAL B 10 -10.93 0.88 -7.63
C VAL B 10 -9.59 1.32 -8.15
N LEU B 11 -8.56 1.02 -7.39
CA LEU B 11 -7.21 1.40 -7.72
C LEU B 11 -6.52 0.35 -8.56
N LEU B 12 -6.44 -0.86 -8.04
CA LEU B 12 -5.77 -1.92 -8.76
C LEU B 12 -6.42 -3.28 -8.56
N ILE B 13 -6.65 -3.96 -9.68
CA ILE B 13 -7.21 -5.30 -9.68
C ILE B 13 -6.13 -6.29 -10.09
N VAL B 14 -5.60 -7.03 -9.13
CA VAL B 14 -4.56 -7.99 -9.43
C VAL B 14 -5.12 -9.41 -9.39
N LYS B 15 -4.71 -10.23 -10.34
CA LYS B 15 -5.16 -11.61 -10.39
C LYS B 15 -4.00 -12.54 -10.06
N LYS B 16 -4.33 -13.81 -9.87
CA LYS B 16 -3.34 -14.82 -9.49
C LYS B 16 -2.69 -14.47 -8.17
N VAL B 17 -3.36 -13.62 -7.41
CA VAL B 17 -2.88 -13.21 -6.11
C VAL B 17 -3.11 -14.35 -5.12
N ARG B 18 -2.06 -15.11 -4.84
CA ARG B 18 -2.14 -16.26 -3.97
C ARG B 18 -2.08 -15.90 -2.49
N GLN B 19 -3.23 -15.91 -1.84
CA GLN B 19 -3.32 -15.66 -0.42
C GLN B 19 -3.38 -17.02 0.24
N LYS B 20 -2.45 -17.30 1.15
CA LYS B 20 -2.39 -18.60 1.80
C LYS B 20 -2.11 -19.67 0.76
N LYS B 21 -1.47 -19.22 -0.34
CA LYS B 21 -1.07 -20.06 -1.48
C LYS B 21 -2.17 -20.23 -2.52
N GLN B 22 -3.37 -19.68 -2.28
CA GLN B 22 -4.46 -19.83 -3.25
C GLN B 22 -4.54 -18.57 -4.11
N ASP B 23 -4.41 -18.72 -5.42
CA ASP B 23 -4.43 -17.56 -6.30
C ASP B 23 -5.83 -17.07 -6.58
N GLY B 24 -6.02 -15.80 -6.32
CA GLY B 24 -7.27 -15.16 -6.59
C GLY B 24 -7.09 -13.78 -7.14
N ALA B 25 -7.48 -12.79 -6.37
CA ALA B 25 -7.39 -11.42 -6.80
C ALA B 25 -7.20 -10.48 -5.62
N LEU B 26 -6.31 -9.53 -5.77
CA LEU B 26 -6.07 -8.55 -4.74
C LEU B 26 -6.63 -7.23 -5.23
N TYR B 27 -7.79 -6.87 -4.71
CA TYR B 27 -8.47 -5.65 -5.13
C TYR B 27 -8.19 -4.46 -4.22
N LEU B 28 -7.44 -3.50 -4.73
CA LEU B 28 -7.20 -2.28 -3.97
C LEU B 28 -8.32 -1.34 -4.32
N MET B 29 -9.24 -1.13 -3.40
CA MET B 29 -10.33 -0.22 -3.69
C MET B 29 -10.11 1.10 -3.02
N ALA B 30 -10.97 2.05 -3.39
CA ALA B 30 -10.88 3.42 -2.95
C ALA B 30 -10.44 3.61 -1.51
N GLU B 31 -11.15 2.98 -0.57
CA GLU B 31 -10.84 3.11 0.83
C GLU B 31 -10.64 1.74 1.49
N ARG B 32 -10.69 0.69 0.70
CA ARG B 32 -10.57 -0.66 1.27
C ARG B 32 -9.86 -1.62 0.33
N ILE B 33 -9.01 -2.44 0.89
CA ILE B 33 -8.30 -3.44 0.13
C ILE B 33 -8.96 -4.79 0.39
N ALA B 34 -9.51 -5.40 -0.64
CA ALA B 34 -10.19 -6.67 -0.49
C ALA B 34 -9.64 -7.73 -1.44
N TRP B 35 -9.44 -8.91 -0.92
CA TRP B 35 -8.92 -10.02 -1.69
C TRP B 35 -9.96 -11.13 -1.78
N ALA B 36 -9.94 -11.86 -2.90
CA ALA B 36 -10.83 -12.99 -3.12
C ALA B 36 -10.13 -13.99 -4.03
N PRO B 37 -10.43 -15.30 -3.90
CA PRO B 37 -9.79 -16.32 -4.74
C PRO B 37 -10.33 -16.33 -6.17
N GLU B 38 -9.62 -17.03 -7.06
CA GLU B 38 -10.02 -17.11 -8.45
C GLU B 38 -11.36 -17.82 -8.59
N GLY B 39 -12.22 -17.27 -9.44
CA GLY B 39 -13.53 -17.86 -9.66
C GLY B 39 -14.48 -17.57 -8.51
N LYS B 40 -14.23 -16.50 -7.78
CA LYS B 40 -15.09 -16.15 -6.67
C LYS B 40 -15.81 -14.84 -6.92
N ASP B 41 -17.10 -14.85 -6.66
CA ASP B 41 -17.98 -13.71 -6.84
C ASP B 41 -18.02 -12.85 -5.59
N ARG B 42 -17.51 -13.37 -4.49
CA ARG B 42 -17.49 -12.65 -3.24
C ARG B 42 -16.08 -12.58 -2.68
N PHE B 43 -15.79 -11.50 -1.97
CA PHE B 43 -14.47 -11.30 -1.38
C PHE B 43 -14.29 -12.20 -0.16
N THR B 44 -13.04 -12.43 0.22
CA THR B 44 -12.73 -13.28 1.35
C THR B 44 -12.03 -12.49 2.46
N ILE B 45 -11.15 -11.58 2.06
CA ILE B 45 -10.40 -10.79 3.02
C ILE B 45 -10.59 -9.30 2.73
N SER B 46 -11.05 -8.56 3.72
CA SER B 46 -11.27 -7.12 3.56
C SER B 46 -10.59 -6.32 4.67
N HIS B 47 -9.77 -5.36 4.28
CA HIS B 47 -9.06 -4.50 5.22
C HIS B 47 -9.20 -3.06 4.76
N MET B 48 -9.49 -2.18 5.68
CA MET B 48 -9.63 -0.78 5.36
C MET B 48 -8.30 -0.09 5.54
N TYR B 49 -7.89 0.69 4.55
CA TYR B 49 -6.60 1.39 4.59
C TYR B 49 -6.41 2.20 5.87
N ALA B 50 -7.51 2.63 6.47
CA ALA B 50 -7.47 3.41 7.70
C ALA B 50 -6.93 2.61 8.88
N ASP B 51 -7.10 1.29 8.85
CA ASP B 51 -6.62 0.44 9.93
C ASP B 51 -5.24 -0.11 9.58
N ILE B 52 -4.95 -0.19 8.29
CA ILE B 52 -3.67 -0.70 7.84
C ILE B 52 -2.55 0.25 8.23
N LYS B 53 -1.81 -0.14 9.26
CA LYS B 53 -0.70 0.64 9.78
C LYS B 53 0.33 0.87 8.69
N CYS B 54 0.93 -0.22 8.25
CA CYS B 54 1.96 -0.17 7.23
C CYS B 54 1.92 -1.46 6.44
N GLN B 55 2.88 -1.64 5.57
CA GLN B 55 2.95 -2.83 4.77
C GLN B 55 4.31 -3.48 4.95
N LYS B 56 4.53 -4.59 4.30
CA LYS B 56 5.79 -5.30 4.33
C LYS B 56 5.91 -6.02 3.00
N ILE B 57 7.10 -6.16 2.47
CA ILE B 57 7.24 -6.79 1.16
C ILE B 57 8.52 -7.57 0.99
N SER B 58 8.48 -8.55 0.09
CA SER B 58 9.66 -9.30 -0.26
C SER B 58 10.38 -8.43 -1.29
N PRO B 59 11.41 -7.71 -0.88
CA PRO B 59 12.12 -6.76 -1.73
C PRO B 59 12.76 -7.38 -2.96
N GLU B 60 13.04 -6.52 -3.93
CA GLU B 60 13.65 -6.90 -5.20
C GLU B 60 14.86 -7.81 -5.00
N GLY B 61 14.64 -9.10 -5.20
CA GLY B 61 15.67 -10.08 -5.02
C GLY B 61 15.09 -11.40 -4.61
N LYS B 62 13.98 -11.33 -3.87
CA LYS B 62 13.29 -12.53 -3.42
C LYS B 62 12.51 -13.16 -4.56
N ALA B 63 12.69 -14.47 -4.74
CA ALA B 63 12.00 -15.20 -5.80
C ALA B 63 10.49 -15.18 -5.60
N LYS B 64 10.06 -15.24 -4.35
CA LYS B 64 8.64 -15.21 -4.04
C LYS B 64 8.19 -13.77 -3.99
N ILE B 65 7.23 -13.40 -4.83
CA ILE B 65 6.74 -12.04 -4.84
C ILE B 65 5.60 -11.92 -3.85
N GLN B 66 5.92 -11.61 -2.62
CA GLN B 66 4.89 -11.52 -1.59
C GLN B 66 4.84 -10.14 -0.93
N LEU B 67 3.63 -9.79 -0.53
CA LEU B 67 3.33 -8.54 0.13
C LEU B 67 2.76 -8.85 1.50
N GLN B 68 2.80 -7.90 2.41
CA GLN B 68 2.27 -8.10 3.74
C GLN B 68 1.57 -6.84 4.22
N LEU B 69 0.35 -7.00 4.70
CA LEU B 69 -0.42 -5.88 5.21
C LEU B 69 -0.38 -5.86 6.72
N VAL B 70 0.36 -4.92 7.29
CA VAL B 70 0.45 -4.81 8.72
C VAL B 70 -0.58 -3.82 9.23
N LEU B 71 -1.65 -4.33 9.77
CA LEU B 71 -2.73 -3.48 10.25
C LEU B 71 -2.51 -3.06 11.69
N HIS B 72 -3.22 -2.02 12.12
CA HIS B 72 -3.13 -1.51 13.47
C HIS B 72 -3.83 -2.45 14.44
N ALA B 73 -4.81 -3.17 13.92
CA ALA B 73 -5.59 -4.12 14.72
C ALA B 73 -4.71 -5.20 15.33
N GLY B 74 -3.60 -5.51 14.68
CA GLY B 74 -2.72 -6.54 15.19
C GLY B 74 -2.81 -7.75 14.32
N ASP B 75 -3.04 -7.49 13.05
CA ASP B 75 -3.17 -8.52 12.05
C ASP B 75 -2.29 -8.15 10.89
N THR B 76 -1.61 -9.12 10.37
CA THR B 76 -0.77 -8.88 9.24
C THR B 76 -1.01 -9.97 8.21
N THR B 77 -1.47 -9.61 7.02
CA THR B 77 -1.78 -10.59 5.99
C THR B 77 -0.78 -10.54 4.82
N ASN B 78 -0.24 -11.69 4.45
CA ASN B 78 0.72 -11.78 3.35
C ASN B 78 0.02 -12.25 2.07
N PHE B 79 0.32 -11.57 0.97
CA PHE B 79 -0.23 -11.90 -0.35
C PHE B 79 0.91 -12.34 -1.27
N HIS B 80 0.74 -13.46 -1.95
CA HIS B 80 1.78 -13.97 -2.85
C HIS B 80 1.39 -13.80 -4.31
N PHE B 81 2.08 -12.88 -4.99
CA PHE B 81 1.82 -12.63 -6.40
C PHE B 81 2.71 -13.55 -7.24
N SER B 82 2.08 -14.42 -7.99
CA SER B 82 2.81 -15.39 -8.79
C SER B 82 2.46 -15.34 -10.27
N ASN B 83 1.97 -14.21 -10.77
CA ASN B 83 1.64 -14.12 -12.17
C ASN B 83 2.90 -13.73 -12.94
N GLU B 84 3.82 -14.71 -12.99
CA GLU B 84 5.15 -14.64 -13.62
C GLU B 84 5.50 -13.30 -14.32
N SER B 85 4.84 -13.03 -15.44
CA SER B 85 5.09 -11.84 -16.23
C SER B 85 5.08 -10.54 -15.41
N THR B 86 4.22 -10.46 -14.42
CA THR B 86 4.13 -9.25 -13.61
C THR B 86 4.23 -9.53 -12.13
N ALA B 87 4.58 -10.75 -11.74
CA ALA B 87 4.65 -11.16 -10.33
C ALA B 87 5.15 -10.02 -9.44
N VAL B 88 6.44 -9.72 -9.54
CA VAL B 88 7.07 -8.64 -8.78
C VAL B 88 6.34 -7.30 -8.94
N LYS B 89 6.00 -6.95 -10.18
CA LYS B 89 5.32 -5.69 -10.47
C LYS B 89 3.97 -5.63 -9.75
N GLU B 90 3.31 -6.77 -9.63
CA GLU B 90 2.02 -6.85 -8.96
C GLU B 90 2.16 -6.41 -7.51
N ARG B 91 3.05 -7.09 -6.78
CA ARG B 91 3.30 -6.77 -5.38
C ARG B 91 3.78 -5.34 -5.26
N ASP B 92 4.69 -4.96 -6.13
CA ASP B 92 5.25 -3.62 -6.13
C ASP B 92 4.19 -2.57 -6.39
N ALA B 93 3.29 -2.86 -7.30
CA ALA B 93 2.23 -1.94 -7.68
C ALA B 93 1.24 -1.76 -6.55
N VAL B 94 0.76 -2.88 -6.08
CA VAL B 94 -0.17 -2.91 -4.98
C VAL B 94 0.43 -2.15 -3.80
N LYS B 95 1.70 -2.46 -3.55
CA LYS B 95 2.46 -1.84 -2.48
C LYS B 95 2.60 -0.36 -2.72
N ASP B 96 2.90 0.00 -3.95
CA ASP B 96 3.04 1.41 -4.30
C ASP B 96 1.76 2.15 -3.99
N LEU B 97 0.67 1.65 -4.53
CA LEU B 97 -0.64 2.24 -4.31
C LEU B 97 -0.97 2.25 -2.83
N LEU B 98 -0.72 1.11 -2.19
CA LEU B 98 -0.97 0.95 -0.76
C LEU B 98 -0.24 2.02 0.05
N GLN B 99 1.08 2.02 -0.07
CA GLN B 99 1.95 2.97 0.61
C GLN B 99 1.57 4.43 0.34
N GLN B 100 1.33 4.74 -0.92
CA GLN B 100 1.00 6.10 -1.33
C GLN B 100 -0.39 6.55 -0.88
N LEU B 101 -1.35 5.64 -0.94
CA LEU B 101 -2.72 5.96 -0.58
C LEU B 101 -2.96 5.96 0.93
N LEU B 102 -2.24 5.11 1.65
CA LEU B 102 -2.40 4.98 3.11
C LEU B 102 -2.62 6.32 3.84
N PRO B 103 -1.74 7.34 3.65
CA PRO B 103 -1.87 8.64 4.31
C PRO B 103 -3.14 9.41 3.93
N LYS B 104 -4.01 8.79 3.15
CA LYS B 104 -5.27 9.39 2.77
C LYS B 104 -6.39 8.90 3.69
N PHE B 105 -6.15 7.77 4.35
CA PHE B 105 -7.13 7.15 5.23
C PHE B 105 -6.70 7.23 6.68
N LYS B 106 -5.40 7.14 6.89
CA LYS B 106 -4.84 7.20 8.22
C LYS B 106 -5.12 8.55 8.84
N ARG B 107 -5.83 8.53 9.95
CA ARG B 107 -6.21 9.73 10.70
C ARG B 107 -7.17 10.61 9.88
N LYS B 108 -7.84 10.01 8.91
CA LYS B 108 -8.78 10.73 8.08
C LYS B 108 -10.15 10.74 8.75
N ALA B 109 -10.88 9.65 8.55
CA ALA B 109 -12.22 9.46 9.10
C ALA B 109 -12.79 8.18 8.51
N ASN B 110 -12.27 7.06 8.96
CA ASN B 110 -12.67 5.74 8.47
C ASN B 110 -12.37 5.64 6.99
N GLU A 3 -1.26 -28.21 -0.49
CA GLU A 3 -1.60 -26.98 0.24
C GLU A 3 -0.92 -27.01 1.60
N GLU A 4 0.39 -26.81 1.56
CA GLU A 4 1.21 -26.86 2.74
C GLU A 4 1.64 -25.44 3.10
N ASP A 5 1.32 -25.02 4.31
CA ASP A 5 1.67 -23.69 4.75
C ASP A 5 3.10 -23.61 5.25
N GLU A 6 3.92 -22.90 4.50
CA GLU A 6 5.32 -22.71 4.83
C GLU A 6 5.55 -21.26 5.23
N GLU A 7 4.45 -20.61 5.60
CA GLU A 7 4.43 -19.19 6.01
C GLU A 7 4.62 -18.29 4.78
N GLU A 8 3.93 -17.16 4.79
CA GLU A 8 4.00 -16.23 3.67
C GLU A 8 4.85 -15.01 4.02
N ASP A 9 5.49 -15.04 5.18
CA ASP A 9 6.38 -13.94 5.60
C ASP A 9 7.74 -14.54 5.94
N ASP A 10 8.81 -13.79 5.68
CA ASP A 10 10.18 -14.28 5.95
C ASP A 10 11.23 -13.21 5.65
N GLU A 11 11.11 -12.55 4.51
CA GLU A 11 12.06 -11.54 4.10
C GLU A 11 11.28 -10.42 3.47
N PHE A 12 10.72 -9.59 4.30
CA PHE A 12 9.91 -8.51 3.80
C PHE A 12 10.44 -7.18 4.25
N GLU A 13 10.29 -6.22 3.36
CA GLU A 13 10.71 -4.87 3.62
C GLU A 13 9.52 -4.12 4.15
N GLU A 14 9.60 -3.57 5.36
CA GLU A 14 8.47 -2.83 5.87
C GLU A 14 8.28 -1.63 4.97
N VAL A 15 7.25 -1.68 4.15
CA VAL A 15 6.99 -0.61 3.22
C VAL A 15 6.39 0.57 3.95
N ALA A 16 7.01 1.71 3.76
CA ALA A 16 6.56 2.92 4.39
C ALA A 16 5.45 3.55 3.57
N ASP A 17 4.43 3.99 4.27
CA ASP A 17 3.29 4.68 3.67
C ASP A 17 3.71 6.07 3.21
N ASP A 18 4.53 6.10 2.18
CA ASP A 18 5.08 7.33 1.66
C ASP A 18 4.28 7.84 0.47
N PRO A 19 3.72 9.05 0.60
CA PRO A 19 2.95 9.68 -0.45
C PRO A 19 3.83 10.35 -1.50
N ILE A 20 3.21 10.75 -2.59
CA ILE A 20 3.92 11.41 -3.67
C ILE A 20 3.59 12.89 -3.66
N VAL A 21 4.56 13.68 -3.26
CA VAL A 21 4.41 15.12 -3.19
C VAL A 21 5.27 15.77 -4.27
N MET A 22 4.61 16.46 -5.19
CA MET A 22 5.30 17.08 -6.30
C MET A 22 5.86 18.42 -5.87
N VAL A 23 7.06 18.70 -6.34
CA VAL A 23 7.73 19.94 -6.06
C VAL A 23 8.19 20.57 -7.35
N ALA A 24 7.72 21.78 -7.61
CA ALA A 24 8.05 22.51 -8.82
C ALA A 24 7.56 21.73 -10.03
N GLY A 25 6.50 20.92 -9.83
CA GLY A 25 5.95 20.13 -10.90
C GLY A 25 6.62 18.77 -11.05
N ARG A 26 7.65 18.54 -10.25
CA ARG A 26 8.36 17.27 -10.29
C ARG A 26 7.87 16.36 -9.18
N PRO A 27 7.41 15.16 -9.52
CA PRO A 27 6.89 14.21 -8.54
C PRO A 27 7.97 13.58 -7.67
N PHE A 28 7.97 13.98 -6.41
CA PHE A 28 8.91 13.45 -5.44
C PHE A 28 8.13 12.71 -4.36
N SER A 29 8.81 11.95 -3.54
CA SER A 29 8.14 11.25 -2.47
C SER A 29 8.24 12.08 -1.20
N TYR A 30 7.48 11.73 -0.18
CA TYR A 30 7.51 12.47 1.07
C TYR A 30 8.87 12.33 1.74
N SER A 31 9.37 11.09 1.78
CA SER A 31 10.69 10.82 2.37
C SER A 31 11.77 11.56 1.58
N GLU A 32 11.41 12.03 0.40
CA GLU A 32 12.30 12.76 -0.46
C GLU A 32 12.20 14.26 -0.17
N VAL A 33 10.98 14.76 -0.23
CA VAL A 33 10.70 16.16 0.01
C VAL A 33 11.07 16.57 1.44
N SER A 34 10.86 15.66 2.38
CA SER A 34 11.14 15.93 3.79
C SER A 34 12.64 15.92 4.08
N GLN A 35 13.39 15.18 3.28
CA GLN A 35 14.83 15.08 3.47
C GLN A 35 15.57 16.12 2.64
N ARG A 36 14.84 16.79 1.75
CA ARG A 36 15.44 17.79 0.90
C ARG A 36 14.84 19.17 1.17
N PRO A 37 15.53 19.97 2.01
CA PRO A 37 15.08 21.32 2.34
C PRO A 37 15.00 22.20 1.10
N GLU A 38 15.77 21.87 0.07
CA GLU A 38 15.77 22.62 -1.17
C GLU A 38 14.46 22.38 -1.90
N LEU A 39 13.93 21.18 -1.75
CA LEU A 39 12.67 20.82 -2.39
C LEU A 39 11.56 21.67 -1.81
N VAL A 40 11.48 21.72 -0.49
CA VAL A 40 10.44 22.51 0.17
C VAL A 40 10.72 24.00 -0.03
N ALA A 41 11.96 24.31 -0.38
CA ALA A 41 12.39 25.67 -0.63
C ALA A 41 12.14 26.07 -2.07
N GLN A 42 11.86 25.09 -2.92
CA GLN A 42 11.58 25.34 -4.31
C GLN A 42 10.17 24.92 -4.62
N MET A 43 9.49 24.46 -3.58
CA MET A 43 8.12 24.02 -3.72
C MET A 43 7.22 25.22 -3.55
N THR A 44 6.17 25.21 -4.32
CA THR A 44 5.22 26.31 -4.31
C THR A 44 4.35 26.25 -3.06
N PRO A 45 3.66 27.35 -2.72
CA PRO A 45 2.76 27.36 -1.55
C PRO A 45 1.81 26.18 -1.58
N GLU A 46 1.28 25.90 -2.77
CA GLU A 46 0.36 24.79 -2.98
C GLU A 46 1.06 23.48 -2.62
N GLU A 47 2.26 23.28 -3.16
CA GLU A 47 3.02 22.08 -2.93
C GLU A 47 3.41 21.97 -1.46
N LYS A 48 3.81 23.09 -0.86
CA LYS A 48 4.17 23.11 0.55
C LYS A 48 2.99 22.75 1.43
N GLU A 49 1.83 23.35 1.15
CA GLU A 49 0.63 23.08 1.93
C GLU A 49 0.21 21.64 1.72
N ALA A 50 0.37 21.17 0.48
CA ALA A 50 0.05 19.81 0.13
C ALA A 50 0.95 18.86 0.90
N TYR A 51 2.24 19.17 0.92
CA TYR A 51 3.23 18.38 1.62
C TYR A 51 2.91 18.35 3.11
N ILE A 52 2.63 19.52 3.68
CA ILE A 52 2.31 19.64 5.09
C ILE A 52 1.06 18.84 5.43
N ALA A 53 -0.01 19.05 4.66
CA ALA A 53 -1.27 18.36 4.87
C ALA A 53 -1.11 16.85 4.72
N MET A 54 -0.23 16.45 3.81
CA MET A 54 0.03 15.04 3.55
C MET A 54 0.78 14.42 4.73
N GLY A 55 1.57 15.24 5.41
CA GLY A 55 2.33 14.77 6.53
C GLY A 55 1.44 14.50 7.72
N GLN A 56 0.36 15.26 7.81
CA GLN A 56 -0.60 15.11 8.90
C GLN A 56 -1.14 13.69 8.96
N ARG A 57 -1.27 13.06 7.79
CA ARG A 57 -1.79 11.70 7.72
C ARG A 57 -0.81 10.71 8.34
N MET A 58 0.48 10.97 8.15
CA MET A 58 1.52 10.12 8.72
C MET A 58 1.78 10.57 10.16
N PHE A 59 1.28 11.74 10.48
CA PHE A 59 1.41 12.30 11.81
C PHE A 59 0.36 11.68 12.73
N GLU A 60 -0.77 11.31 12.14
CA GLU A 60 -1.87 10.66 12.86
C GLU A 60 -1.61 9.14 12.93
N ASP A 61 -0.34 8.78 12.79
CA ASP A 61 0.09 7.38 12.81
C ASP A 61 0.72 7.03 14.16
N LEU A 62 1.16 8.05 14.87
CA LEU A 62 1.82 7.88 16.17
C LEU A 62 0.98 7.05 17.13
N PHE A 63 -0.31 7.37 17.21
CA PHE A 63 -1.22 6.65 18.10
C PHE A 63 -2.65 7.12 17.90
N GLU A 64 -2.75 8.35 17.47
CA GLU A 64 -4.03 9.01 17.21
C GLU A 64 -3.79 10.17 16.27
N MET B 3 -28.28 8.59 -14.97
CA MET B 3 -27.28 8.10 -14.00
C MET B 3 -26.12 9.09 -13.89
N ALA B 4 -25.15 8.78 -13.05
CA ALA B 4 -24.00 9.65 -12.86
C ALA B 4 -22.77 8.79 -12.62
N THR B 5 -21.68 9.42 -12.19
CA THR B 5 -20.44 8.72 -11.92
C THR B 5 -20.51 7.97 -10.59
N SER B 6 -21.41 7.01 -10.51
CA SER B 6 -21.60 6.21 -9.31
C SER B 6 -20.58 5.08 -9.26
N SER B 7 -19.31 5.44 -9.16
CA SER B 7 -18.23 4.48 -9.10
C SER B 7 -17.08 5.05 -8.28
N GLU B 8 -16.26 4.17 -7.73
CA GLU B 8 -15.11 4.60 -6.92
C GLU B 8 -13.82 4.47 -7.72
N GLU B 9 -12.69 4.64 -7.05
CA GLU B 9 -11.40 4.57 -7.71
C GLU B 9 -10.69 3.23 -7.47
N VAL B 10 -11.10 2.19 -8.20
CA VAL B 10 -10.41 0.91 -8.08
C VAL B 10 -9.01 1.12 -8.64
N LEU B 11 -8.04 0.92 -7.79
CA LEU B 11 -6.67 1.17 -8.13
C LEU B 11 -6.05 0.06 -8.94
N LEU B 12 -6.02 -1.12 -8.37
CA LEU B 12 -5.40 -2.24 -9.05
C LEU B 12 -6.13 -3.55 -8.81
N ILE B 13 -6.46 -4.21 -9.90
CA ILE B 13 -7.10 -5.51 -9.87
C ILE B 13 -6.07 -6.56 -10.23
N VAL B 14 -5.50 -7.22 -9.23
CA VAL B 14 -4.51 -8.23 -9.50
C VAL B 14 -5.12 -9.61 -9.42
N LYS B 15 -4.78 -10.45 -10.36
CA LYS B 15 -5.29 -11.81 -10.38
C LYS B 15 -4.15 -12.77 -10.11
N LYS B 16 -4.48 -14.04 -9.89
CA LYS B 16 -3.49 -15.06 -9.56
C LYS B 16 -2.85 -14.77 -8.21
N VAL B 17 -3.50 -13.90 -7.45
CA VAL B 17 -3.03 -13.53 -6.12
C VAL B 17 -3.44 -14.61 -5.14
N ARG B 18 -2.49 -15.46 -4.79
CA ARG B 18 -2.76 -16.58 -3.90
C ARG B 18 -2.53 -16.22 -2.43
N GLN B 19 -3.61 -15.98 -1.72
CA GLN B 19 -3.53 -15.69 -0.30
C GLN B 19 -3.47 -17.01 0.44
N LYS B 20 -2.33 -17.30 1.05
CA LYS B 20 -2.14 -18.56 1.78
C LYS B 20 -2.29 -19.71 0.80
N LYS B 21 -1.82 -19.49 -0.43
CA LYS B 21 -1.88 -20.46 -1.53
C LYS B 21 -3.23 -20.49 -2.23
N GLN B 22 -4.18 -19.67 -1.75
CA GLN B 22 -5.50 -19.61 -2.37
C GLN B 22 -5.45 -18.63 -3.52
N ASP B 23 -5.33 -19.14 -4.73
CA ASP B 23 -5.26 -18.29 -5.92
C ASP B 23 -6.55 -17.51 -6.12
N GLY B 24 -6.45 -16.22 -5.96
CA GLY B 24 -7.57 -15.35 -6.13
C GLY B 24 -7.22 -14.05 -6.79
N ALA B 25 -7.58 -12.97 -6.14
CA ALA B 25 -7.36 -11.64 -6.66
C ALA B 25 -7.16 -10.63 -5.54
N LEU B 26 -6.19 -9.76 -5.72
CA LEU B 26 -5.92 -8.72 -4.74
C LEU B 26 -6.44 -7.42 -5.32
N TYR B 27 -7.53 -6.93 -4.75
CA TYR B 27 -8.15 -5.72 -5.24
C TYR B 27 -7.81 -4.49 -4.41
N LEU B 28 -7.07 -3.56 -4.99
CA LEU B 28 -6.76 -2.32 -4.29
C LEU B 28 -7.85 -1.35 -4.66
N MET B 29 -8.72 -1.04 -3.74
CA MET B 29 -9.79 -0.12 -4.04
C MET B 29 -9.49 1.24 -3.49
N ALA B 30 -10.35 2.18 -3.86
CA ALA B 30 -10.19 3.58 -3.53
C ALA B 30 -9.65 3.84 -2.14
N GLU B 31 -10.31 3.31 -1.12
CA GLU B 31 -9.86 3.53 0.26
C GLU B 31 -9.75 2.23 1.05
N ARG B 32 -9.70 1.10 0.36
CA ARG B 32 -9.61 -0.16 1.05
C ARG B 32 -9.05 -1.25 0.15
N ILE B 33 -8.27 -2.12 0.75
CA ILE B 33 -7.67 -3.22 0.04
C ILE B 33 -8.42 -4.50 0.38
N ALA B 34 -8.99 -5.13 -0.63
CA ALA B 34 -9.76 -6.34 -0.41
C ALA B 34 -9.34 -7.45 -1.35
N TRP B 35 -9.21 -8.65 -0.82
CA TRP B 35 -8.79 -9.80 -1.59
C TRP B 35 -9.91 -10.84 -1.62
N ALA B 36 -10.02 -11.55 -2.74
CA ALA B 36 -11.00 -12.63 -2.93
C ALA B 36 -10.46 -13.66 -3.90
N PRO B 37 -10.81 -14.94 -3.77
CA PRO B 37 -10.29 -15.99 -4.66
C PRO B 37 -10.87 -15.89 -6.07
N GLU B 38 -10.17 -16.54 -7.03
CA GLU B 38 -10.52 -16.57 -8.45
C GLU B 38 -11.30 -15.33 -8.92
N GLY B 39 -12.61 -15.46 -9.02
CA GLY B 39 -13.44 -14.36 -9.43
C GLY B 39 -14.67 -14.22 -8.56
N LYS B 40 -14.44 -14.29 -7.25
CA LYS B 40 -15.53 -14.18 -6.30
C LYS B 40 -15.96 -12.73 -6.13
N ASP B 41 -17.28 -12.52 -6.10
CA ASP B 41 -17.84 -11.18 -5.94
C ASP B 41 -17.67 -10.72 -4.49
N ARG B 42 -17.77 -11.66 -3.56
CA ARG B 42 -17.61 -11.36 -2.16
C ARG B 42 -16.16 -11.55 -1.73
N PHE B 43 -15.56 -10.47 -1.26
CA PHE B 43 -14.18 -10.50 -0.82
C PHE B 43 -14.03 -11.26 0.49
N THR B 44 -12.87 -11.85 0.68
CA THR B 44 -12.57 -12.62 1.88
C THR B 44 -11.85 -11.77 2.91
N ILE B 45 -10.85 -11.04 2.43
CA ILE B 45 -10.05 -10.19 3.29
C ILE B 45 -10.25 -8.72 2.92
N SER B 46 -10.67 -7.92 3.88
CA SER B 46 -10.90 -6.51 3.67
C SER B 46 -10.14 -5.69 4.72
N HIS B 47 -9.36 -4.73 4.25
CA HIS B 47 -8.60 -3.87 5.11
C HIS B 47 -8.71 -2.45 4.59
N MET B 48 -8.83 -1.53 5.50
CA MET B 48 -8.98 -0.14 5.14
C MET B 48 -7.63 0.53 5.17
N TYR B 49 -7.32 1.36 4.16
CA TYR B 49 -6.04 2.06 4.11
C TYR B 49 -5.85 2.97 5.33
N ALA B 50 -6.91 3.09 6.11
CA ALA B 50 -6.91 3.90 7.31
C ALA B 50 -6.39 3.11 8.51
N ASP B 51 -6.46 1.78 8.45
CA ASP B 51 -5.99 0.95 9.56
C ASP B 51 -4.66 0.31 9.24
N ILE B 52 -4.22 0.38 8.00
CA ILE B 52 -2.95 -0.21 7.62
C ILE B 52 -1.82 0.67 8.11
N LYS B 53 -1.00 0.12 9.00
CA LYS B 53 0.12 0.84 9.57
C LYS B 53 1.23 0.99 8.54
N CYS B 54 1.61 -0.12 7.94
CA CYS B 54 2.65 -0.14 6.92
C CYS B 54 2.47 -1.38 6.07
N GLN B 55 3.45 -1.67 5.23
CA GLN B 55 3.37 -2.84 4.38
C GLN B 55 4.65 -3.64 4.50
N LYS B 56 4.71 -4.73 3.79
CA LYS B 56 5.87 -5.59 3.78
C LYS B 56 5.96 -6.24 2.40
N ILE B 57 7.15 -6.32 1.84
CA ILE B 57 7.31 -6.91 0.53
C ILE B 57 8.55 -7.79 0.46
N SER B 58 8.44 -8.90 -0.24
CA SER B 58 9.59 -9.77 -0.43
C SER B 58 10.40 -9.16 -1.56
N PRO B 59 11.58 -8.60 -1.25
CA PRO B 59 12.43 -7.94 -2.24
C PRO B 59 13.06 -8.94 -3.21
N GLU B 60 14.09 -8.50 -3.93
CA GLU B 60 14.77 -9.35 -4.91
C GLU B 60 15.69 -10.38 -4.23
N GLY B 61 15.09 -11.22 -3.42
CA GLY B 61 15.81 -12.27 -2.73
C GLY B 61 14.89 -13.42 -2.36
N LYS B 62 13.68 -13.40 -2.93
CA LYS B 62 12.69 -14.42 -2.65
C LYS B 62 12.12 -14.97 -3.95
N ALA B 63 11.92 -16.27 -4.00
CA ALA B 63 11.38 -16.91 -5.20
C ALA B 63 9.90 -16.63 -5.36
N LYS B 64 9.12 -16.95 -4.34
CA LYS B 64 7.69 -16.68 -4.40
C LYS B 64 7.48 -15.22 -4.07
N ILE B 65 6.67 -14.55 -4.88
CA ILE B 65 6.41 -13.14 -4.72
C ILE B 65 5.39 -12.95 -3.58
N GLN B 66 5.91 -12.67 -2.40
CA GLN B 66 5.09 -12.53 -1.22
C GLN B 66 5.01 -11.07 -0.74
N LEU B 67 3.80 -10.64 -0.40
CA LEU B 67 3.54 -9.30 0.08
C LEU B 67 2.87 -9.38 1.45
N GLN B 68 2.93 -8.31 2.24
CA GLN B 68 2.30 -8.32 3.55
C GLN B 68 1.73 -6.94 3.92
N LEU B 69 0.58 -6.95 4.56
CA LEU B 69 -0.08 -5.74 5.02
C LEU B 69 0.04 -5.64 6.52
N VAL B 70 0.83 -4.70 6.99
CA VAL B 70 1.01 -4.54 8.41
C VAL B 70 0.02 -3.51 8.93
N LEU B 71 -0.97 -3.96 9.66
CA LEU B 71 -1.99 -3.07 10.19
C LEU B 71 -1.55 -2.46 11.51
N HIS B 72 -2.24 -1.40 11.92
CA HIS B 72 -1.91 -0.68 13.15
C HIS B 72 -2.23 -1.50 14.40
N ALA B 73 -3.14 -2.46 14.27
CA ALA B 73 -3.56 -3.27 15.41
C ALA B 73 -2.52 -4.32 15.78
N GLY B 74 -1.76 -4.78 14.79
CA GLY B 74 -0.77 -5.80 15.06
C GLY B 74 -1.08 -7.05 14.30
N ASP B 75 -1.76 -6.85 13.19
CA ASP B 75 -2.19 -7.91 12.31
C ASP B 75 -1.51 -7.68 11.00
N THR B 76 -0.97 -8.71 10.43
CA THR B 76 -0.30 -8.56 9.17
C THR B 76 -0.77 -9.64 8.19
N THR B 77 -1.35 -9.22 7.07
CA THR B 77 -1.85 -10.16 6.06
C THR B 77 -0.86 -10.32 4.92
N ASN B 78 -0.50 -11.55 4.58
CA ASN B 78 0.47 -11.78 3.51
C ASN B 78 -0.22 -12.34 2.27
N PHE B 79 0.12 -11.77 1.12
CA PHE B 79 -0.43 -12.18 -0.18
C PHE B 79 0.68 -12.71 -1.08
N HIS B 80 0.44 -13.82 -1.75
CA HIS B 80 1.44 -14.42 -2.63
C HIS B 80 1.03 -14.28 -4.10
N PHE B 81 1.79 -13.52 -4.86
CA PHE B 81 1.53 -13.31 -6.27
C PHE B 81 2.27 -14.36 -7.08
N SER B 82 1.54 -15.08 -7.91
CA SER B 82 2.14 -16.14 -8.70
C SER B 82 1.95 -15.94 -10.21
N ASN B 83 2.03 -14.71 -10.69
CA ASN B 83 1.90 -14.49 -12.11
C ASN B 83 3.29 -14.57 -12.72
N GLU B 84 3.53 -15.58 -13.53
CA GLU B 84 4.84 -15.78 -14.14
C GLU B 84 5.31 -14.56 -14.92
N SER B 85 4.38 -13.72 -15.33
CA SER B 85 4.73 -12.54 -16.10
C SER B 85 4.92 -11.30 -15.21
N THR B 86 4.09 -11.13 -14.19
CA THR B 86 4.18 -9.94 -13.35
C THR B 86 4.27 -10.20 -11.85
N ALA B 87 4.61 -11.42 -11.44
CA ALA B 87 4.69 -11.79 -10.02
C ALA B 87 5.25 -10.64 -9.16
N VAL B 88 6.55 -10.41 -9.28
CA VAL B 88 7.23 -9.34 -8.54
C VAL B 88 6.64 -7.96 -8.83
N LYS B 89 6.32 -7.71 -10.08
CA LYS B 89 5.76 -6.41 -10.47
C LYS B 89 4.40 -6.19 -9.81
N GLU B 90 3.69 -7.27 -9.51
CA GLU B 90 2.40 -7.18 -8.85
C GLU B 90 2.61 -6.85 -7.39
N ARG B 91 3.57 -7.54 -6.77
CA ARG B 91 3.92 -7.28 -5.37
C ARG B 91 4.30 -5.82 -5.25
N ASP B 92 5.15 -5.42 -6.18
CA ASP B 92 5.64 -4.06 -6.25
C ASP B 92 4.57 -3.08 -6.64
N ALA B 93 3.64 -3.51 -7.47
CA ALA B 93 2.57 -2.62 -7.94
C ALA B 93 1.61 -2.33 -6.83
N VAL B 94 1.15 -3.40 -6.23
CA VAL B 94 0.23 -3.34 -5.14
C VAL B 94 0.85 -2.50 -4.03
N LYS B 95 2.12 -2.80 -3.75
CA LYS B 95 2.89 -2.10 -2.75
C LYS B 95 3.03 -0.65 -3.12
N ASP B 96 3.37 -0.40 -4.38
CA ASP B 96 3.57 0.95 -4.86
C ASP B 96 2.34 1.79 -4.58
N LEU B 97 1.20 1.29 -5.05
CA LEU B 97 -0.07 1.96 -4.87
C LEU B 97 -0.39 2.06 -3.38
N LEU B 98 -0.22 0.95 -2.68
CA LEU B 98 -0.48 0.87 -1.25
C LEU B 98 0.28 1.97 -0.49
N GLN B 99 1.60 1.96 -0.65
CA GLN B 99 2.48 2.93 0.00
C GLN B 99 2.08 4.37 -0.29
N GLN B 100 1.78 4.68 -1.55
CA GLN B 100 1.43 6.04 -1.94
C GLN B 100 0.00 6.44 -1.52
N LEU B 101 -0.89 5.48 -1.47
CA LEU B 101 -2.30 5.75 -1.13
C LEU B 101 -2.56 5.64 0.36
N LEU B 102 -1.63 5.08 1.10
CA LEU B 102 -1.79 4.93 2.54
C LEU B 102 -1.96 6.29 3.24
N PRO B 103 -1.04 7.25 3.03
CA PRO B 103 -1.12 8.58 3.64
C PRO B 103 -2.32 9.39 3.12
N LYS B 104 -3.18 8.72 2.38
CA LYS B 104 -4.39 9.34 1.87
C LYS B 104 -5.56 8.98 2.78
N PHE B 105 -5.49 7.79 3.40
CA PHE B 105 -6.57 7.32 4.25
C PHE B 105 -6.12 6.98 5.65
N LYS B 106 -4.83 7.02 5.91
CA LYS B 106 -4.30 6.70 7.24
C LYS B 106 -5.04 7.49 8.30
N ARG B 107 -5.75 6.75 9.16
CA ARG B 107 -6.55 7.33 10.25
C ARG B 107 -7.85 7.92 9.71
N LYS B 108 -7.72 8.86 8.76
CA LYS B 108 -8.84 9.55 8.11
C LYS B 108 -9.91 10.02 9.12
N ALA B 109 -9.45 10.48 10.29
CA ALA B 109 -10.33 10.97 11.35
C ALA B 109 -11.28 9.87 11.86
N ASN B 110 -10.83 8.64 11.76
CA ASN B 110 -11.62 7.51 12.20
C ASN B 110 -10.96 6.90 13.44
N GLU A 3 -0.79 -24.60 9.09
CA GLU A 3 -0.51 -25.63 8.04
C GLU A 3 0.98 -25.71 7.79
N GLU A 4 1.65 -24.56 7.95
CA GLU A 4 3.10 -24.45 7.80
C GLU A 4 3.55 -24.82 6.38
N ASP A 5 2.71 -24.49 5.41
CA ASP A 5 3.01 -24.75 4.01
C ASP A 5 2.90 -23.46 3.21
N GLU A 6 3.74 -23.33 2.18
CA GLU A 6 3.78 -22.14 1.33
C GLU A 6 4.35 -20.96 2.10
N GLU A 7 3.61 -20.51 3.11
CA GLU A 7 3.99 -19.38 3.97
C GLU A 7 4.29 -18.12 3.16
N GLU A 8 3.36 -17.20 3.23
CA GLU A 8 3.45 -15.94 2.50
C GLU A 8 4.39 -14.94 3.18
N ASP A 9 5.48 -15.42 3.76
CA ASP A 9 6.47 -14.55 4.42
C ASP A 9 7.83 -15.21 4.36
N ASP A 10 8.90 -14.40 4.26
CA ASP A 10 10.25 -14.93 4.18
C ASP A 10 11.32 -13.84 4.08
N GLU A 11 10.97 -12.68 3.54
CA GLU A 11 11.94 -11.61 3.37
C GLU A 11 11.20 -10.37 2.90
N PHE A 12 10.63 -9.62 3.82
CA PHE A 12 9.88 -8.46 3.43
C PHE A 12 10.45 -7.16 3.95
N GLU A 13 10.21 -6.11 3.17
CA GLU A 13 10.63 -4.76 3.49
C GLU A 13 9.44 -4.06 4.09
N GLU A 14 9.56 -3.51 5.29
CA GLU A 14 8.44 -2.81 5.86
C GLU A 14 8.21 -1.56 5.02
N VAL A 15 7.17 -1.59 4.22
CA VAL A 15 6.86 -0.48 3.36
C VAL A 15 6.24 0.64 4.17
N ALA A 16 6.72 1.84 3.97
CA ALA A 16 6.21 2.97 4.70
C ALA A 16 5.06 3.60 3.94
N ASP A 17 4.02 3.95 4.67
CA ASP A 17 2.85 4.62 4.12
C ASP A 17 3.23 6.02 3.70
N ASP A 18 3.99 6.11 2.63
CA ASP A 18 4.50 7.37 2.14
C ASP A 18 3.70 7.91 0.97
N PRO A 19 3.15 9.13 1.13
CA PRO A 19 2.38 9.79 0.09
C PRO A 19 3.30 10.41 -0.97
N ILE A 20 2.71 10.81 -2.08
CA ILE A 20 3.47 11.41 -3.17
C ILE A 20 3.26 12.91 -3.19
N VAL A 21 4.34 13.66 -3.09
CA VAL A 21 4.30 15.11 -3.11
C VAL A 21 5.18 15.61 -4.25
N MET A 22 4.57 16.37 -5.16
CA MET A 22 5.28 16.88 -6.30
C MET A 22 6.01 18.15 -5.93
N VAL A 23 7.20 18.30 -6.47
CA VAL A 23 8.01 19.47 -6.24
C VAL A 23 8.50 19.99 -7.59
N ALA A 24 8.12 21.22 -7.90
CA ALA A 24 8.49 21.85 -9.16
C ALA A 24 7.90 21.06 -10.31
N GLY A 25 6.79 20.35 -10.04
CA GLY A 25 6.15 19.57 -11.07
C GLY A 25 6.67 18.14 -11.13
N ARG A 26 7.71 17.85 -10.36
CA ARG A 26 8.29 16.52 -10.33
C ARG A 26 7.72 15.72 -9.16
N PRO A 27 7.10 14.57 -9.44
CA PRO A 27 6.50 13.73 -8.41
C PRO A 27 7.54 13.01 -7.55
N PHE A 28 7.65 13.46 -6.30
CA PHE A 28 8.58 12.85 -5.35
C PHE A 28 7.78 12.27 -4.21
N SER A 29 8.39 11.41 -3.43
CA SER A 29 7.71 10.82 -2.28
C SER A 29 7.91 11.74 -1.08
N TYR A 30 7.08 11.60 -0.07
CA TYR A 30 7.18 12.44 1.12
C TYR A 30 8.49 12.19 1.84
N SER A 31 8.85 10.92 2.02
CA SER A 31 10.09 10.56 2.68
C SER A 31 11.28 11.00 1.83
N GLU A 32 11.00 11.40 0.61
CA GLU A 32 12.01 11.88 -0.31
C GLU A 32 12.10 13.40 -0.22
N VAL A 33 10.97 14.06 -0.43
CA VAL A 33 10.90 15.52 -0.37
C VAL A 33 11.48 16.04 0.95
N SER A 34 11.25 15.30 2.02
CA SER A 34 11.75 15.67 3.35
C SER A 34 13.26 15.45 3.47
N GLN A 35 13.77 14.49 2.71
CA GLN A 35 15.20 14.17 2.75
C GLN A 35 16.02 15.17 1.94
N ARG A 36 15.37 15.88 1.02
CA ARG A 36 16.08 16.86 0.20
C ARG A 36 15.58 18.28 0.49
N PRO A 37 16.30 19.02 1.33
CA PRO A 37 15.95 20.39 1.71
C PRO A 37 15.92 21.30 0.49
N GLU A 38 16.66 20.90 -0.55
CA GLU A 38 16.72 21.67 -1.78
C GLU A 38 15.40 21.54 -2.52
N LEU A 39 14.79 20.37 -2.39
CA LEU A 39 13.51 20.12 -3.02
C LEU A 39 12.45 21.03 -2.43
N VAL A 40 12.40 21.08 -1.10
CA VAL A 40 11.43 21.95 -0.44
C VAL A 40 11.79 23.41 -0.69
N ALA A 41 13.06 23.64 -0.98
CA ALA A 41 13.55 24.98 -1.26
C ALA A 41 13.26 25.36 -2.72
N GLN A 42 12.89 24.38 -3.52
CA GLN A 42 12.57 24.62 -4.91
C GLN A 42 11.11 24.30 -5.14
N MET A 43 10.44 23.93 -4.06
CA MET A 43 9.05 23.59 -4.11
C MET A 43 8.26 24.88 -4.02
N THR A 44 7.22 24.94 -4.80
CA THR A 44 6.37 26.12 -4.85
C THR A 44 5.60 26.26 -3.54
N PRO A 45 5.06 27.46 -3.24
CA PRO A 45 4.28 27.68 -2.03
C PRO A 45 3.15 26.66 -1.95
N GLU A 46 2.56 26.40 -3.11
CA GLU A 46 1.49 25.44 -3.25
C GLU A 46 1.97 24.04 -2.87
N GLU A 47 3.12 23.65 -3.42
CA GLU A 47 3.70 22.35 -3.14
C GLU A 47 4.12 22.25 -1.67
N LYS A 48 4.70 23.34 -1.16
CA LYS A 48 5.11 23.39 0.24
C LYS A 48 3.91 23.20 1.17
N GLU A 49 2.82 23.89 0.88
CA GLU A 49 1.61 23.79 1.69
C GLU A 49 1.05 22.38 1.57
N ALA A 50 1.14 21.85 0.36
CA ALA A 50 0.68 20.50 0.08
C ALA A 50 1.49 19.51 0.90
N TYR A 51 2.81 19.68 0.85
CA TYR A 51 3.74 18.84 1.60
C TYR A 51 3.43 18.92 3.08
N ILE A 52 3.26 20.13 3.58
CA ILE A 52 2.95 20.35 4.98
C ILE A 52 1.63 19.66 5.36
N ALA A 53 0.60 19.93 4.56
CA ALA A 53 -0.72 19.35 4.78
C ALA A 53 -0.68 17.82 4.73
N MET A 54 0.12 17.29 3.82
CA MET A 54 0.26 15.85 3.66
C MET A 54 0.91 15.25 4.91
N GLY A 55 1.82 16.00 5.51
CA GLY A 55 2.49 15.53 6.70
C GLY A 55 1.53 15.37 7.85
N GLN A 56 0.60 16.33 7.96
CA GLN A 56 -0.43 16.31 9.00
C GLN A 56 -1.20 14.99 8.98
N ARG A 57 -1.34 14.43 7.77
CA ARG A 57 -2.05 13.18 7.60
C ARG A 57 -1.35 12.04 8.33
N MET A 58 -0.04 11.95 8.16
CA MET A 58 0.74 10.91 8.82
C MET A 58 1.04 11.31 10.25
N PHE A 59 0.94 12.61 10.51
CA PHE A 59 1.19 13.15 11.83
C PHE A 59 0.09 12.72 12.80
N GLU A 60 -1.07 12.40 12.25
CA GLU A 60 -2.21 11.95 13.05
C GLU A 60 -2.04 10.49 13.47
N ASP A 61 -0.93 9.90 13.05
CA ASP A 61 -0.64 8.50 13.36
C ASP A 61 0.12 8.40 14.68
N LEU A 62 0.32 9.54 15.31
CA LEU A 62 1.02 9.61 16.58
C LEU A 62 0.02 9.66 17.73
N PHE A 63 -1.26 9.68 17.39
CA PHE A 63 -2.31 9.74 18.39
C PHE A 63 -2.68 8.34 18.86
N GLU A 64 -1.72 7.70 19.52
CA GLU A 64 -1.91 6.34 20.05
C GLU A 64 -2.17 5.34 18.93
N MET B 3 -19.33 -1.88 -5.81
CA MET B 3 -19.02 -1.96 -7.25
C MET B 3 -20.29 -2.27 -8.04
N ALA B 4 -20.52 -1.49 -9.09
CA ALA B 4 -21.68 -1.64 -9.96
C ALA B 4 -21.59 -0.61 -11.08
N THR B 5 -21.15 0.57 -10.69
CA THR B 5 -20.96 1.68 -11.61
C THR B 5 -19.83 2.55 -11.07
N SER B 6 -19.86 3.85 -11.34
CA SER B 6 -18.84 4.76 -10.85
C SER B 6 -19.04 5.03 -9.36
N SER B 7 -18.73 4.04 -8.55
CA SER B 7 -18.88 4.17 -7.10
C SER B 7 -17.52 4.29 -6.42
N GLU B 8 -16.85 3.17 -6.21
CA GLU B 8 -15.55 3.18 -5.56
C GLU B 8 -14.42 3.22 -6.59
N GLU B 9 -13.39 3.98 -6.29
CA GLU B 9 -12.24 4.11 -7.18
C GLU B 9 -11.32 2.88 -7.08
N VAL B 10 -11.59 1.86 -7.88
CA VAL B 10 -10.74 0.67 -7.88
C VAL B 10 -9.37 1.07 -8.38
N LEU B 11 -8.38 0.82 -7.56
CA LEU B 11 -7.03 1.20 -7.84
C LEU B 11 -6.31 0.15 -8.67
N LEU B 12 -6.21 -1.04 -8.11
CA LEU B 12 -5.51 -2.10 -8.81
C LEU B 12 -6.14 -3.47 -8.57
N ILE B 13 -6.33 -4.18 -9.67
CA ILE B 13 -6.88 -5.53 -9.65
C ILE B 13 -5.77 -6.53 -9.98
N VAL B 14 -5.27 -7.21 -8.97
CA VAL B 14 -4.23 -8.20 -9.18
C VAL B 14 -4.83 -9.57 -9.15
N LYS B 15 -4.35 -10.46 -10.00
CA LYS B 15 -4.86 -11.82 -10.07
C LYS B 15 -3.75 -12.80 -9.75
N LYS B 16 -4.11 -14.06 -9.56
CA LYS B 16 -3.16 -15.11 -9.21
C LYS B 16 -2.49 -14.79 -7.88
N VAL B 17 -3.22 -14.03 -7.08
CA VAL B 17 -2.75 -13.61 -5.75
C VAL B 17 -3.12 -14.69 -4.74
N ARG B 18 -2.11 -15.35 -4.19
CA ARG B 18 -2.33 -16.43 -3.25
C ARG B 18 -2.27 -15.96 -1.80
N GLN B 19 -3.29 -16.29 -1.05
CA GLN B 19 -3.36 -15.96 0.37
C GLN B 19 -3.59 -17.24 1.14
N LYS B 20 -2.54 -17.73 1.77
CA LYS B 20 -2.60 -18.96 2.54
C LYS B 20 -2.79 -20.15 1.61
N LYS B 21 -1.84 -20.27 0.67
CA LYS B 21 -1.78 -21.36 -0.33
C LYS B 21 -2.96 -21.38 -1.31
N GLN B 22 -3.77 -20.34 -1.37
CA GLN B 22 -4.91 -20.33 -2.28
C GLN B 22 -4.86 -19.08 -3.13
N ASP B 23 -4.89 -19.25 -4.43
CA ASP B 23 -4.81 -18.14 -5.36
C ASP B 23 -6.15 -17.59 -5.78
N GLY B 24 -6.16 -16.28 -5.92
CA GLY B 24 -7.32 -15.57 -6.34
C GLY B 24 -6.93 -14.23 -6.93
N ALA B 25 -7.34 -13.16 -6.29
CA ALA B 25 -7.02 -11.84 -6.76
C ALA B 25 -6.97 -10.83 -5.62
N LEU B 26 -6.08 -9.86 -5.75
CA LEU B 26 -5.92 -8.83 -4.75
C LEU B 26 -6.49 -7.54 -5.33
N TYR B 27 -7.57 -7.07 -4.73
CA TYR B 27 -8.24 -5.87 -5.21
C TYR B 27 -7.99 -4.65 -4.32
N LEU B 28 -7.26 -3.68 -4.82
CA LEU B 28 -7.06 -2.45 -4.08
C LEU B 28 -8.19 -1.52 -4.45
N MET B 29 -9.13 -1.31 -3.55
CA MET B 29 -10.22 -0.43 -3.87
C MET B 29 -10.04 0.91 -3.22
N ALA B 30 -10.93 1.81 -3.58
CA ALA B 30 -10.89 3.20 -3.17
C ALA B 30 -10.43 3.44 -1.73
N GLU B 31 -11.11 2.80 -0.80
CA GLU B 31 -10.83 2.98 0.61
C GLU B 31 -10.50 1.66 1.31
N ARG B 32 -10.53 0.55 0.58
CA ARG B 32 -10.28 -0.73 1.21
C ARG B 32 -9.62 -1.71 0.26
N ILE B 33 -8.75 -2.52 0.82
CA ILE B 33 -8.06 -3.55 0.07
C ILE B 33 -8.74 -4.88 0.35
N ALA B 34 -9.30 -5.49 -0.68
CA ALA B 34 -10.00 -6.75 -0.51
C ALA B 34 -9.48 -7.81 -1.48
N TRP B 35 -9.28 -8.99 -0.93
CA TRP B 35 -8.78 -10.11 -1.69
C TRP B 35 -9.85 -11.20 -1.76
N ALA B 36 -9.89 -11.91 -2.88
CA ALA B 36 -10.81 -13.02 -3.07
C ALA B 36 -10.15 -14.07 -3.93
N PRO B 37 -10.44 -15.36 -3.74
CA PRO B 37 -9.81 -16.43 -4.51
C PRO B 37 -10.40 -16.53 -5.92
N GLU B 38 -9.86 -17.42 -6.74
CA GLU B 38 -10.37 -17.58 -8.09
C GLU B 38 -11.87 -17.88 -8.04
N GLY B 39 -12.60 -17.30 -8.99
CA GLY B 39 -14.04 -17.43 -9.00
C GLY B 39 -14.67 -16.20 -8.41
N LYS B 40 -14.01 -15.68 -7.37
CA LYS B 40 -14.41 -14.47 -6.66
C LYS B 40 -15.83 -14.58 -6.11
N ASP B 41 -16.73 -13.71 -6.60
CA ASP B 41 -18.12 -13.63 -6.15
C ASP B 41 -18.20 -13.05 -4.74
N ARG B 42 -17.50 -13.68 -3.81
CA ARG B 42 -17.45 -13.24 -2.42
C ARG B 42 -16.01 -12.92 -2.03
N PHE B 43 -15.80 -11.82 -1.34
CA PHE B 43 -14.47 -11.44 -0.90
C PHE B 43 -14.08 -12.24 0.33
N THR B 44 -12.80 -12.47 0.49
CA THR B 44 -12.30 -13.25 1.61
C THR B 44 -11.59 -12.37 2.65
N ILE B 45 -10.76 -11.45 2.17
CA ILE B 45 -10.02 -10.58 3.06
C ILE B 45 -10.33 -9.11 2.75
N SER B 46 -10.81 -8.39 3.75
CA SER B 46 -11.13 -6.98 3.59
C SER B 46 -10.47 -6.15 4.69
N HIS B 47 -9.68 -5.16 4.29
CA HIS B 47 -8.99 -4.30 5.23
C HIS B 47 -9.08 -2.88 4.76
N MET B 48 -9.28 -2.00 5.69
CA MET B 48 -9.41 -0.58 5.41
C MET B 48 -8.04 0.07 5.52
N TYR B 49 -7.71 0.94 4.57
CA TYR B 49 -6.41 1.62 4.58
C TYR B 49 -6.26 2.49 5.84
N ALA B 50 -7.33 2.57 6.63
CA ALA B 50 -7.34 3.36 7.84
C ALA B 50 -6.74 2.59 9.02
N ASP B 51 -6.83 1.27 8.97
CA ASP B 51 -6.31 0.44 10.05
C ASP B 51 -4.99 -0.19 9.67
N ILE B 52 -4.62 -0.08 8.40
CA ILE B 52 -3.35 -0.63 7.94
C ILE B 52 -2.22 0.33 8.30
N LYS B 53 -1.31 -0.15 9.12
CA LYS B 53 -0.18 0.64 9.57
C LYS B 53 0.84 0.83 8.46
N CYS B 54 1.37 -0.29 7.98
CA CYS B 54 2.38 -0.28 6.94
C CYS B 54 2.26 -1.52 6.10
N GLN B 55 3.24 -1.75 5.25
CA GLN B 55 3.22 -2.92 4.38
C GLN B 55 4.56 -3.63 4.43
N LYS B 56 4.66 -4.72 3.69
CA LYS B 56 5.90 -5.48 3.58
C LYS B 56 5.95 -6.09 2.18
N ILE B 57 7.14 -6.18 1.60
CA ILE B 57 7.27 -6.69 0.24
C ILE B 57 8.51 -7.53 0.02
N SER B 58 8.56 -8.18 -1.13
CA SER B 58 9.72 -8.97 -1.53
C SER B 58 10.60 -8.10 -2.40
N PRO B 59 11.65 -7.53 -1.80
CA PRO B 59 12.57 -6.61 -2.46
C PRO B 59 13.58 -7.33 -3.36
N GLU B 60 14.14 -6.58 -4.31
CA GLU B 60 15.14 -7.11 -5.25
C GLU B 60 14.67 -8.38 -5.95
N GLY B 61 13.37 -8.47 -6.21
CA GLY B 61 12.83 -9.63 -6.87
C GLY B 61 12.61 -10.80 -5.93
N LYS B 62 13.70 -11.23 -5.27
CA LYS B 62 13.67 -12.35 -4.33
C LYS B 62 13.38 -13.67 -5.05
N ALA B 63 12.12 -14.07 -5.05
CA ALA B 63 11.68 -15.31 -5.67
C ALA B 63 10.19 -15.46 -5.50
N LYS B 64 9.77 -15.37 -4.25
CA LYS B 64 8.38 -15.45 -3.90
C LYS B 64 7.89 -14.02 -3.77
N ILE B 65 7.06 -13.59 -4.69
CA ILE B 65 6.56 -12.24 -4.69
C ILE B 65 5.41 -12.11 -3.71
N GLN B 66 5.72 -11.80 -2.46
CA GLN B 66 4.67 -11.70 -1.46
C GLN B 66 4.68 -10.35 -0.74
N LEU B 67 3.48 -9.83 -0.54
CA LEU B 67 3.25 -8.56 0.14
C LEU B 67 2.68 -8.83 1.53
N GLN B 68 2.78 -7.88 2.43
CA GLN B 68 2.24 -8.06 3.77
C GLN B 68 1.59 -6.76 4.27
N LEU B 69 0.32 -6.84 4.61
CA LEU B 69 -0.39 -5.69 5.13
C LEU B 69 -0.26 -5.63 6.64
N VAL B 70 0.65 -4.82 7.12
CA VAL B 70 0.86 -4.70 8.54
C VAL B 70 -0.14 -3.72 9.13
N LEU B 71 -1.20 -4.26 9.71
CA LEU B 71 -2.25 -3.41 10.26
C LEU B 71 -1.89 -2.97 11.68
N HIS B 72 -2.55 -1.90 12.14
CA HIS B 72 -2.33 -1.36 13.47
C HIS B 72 -2.90 -2.29 14.54
N ALA B 73 -3.81 -3.16 14.12
CA ALA B 73 -4.46 -4.09 15.02
C ALA B 73 -3.49 -5.16 15.52
N GLY B 74 -2.42 -5.41 14.78
CA GLY B 74 -1.47 -6.42 15.19
C GLY B 74 -1.67 -7.64 14.35
N ASP B 75 -2.04 -7.39 13.11
CA ASP B 75 -2.31 -8.42 12.15
C ASP B 75 -1.62 -8.02 10.88
N THR B 76 -1.06 -8.97 10.19
CA THR B 76 -0.40 -8.67 8.96
C THR B 76 -0.91 -9.61 7.86
N THR B 77 -1.50 -9.02 6.83
CA THR B 77 -2.06 -9.79 5.72
C THR B 77 -1.04 -10.00 4.61
N ASN B 78 -0.48 -11.19 4.53
CA ASN B 78 0.52 -11.47 3.50
C ASN B 78 -0.14 -12.07 2.25
N PHE B 79 0.25 -11.55 1.10
CA PHE B 79 -0.29 -11.99 -0.18
C PHE B 79 0.83 -12.45 -1.11
N HIS B 80 0.74 -13.67 -1.60
CA HIS B 80 1.75 -14.22 -2.50
C HIS B 80 1.32 -14.01 -3.96
N PHE B 81 2.00 -13.11 -4.63
CA PHE B 81 1.70 -12.78 -6.02
C PHE B 81 2.48 -13.69 -6.95
N SER B 82 1.81 -14.67 -7.50
CA SER B 82 2.44 -15.60 -8.41
C SER B 82 1.83 -15.47 -9.80
N ASN B 83 2.08 -14.35 -10.47
CA ASN B 83 1.57 -14.15 -11.82
C ASN B 83 2.72 -14.20 -12.80
N GLU B 84 3.78 -14.87 -12.38
CA GLU B 84 4.99 -15.07 -13.17
C GLU B 84 5.53 -13.77 -13.77
N SER B 85 5.11 -13.50 -14.99
CA SER B 85 5.55 -12.32 -15.73
C SER B 85 5.36 -11.01 -14.95
N THR B 86 4.26 -10.89 -14.22
CA THR B 86 4.00 -9.67 -13.48
C THR B 86 3.96 -9.89 -11.98
N ALA B 87 4.37 -11.07 -11.52
CA ALA B 87 4.35 -11.39 -10.10
C ALA B 87 4.88 -10.20 -9.27
N VAL B 88 6.17 -9.93 -9.40
CA VAL B 88 6.82 -8.82 -8.70
C VAL B 88 6.14 -7.47 -8.95
N LYS B 89 5.94 -7.14 -10.21
CA LYS B 89 5.37 -5.86 -10.60
C LYS B 89 3.99 -5.63 -10.01
N GLU B 90 3.14 -6.66 -9.99
CA GLU B 90 1.80 -6.49 -9.44
C GLU B 90 1.85 -6.31 -7.92
N ARG B 91 2.78 -6.99 -7.24
CA ARG B 91 2.92 -6.82 -5.80
C ARG B 91 3.47 -5.44 -5.51
N ASP B 92 4.49 -5.09 -6.27
CA ASP B 92 5.13 -3.79 -6.16
C ASP B 92 4.15 -2.69 -6.49
N ALA B 93 3.28 -2.98 -7.44
CA ALA B 93 2.25 -2.03 -7.86
C ALA B 93 1.25 -1.83 -6.76
N VAL B 94 0.82 -2.94 -6.19
CA VAL B 94 -0.11 -2.94 -5.10
C VAL B 94 0.47 -2.14 -3.96
N LYS B 95 1.73 -2.40 -3.67
CA LYS B 95 2.43 -1.71 -2.62
C LYS B 95 2.54 -0.24 -2.93
N ASP B 96 2.83 0.07 -4.18
CA ASP B 96 2.97 1.45 -4.60
C ASP B 96 1.70 2.20 -4.28
N LEU B 97 0.59 1.67 -4.77
CA LEU B 97 -0.71 2.26 -4.54
C LEU B 97 -1.02 2.29 -3.06
N LEU B 98 -0.77 1.16 -2.40
CA LEU B 98 -1.02 1.01 -0.97
C LEU B 98 -0.27 2.06 -0.16
N GLN B 99 1.05 2.06 -0.27
CA GLN B 99 1.92 2.99 0.45
C GLN B 99 1.48 4.45 0.26
N GLN B 100 1.13 4.81 -0.97
CA GLN B 100 0.73 6.19 -1.28
C GLN B 100 -0.70 6.51 -0.85
N LEU B 101 -1.57 5.52 -0.87
CA LEU B 101 -2.97 5.73 -0.49
C LEU B 101 -3.21 5.48 0.99
N LEU B 102 -2.24 4.88 1.64
CA LEU B 102 -2.34 4.57 3.06
C LEU B 102 -2.64 5.79 3.92
N PRO B 103 -1.77 6.82 3.92
CA PRO B 103 -1.99 8.01 4.74
C PRO B 103 -3.39 8.56 4.53
N LYS B 104 -3.80 8.59 3.28
CA LYS B 104 -5.11 9.10 2.89
C LYS B 104 -6.23 8.54 3.78
N PHE B 105 -6.10 7.30 4.22
CA PHE B 105 -7.11 6.70 5.06
C PHE B 105 -6.62 6.47 6.47
N LYS B 106 -5.32 6.28 6.62
CA LYS B 106 -4.71 6.07 7.90
C LYS B 106 -5.10 7.17 8.89
N ARG B 107 -5.75 6.75 9.97
CA ARG B 107 -6.20 7.63 11.04
C ARG B 107 -7.28 8.60 10.59
N LYS B 108 -8.14 8.97 11.53
CA LYS B 108 -9.24 9.90 11.28
C LYS B 108 -9.83 10.35 12.61
N ALA B 109 -9.23 11.40 13.18
CA ALA B 109 -9.64 11.95 14.48
C ALA B 109 -9.27 10.97 15.59
N ASN B 110 -8.48 10.00 15.19
CA ASN B 110 -7.97 8.94 16.06
C ASN B 110 -7.11 8.03 15.20
N GLU A 3 -6.03 -27.76 7.23
CA GLU A 3 -5.68 -26.34 7.06
C GLU A 3 -4.18 -26.19 7.03
N GLU A 4 -3.72 -25.58 5.96
CA GLU A 4 -2.30 -25.36 5.72
C GLU A 4 -2.08 -23.89 5.42
N ASP A 5 -0.95 -23.57 4.83
CA ASP A 5 -0.66 -22.19 4.49
C ASP A 5 0.27 -22.12 3.30
N GLU A 6 0.63 -20.90 2.91
CA GLU A 6 1.51 -20.67 1.78
C GLU A 6 2.38 -19.45 2.03
N GLU A 7 2.03 -18.68 3.06
CA GLU A 7 2.78 -17.47 3.39
C GLU A 7 3.32 -17.52 4.81
N GLU A 8 4.37 -16.73 5.04
CA GLU A 8 5.02 -16.64 6.34
C GLU A 8 5.72 -15.29 6.47
N ASP A 9 6.75 -15.21 7.28
CA ASP A 9 7.50 -13.96 7.46
C ASP A 9 8.98 -14.30 7.50
N ASP A 10 9.57 -14.50 6.33
CA ASP A 10 10.97 -14.88 6.24
C ASP A 10 11.84 -13.80 5.59
N GLU A 11 11.26 -12.93 4.77
CA GLU A 11 12.05 -11.91 4.11
C GLU A 11 11.13 -10.85 3.57
N PHE A 12 10.72 -9.97 4.45
CA PHE A 12 9.83 -8.90 4.09
C PHE A 12 10.41 -7.58 4.52
N GLU A 13 10.31 -6.61 3.65
CA GLU A 13 10.77 -5.27 3.93
C GLU A 13 9.59 -4.49 4.45
N GLU A 14 9.68 -3.99 5.67
CA GLU A 14 8.58 -3.21 6.20
C GLU A 14 8.44 -1.97 5.32
N VAL A 15 7.40 -1.97 4.50
CA VAL A 15 7.19 -0.88 3.60
C VAL A 15 6.63 0.30 4.37
N ALA A 16 7.23 1.44 4.18
CA ALA A 16 6.81 2.64 4.86
C ALA A 16 5.77 3.37 4.04
N ASP A 17 4.72 3.79 4.70
CA ASP A 17 3.64 4.55 4.09
C ASP A 17 4.15 5.91 3.62
N ASP A 18 4.68 5.93 2.42
CA ASP A 18 5.22 7.16 1.87
C ASP A 18 4.39 7.63 0.68
N PRO A 19 3.79 8.83 0.78
CA PRO A 19 2.96 9.39 -0.26
C PRO A 19 3.76 10.14 -1.32
N ILE A 20 3.09 10.42 -2.44
CA ILE A 20 3.72 11.14 -3.53
C ILE A 20 3.30 12.60 -3.50
N VAL A 21 4.25 13.46 -3.24
CA VAL A 21 4.01 14.88 -3.18
C VAL A 21 4.69 15.58 -4.36
N MET A 22 3.89 16.24 -5.18
CA MET A 22 4.39 16.91 -6.35
C MET A 22 5.07 18.20 -5.95
N VAL A 23 6.22 18.45 -6.57
CA VAL A 23 6.97 19.66 -6.33
C VAL A 23 7.37 20.25 -7.66
N ALA A 24 6.88 21.46 -7.94
CA ALA A 24 7.14 22.13 -9.20
C ALA A 24 6.54 21.32 -10.35
N GLY A 25 5.54 20.49 -10.00
CA GLY A 25 4.91 19.66 -11.00
C GLY A 25 5.62 18.34 -11.19
N ARG A 26 6.69 18.13 -10.43
CA ARG A 26 7.44 16.88 -10.51
C ARG A 26 6.99 15.94 -9.40
N PRO A 27 6.72 14.68 -9.73
CA PRO A 27 6.27 13.70 -8.74
C PRO A 27 7.40 13.20 -7.85
N PHE A 28 7.45 13.70 -6.63
CA PHE A 28 8.46 13.30 -5.67
C PHE A 28 7.80 12.60 -4.51
N SER A 29 8.54 11.80 -3.78
CA SER A 29 7.99 11.11 -2.65
C SER A 29 8.20 11.96 -1.40
N TYR A 30 7.50 11.65 -0.33
CA TYR A 30 7.63 12.39 0.90
C TYR A 30 9.03 12.19 1.46
N SER A 31 9.55 10.97 1.37
CA SER A 31 10.90 10.67 1.82
C SER A 31 11.91 11.49 1.01
N GLU A 32 11.45 12.01 -0.10
CA GLU A 32 12.24 12.85 -0.98
C GLU A 32 12.09 14.31 -0.61
N VAL A 33 10.86 14.78 -0.70
CA VAL A 33 10.53 16.16 -0.42
C VAL A 33 10.92 16.58 1.00
N SER A 34 10.82 15.66 1.94
CA SER A 34 11.13 15.96 3.34
C SER A 34 12.63 16.04 3.59
N GLN A 35 13.39 15.20 2.90
CA GLN A 35 14.82 15.16 3.08
C GLN A 35 15.52 16.13 2.14
N ARG A 36 14.76 16.77 1.27
CA ARG A 36 15.32 17.69 0.31
C ARG A 36 14.77 19.10 0.47
N PRO A 37 15.56 19.97 1.11
CA PRO A 37 15.18 21.36 1.33
C PRO A 37 14.97 22.10 0.01
N GLU A 38 15.60 21.62 -1.06
CA GLU A 38 15.49 22.25 -2.37
C GLU A 38 14.09 22.05 -2.91
N LEU A 39 13.55 20.86 -2.64
CA LEU A 39 12.22 20.53 -3.10
C LEU A 39 11.20 21.43 -2.43
N VAL A 40 11.28 21.55 -1.12
CA VAL A 40 10.34 22.40 -0.40
C VAL A 40 10.66 23.87 -0.68
N ALA A 41 11.83 24.11 -1.26
CA ALA A 41 12.28 25.45 -1.62
C ALA A 41 11.87 25.79 -3.05
N GLN A 42 11.47 24.77 -3.80
CA GLN A 42 11.06 24.95 -5.17
C GLN A 42 9.62 24.54 -5.32
N MET A 43 9.04 24.17 -4.18
CA MET A 43 7.65 23.77 -4.16
C MET A 43 6.80 25.00 -3.93
N THR A 44 5.67 25.00 -4.59
CA THR A 44 4.75 26.12 -4.52
C THR A 44 3.99 26.11 -3.20
N PRO A 45 3.32 27.21 -2.83
CA PRO A 45 2.52 27.26 -1.61
C PRO A 45 1.57 26.08 -1.53
N GLU A 46 0.93 25.81 -2.66
CA GLU A 46 -0.01 24.69 -2.77
C GLU A 46 0.69 23.38 -2.46
N GLU A 47 1.86 23.17 -3.08
CA GLU A 47 2.62 21.96 -2.88
C GLU A 47 3.15 21.88 -1.44
N LYS A 48 3.60 23.00 -0.92
CA LYS A 48 4.10 23.09 0.45
C LYS A 48 3.00 22.72 1.44
N GLU A 49 1.81 23.26 1.22
CA GLU A 49 0.67 22.98 2.10
C GLU A 49 0.27 21.53 1.92
N ALA A 50 0.35 21.05 0.69
CA ALA A 50 0.02 19.68 0.36
C ALA A 50 1.00 18.76 1.08
N TYR A 51 2.28 19.12 1.03
CA TYR A 51 3.33 18.36 1.68
C TYR A 51 3.08 18.32 3.18
N ILE A 52 2.75 19.50 3.73
CA ILE A 52 2.48 19.62 5.15
C ILE A 52 1.28 18.76 5.55
N ALA A 53 0.17 18.93 4.83
CA ALA A 53 -1.05 18.20 5.10
C ALA A 53 -0.82 16.69 5.00
N MET A 54 -0.08 16.27 3.98
CA MET A 54 0.22 14.86 3.77
C MET A 54 1.12 14.34 4.89
N GLY A 55 2.02 15.20 5.33
CA GLY A 55 2.94 14.84 6.39
C GLY A 55 2.24 14.68 7.71
N GLN A 56 1.24 15.50 7.96
CA GLN A 56 0.47 15.44 9.20
C GLN A 56 -0.11 14.05 9.41
N ARG A 57 -0.48 13.40 8.31
CA ARG A 57 -1.06 12.06 8.37
C ARG A 57 -0.04 11.06 8.92
N MET A 58 1.19 11.14 8.43
CA MET A 58 2.26 10.25 8.89
C MET A 58 2.75 10.71 10.26
N PHE A 59 2.72 12.01 10.47
CA PHE A 59 3.14 12.62 11.71
C PHE A 59 2.24 12.19 12.86
N GLU A 60 1.04 11.77 12.48
CA GLU A 60 0.03 11.31 13.44
C GLU A 60 0.32 9.87 13.87
N ASP A 61 1.41 9.32 13.37
CA ASP A 61 1.80 7.95 13.68
C ASP A 61 3.31 7.74 13.52
N LEU A 62 4.03 7.92 14.61
CA LEU A 62 5.48 7.74 14.61
C LEU A 62 5.90 6.90 15.79
N PHE A 63 4.90 6.38 16.48
CA PHE A 63 5.13 5.57 17.66
C PHE A 63 4.79 4.11 17.40
N GLU A 64 5.04 3.67 16.18
CA GLU A 64 4.78 2.29 15.79
C GLU A 64 5.71 1.88 14.65
N MET B 3 -20.56 11.46 0.68
CA MET B 3 -19.79 12.67 1.08
C MET B 3 -18.38 12.26 1.49
N ALA B 4 -17.43 13.18 1.33
CA ALA B 4 -16.02 12.91 1.66
C ALA B 4 -15.52 11.71 0.86
N THR B 5 -15.40 10.57 1.52
CA THR B 5 -14.96 9.35 0.86
C THR B 5 -16.11 8.76 0.04
N SER B 6 -16.16 9.12 -1.24
CA SER B 6 -17.20 8.63 -2.13
C SER B 6 -16.66 8.49 -3.55
N SER B 7 -15.35 8.39 -3.66
CA SER B 7 -14.70 8.25 -4.95
C SER B 7 -14.19 6.83 -5.13
N GLU B 8 -14.79 6.09 -6.04
CA GLU B 8 -14.37 4.72 -6.31
C GLU B 8 -13.06 4.72 -7.08
N GLU B 9 -11.97 4.87 -6.36
CA GLU B 9 -10.64 4.89 -6.96
C GLU B 9 -10.05 3.50 -7.03
N VAL B 10 -10.54 2.65 -7.92
CA VAL B 10 -9.93 1.33 -8.04
C VAL B 10 -8.55 1.54 -8.64
N LEU B 11 -7.58 1.33 -7.80
CA LEU B 11 -6.20 1.55 -8.14
C LEU B 11 -5.60 0.42 -8.92
N LEU B 12 -5.62 -0.77 -8.35
CA LEU B 12 -5.01 -1.90 -9.01
C LEU B 12 -5.76 -3.21 -8.79
N ILE B 13 -6.06 -3.86 -9.89
CA ILE B 13 -6.70 -5.16 -9.89
C ILE B 13 -5.67 -6.21 -10.27
N VAL B 14 -5.17 -6.95 -9.30
CA VAL B 14 -4.17 -7.94 -9.59
C VAL B 14 -4.76 -9.33 -9.55
N LYS B 15 -4.46 -10.14 -10.55
CA LYS B 15 -4.94 -11.51 -10.61
C LYS B 15 -3.81 -12.45 -10.26
N LYS B 16 -4.15 -13.72 -10.09
CA LYS B 16 -3.19 -14.76 -9.71
C LYS B 16 -2.61 -14.48 -8.34
N VAL B 17 -3.28 -13.61 -7.59
CA VAL B 17 -2.87 -13.26 -6.25
C VAL B 17 -3.35 -14.34 -5.28
N ARG B 18 -2.42 -15.14 -4.79
CA ARG B 18 -2.76 -16.24 -3.89
C ARG B 18 -2.64 -15.81 -2.44
N GLN B 19 -3.59 -16.26 -1.64
CA GLN B 19 -3.61 -15.97 -0.22
C GLN B 19 -3.97 -17.25 0.51
N LYS B 20 -3.00 -17.84 1.20
CA LYS B 20 -3.21 -19.08 1.92
C LYS B 20 -3.68 -20.17 0.96
N LYS B 21 -2.80 -20.52 0.00
CA LYS B 21 -3.07 -21.54 -1.02
C LYS B 21 -4.40 -21.31 -1.74
N GLN B 22 -4.76 -20.05 -1.95
CA GLN B 22 -5.98 -19.70 -2.65
C GLN B 22 -5.67 -18.62 -3.68
N ASP B 23 -5.70 -18.99 -4.95
CA ASP B 23 -5.40 -18.04 -6.01
C ASP B 23 -6.62 -17.21 -6.39
N GLY B 24 -6.48 -15.92 -6.21
CA GLY B 24 -7.54 -15.02 -6.53
C GLY B 24 -7.08 -13.71 -7.12
N ALA B 25 -7.49 -12.63 -6.49
CA ALA B 25 -7.17 -11.30 -6.95
C ALA B 25 -6.98 -10.34 -5.79
N LEU B 26 -6.05 -9.42 -5.96
CA LEU B 26 -5.78 -8.43 -4.95
C LEU B 26 -6.25 -7.08 -5.50
N TYR B 27 -7.34 -6.58 -4.94
CA TYR B 27 -7.92 -5.32 -5.40
C TYR B 27 -7.58 -4.15 -4.49
N LEU B 28 -6.80 -3.22 -5.00
CA LEU B 28 -6.50 -2.02 -4.22
C LEU B 28 -7.53 -0.98 -4.59
N MET B 29 -8.44 -0.70 -3.69
CA MET B 29 -9.45 0.30 -3.98
C MET B 29 -9.15 1.59 -3.28
N ALA B 30 -9.95 2.58 -3.60
CA ALA B 30 -9.80 3.94 -3.14
C ALA B 30 -9.31 4.07 -1.71
N GLU B 31 -10.05 3.46 -0.80
CA GLU B 31 -9.75 3.53 0.61
C GLU B 31 -9.76 2.14 1.23
N ARG B 32 -9.85 1.12 0.40
CA ARG B 32 -9.93 -0.22 0.94
C ARG B 32 -9.21 -1.22 0.03
N ILE B 33 -8.41 -2.07 0.64
CA ILE B 33 -7.70 -3.10 -0.08
C ILE B 33 -8.44 -4.41 0.16
N ALA B 34 -8.99 -4.97 -0.89
CA ALA B 34 -9.76 -6.20 -0.76
C ALA B 34 -9.29 -7.28 -1.72
N TRP B 35 -9.13 -8.47 -1.18
CA TRP B 35 -8.70 -9.62 -1.95
C TRP B 35 -9.83 -10.63 -2.01
N ALA B 36 -9.94 -11.32 -3.14
CA ALA B 36 -10.94 -12.36 -3.33
C ALA B 36 -10.39 -13.40 -4.29
N PRO B 37 -10.78 -14.68 -4.15
CA PRO B 37 -10.29 -15.73 -5.03
C PRO B 37 -10.82 -15.58 -6.46
N GLU B 38 -10.20 -16.29 -7.39
CA GLU B 38 -10.59 -16.21 -8.79
C GLU B 38 -12.02 -16.72 -8.98
N GLY B 39 -12.79 -15.96 -9.73
CA GLY B 39 -14.18 -16.33 -9.99
C GLY B 39 -15.09 -16.01 -8.82
N LYS B 40 -14.66 -15.10 -7.96
CA LYS B 40 -15.48 -14.73 -6.82
C LYS B 40 -15.92 -13.28 -6.89
N ASP B 41 -17.23 -13.10 -6.77
CA ASP B 41 -17.87 -11.79 -6.81
C ASP B 41 -17.76 -11.10 -5.46
N ARG B 42 -17.68 -11.90 -4.40
CA ARG B 42 -17.57 -11.37 -3.05
C ARG B 42 -16.15 -11.46 -2.56
N PHE B 43 -15.66 -10.38 -1.96
CA PHE B 43 -14.30 -10.32 -1.44
C PHE B 43 -14.17 -11.20 -0.21
N THR B 44 -12.97 -11.70 0.01
CA THR B 44 -12.69 -12.57 1.14
C THR B 44 -11.94 -11.81 2.24
N ILE B 45 -11.06 -10.92 1.84
CA ILE B 45 -10.27 -10.13 2.77
C ILE B 45 -10.39 -8.65 2.45
N SER B 46 -10.88 -7.87 3.40
CA SER B 46 -11.04 -6.44 3.21
C SER B 46 -10.39 -5.67 4.34
N HIS B 47 -9.46 -4.80 3.99
CA HIS B 47 -8.76 -3.96 4.95
C HIS B 47 -8.79 -2.55 4.46
N MET B 48 -8.85 -1.63 5.39
CA MET B 48 -8.90 -0.23 5.05
C MET B 48 -7.54 0.40 5.28
N TYR B 49 -7.12 1.27 4.38
CA TYR B 49 -5.83 1.94 4.50
C TYR B 49 -5.73 2.75 5.80
N ALA B 50 -6.87 2.86 6.49
CA ALA B 50 -6.95 3.59 7.73
C ALA B 50 -6.53 2.73 8.93
N ASP B 51 -6.63 1.42 8.77
CA ASP B 51 -6.25 0.51 9.86
C ASP B 51 -4.91 -0.15 9.55
N ILE B 52 -4.48 -0.06 8.31
CA ILE B 52 -3.19 -0.62 7.92
C ILE B 52 -2.07 0.32 8.36
N LYS B 53 -1.12 -0.21 9.09
CA LYS B 53 0.00 0.56 9.58
C LYS B 53 1.06 0.70 8.51
N CYS B 54 1.64 -0.42 8.13
CA CYS B 54 2.70 -0.44 7.14
C CYS B 54 2.54 -1.68 6.28
N GLN B 55 3.52 -1.95 5.46
CA GLN B 55 3.47 -3.11 4.61
C GLN B 55 4.75 -3.90 4.73
N LYS B 56 4.82 -5.00 4.02
CA LYS B 56 5.98 -5.86 4.01
C LYS B 56 6.05 -6.50 2.64
N ILE B 57 7.24 -6.64 2.10
CA ILE B 57 7.40 -7.22 0.76
C ILE B 57 8.63 -8.09 0.66
N SER B 58 8.56 -9.12 -0.17
CA SER B 58 9.71 -9.97 -0.40
C SER B 58 10.58 -9.28 -1.44
N PRO B 59 11.74 -8.77 -1.02
CA PRO B 59 12.63 -8.01 -1.88
C PRO B 59 13.33 -8.85 -2.96
N GLU B 60 14.36 -8.25 -3.59
CA GLU B 60 15.12 -8.87 -4.68
C GLU B 60 15.68 -10.26 -4.34
N GLY B 61 15.91 -10.54 -3.06
CA GLY B 61 16.46 -11.82 -2.68
C GLY B 61 15.40 -12.89 -2.52
N LYS B 62 14.21 -12.63 -3.03
CA LYS B 62 13.12 -13.57 -2.91
C LYS B 62 12.66 -14.12 -4.25
N ALA B 63 12.37 -15.41 -4.27
CA ALA B 63 11.88 -16.06 -5.48
C ALA B 63 10.37 -15.98 -5.54
N LYS B 64 9.72 -16.18 -4.40
CA LYS B 64 8.28 -16.08 -4.34
C LYS B 64 7.92 -14.63 -4.09
N ILE B 65 7.01 -14.10 -4.88
CA ILE B 65 6.62 -12.71 -4.79
C ILE B 65 5.52 -12.55 -3.76
N GLN B 66 5.90 -12.15 -2.55
CA GLN B 66 4.94 -12.02 -1.48
C GLN B 66 4.87 -10.58 -0.94
N LEU B 67 3.70 -10.26 -0.39
CA LEU B 67 3.42 -8.96 0.20
C LEU B 67 2.78 -9.18 1.56
N GLN B 68 2.83 -8.18 2.42
CA GLN B 68 2.22 -8.29 3.73
C GLN B 68 1.64 -6.95 4.18
N LEU B 69 0.41 -6.98 4.65
CA LEU B 69 -0.27 -5.78 5.12
C LEU B 69 -0.19 -5.74 6.64
N VAL B 70 0.74 -4.97 7.16
CA VAL B 70 0.88 -4.86 8.60
C VAL B 70 -0.09 -3.84 9.13
N LEU B 71 -1.19 -4.31 9.71
CA LEU B 71 -2.20 -3.42 10.22
C LEU B 71 -1.90 -3.00 11.65
N HIS B 72 -2.46 -1.86 12.06
CA HIS B 72 -2.26 -1.33 13.41
C HIS B 72 -2.89 -2.24 14.44
N ALA B 73 -3.83 -3.06 14.00
CA ALA B 73 -4.53 -3.97 14.88
C ALA B 73 -3.63 -5.07 15.42
N GLY B 74 -2.56 -5.36 14.70
CA GLY B 74 -1.66 -6.41 15.13
C GLY B 74 -1.90 -7.64 14.30
N ASP B 75 -2.24 -7.37 13.05
CA ASP B 75 -2.54 -8.38 12.09
C ASP B 75 -1.78 -8.04 10.85
N THR B 76 -1.34 -9.03 10.14
CA THR B 76 -0.59 -8.79 8.94
C THR B 76 -1.09 -9.72 7.82
N THR B 77 -1.59 -9.13 6.74
CA THR B 77 -2.12 -9.90 5.62
C THR B 77 -1.08 -10.13 4.54
N ASN B 78 -0.61 -11.37 4.40
CA ASN B 78 0.40 -11.66 3.38
C ASN B 78 -0.26 -12.19 2.11
N PHE B 79 0.21 -11.67 0.98
CA PHE B 79 -0.32 -12.04 -0.33
C PHE B 79 0.82 -12.61 -1.19
N HIS B 80 0.53 -13.71 -1.87
CA HIS B 80 1.53 -14.36 -2.71
C HIS B 80 1.18 -14.18 -4.19
N PHE B 81 2.00 -13.43 -4.89
CA PHE B 81 1.81 -13.17 -6.31
C PHE B 81 2.58 -14.21 -7.10
N SER B 82 1.87 -14.95 -7.92
CA SER B 82 2.48 -16.02 -8.70
C SER B 82 2.27 -15.85 -10.20
N ASN B 83 2.41 -14.63 -10.70
CA ASN B 83 2.27 -14.40 -12.12
C ASN B 83 3.68 -14.53 -12.70
N GLU B 84 4.02 -15.74 -13.12
CA GLU B 84 5.36 -16.08 -13.62
C GLU B 84 5.79 -15.28 -14.84
N SER B 85 6.17 -14.02 -14.57
CA SER B 85 6.65 -13.06 -15.57
C SER B 85 6.52 -11.65 -15.03
N THR B 86 5.49 -11.44 -14.24
CA THR B 86 5.21 -10.12 -13.68
C THR B 86 5.03 -10.09 -12.17
N ALA B 87 4.86 -11.27 -11.57
CA ALA B 87 4.61 -11.42 -10.13
C ALA B 87 5.22 -10.30 -9.28
N VAL B 88 6.52 -10.16 -9.36
CA VAL B 88 7.26 -9.12 -8.64
C VAL B 88 6.71 -7.71 -8.85
N LYS B 89 6.42 -7.36 -10.10
CA LYS B 89 5.96 -6.02 -10.42
C LYS B 89 4.56 -5.80 -9.88
N GLU B 90 3.71 -6.81 -9.99
CA GLU B 90 2.35 -6.70 -9.49
C GLU B 90 2.36 -6.46 -7.98
N ARG B 91 3.18 -7.22 -7.27
CA ARG B 91 3.30 -7.07 -5.83
C ARG B 91 3.88 -5.70 -5.51
N ASP B 92 4.98 -5.39 -6.18
CA ASP B 92 5.66 -4.12 -6.00
C ASP B 92 4.76 -2.97 -6.38
N ALA B 93 3.87 -3.20 -7.32
CA ALA B 93 2.92 -2.20 -7.77
C ALA B 93 1.91 -1.95 -6.68
N VAL B 94 1.39 -3.05 -6.17
CA VAL B 94 0.43 -3.04 -5.11
C VAL B 94 1.04 -2.32 -3.92
N LYS B 95 2.25 -2.72 -3.60
CA LYS B 95 3.02 -2.14 -2.51
C LYS B 95 3.26 -0.67 -2.77
N ASP B 96 3.64 -0.35 -4.00
CA ASP B 96 3.90 1.01 -4.36
C ASP B 96 2.68 1.87 -4.10
N LEU B 97 1.56 1.42 -4.64
CA LEU B 97 0.28 2.10 -4.49
C LEU B 97 -0.11 2.14 -3.01
N LEU B 98 -0.01 1.00 -2.37
CA LEU B 98 -0.32 0.85 -0.96
C LEU B 98 0.44 1.88 -0.13
N GLN B 99 1.75 1.85 -0.26
CA GLN B 99 2.64 2.77 0.45
C GLN B 99 2.28 4.23 0.20
N GLN B 100 2.00 4.57 -1.06
CA GLN B 100 1.69 5.94 -1.46
C GLN B 100 0.31 6.40 -1.00
N LEU B 101 -0.66 5.50 -1.07
CA LEU B 101 -2.03 5.84 -0.72
C LEU B 101 -2.30 5.74 0.78
N LEU B 102 -1.44 5.04 1.49
CA LEU B 102 -1.59 4.86 2.94
C LEU B 102 -1.78 6.18 3.67
N PRO B 103 -0.86 7.16 3.50
CA PRO B 103 -0.94 8.46 4.19
C PRO B 103 -2.18 9.28 3.84
N LYS B 104 -3.13 8.69 3.13
CA LYS B 104 -4.36 9.39 2.83
C LYS B 104 -5.43 8.97 3.82
N PHE B 105 -5.31 7.74 4.33
CA PHE B 105 -6.28 7.22 5.28
C PHE B 105 -5.62 6.81 6.58
N LYS B 106 -4.29 6.78 6.59
CA LYS B 106 -3.53 6.42 7.77
C LYS B 106 -3.85 7.34 8.94
N ARG B 107 -4.49 6.80 9.97
CA ARG B 107 -4.84 7.59 11.14
C ARG B 107 -4.58 6.80 12.41
N LYS B 108 -4.29 7.51 13.50
CA LYS B 108 -4.04 6.89 14.78
C LYS B 108 -4.70 7.67 15.90
N ALA B 109 -4.94 8.96 15.65
CA ALA B 109 -5.58 9.81 16.65
C ALA B 109 -6.98 10.21 16.20
N ASN B 110 -7.47 9.47 15.22
CA ASN B 110 -8.80 9.71 14.66
C ASN B 110 -9.34 8.41 14.09
N GLU A 3 1.93 -26.08 4.97
CA GLU A 3 3.02 -26.02 3.96
C GLU A 3 3.90 -24.81 4.24
N GLU A 4 4.52 -24.29 3.19
CA GLU A 4 5.35 -23.10 3.30
C GLU A 4 4.66 -21.99 2.54
N ASP A 5 4.89 -20.73 2.91
CA ASP A 5 4.26 -19.58 2.28
C ASP A 5 2.81 -19.46 2.76
N GLU A 6 2.65 -19.57 4.08
CA GLU A 6 1.34 -19.49 4.71
C GLU A 6 1.18 -18.14 5.39
N GLU A 7 1.41 -17.06 4.64
CA GLU A 7 1.33 -15.71 5.18
C GLU A 7 2.23 -15.62 6.41
N GLU A 8 3.53 -15.76 6.16
CA GLU A 8 4.55 -15.76 7.19
C GLU A 8 5.30 -14.43 7.31
N ASP A 9 6.62 -14.49 7.16
CA ASP A 9 7.49 -13.32 7.25
C ASP A 9 8.88 -13.72 6.77
N ASP A 10 8.94 -14.23 5.54
CA ASP A 10 10.18 -14.68 4.93
C ASP A 10 11.23 -13.58 4.87
N GLU A 11 10.87 -12.42 4.30
CA GLU A 11 11.79 -11.31 4.16
C GLU A 11 11.03 -10.17 3.55
N PHE A 12 10.52 -9.32 4.39
CA PHE A 12 9.74 -8.21 3.92
C PHE A 12 10.29 -6.87 4.38
N GLU A 13 10.13 -5.88 3.52
CA GLU A 13 10.54 -4.52 3.80
C GLU A 13 9.34 -3.83 4.39
N GLU A 14 9.44 -3.31 5.59
CA GLU A 14 8.31 -2.64 6.18
C GLU A 14 8.01 -1.42 5.32
N VAL A 15 6.95 -1.50 4.54
CA VAL A 15 6.59 -0.40 3.68
C VAL A 15 5.89 0.67 4.49
N ALA A 16 6.41 1.88 4.41
CA ALA A 16 5.84 2.98 5.14
C ALA A 16 4.86 3.74 4.27
N ASP A 17 3.79 4.20 4.89
CA ASP A 17 2.77 4.98 4.22
C ASP A 17 3.33 6.31 3.75
N ASP A 18 4.00 6.29 2.62
CA ASP A 18 4.61 7.50 2.10
C ASP A 18 3.81 8.06 0.93
N PRO A 19 3.29 9.29 1.09
CA PRO A 19 2.51 9.96 0.06
C PRO A 19 3.40 10.55 -1.03
N ILE A 20 2.78 10.95 -2.12
CA ILE A 20 3.51 11.53 -3.24
C ILE A 20 3.28 13.04 -3.28
N VAL A 21 4.38 13.77 -3.20
CA VAL A 21 4.33 15.23 -3.24
C VAL A 21 5.19 15.73 -4.40
N MET A 22 4.56 16.40 -5.34
CA MET A 22 5.24 16.90 -6.51
C MET A 22 5.94 18.21 -6.21
N VAL A 23 7.14 18.34 -6.74
CA VAL A 23 7.93 19.54 -6.58
C VAL A 23 8.42 20.00 -7.94
N ALA A 24 7.99 21.20 -8.33
CA ALA A 24 8.33 21.79 -9.61
C ALA A 24 7.75 20.92 -10.73
N GLY A 25 6.66 20.21 -10.40
CA GLY A 25 6.01 19.35 -11.38
C GLY A 25 6.58 17.94 -11.35
N ARG A 26 7.74 17.80 -10.71
CA ARG A 26 8.39 16.50 -10.60
C ARG A 26 7.78 15.72 -9.44
N PRO A 27 7.25 14.53 -9.71
CA PRO A 27 6.62 13.70 -8.69
C PRO A 27 7.63 13.05 -7.76
N PHE A 28 7.70 13.56 -6.55
CA PHE A 28 8.60 13.03 -5.54
C PHE A 28 7.81 12.43 -4.40
N SER A 29 8.44 11.61 -3.59
CA SER A 29 7.77 11.01 -2.46
C SER A 29 7.96 11.92 -1.24
N TYR A 30 7.19 11.73 -0.20
CA TYR A 30 7.30 12.53 0.99
C TYR A 30 8.66 12.32 1.65
N SER A 31 9.07 11.06 1.79
CA SER A 31 10.37 10.74 2.39
C SER A 31 11.50 11.31 1.53
N GLU A 32 11.15 11.69 0.31
CA GLU A 32 12.09 12.28 -0.62
C GLU A 32 12.14 13.79 -0.44
N VAL A 33 10.97 14.39 -0.49
CA VAL A 33 10.82 15.82 -0.33
C VAL A 33 11.28 16.27 1.06
N SER A 34 11.02 15.46 2.07
CA SER A 34 11.39 15.78 3.43
C SER A 34 12.89 15.67 3.66
N GLN A 35 13.50 14.68 3.01
CA GLN A 35 14.93 14.46 3.15
C GLN A 35 15.74 15.39 2.24
N ARG A 36 15.06 16.07 1.34
CA ARG A 36 15.73 17.00 0.43
C ARG A 36 15.25 18.42 0.61
N PRO A 37 15.98 19.22 1.40
CA PRO A 37 15.65 20.62 1.64
C PRO A 37 15.64 21.43 0.34
N GLU A 38 16.40 20.95 -0.65
CA GLU A 38 16.48 21.62 -1.94
C GLU A 38 15.16 21.45 -2.67
N LEU A 39 14.52 20.31 -2.45
CA LEU A 39 13.24 20.04 -3.08
C LEU A 39 12.20 21.00 -2.55
N VAL A 40 12.15 21.14 -1.23
CA VAL A 40 11.18 22.06 -0.61
C VAL A 40 11.56 23.51 -0.94
N ALA A 41 12.83 23.70 -1.30
CA ALA A 41 13.34 25.00 -1.67
C ALA A 41 13.00 25.33 -3.12
N GLN A 42 12.72 24.30 -3.91
CA GLN A 42 12.39 24.47 -5.31
C GLN A 42 10.90 24.26 -5.48
N MET A 43 10.27 23.87 -4.39
CA MET A 43 8.85 23.63 -4.39
C MET A 43 8.13 24.94 -4.19
N THR A 44 7.11 25.12 -4.97
CA THR A 44 6.31 26.34 -4.96
C THR A 44 5.45 26.39 -3.70
N PRO A 45 4.82 27.55 -3.40
CA PRO A 45 3.94 27.66 -2.23
C PRO A 45 2.88 26.56 -2.25
N GLU A 46 2.27 26.37 -3.43
CA GLU A 46 1.25 25.35 -3.60
C GLU A 46 1.80 23.99 -3.21
N GLU A 47 2.99 23.66 -3.71
CA GLU A 47 3.63 22.40 -3.44
C GLU A 47 4.06 22.31 -1.98
N LYS A 48 4.61 23.39 -1.46
CA LYS A 48 5.04 23.48 -0.07
C LYS A 48 3.88 23.22 0.88
N GLU A 49 2.82 23.99 0.70
CA GLU A 49 1.65 23.87 1.55
C GLU A 49 1.02 22.49 1.38
N ALA A 50 1.15 21.95 0.19
CA ALA A 50 0.64 20.62 -0.11
C ALA A 50 1.45 19.59 0.68
N TYR A 51 2.77 19.76 0.65
CA TYR A 51 3.69 18.88 1.36
C TYR A 51 3.46 19.02 2.87
N ILE A 52 3.29 20.26 3.32
CA ILE A 52 3.06 20.54 4.73
C ILE A 52 1.74 19.91 5.19
N ALA A 53 0.70 20.10 4.38
CA ALA A 53 -0.62 19.54 4.69
C ALA A 53 -0.57 18.02 4.70
N MET A 54 0.19 17.46 3.76
CA MET A 54 0.35 16.01 3.66
C MET A 54 1.14 15.50 4.87
N GLY A 55 2.06 16.33 5.34
CA GLY A 55 2.87 15.97 6.48
C GLY A 55 2.04 15.92 7.74
N GLN A 56 1.11 16.87 7.87
CA GLN A 56 0.21 16.94 9.02
C GLN A 56 -0.47 15.59 9.23
N ARG A 57 -0.85 14.95 8.13
CA ARG A 57 -1.51 13.66 8.17
C ARG A 57 -0.68 12.65 8.93
N MET A 58 0.58 12.50 8.54
CA MET A 58 1.47 11.55 9.18
C MET A 58 1.92 12.08 10.54
N PHE A 59 1.98 13.40 10.65
CA PHE A 59 2.40 14.06 11.87
C PHE A 59 1.48 13.70 13.04
N GLU A 60 0.19 13.52 12.76
CA GLU A 60 -0.77 13.15 13.80
C GLU A 60 -1.19 11.70 13.64
N ASP A 61 -0.45 10.99 12.81
CA ASP A 61 -0.74 9.59 12.57
C ASP A 61 0.52 8.84 12.20
N LEU A 62 1.52 8.94 13.06
CA LEU A 62 2.77 8.22 12.85
C LEU A 62 2.53 6.76 13.13
N PHE A 63 2.64 6.39 14.41
CA PHE A 63 2.37 5.03 14.85
C PHE A 63 3.12 4.00 14.00
N GLU A 64 4.43 4.18 13.92
CA GLU A 64 5.29 3.31 13.14
C GLU A 64 5.44 1.94 13.80
N MET B 3 -26.49 12.05 1.66
CA MET B 3 -25.60 10.98 1.16
C MET B 3 -24.18 11.52 1.08
N ALA B 4 -23.21 10.63 1.25
CA ALA B 4 -21.80 11.01 1.19
C ALA B 4 -21.21 10.65 -0.16
N THR B 5 -20.05 11.20 -0.46
CA THR B 5 -19.37 10.92 -1.71
C THR B 5 -18.63 9.59 -1.65
N SER B 6 -19.40 8.51 -1.63
CA SER B 6 -18.83 7.16 -1.59
C SER B 6 -18.38 6.72 -2.98
N SER B 7 -17.33 7.34 -3.46
CA SER B 7 -16.79 7.02 -4.77
C SER B 7 -15.84 5.83 -4.69
N GLU B 8 -16.30 4.67 -5.14
CA GLU B 8 -15.49 3.47 -5.12
C GLU B 8 -14.48 3.50 -6.27
N GLU B 9 -13.34 4.14 -6.00
CA GLU B 9 -12.29 4.27 -6.99
C GLU B 9 -11.35 3.06 -6.95
N VAL B 10 -11.63 2.05 -7.77
CA VAL B 10 -10.75 0.88 -7.83
C VAL B 10 -9.40 1.31 -8.33
N LEU B 11 -8.41 1.07 -7.52
CA LEU B 11 -7.06 1.49 -7.81
C LEU B 11 -6.33 0.46 -8.64
N LEU B 12 -6.26 -0.75 -8.14
CA LEU B 12 -5.56 -1.80 -8.86
C LEU B 12 -6.21 -3.16 -8.69
N ILE B 13 -6.34 -3.84 -9.81
CA ILE B 13 -6.90 -5.18 -9.86
C ILE B 13 -5.78 -6.17 -10.18
N VAL B 14 -5.28 -6.86 -9.18
CA VAL B 14 -4.22 -7.82 -9.39
C VAL B 14 -4.80 -9.21 -9.46
N LYS B 15 -4.25 -10.04 -10.33
CA LYS B 15 -4.73 -11.40 -10.47
C LYS B 15 -3.62 -12.37 -10.15
N LYS B 16 -3.94 -13.66 -10.05
CA LYS B 16 -2.98 -14.68 -9.68
C LYS B 16 -2.36 -14.37 -8.33
N VAL B 17 -3.13 -13.66 -7.51
CA VAL B 17 -2.72 -13.29 -6.18
C VAL B 17 -3.00 -14.46 -5.26
N ARG B 18 -1.96 -15.22 -4.94
CA ARG B 18 -2.11 -16.41 -4.12
C ARG B 18 -2.07 -16.11 -2.63
N GLN B 19 -3.08 -16.60 -1.95
CA GLN B 19 -3.18 -16.49 -0.51
C GLN B 19 -3.44 -17.89 0.01
N LYS B 20 -2.49 -18.45 0.75
CA LYS B 20 -2.61 -19.82 1.26
C LYS B 20 -2.61 -20.83 0.11
N LYS B 21 -1.90 -20.47 -0.97
CA LYS B 21 -1.73 -21.33 -2.17
C LYS B 21 -2.90 -21.28 -3.16
N GLN B 22 -3.77 -20.29 -3.07
CA GLN B 22 -4.87 -20.20 -4.04
C GLN B 22 -4.79 -18.85 -4.74
N ASP B 23 -4.61 -18.87 -6.06
CA ASP B 23 -4.48 -17.62 -6.79
C ASP B 23 -5.81 -16.98 -7.07
N GLY B 24 -6.00 -15.85 -6.44
CA GLY B 24 -7.17 -15.08 -6.62
C GLY B 24 -6.82 -13.74 -7.19
N ALA B 25 -7.37 -12.71 -6.62
CA ALA B 25 -7.12 -11.37 -7.09
C ALA B 25 -7.08 -10.39 -5.94
N LEU B 26 -6.08 -9.54 -5.97
CA LEU B 26 -5.91 -8.53 -4.95
C LEU B 26 -6.47 -7.22 -5.49
N TYR B 27 -7.62 -6.84 -4.97
CA TYR B 27 -8.28 -5.63 -5.41
C TYR B 27 -8.07 -4.46 -4.46
N LEU B 28 -7.35 -3.45 -4.92
CA LEU B 28 -7.17 -2.26 -4.11
C LEU B 28 -8.29 -1.32 -4.47
N MET B 29 -9.27 -1.18 -3.61
CA MET B 29 -10.36 -0.28 -3.89
C MET B 29 -10.11 1.05 -3.21
N ALA B 30 -11.05 1.97 -3.41
CA ALA B 30 -10.92 3.34 -2.95
C ALA B 30 -10.22 3.47 -1.61
N GLU B 31 -10.75 2.82 -0.60
CA GLU B 31 -10.15 2.85 0.73
C GLU B 31 -10.28 1.49 1.38
N ARG B 32 -10.47 0.50 0.54
CA ARG B 32 -10.64 -0.86 1.03
C ARG B 32 -9.90 -1.83 0.13
N ILE B 33 -9.03 -2.63 0.73
CA ILE B 33 -8.28 -3.61 -0.03
C ILE B 33 -8.93 -4.96 0.19
N ALA B 34 -9.47 -5.52 -0.88
CA ALA B 34 -10.16 -6.79 -0.78
C ALA B 34 -9.62 -7.80 -1.79
N TRP B 35 -9.38 -8.99 -1.29
CA TRP B 35 -8.87 -10.09 -2.10
C TRP B 35 -9.93 -11.19 -2.21
N ALA B 36 -9.98 -11.82 -3.37
CA ALA B 36 -10.90 -12.93 -3.62
C ALA B 36 -10.26 -13.90 -4.59
N PRO B 37 -10.52 -15.20 -4.50
CA PRO B 37 -9.92 -16.18 -5.39
C PRO B 37 -10.50 -16.08 -6.80
N GLU B 38 -9.71 -16.46 -7.81
CA GLU B 38 -10.18 -16.40 -9.19
C GLU B 38 -11.15 -17.55 -9.47
N GLY B 39 -12.35 -17.40 -8.93
CA GLY B 39 -13.38 -18.40 -9.11
C GLY B 39 -14.40 -18.36 -7.99
N LYS B 40 -14.76 -17.17 -7.55
CA LYS B 40 -15.73 -17.01 -6.49
C LYS B 40 -16.63 -15.81 -6.77
N ASP B 41 -17.40 -15.42 -5.78
CA ASP B 41 -18.35 -14.32 -5.92
C ASP B 41 -18.04 -13.21 -4.91
N ARG B 42 -17.95 -13.61 -3.65
CA ARG B 42 -17.68 -12.67 -2.57
C ARG B 42 -16.21 -12.68 -2.19
N PHE B 43 -15.69 -11.50 -1.81
CA PHE B 43 -14.30 -11.36 -1.41
C PHE B 43 -14.02 -12.16 -0.15
N THR B 44 -12.80 -12.66 -0.02
CA THR B 44 -12.41 -13.46 1.12
C THR B 44 -11.73 -12.60 2.18
N ILE B 45 -10.84 -11.73 1.75
CA ILE B 45 -10.10 -10.88 2.65
C ILE B 45 -10.37 -9.40 2.38
N SER B 46 -10.93 -8.71 3.36
CA SER B 46 -11.22 -7.29 3.23
C SER B 46 -10.63 -6.47 4.38
N HIS B 47 -9.78 -5.52 4.04
CA HIS B 47 -9.15 -4.67 5.03
C HIS B 47 -9.26 -3.23 4.58
N MET B 48 -9.31 -2.34 5.53
CA MET B 48 -9.42 -0.93 5.24
C MET B 48 -8.09 -0.26 5.50
N TYR B 49 -7.68 0.61 4.58
CA TYR B 49 -6.40 1.33 4.68
C TYR B 49 -6.27 2.07 6.01
N ALA B 50 -7.41 2.36 6.62
CA ALA B 50 -7.46 3.06 7.89
C ALA B 50 -6.94 2.21 9.05
N ASP B 51 -7.06 0.89 8.93
CA ASP B 51 -6.60 -0.02 9.97
C ASP B 51 -5.19 -0.51 9.66
N ILE B 52 -4.84 -0.54 8.39
CA ILE B 52 -3.53 -0.98 7.99
C ILE B 52 -2.45 -0.05 8.53
N LYS B 53 -1.61 -0.59 9.40
CA LYS B 53 -0.53 0.16 10.02
C LYS B 53 0.58 0.45 9.02
N CYS B 54 1.11 -0.61 8.44
CA CYS B 54 2.18 -0.51 7.47
C CYS B 54 2.10 -1.68 6.53
N GLN B 55 3.05 -1.79 5.64
CA GLN B 55 3.07 -2.88 4.71
C GLN B 55 4.41 -3.58 4.81
N LYS B 56 4.58 -4.63 4.06
CA LYS B 56 5.82 -5.37 4.02
C LYS B 56 5.92 -6.05 2.67
N ILE B 57 7.11 -6.14 2.11
CA ILE B 57 7.27 -6.73 0.78
C ILE B 57 8.57 -7.48 0.62
N SER B 58 8.57 -8.45 -0.29
CA SER B 58 9.78 -9.19 -0.61
C SER B 58 10.59 -8.35 -1.57
N PRO B 59 11.66 -7.70 -1.09
CA PRO B 59 12.49 -6.81 -1.92
C PRO B 59 13.45 -7.56 -2.82
N GLU B 60 12.87 -8.43 -3.61
CA GLU B 60 13.57 -9.28 -4.57
C GLU B 60 14.53 -10.25 -3.90
N GLY B 61 14.41 -10.38 -2.59
CA GLY B 61 15.25 -11.31 -1.86
C GLY B 61 14.56 -12.65 -1.72
N LYS B 62 13.28 -12.66 -2.09
CA LYS B 62 12.47 -13.86 -2.02
C LYS B 62 12.00 -14.25 -3.41
N ALA B 63 11.75 -15.54 -3.60
CA ALA B 63 11.26 -16.02 -4.88
C ALA B 63 9.76 -15.82 -4.94
N LYS B 64 9.14 -15.75 -3.77
CA LYS B 64 7.72 -15.54 -3.67
C LYS B 64 7.46 -14.04 -3.65
N ILE B 65 6.66 -13.56 -4.59
CA ILE B 65 6.36 -12.14 -4.63
C ILE B 65 5.28 -11.88 -3.59
N GLN B 66 5.68 -11.65 -2.34
CA GLN B 66 4.72 -11.46 -1.26
C GLN B 66 4.61 -10.01 -0.80
N LEU B 67 3.42 -9.66 -0.37
CA LEU B 67 3.10 -8.36 0.18
C LEU B 67 2.41 -8.58 1.53
N GLN B 68 3.07 -8.23 2.60
CA GLN B 68 2.52 -8.44 3.94
C GLN B 68 1.87 -7.17 4.48
N LEU B 69 0.55 -7.14 4.49
CA LEU B 69 -0.20 -6.00 4.98
C LEU B 69 -0.24 -6.02 6.51
N VAL B 70 0.58 -5.23 7.14
CA VAL B 70 0.61 -5.17 8.59
C VAL B 70 -0.43 -4.21 9.11
N LEU B 71 -1.51 -4.74 9.64
CA LEU B 71 -2.59 -3.92 10.16
C LEU B 71 -2.38 -3.55 11.62
N HIS B 72 -3.18 -2.62 12.11
CA HIS B 72 -3.10 -2.18 13.49
C HIS B 72 -3.77 -3.19 14.40
N ALA B 73 -4.70 -3.94 13.83
CA ALA B 73 -5.44 -4.96 14.56
C ALA B 73 -4.52 -6.03 15.12
N GLY B 74 -3.39 -6.26 14.45
CA GLY B 74 -2.47 -7.28 14.90
C GLY B 74 -2.53 -8.44 13.97
N ASP B 75 -2.75 -8.12 12.70
CA ASP B 75 -2.87 -9.09 11.66
C ASP B 75 -2.04 -8.61 10.51
N THR B 76 -1.44 -9.52 9.81
CA THR B 76 -0.65 -9.15 8.67
C THR B 76 -1.03 -10.06 7.49
N THR B 77 -1.53 -9.46 6.42
CA THR B 77 -1.96 -10.21 5.25
C THR B 77 -0.86 -10.32 4.20
N ASN B 78 -0.25 -11.50 4.06
CA ASN B 78 0.80 -11.70 3.08
C ASN B 78 0.22 -12.24 1.78
N PHE B 79 0.19 -11.40 0.77
CA PHE B 79 -0.33 -11.79 -0.54
C PHE B 79 0.82 -12.24 -1.43
N HIS B 80 0.74 -13.46 -1.94
CA HIS B 80 1.77 -14.00 -2.81
C HIS B 80 1.36 -13.83 -4.27
N PHE B 81 1.84 -12.78 -4.89
CA PHE B 81 1.52 -12.50 -6.28
C PHE B 81 2.31 -13.43 -7.19
N SER B 82 1.61 -14.34 -7.85
CA SER B 82 2.24 -15.28 -8.74
C SER B 82 1.64 -15.17 -10.14
N ASN B 83 1.77 -14.00 -10.75
CA ASN B 83 1.27 -13.79 -12.10
C ASN B 83 2.44 -13.88 -13.06
N GLU B 84 3.48 -14.57 -12.58
CA GLU B 84 4.74 -14.79 -13.29
C GLU B 84 5.29 -13.52 -13.94
N SER B 85 4.85 -13.27 -15.17
CA SER B 85 5.28 -12.11 -15.94
C SER B 85 5.17 -10.79 -15.17
N THR B 86 4.16 -10.66 -14.33
CA THR B 86 3.98 -9.42 -13.58
C THR B 86 3.88 -9.64 -12.07
N ALA B 87 4.25 -10.82 -11.60
CA ALA B 87 4.18 -11.14 -10.16
C ALA B 87 4.71 -9.98 -9.31
N VAL B 88 6.01 -9.76 -9.39
CA VAL B 88 6.69 -8.68 -8.68
C VAL B 88 6.08 -7.30 -8.93
N LYS B 89 5.85 -6.95 -10.19
CA LYS B 89 5.31 -5.65 -10.56
C LYS B 89 3.92 -5.41 -9.98
N GLU B 90 3.07 -6.42 -10.00
CA GLU B 90 1.72 -6.26 -9.45
C GLU B 90 1.79 -6.11 -7.93
N ARG B 91 2.76 -6.78 -7.32
CA ARG B 91 2.96 -6.66 -5.87
C ARG B 91 3.40 -5.26 -5.57
N ASP B 92 4.44 -4.86 -6.28
CA ASP B 92 5.00 -3.53 -6.16
C ASP B 92 3.98 -2.46 -6.46
N ALA B 93 3.13 -2.75 -7.40
CA ALA B 93 2.10 -1.81 -7.82
C ALA B 93 1.10 -1.61 -6.70
N VAL B 94 0.64 -2.72 -6.17
CA VAL B 94 -0.29 -2.71 -5.08
C VAL B 94 0.31 -1.96 -3.92
N LYS B 95 1.55 -2.30 -3.63
CA LYS B 95 2.31 -1.67 -2.56
C LYS B 95 2.47 -0.19 -2.80
N ASP B 96 2.78 0.16 -4.04
CA ASP B 96 2.95 1.55 -4.41
C ASP B 96 1.68 2.32 -4.11
N LEU B 97 0.57 1.81 -4.62
CA LEU B 97 -0.73 2.42 -4.42
C LEU B 97 -1.07 2.43 -2.93
N LEU B 98 -0.77 1.31 -2.28
CA LEU B 98 -1.04 1.14 -0.85
C LEU B 98 -0.29 2.17 -0.02
N GLN B 99 1.02 2.18 -0.15
CA GLN B 99 1.89 3.10 0.59
C GLN B 99 1.49 4.56 0.37
N GLN B 100 1.21 4.92 -0.87
CA GLN B 100 0.84 6.30 -1.22
C GLN B 100 -0.57 6.68 -0.75
N LEU B 101 -1.51 5.73 -0.82
CA LEU B 101 -2.89 6.00 -0.45
C LEU B 101 -3.15 5.87 1.05
N LEU B 102 -2.28 5.15 1.74
CA LEU B 102 -2.42 4.93 3.18
C LEU B 102 -2.72 6.21 3.97
N PRO B 103 -1.90 7.27 3.85
CA PRO B 103 -2.10 8.52 4.59
C PRO B 103 -3.47 9.15 4.34
N LYS B 104 -4.13 8.77 3.25
CA LYS B 104 -5.43 9.33 2.92
C LYS B 104 -6.55 8.66 3.74
N PHE B 105 -6.27 7.48 4.32
CA PHE B 105 -7.28 6.77 5.08
C PHE B 105 -6.83 6.48 6.51
N LYS B 106 -5.59 6.79 6.83
CA LYS B 106 -5.07 6.57 8.18
C LYS B 106 -5.97 7.19 9.23
N ARG B 107 -6.51 6.32 10.09
CA ARG B 107 -7.39 6.70 11.19
C ARG B 107 -8.80 7.07 10.71
N LYS B 108 -8.87 7.96 9.70
CA LYS B 108 -10.14 8.43 9.14
C LYS B 108 -10.87 9.33 10.15
N ALA B 109 -10.16 9.70 11.20
CA ALA B 109 -10.73 10.56 12.25
C ALA B 109 -9.83 11.75 12.48
N ASN B 110 -9.21 12.21 11.41
CA ASN B 110 -8.30 13.35 11.46
C ASN B 110 -8.29 14.00 10.09
N GLU A 3 0.49 -28.10 4.54
CA GLU A 3 0.36 -26.74 5.13
C GLU A 3 1.74 -26.10 5.25
N GLU A 4 2.38 -25.94 4.12
CA GLU A 4 3.69 -25.34 4.04
C GLU A 4 3.56 -23.89 3.64
N ASP A 5 3.68 -23.01 4.63
CA ASP A 5 3.55 -21.59 4.41
C ASP A 5 4.72 -20.99 3.64
N GLU A 6 4.42 -20.57 2.42
CA GLU A 6 5.38 -19.93 1.55
C GLU A 6 4.96 -18.48 1.36
N GLU A 7 3.99 -18.09 2.18
CA GLU A 7 3.43 -16.75 2.15
C GLU A 7 3.64 -16.05 3.49
N GLU A 8 4.71 -16.43 4.18
CA GLU A 8 5.03 -15.86 5.49
C GLU A 8 5.87 -14.59 5.34
N ASP A 9 6.58 -14.24 6.40
CA ASP A 9 7.42 -13.04 6.44
C ASP A 9 8.87 -13.45 6.63
N ASP A 10 9.68 -13.32 5.59
CA ASP A 10 11.08 -13.72 5.66
C ASP A 10 12.04 -12.69 5.08
N GLU A 11 11.52 -11.64 4.43
CA GLU A 11 12.37 -10.64 3.82
C GLU A 11 11.49 -9.57 3.23
N PHE A 12 10.99 -8.70 4.07
CA PHE A 12 10.11 -7.65 3.60
C PHE A 12 10.63 -6.28 3.97
N GLU A 13 10.17 -5.31 3.21
CA GLU A 13 10.50 -3.93 3.42
C GLU A 13 9.29 -3.28 4.03
N GLU A 14 9.44 -2.65 5.17
CA GLU A 14 8.30 -2.00 5.79
C GLU A 14 7.87 -0.88 4.86
N VAL A 15 6.77 -1.08 4.16
CA VAL A 15 6.30 -0.08 3.23
C VAL A 15 5.63 1.01 4.03
N ALA A 16 6.17 2.20 3.93
CA ALA A 16 5.61 3.32 4.65
C ALA A 16 4.58 4.00 3.80
N ASP A 17 3.44 4.26 4.40
CA ASP A 17 2.36 4.97 3.74
C ASP A 17 2.85 6.34 3.31
N ASP A 18 3.43 6.37 2.13
CA ASP A 18 4.00 7.59 1.60
C ASP A 18 3.04 8.31 0.68
N PRO A 19 2.68 9.55 1.05
CA PRO A 19 1.78 10.38 0.27
C PRO A 19 2.46 10.96 -0.95
N ILE A 20 1.71 11.74 -1.69
CA ILE A 20 2.21 12.37 -2.89
C ILE A 20 2.19 13.89 -2.71
N VAL A 21 3.38 14.47 -2.73
CA VAL A 21 3.54 15.90 -2.57
C VAL A 21 4.23 16.49 -3.80
N MET A 22 3.58 17.44 -4.43
CA MET A 22 4.12 18.05 -5.62
C MET A 22 5.04 19.19 -5.25
N VAL A 23 6.15 19.29 -5.95
CA VAL A 23 7.12 20.33 -5.71
C VAL A 23 7.40 21.05 -7.01
N ALA A 24 7.06 22.32 -7.05
CA ALA A 24 7.25 23.16 -8.23
C ALA A 24 6.42 22.61 -9.38
N GLY A 25 5.32 21.93 -9.03
CA GLY A 25 4.43 21.36 -10.03
C GLY A 25 4.77 19.92 -10.37
N ARG A 26 5.93 19.48 -9.90
CA ARG A 26 6.38 18.10 -10.15
C ARG A 26 5.90 17.20 -9.04
N PRO A 27 5.07 16.19 -9.37
CA PRO A 27 4.52 15.25 -8.39
C PRO A 27 5.54 14.25 -7.87
N PHE A 28 5.94 14.43 -6.61
CA PHE A 28 6.89 13.53 -5.98
C PHE A 28 6.23 12.89 -4.78
N SER A 29 6.87 11.88 -4.21
CA SER A 29 6.35 11.24 -3.03
C SER A 29 6.94 11.94 -1.81
N TYR A 30 6.40 11.69 -0.64
CA TYR A 30 6.88 12.33 0.57
C TYR A 30 8.32 11.92 0.86
N SER A 31 8.59 10.62 0.81
CA SER A 31 9.93 10.10 1.05
C SER A 31 10.86 10.52 -0.08
N GLU A 32 10.28 10.99 -1.17
CA GLU A 32 11.03 11.45 -2.31
C GLU A 32 11.43 12.92 -2.08
N VAL A 33 10.43 13.70 -1.72
CA VAL A 33 10.62 15.12 -1.44
C VAL A 33 11.58 15.33 -0.28
N SER A 34 11.50 14.45 0.72
CA SER A 34 12.36 14.55 1.90
C SER A 34 13.80 14.15 1.58
N GLN A 35 13.97 13.26 0.62
CA GLN A 35 15.30 12.80 0.23
C GLN A 35 16.10 13.90 -0.45
N ARG A 36 15.42 14.76 -1.20
CA ARG A 36 16.12 15.84 -1.90
C ARG A 36 15.87 17.19 -1.25
N PRO A 37 16.87 17.72 -0.55
CA PRO A 37 16.78 19.04 0.08
C PRO A 37 16.50 20.12 -0.96
N GLU A 38 16.93 19.88 -2.20
CA GLU A 38 16.73 20.82 -3.29
C GLU A 38 15.25 20.87 -3.65
N LEU A 39 14.58 19.74 -3.45
CA LEU A 39 13.15 19.65 -3.73
C LEU A 39 12.40 20.54 -2.78
N VAL A 40 12.69 20.41 -1.49
CA VAL A 40 12.02 21.22 -0.47
C VAL A 40 12.46 22.68 -0.62
N ALA A 41 13.61 22.88 -1.23
CA ALA A 41 14.16 24.20 -1.47
C ALA A 41 13.51 24.83 -2.71
N GLN A 42 12.95 23.97 -3.56
CA GLN A 42 12.29 24.42 -4.78
C GLN A 42 10.81 24.43 -4.53
N MET A 43 10.42 23.84 -3.41
CA MET A 43 9.05 23.76 -3.05
C MET A 43 8.61 25.08 -2.47
N THR A 44 7.51 25.55 -2.99
CA THR A 44 6.93 26.82 -2.60
C THR A 44 6.45 26.77 -1.16
N PRO A 45 6.12 27.92 -0.55
CA PRO A 45 5.59 27.94 0.81
C PRO A 45 4.38 27.03 0.90
N GLU A 46 3.52 27.13 -0.10
CA GLU A 46 2.32 26.32 -0.20
C GLU A 46 2.69 24.84 -0.18
N GLU A 47 3.68 24.45 -0.99
CA GLU A 47 4.13 23.08 -1.06
C GLU A 47 4.85 22.68 0.23
N LYS A 48 5.64 23.60 0.76
CA LYS A 48 6.37 23.38 2.01
C LYS A 48 5.43 23.05 3.15
N GLU A 49 4.49 23.95 3.40
CA GLU A 49 3.54 23.77 4.48
C GLU A 49 2.70 22.53 4.23
N ALA A 50 2.44 22.26 2.96
CA ALA A 50 1.70 21.09 2.56
C ALA A 50 2.47 19.84 2.92
N TYR A 51 3.76 19.84 2.58
CA TYR A 51 4.66 18.73 2.87
C TYR A 51 4.77 18.54 4.38
N ILE A 52 4.96 19.65 5.09
CA ILE A 52 5.10 19.63 6.53
C ILE A 52 3.85 19.03 7.19
N ALA A 53 2.69 19.56 6.82
CA ALA A 53 1.42 19.09 7.36
C ALA A 53 1.15 17.64 6.95
N MET A 54 1.60 17.27 5.76
CA MET A 54 1.41 15.92 5.26
C MET A 54 2.23 14.93 6.06
N GLY A 55 3.38 15.37 6.55
CA GLY A 55 4.26 14.51 7.30
C GLY A 55 3.74 14.24 8.70
N GLN A 56 3.16 15.25 9.32
CA GLN A 56 2.62 15.12 10.68
C GLN A 56 1.60 13.97 10.77
N ARG A 57 0.92 13.72 9.67
CA ARG A 57 -0.07 12.64 9.61
C ARG A 57 0.59 11.29 9.85
N MET A 58 1.79 11.10 9.29
CA MET A 58 2.52 9.86 9.45
C MET A 58 3.43 9.92 10.67
N PHE A 59 3.79 11.14 11.05
CA PHE A 59 4.65 11.37 12.21
C PHE A 59 3.90 11.03 13.48
N GLU A 60 2.62 11.37 13.52
CA GLU A 60 1.79 11.09 14.69
C GLU A 60 1.24 9.67 14.63
N ASP A 61 1.92 8.81 13.89
CA ASP A 61 1.50 7.41 13.75
C ASP A 61 2.33 6.53 14.68
N LEU A 62 3.11 7.17 15.53
CA LEU A 62 3.95 6.46 16.48
C LEU A 62 3.19 6.22 17.78
N PHE A 63 1.95 6.72 17.83
CA PHE A 63 1.13 6.56 19.02
C PHE A 63 -0.07 5.68 18.71
N GLU A 64 -0.02 5.07 17.54
CA GLU A 64 -1.08 4.18 17.07
C GLU A 64 -0.52 3.32 15.94
N MET B 3 -17.14 3.00 0.96
CA MET B 3 -17.64 3.91 2.02
C MET B 3 -17.47 5.36 1.59
N ALA B 4 -16.23 5.84 1.59
CA ALA B 4 -15.95 7.22 1.20
C ALA B 4 -15.90 7.32 -0.31
N THR B 5 -16.87 8.03 -0.89
CA THR B 5 -16.95 8.17 -2.35
C THR B 5 -17.07 6.78 -2.97
N SER B 6 -18.09 6.05 -2.52
CA SER B 6 -18.31 4.69 -2.98
C SER B 6 -18.94 4.64 -4.37
N SER B 7 -18.11 4.80 -5.38
CA SER B 7 -18.57 4.70 -6.76
C SER B 7 -18.24 3.28 -7.23
N GLU B 8 -17.62 2.55 -6.30
CA GLU B 8 -17.21 1.16 -6.49
C GLU B 8 -16.18 1.04 -7.61
N GLU B 9 -15.29 2.02 -7.66
CA GLU B 9 -14.22 2.02 -8.65
C GLU B 9 -13.07 1.14 -8.15
N VAL B 10 -12.35 0.55 -9.08
CA VAL B 10 -11.24 -0.32 -8.74
C VAL B 10 -9.95 0.23 -9.33
N LEU B 11 -8.92 0.19 -8.52
CA LEU B 11 -7.62 0.69 -8.90
C LEU B 11 -6.81 -0.39 -9.59
N LEU B 12 -6.74 -1.54 -8.96
CA LEU B 12 -5.97 -2.64 -9.50
C LEU B 12 -6.61 -3.99 -9.24
N ILE B 13 -6.58 -4.85 -10.26
CA ILE B 13 -7.09 -6.21 -10.16
C ILE B 13 -5.97 -7.18 -10.40
N VAL B 14 -5.46 -7.80 -9.35
CA VAL B 14 -4.37 -8.75 -9.51
C VAL B 14 -4.91 -10.16 -9.39
N LYS B 15 -4.42 -11.05 -10.23
CA LYS B 15 -4.84 -12.43 -10.19
C LYS B 15 -3.67 -13.31 -9.80
N LYS B 16 -3.97 -14.58 -9.53
CA LYS B 16 -2.97 -15.55 -9.09
C LYS B 16 -2.38 -15.13 -7.75
N VAL B 17 -3.11 -14.26 -7.05
CA VAL B 17 -2.71 -13.76 -5.74
C VAL B 17 -3.01 -14.81 -4.68
N ARG B 18 -1.97 -15.45 -4.17
CA ARG B 18 -2.10 -16.52 -3.18
C ARG B 18 -2.09 -16.00 -1.75
N GLN B 19 -2.99 -16.55 -0.95
CA GLN B 19 -3.10 -16.21 0.46
C GLN B 19 -3.42 -17.48 1.25
N LYS B 20 -2.43 -17.98 1.97
CA LYS B 20 -2.58 -19.19 2.78
C LYS B 20 -2.94 -20.39 1.90
N LYS B 21 -2.13 -20.62 0.88
CA LYS B 21 -2.32 -21.74 -0.05
C LYS B 21 -3.58 -21.56 -0.89
N GLN B 22 -3.95 -20.31 -1.15
CA GLN B 22 -5.13 -20.03 -1.93
C GLN B 22 -4.85 -18.95 -2.95
N ASP B 23 -4.61 -19.35 -4.19
CA ASP B 23 -4.35 -18.38 -5.25
C ASP B 23 -5.63 -17.88 -5.85
N GLY B 24 -5.81 -16.57 -5.81
CA GLY B 24 -7.00 -15.97 -6.34
C GLY B 24 -6.77 -14.60 -6.93
N ALA B 25 -7.21 -13.58 -6.22
CA ALA B 25 -7.11 -12.22 -6.69
C ALA B 25 -6.98 -11.22 -5.58
N LEU B 26 -6.23 -10.16 -5.85
CA LEU B 26 -6.04 -9.09 -4.90
C LEU B 26 -6.60 -7.83 -5.54
N TYR B 27 -7.71 -7.37 -5.02
CA TYR B 27 -8.40 -6.20 -5.55
C TYR B 27 -8.17 -4.95 -4.73
N LEU B 28 -7.70 -3.90 -5.39
CA LEU B 28 -7.52 -2.62 -4.73
C LEU B 28 -8.67 -1.75 -5.16
N MET B 29 -9.64 -1.58 -4.29
CA MET B 29 -10.76 -0.75 -4.64
C MET B 29 -10.46 0.66 -4.23
N ALA B 30 -11.36 1.55 -4.60
CA ALA B 30 -11.22 2.97 -4.37
C ALA B 30 -10.57 3.31 -3.02
N GLU B 31 -11.15 2.81 -1.93
CA GLU B 31 -10.62 3.07 -0.61
C GLU B 31 -10.59 1.80 0.24
N ARG B 32 -10.58 0.64 -0.40
CA ARG B 32 -10.57 -0.61 0.35
C ARG B 32 -9.88 -1.71 -0.45
N ILE B 33 -9.10 -2.52 0.22
CA ILE B 33 -8.40 -3.61 -0.42
C ILE B 33 -9.08 -4.93 -0.05
N ALA B 34 -9.52 -5.65 -1.07
CA ALA B 34 -10.21 -6.91 -0.85
C ALA B 34 -9.59 -8.03 -1.67
N TRP B 35 -9.41 -9.17 -1.05
CA TRP B 35 -8.84 -10.34 -1.69
C TRP B 35 -9.85 -11.47 -1.74
N ALA B 36 -9.76 -12.29 -2.77
CA ALA B 36 -10.61 -13.45 -2.96
C ALA B 36 -9.84 -14.51 -3.75
N PRO B 37 -10.23 -15.79 -3.69
CA PRO B 37 -9.52 -16.85 -4.40
C PRO B 37 -10.02 -17.08 -5.84
N GLU B 38 -9.33 -18.00 -6.54
CA GLU B 38 -9.63 -18.41 -7.92
C GLU B 38 -10.19 -17.30 -8.82
N GLY B 39 -11.40 -17.51 -9.32
CA GLY B 39 -12.04 -16.54 -10.20
C GLY B 39 -12.56 -15.36 -9.43
N LYS B 40 -13.12 -15.66 -8.26
CA LYS B 40 -13.67 -14.66 -7.35
C LYS B 40 -15.02 -14.12 -7.79
N ASP B 41 -16.06 -14.75 -7.30
CA ASP B 41 -17.42 -14.30 -7.53
C ASP B 41 -17.87 -13.66 -6.23
N ARG B 42 -17.05 -13.91 -5.21
CA ARG B 42 -17.26 -13.41 -3.86
C ARG B 42 -15.91 -12.94 -3.32
N PHE B 43 -15.87 -12.43 -2.10
CA PHE B 43 -14.61 -11.99 -1.52
C PHE B 43 -14.30 -12.79 -0.27
N THR B 44 -13.15 -12.52 0.34
CA THR B 44 -12.74 -13.22 1.55
C THR B 44 -12.14 -12.25 2.55
N ILE B 45 -11.05 -11.61 2.16
CA ILE B 45 -10.36 -10.67 3.03
C ILE B 45 -10.61 -9.24 2.55
N SER B 46 -11.26 -8.44 3.38
CA SER B 46 -11.56 -7.06 3.03
C SER B 46 -11.10 -6.10 4.13
N HIS B 47 -10.19 -5.20 3.77
CA HIS B 47 -9.67 -4.22 4.70
C HIS B 47 -9.67 -2.85 4.06
N MET B 48 -10.17 -1.88 4.78
CA MET B 48 -10.20 -0.54 4.25
C MET B 48 -8.85 0.12 4.53
N TYR B 49 -8.38 0.92 3.59
CA TYR B 49 -7.08 1.60 3.73
C TYR B 49 -7.04 2.44 5.01
N ALA B 50 -8.21 2.69 5.57
CA ALA B 50 -8.36 3.48 6.78
C ALA B 50 -7.84 2.75 8.02
N ASP B 51 -7.88 1.42 7.98
CA ASP B 51 -7.41 0.62 9.11
C ASP B 51 -5.98 0.17 8.89
N ILE B 52 -5.56 0.14 7.64
CA ILE B 52 -4.21 -0.27 7.31
C ILE B 52 -3.20 0.79 7.72
N LYS B 53 -2.26 0.40 8.58
CA LYS B 53 -1.23 1.30 9.08
C LYS B 53 -0.07 1.41 8.09
N CYS B 54 0.57 0.29 7.81
CA CYS B 54 1.71 0.25 6.90
C CYS B 54 1.70 -1.05 6.12
N GLN B 55 2.78 -1.33 5.40
CA GLN B 55 2.85 -2.54 4.61
C GLN B 55 4.23 -3.17 4.72
N LYS B 56 4.41 -4.31 4.07
CA LYS B 56 5.66 -5.03 4.02
C LYS B 56 5.76 -5.68 2.65
N ILE B 57 6.94 -5.75 2.08
CA ILE B 57 7.09 -6.34 0.74
C ILE B 57 8.38 -7.09 0.56
N SER B 58 8.34 -8.21 -0.14
CA SER B 58 9.55 -8.95 -0.44
C SER B 58 10.13 -8.28 -1.68
N PRO B 59 11.20 -7.50 -1.52
CA PRO B 59 11.80 -6.71 -2.60
C PRO B 59 12.42 -7.54 -3.73
N GLU B 60 12.91 -6.82 -4.75
CA GLU B 60 13.53 -7.43 -5.92
C GLU B 60 14.67 -8.36 -5.51
N GLY B 61 14.52 -9.63 -5.82
CA GLY B 61 15.53 -10.62 -5.50
C GLY B 61 14.93 -11.88 -4.93
N LYS B 62 13.80 -11.72 -4.27
CA LYS B 62 13.10 -12.85 -3.67
C LYS B 62 12.27 -13.60 -4.70
N ALA B 63 12.35 -14.92 -4.65
CA ALA B 63 11.61 -15.77 -5.58
C ALA B 63 10.11 -15.68 -5.32
N LYS B 64 9.73 -15.57 -4.06
CA LYS B 64 8.33 -15.45 -3.69
C LYS B 64 7.98 -13.97 -3.52
N ILE B 65 6.93 -13.56 -4.19
CA ILE B 65 6.49 -12.18 -4.16
C ILE B 65 5.41 -11.99 -3.10
N GLN B 66 5.78 -11.46 -1.94
CA GLN B 66 4.83 -11.27 -0.87
C GLN B 66 4.64 -9.80 -0.53
N LEU B 67 3.41 -9.47 -0.16
CA LEU B 67 3.01 -8.13 0.23
C LEU B 67 2.23 -8.21 1.55
N GLN B 68 2.82 -7.73 2.63
CA GLN B 68 2.15 -7.78 3.92
C GLN B 68 1.45 -6.46 4.22
N LEU B 69 0.23 -6.57 4.71
CA LEU B 69 -0.56 -5.39 5.08
C LEU B 69 -0.60 -5.26 6.60
N VAL B 70 0.15 -4.31 7.11
CA VAL B 70 0.19 -4.07 8.55
C VAL B 70 -0.92 -3.12 8.93
N LEU B 71 -1.98 -3.66 9.50
CA LEU B 71 -3.12 -2.84 9.87
C LEU B 71 -2.95 -2.28 11.28
N HIS B 72 -3.69 -1.23 11.60
CA HIS B 72 -3.63 -0.60 12.92
C HIS B 72 -4.19 -1.54 13.97
N ALA B 73 -5.13 -2.38 13.55
CA ALA B 73 -5.78 -3.34 14.43
C ALA B 73 -4.77 -4.28 15.08
N GLY B 74 -3.66 -4.53 14.41
CA GLY B 74 -2.66 -5.42 14.96
C GLY B 74 -2.66 -6.71 14.20
N ASP B 75 -3.02 -6.60 12.94
CA ASP B 75 -3.10 -7.72 12.05
C ASP B 75 -2.28 -7.40 10.84
N THR B 76 -1.53 -8.35 10.38
CA THR B 76 -0.73 -8.14 9.22
C THR B 76 -0.94 -9.32 8.26
N THR B 77 -1.45 -9.04 7.07
CA THR B 77 -1.71 -10.11 6.09
C THR B 77 -0.73 -10.06 4.92
N ASN B 78 -0.07 -11.18 4.65
CA ASN B 78 0.88 -11.26 3.55
C ASN B 78 0.25 -11.91 2.33
N PHE B 79 0.31 -11.21 1.21
CA PHE B 79 -0.23 -11.72 -0.05
C PHE B 79 0.91 -12.19 -0.94
N HIS B 80 0.80 -13.40 -1.47
CA HIS B 80 1.84 -13.98 -2.30
C HIS B 80 1.44 -13.93 -3.79
N PHE B 81 2.04 -13.02 -4.53
CA PHE B 81 1.76 -12.89 -5.95
C PHE B 81 2.63 -13.89 -6.69
N SER B 82 2.00 -14.79 -7.43
CA SER B 82 2.76 -15.81 -8.13
C SER B 82 2.49 -15.82 -9.64
N ASN B 83 2.41 -14.66 -10.27
CA ASN B 83 2.22 -14.62 -11.71
C ASN B 83 3.60 -14.73 -12.33
N GLU B 84 3.84 -15.82 -13.05
CA GLU B 84 5.15 -16.05 -13.65
C GLU B 84 5.42 -15.12 -14.83
N SER B 85 5.31 -13.83 -14.55
CA SER B 85 5.54 -12.80 -15.53
C SER B 85 5.64 -11.44 -14.82
N THR B 86 4.66 -11.15 -13.97
CA THR B 86 4.63 -9.89 -13.25
C THR B 86 4.47 -10.04 -11.75
N ALA B 87 4.68 -11.25 -11.24
CA ALA B 87 4.54 -11.53 -9.81
C ALA B 87 5.04 -10.36 -8.94
N VAL B 88 6.33 -10.09 -9.03
CA VAL B 88 6.97 -8.99 -8.29
C VAL B 88 6.33 -7.63 -8.59
N LYS B 89 6.01 -7.38 -9.85
CA LYS B 89 5.42 -6.11 -10.24
C LYS B 89 3.99 -5.98 -9.73
N GLU B 90 3.33 -7.12 -9.54
CA GLU B 90 1.98 -7.12 -9.02
C GLU B 90 2.02 -6.66 -7.57
N ARG B 91 2.98 -7.19 -6.83
CA ARG B 91 3.20 -6.79 -5.44
C ARG B 91 3.53 -5.32 -5.43
N ASP B 92 4.44 -4.95 -6.32
CA ASP B 92 4.88 -3.58 -6.44
C ASP B 92 3.73 -2.65 -6.76
N ALA B 93 2.91 -3.08 -7.68
CA ALA B 93 1.79 -2.26 -8.16
C ALA B 93 0.79 -2.01 -7.07
N VAL B 94 0.36 -3.09 -6.48
CA VAL B 94 -0.58 -3.05 -5.40
C VAL B 94 -0.02 -2.18 -4.28
N LYS B 95 1.25 -2.42 -4.00
CA LYS B 95 1.99 -1.68 -2.98
C LYS B 95 2.04 -0.20 -3.32
N ASP B 96 2.33 0.08 -4.57
CA ASP B 96 2.42 1.44 -5.04
C ASP B 96 1.13 2.21 -4.76
N LEU B 97 0.03 1.63 -5.21
CA LEU B 97 -1.29 2.21 -5.01
C LEU B 97 -1.59 2.28 -3.52
N LEU B 98 -1.23 1.22 -2.81
CA LEU B 98 -1.46 1.11 -1.38
C LEU B 98 -0.74 2.20 -0.60
N GLN B 99 0.58 2.19 -0.66
CA GLN B 99 1.43 3.14 0.05
C GLN B 99 1.03 4.60 -0.17
N GLN B 100 0.75 4.98 -1.41
CA GLN B 100 0.37 6.38 -1.72
C GLN B 100 -1.05 6.73 -1.31
N LEU B 101 -1.96 5.77 -1.37
CA LEU B 101 -3.35 6.02 -1.02
C LEU B 101 -3.60 5.96 0.48
N LEU B 102 -2.82 5.12 1.15
CA LEU B 102 -2.93 4.90 2.59
C LEU B 102 -3.14 6.17 3.42
N PRO B 103 -2.20 7.16 3.38
CA PRO B 103 -2.30 8.38 4.19
C PRO B 103 -3.57 9.19 3.98
N LYS B 104 -4.35 8.86 2.97
CA LYS B 104 -5.55 9.60 2.69
C LYS B 104 -6.78 8.90 3.27
N PHE B 105 -6.61 7.65 3.69
CA PHE B 105 -7.71 6.91 4.27
C PHE B 105 -7.35 6.43 5.67
N LYS B 106 -6.11 6.01 5.82
CA LYS B 106 -5.59 5.49 7.08
C LYS B 106 -5.74 6.50 8.23
N ARG B 107 -6.47 6.06 9.25
CA ARG B 107 -6.71 6.81 10.48
C ARG B 107 -7.04 8.30 10.24
N LYS B 108 -5.99 9.14 10.22
CA LYS B 108 -6.11 10.59 10.03
C LYS B 108 -6.62 11.25 11.31
N ALA B 109 -6.92 12.53 11.23
CA ALA B 109 -7.43 13.28 12.38
C ALA B 109 -8.85 13.74 12.09
N ASN B 110 -9.41 13.14 11.05
CA ASN B 110 -10.76 13.44 10.59
C ASN B 110 -11.12 12.43 9.51
N GLU A 3 1.05 -23.70 9.36
CA GLU A 3 1.23 -22.55 8.43
C GLU A 3 2.67 -22.07 8.47
N GLU A 4 3.58 -23.02 8.49
CA GLU A 4 5.01 -22.74 8.54
C GLU A 4 5.58 -22.85 7.15
N ASP A 5 4.66 -22.90 6.20
CA ASP A 5 4.97 -23.01 4.79
C ASP A 5 4.35 -21.84 4.03
N GLU A 6 5.09 -21.33 3.05
CA GLU A 6 4.65 -20.19 2.23
C GLU A 6 4.45 -18.97 3.12
N GLU A 7 5.29 -18.86 4.13
CA GLU A 7 5.27 -17.74 5.07
C GLU A 7 5.59 -16.44 4.35
N GLU A 8 4.78 -15.43 4.58
CA GLU A 8 4.97 -14.15 3.93
C GLU A 8 5.46 -13.08 4.92
N ASP A 9 6.71 -13.22 5.36
CA ASP A 9 7.34 -12.26 6.28
C ASP A 9 8.78 -12.69 6.53
N ASP A 10 9.43 -13.15 5.47
CA ASP A 10 10.80 -13.63 5.55
C ASP A 10 11.79 -12.66 4.91
N GLU A 11 11.29 -11.62 4.25
CA GLU A 11 12.12 -10.62 3.59
C GLU A 11 11.21 -9.53 3.07
N PHE A 12 10.68 -8.78 3.99
CA PHE A 12 9.75 -7.72 3.66
C PHE A 12 10.25 -6.37 4.15
N GLU A 13 9.91 -5.34 3.39
CA GLU A 13 10.27 -3.99 3.73
C GLU A 13 9.06 -3.33 4.32
N GLU A 14 9.19 -2.75 5.50
CA GLU A 14 8.06 -2.08 6.11
C GLU A 14 7.67 -0.90 5.22
N VAL A 15 6.57 -1.04 4.50
CA VAL A 15 6.14 0.00 3.62
C VAL A 15 5.43 1.07 4.42
N ALA A 16 5.92 2.28 4.32
CA ALA A 16 5.32 3.38 5.03
C ALA A 16 4.27 4.03 4.16
N ASP A 17 3.14 4.32 4.77
CA ASP A 17 2.03 5.00 4.12
C ASP A 17 2.49 6.38 3.67
N ASP A 18 3.11 6.42 2.52
CA ASP A 18 3.66 7.63 1.96
C ASP A 18 2.66 8.35 1.07
N PRO A 19 2.32 9.59 1.44
CA PRO A 19 1.38 10.42 0.68
C PRO A 19 2.01 11.00 -0.59
N ILE A 20 1.21 11.77 -1.30
CA ILE A 20 1.65 12.39 -2.54
C ILE A 20 1.81 13.89 -2.35
N VAL A 21 3.00 14.39 -2.59
CA VAL A 21 3.30 15.80 -2.45
C VAL A 21 3.86 16.33 -3.77
N MET A 22 3.23 17.38 -4.28
CA MET A 22 3.63 17.96 -5.54
C MET A 22 4.63 19.07 -5.31
N VAL A 23 5.68 19.06 -6.11
CA VAL A 23 6.71 20.07 -6.02
C VAL A 23 6.89 20.73 -7.37
N ALA A 24 6.59 22.02 -7.43
CA ALA A 24 6.68 22.79 -8.66
C ALA A 24 5.69 22.24 -9.68
N GLY A 25 4.61 21.65 -9.18
CA GLY A 25 3.59 21.10 -10.05
C GLY A 25 3.83 19.63 -10.36
N ARG A 26 5.03 19.16 -10.07
CA ARG A 26 5.39 17.77 -10.32
C ARG A 26 4.99 16.91 -9.12
N PRO A 27 4.10 15.94 -9.34
CA PRO A 27 3.62 15.06 -8.27
C PRO A 27 4.63 14.00 -7.84
N PHE A 28 5.18 14.17 -6.65
CA PHE A 28 6.12 13.21 -6.09
C PHE A 28 5.53 12.63 -4.83
N SER A 29 6.19 11.65 -4.25
CA SER A 29 5.74 11.08 -3.00
C SER A 29 6.49 11.77 -1.86
N TYR A 30 6.03 11.59 -0.64
CA TYR A 30 6.66 12.22 0.51
C TYR A 30 8.11 11.75 0.68
N SER A 31 8.30 10.44 0.66
CA SER A 31 9.63 9.87 0.79
C SER A 31 10.48 10.20 -0.44
N GLU A 32 9.81 10.55 -1.52
CA GLU A 32 10.47 10.89 -2.76
C GLU A 32 11.00 12.32 -2.66
N VAL A 33 10.10 13.21 -2.25
CA VAL A 33 10.41 14.61 -2.07
C VAL A 33 11.52 14.80 -1.04
N SER A 34 11.49 13.98 0.01
CA SER A 34 12.48 14.06 1.07
C SER A 34 13.83 13.53 0.62
N GLN A 35 13.81 12.58 -0.32
CA GLN A 35 15.05 12.00 -0.83
C GLN A 35 15.86 13.04 -1.60
N ARG A 36 15.16 13.94 -2.28
CA ARG A 36 15.85 14.98 -3.04
C ARG A 36 15.73 16.34 -2.36
N PRO A 37 16.81 16.78 -1.68
CA PRO A 37 16.84 18.08 -1.03
C PRO A 37 16.56 19.21 -2.02
N GLU A 38 16.86 18.96 -3.29
CA GLU A 38 16.63 19.94 -4.35
C GLU A 38 15.13 20.08 -4.57
N LEU A 39 14.40 18.98 -4.40
CA LEU A 39 12.96 19.00 -4.57
C LEU A 39 12.34 19.91 -3.54
N VAL A 40 12.73 19.75 -2.29
CA VAL A 40 12.20 20.59 -1.21
C VAL A 40 12.70 22.02 -1.37
N ALA A 41 13.81 22.15 -2.08
CA ALA A 41 14.41 23.44 -2.35
C ALA A 41 13.71 24.14 -3.52
N GLN A 42 13.04 23.34 -4.35
CA GLN A 42 12.32 23.87 -5.50
C GLN A 42 10.86 23.94 -5.14
N MET A 43 10.53 23.37 -3.99
CA MET A 43 9.19 23.35 -3.52
C MET A 43 8.88 24.69 -2.88
N THR A 44 7.76 25.22 -3.27
CA THR A 44 7.31 26.53 -2.81
C THR A 44 6.92 26.46 -1.34
N PRO A 45 6.67 27.62 -0.69
CA PRO A 45 6.24 27.64 0.72
C PRO A 45 5.00 26.77 0.91
N GLU A 46 4.03 26.94 0.01
CA GLU A 46 2.80 26.16 0.05
C GLU A 46 3.13 24.67 0.02
N GLU A 47 4.01 24.29 -0.92
CA GLU A 47 4.43 22.90 -1.07
C GLU A 47 5.24 22.44 0.14
N LYS A 48 6.13 23.30 0.62
CA LYS A 48 6.95 23.03 1.80
C LYS A 48 6.08 22.71 3.00
N GLU A 49 5.18 23.63 3.32
CA GLU A 49 4.30 23.47 4.46
C GLU A 49 3.41 22.26 4.27
N ALA A 50 3.06 22.01 3.02
CA ALA A 50 2.24 20.86 2.67
C ALA A 50 3.02 19.58 2.97
N TYR A 51 4.26 19.54 2.51
CA TYR A 51 5.14 18.41 2.73
C TYR A 51 5.38 18.23 4.23
N ILE A 52 5.62 19.32 4.91
CA ILE A 52 5.86 19.31 6.35
C ILE A 52 4.64 18.75 7.08
N ALA A 53 3.46 19.28 6.75
CA ALA A 53 2.21 18.84 7.36
C ALA A 53 1.92 17.38 7.00
N MET A 54 2.33 16.98 5.81
CA MET A 54 2.12 15.61 5.35
C MET A 54 2.93 14.64 6.20
N GLY A 55 4.10 15.08 6.66
CA GLY A 55 4.94 14.26 7.49
C GLY A 55 4.33 14.06 8.85
N GLN A 56 3.73 15.13 9.37
CA GLN A 56 3.07 15.10 10.67
C GLN A 56 2.00 14.01 10.71
N ARG A 57 1.36 13.79 9.57
CA ARG A 57 0.31 12.80 9.43
C ARG A 57 0.78 11.41 9.84
N MET A 58 1.99 11.06 9.43
CA MET A 58 2.57 9.77 9.78
C MET A 58 3.38 9.87 11.06
N PHE A 59 3.79 11.09 11.39
CA PHE A 59 4.58 11.33 12.59
C PHE A 59 3.73 11.14 13.84
N GLU A 60 2.44 11.46 13.75
CA GLU A 60 1.54 11.30 14.88
C GLU A 60 0.92 9.91 14.88
N ASP A 61 1.50 9.03 14.08
CA ASP A 61 1.02 7.67 13.96
C ASP A 61 2.05 6.69 14.51
N LEU A 62 3.16 7.23 14.98
CA LEU A 62 4.24 6.42 15.54
C LEU A 62 4.01 6.14 17.02
N PHE A 63 2.83 6.51 17.48
CA PHE A 63 2.45 6.32 18.88
C PHE A 63 1.77 4.97 19.09
N GLU A 64 2.07 4.02 18.22
CA GLU A 64 1.51 2.68 18.29
C GLU A 64 2.29 1.76 17.35
N MET B 3 -20.88 -2.78 -3.71
CA MET B 3 -22.29 -2.94 -4.14
C MET B 3 -23.13 -1.81 -3.59
N ALA B 4 -23.51 -1.90 -2.32
CA ALA B 4 -24.29 -0.87 -1.69
C ALA B 4 -23.35 0.14 -1.03
N THR B 5 -22.53 0.76 -1.84
CA THR B 5 -21.56 1.72 -1.38
C THR B 5 -21.51 2.93 -2.29
N SER B 6 -21.04 4.06 -1.77
CA SER B 6 -20.93 5.27 -2.55
C SER B 6 -19.77 5.15 -3.53
N SER B 7 -18.73 4.47 -3.08
CA SER B 7 -17.54 4.25 -3.88
C SER B 7 -17.51 2.80 -4.36
N GLU B 8 -17.15 2.58 -5.61
CA GLU B 8 -17.10 1.24 -6.17
C GLU B 8 -16.00 1.11 -7.24
N GLU B 9 -15.21 2.17 -7.41
CA GLU B 9 -14.14 2.14 -8.40
C GLU B 9 -12.98 1.29 -7.91
N VAL B 10 -12.23 0.75 -8.85
CA VAL B 10 -11.09 -0.09 -8.55
C VAL B 10 -9.82 0.52 -9.12
N LEU B 11 -8.78 0.51 -8.32
CA LEU B 11 -7.50 1.08 -8.69
C LEU B 11 -6.66 0.05 -9.42
N LEU B 12 -6.58 -1.14 -8.85
CA LEU B 12 -5.77 -2.18 -9.44
C LEU B 12 -6.39 -3.56 -9.24
N ILE B 13 -6.28 -4.37 -10.28
CA ILE B 13 -6.79 -5.73 -10.27
C ILE B 13 -5.63 -6.68 -10.53
N VAL B 14 -5.14 -7.34 -9.49
CA VAL B 14 -4.03 -8.24 -9.67
C VAL B 14 -4.49 -9.67 -9.55
N LYS B 15 -4.03 -10.51 -10.44
CA LYS B 15 -4.38 -11.92 -10.43
C LYS B 15 -3.14 -12.71 -10.08
N LYS B 16 -3.30 -14.01 -9.82
CA LYS B 16 -2.20 -14.88 -9.45
C LYS B 16 -1.72 -14.55 -8.03
N VAL B 17 -2.54 -13.77 -7.33
CA VAL B 17 -2.24 -13.35 -5.96
C VAL B 17 -2.72 -14.41 -4.98
N ARG B 18 -1.79 -15.16 -4.41
CA ARG B 18 -2.15 -16.20 -3.46
C ARG B 18 -2.17 -15.68 -2.03
N GLN B 19 -3.11 -16.14 -1.25
CA GLN B 19 -3.22 -15.76 0.15
C GLN B 19 -3.15 -17.01 1.00
N LYS B 20 -1.97 -17.25 1.57
CA LYS B 20 -1.73 -18.42 2.40
C LYS B 20 -2.07 -19.71 1.66
N LYS B 21 -1.32 -19.93 0.58
CA LYS B 21 -1.46 -21.12 -0.26
C LYS B 21 -2.82 -21.18 -0.96
N GLN B 22 -3.46 -20.04 -1.14
CA GLN B 22 -4.75 -19.97 -1.83
C GLN B 22 -4.64 -18.95 -2.94
N ASP B 23 -4.41 -19.41 -4.16
CA ASP B 23 -4.26 -18.52 -5.32
C ASP B 23 -5.56 -17.81 -5.66
N GLY B 24 -5.45 -16.49 -5.78
CA GLY B 24 -6.60 -15.69 -6.13
C GLY B 24 -6.23 -14.40 -6.83
N ALA B 25 -6.83 -13.32 -6.35
CA ALA B 25 -6.66 -12.01 -6.90
C ALA B 25 -6.65 -10.96 -5.82
N LEU B 26 -5.86 -9.92 -6.02
CA LEU B 26 -5.76 -8.85 -5.05
C LEU B 26 -6.37 -7.60 -5.68
N TYR B 27 -7.53 -7.20 -5.19
CA TYR B 27 -8.23 -6.04 -5.73
C TYR B 27 -8.08 -4.80 -4.85
N LEU B 28 -7.53 -3.73 -5.42
CA LEU B 28 -7.43 -2.47 -4.69
C LEU B 28 -8.58 -1.61 -5.10
N MET B 29 -9.54 -1.41 -4.22
CA MET B 29 -10.65 -0.57 -4.54
C MET B 29 -10.36 0.83 -4.09
N ALA B 30 -11.21 1.75 -4.52
CA ALA B 30 -11.05 3.17 -4.23
C ALA B 30 -10.53 3.47 -2.82
N GLU B 31 -11.20 2.91 -1.82
CA GLU B 31 -10.81 3.14 -0.43
C GLU B 31 -10.72 1.85 0.36
N ARG B 32 -10.73 0.71 -0.33
CA ARG B 32 -10.70 -0.57 0.36
C ARG B 32 -9.93 -1.61 -0.43
N ILE B 33 -9.22 -2.46 0.28
CA ILE B 33 -8.46 -3.52 -0.35
C ILE B 33 -9.12 -4.85 -0.07
N ALA B 34 -9.56 -5.52 -1.12
CA ALA B 34 -10.22 -6.80 -0.97
C ALA B 34 -9.61 -7.85 -1.86
N TRP B 35 -9.24 -8.97 -1.27
CA TRP B 35 -8.64 -10.08 -1.99
C TRP B 35 -9.65 -11.22 -2.08
N ALA B 36 -9.56 -11.99 -3.16
CA ALA B 36 -10.41 -13.15 -3.36
C ALA B 36 -9.64 -14.22 -4.10
N PRO B 37 -10.04 -15.50 -4.03
CA PRO B 37 -9.33 -16.58 -4.71
C PRO B 37 -9.67 -16.63 -6.20
N GLU B 38 -8.84 -17.34 -6.96
CA GLU B 38 -9.01 -17.43 -8.39
C GLU B 38 -10.21 -18.30 -8.74
N GLY B 39 -10.80 -18.01 -9.90
CA GLY B 39 -11.95 -18.74 -10.35
C GLY B 39 -13.12 -18.53 -9.41
N LYS B 40 -13.21 -17.32 -8.90
CA LYS B 40 -14.25 -16.95 -7.95
C LYS B 40 -14.46 -15.44 -7.99
N ASP B 41 -13.37 -14.72 -7.71
CA ASP B 41 -13.34 -13.24 -7.70
C ASP B 41 -14.22 -12.65 -6.60
N ARG B 42 -14.98 -13.50 -5.91
CA ARG B 42 -15.80 -13.03 -4.83
C ARG B 42 -14.90 -12.78 -3.63
N PHE B 43 -14.86 -11.53 -3.17
CA PHE B 43 -14.00 -11.12 -2.07
C PHE B 43 -14.06 -12.07 -0.88
N THR B 44 -12.88 -12.39 -0.37
CA THR B 44 -12.73 -13.27 0.77
C THR B 44 -12.16 -12.48 1.95
N ILE B 45 -11.26 -11.56 1.64
CA ILE B 45 -10.63 -10.72 2.65
C ILE B 45 -10.84 -9.26 2.28
N SER B 46 -11.42 -8.50 3.19
CA SER B 46 -11.67 -7.08 2.95
C SER B 46 -11.13 -6.22 4.08
N HIS B 47 -10.34 -5.22 3.72
CA HIS B 47 -9.75 -4.32 4.68
C HIS B 47 -9.84 -2.91 4.14
N MET B 48 -10.12 -1.99 5.01
CA MET B 48 -10.24 -0.60 4.63
C MET B 48 -8.90 0.07 4.85
N TYR B 49 -8.50 0.95 3.93
CA TYR B 49 -7.21 1.65 4.06
C TYR B 49 -7.19 2.45 5.36
N ALA B 50 -8.36 2.61 5.96
CA ALA B 50 -8.53 3.33 7.20
C ALA B 50 -8.03 2.55 8.41
N ASP B 51 -8.13 1.22 8.36
CA ASP B 51 -7.69 0.39 9.47
C ASP B 51 -6.30 -0.16 9.24
N ILE B 52 -5.76 0.07 8.05
CA ILE B 52 -4.42 -0.40 7.73
C ILE B 52 -3.39 0.62 8.19
N LYS B 53 -2.41 0.14 8.94
CA LYS B 53 -1.36 0.99 9.48
C LYS B 53 -0.24 1.18 8.46
N CYS B 54 0.43 0.09 8.13
CA CYS B 54 1.55 0.13 7.20
C CYS B 54 1.55 -1.13 6.37
N GLN B 55 2.63 -1.38 5.64
CA GLN B 55 2.70 -2.57 4.82
C GLN B 55 4.08 -3.20 4.91
N LYS B 56 4.24 -4.30 4.21
CA LYS B 56 5.49 -5.03 4.12
C LYS B 56 5.59 -5.61 2.71
N ILE B 57 6.79 -5.74 2.16
CA ILE B 57 6.91 -6.25 0.79
C ILE B 57 8.19 -7.03 0.55
N SER B 58 8.08 -8.02 -0.33
CA SER B 58 9.25 -8.78 -0.74
C SER B 58 9.87 -8.00 -1.90
N PRO B 59 10.96 -7.29 -1.63
CA PRO B 59 11.61 -6.41 -2.60
C PRO B 59 12.19 -7.13 -3.82
N GLU B 60 12.65 -6.34 -4.80
CA GLU B 60 13.23 -6.85 -6.03
C GLU B 60 14.37 -7.82 -5.73
N GLY B 61 14.22 -9.04 -6.18
CA GLY B 61 15.22 -10.06 -5.96
C GLY B 61 14.65 -11.23 -5.19
N LYS B 62 13.60 -10.96 -4.44
CA LYS B 62 12.94 -11.99 -3.66
C LYS B 62 12.10 -12.89 -4.54
N ALA B 63 12.39 -14.19 -4.50
CA ALA B 63 11.68 -15.18 -5.30
C ALA B 63 10.19 -15.19 -4.97
N LYS B 64 9.88 -15.11 -3.68
CA LYS B 64 8.49 -15.08 -3.24
C LYS B 64 8.01 -13.64 -3.20
N ILE B 65 7.22 -13.24 -4.18
CA ILE B 65 6.73 -11.87 -4.25
C ILE B 65 5.53 -11.73 -3.32
N GLN B 66 5.77 -11.45 -2.06
CA GLN B 66 4.68 -11.34 -1.11
C GLN B 66 4.59 -9.94 -0.51
N LEU B 67 3.36 -9.52 -0.29
CA LEU B 67 3.05 -8.22 0.30
C LEU B 67 2.42 -8.45 1.66
N GLN B 68 2.45 -7.45 2.53
CA GLN B 68 1.85 -7.59 3.85
C GLN B 68 1.15 -6.30 4.25
N LEU B 69 -0.07 -6.42 4.75
CA LEU B 69 -0.84 -5.27 5.19
C LEU B 69 -0.86 -5.22 6.70
N VAL B 70 -0.02 -4.39 7.28
CA VAL B 70 0.03 -4.26 8.72
C VAL B 70 -1.08 -3.33 9.16
N LEU B 71 -2.15 -3.89 9.69
CA LEU B 71 -3.28 -3.08 10.12
C LEU B 71 -3.10 -2.58 11.54
N HIS B 72 -3.86 -1.55 11.90
CA HIS B 72 -3.81 -0.95 13.23
C HIS B 72 -4.40 -1.89 14.27
N ALA B 73 -5.19 -2.83 13.80
CA ALA B 73 -5.85 -3.80 14.67
C ALA B 73 -4.86 -4.78 15.28
N GLY B 74 -3.72 -4.96 14.62
CA GLY B 74 -2.73 -5.89 15.13
C GLY B 74 -2.79 -7.15 14.33
N ASP B 75 -3.08 -6.96 13.06
CA ASP B 75 -3.21 -8.04 12.11
C ASP B 75 -2.46 -7.63 10.89
N THR B 76 -1.80 -8.56 10.27
CA THR B 76 -1.07 -8.25 9.09
C THR B 76 -1.51 -9.20 7.97
N THR B 77 -2.06 -8.64 6.90
CA THR B 77 -2.53 -9.44 5.79
C THR B 77 -1.45 -9.61 4.72
N ASN B 78 -0.86 -10.80 4.66
CA ASN B 78 0.18 -11.04 3.68
C ASN B 78 -0.41 -11.66 2.42
N PHE B 79 0.10 -11.24 1.27
CA PHE B 79 -0.35 -11.73 -0.03
C PHE B 79 0.86 -12.21 -0.84
N HIS B 80 0.81 -13.47 -1.27
CA HIS B 80 1.91 -14.07 -2.02
C HIS B 80 1.62 -14.12 -3.51
N PHE B 81 2.26 -13.24 -4.26
CA PHE B 81 2.11 -13.20 -5.72
C PHE B 81 3.00 -14.29 -6.31
N SER B 82 2.52 -14.98 -7.32
CA SER B 82 3.29 -16.10 -7.88
C SER B 82 3.60 -15.98 -9.37
N ASN B 83 3.32 -14.86 -10.00
CA ASN B 83 3.63 -14.71 -11.41
C ASN B 83 5.10 -14.33 -11.51
N GLU B 84 5.96 -15.34 -11.50
CA GLU B 84 7.42 -15.17 -11.53
C GLU B 84 7.93 -14.00 -12.41
N SER B 85 7.28 -13.75 -13.53
CA SER B 85 7.70 -12.69 -14.43
C SER B 85 7.18 -11.29 -14.05
N THR B 86 6.02 -11.21 -13.40
CA THR B 86 5.46 -9.89 -13.07
C THR B 86 5.10 -9.69 -11.61
N ALA B 87 4.92 -10.79 -10.88
CA ALA B 87 4.52 -10.76 -9.47
C ALA B 87 5.12 -9.59 -8.71
N VAL B 88 6.44 -9.45 -8.79
CA VAL B 88 7.15 -8.35 -8.13
C VAL B 88 6.49 -7.01 -8.44
N LYS B 89 6.34 -6.68 -9.72
CA LYS B 89 5.76 -5.42 -10.12
C LYS B 89 4.28 -5.38 -9.76
N GLU B 90 3.62 -6.53 -9.78
CA GLU B 90 2.21 -6.62 -9.42
C GLU B 90 2.04 -6.26 -7.95
N ARG B 91 2.90 -6.84 -7.10
CA ARG B 91 2.87 -6.57 -5.68
C ARG B 91 3.29 -5.13 -5.43
N ASP B 92 4.37 -4.72 -6.09
CA ASP B 92 4.87 -3.36 -5.96
C ASP B 92 3.84 -2.36 -6.39
N ALA B 93 3.03 -2.74 -7.36
CA ALA B 93 1.98 -1.86 -7.87
C ALA B 93 0.90 -1.66 -6.83
N VAL B 94 0.45 -2.77 -6.28
CA VAL B 94 -0.56 -2.79 -5.26
C VAL B 94 -0.07 -1.96 -4.09
N LYS B 95 1.17 -2.24 -3.74
CA LYS B 95 1.86 -1.58 -2.65
C LYS B 95 1.98 -0.09 -2.91
N ASP B 96 2.28 0.26 -4.15
CA ASP B 96 2.42 1.65 -4.53
C ASP B 96 1.15 2.40 -4.22
N LEU B 97 0.05 1.95 -4.82
CA LEU B 97 -1.25 2.55 -4.61
C LEU B 97 -1.61 2.55 -3.12
N LEU B 98 -1.41 1.39 -2.50
CA LEU B 98 -1.68 1.21 -1.08
C LEU B 98 -0.99 2.28 -0.24
N GLN B 99 0.33 2.27 -0.30
CA GLN B 99 1.17 3.22 0.42
C GLN B 99 0.74 4.68 0.23
N GLN B 100 0.40 5.06 -1.00
CA GLN B 100 -0.01 6.45 -1.30
C GLN B 100 -1.36 6.82 -0.72
N LEU B 101 -2.30 5.90 -0.79
CA LEU B 101 -3.66 6.16 -0.34
C LEU B 101 -3.84 5.98 1.16
N LEU B 102 -3.02 5.13 1.76
CA LEU B 102 -3.09 4.82 3.18
C LEU B 102 -3.28 6.03 4.12
N PRO B 103 -2.36 7.02 4.10
CA PRO B 103 -2.44 8.18 5.02
C PRO B 103 -3.67 9.05 4.82
N LYS B 104 -4.41 8.81 3.75
CA LYS B 104 -5.61 9.60 3.48
C LYS B 104 -6.84 8.93 4.08
N PHE B 105 -6.71 7.66 4.40
CA PHE B 105 -7.82 6.91 4.99
C PHE B 105 -7.47 6.46 6.39
N LYS B 106 -6.18 6.40 6.69
CA LYS B 106 -5.67 5.97 7.99
C LYS B 106 -6.34 6.73 9.14
N ARG B 107 -7.20 6.00 9.87
CA ARG B 107 -7.95 6.55 11.01
C ARG B 107 -8.53 7.93 10.68
N LYS B 108 -7.92 8.96 11.25
CA LYS B 108 -8.35 10.32 11.04
C LYS B 108 -7.24 11.27 11.44
N ALA B 109 -6.01 10.88 11.13
CA ALA B 109 -4.84 11.69 11.44
C ALA B 109 -4.75 12.82 10.42
N ASN B 110 -5.34 13.96 10.79
CA ASN B 110 -5.35 15.13 9.92
C ASN B 110 -6.20 14.86 8.67
N GLU A 3 -2.09 -25.39 7.86
CA GLU A 3 -2.42 -24.91 6.49
C GLU A 3 -3.08 -23.55 6.57
N GLU A 4 -3.66 -23.24 7.73
CA GLU A 4 -4.31 -21.97 7.99
C GLU A 4 -3.26 -20.90 8.26
N ASP A 5 -2.07 -21.23 7.81
CA ASP A 5 -0.89 -20.42 7.96
C ASP A 5 -0.21 -20.29 6.61
N GLU A 6 0.44 -19.16 6.38
CA GLU A 6 1.13 -18.94 5.12
C GLU A 6 2.64 -18.89 5.36
N GLU A 7 3.38 -19.59 4.52
CA GLU A 7 4.83 -19.66 4.64
C GLU A 7 5.50 -18.43 4.04
N GLU A 8 5.38 -17.32 4.74
CA GLU A 8 5.95 -16.07 4.28
C GLU A 8 6.78 -15.41 5.39
N ASP A 9 7.02 -14.11 5.22
CA ASP A 9 7.79 -13.29 6.16
C ASP A 9 9.23 -13.81 6.29
N ASP A 10 9.75 -14.31 5.19
CA ASP A 10 11.11 -14.84 5.14
C ASP A 10 12.10 -13.76 4.69
N GLU A 11 11.57 -12.70 4.09
CA GLU A 11 12.37 -11.61 3.59
C GLU A 11 11.43 -10.49 3.22
N PHE A 12 11.12 -9.63 4.18
CA PHE A 12 10.19 -8.56 3.92
C PHE A 12 10.73 -7.22 4.35
N GLU A 13 10.62 -6.25 3.47
CA GLU A 13 11.04 -4.90 3.73
C GLU A 13 9.83 -4.17 4.23
N GLU A 14 9.88 -3.65 5.44
CA GLU A 14 8.74 -2.93 5.94
C GLU A 14 8.55 -1.69 5.06
N VAL A 15 7.53 -1.74 4.22
CA VAL A 15 7.26 -0.65 3.32
C VAL A 15 6.65 0.49 4.12
N ALA A 16 7.05 1.69 3.81
CA ALA A 16 6.52 2.84 4.50
C ALA A 16 5.41 3.47 3.67
N ASP A 17 4.35 3.85 4.35
CA ASP A 17 3.21 4.52 3.74
C ASP A 17 3.63 5.91 3.28
N ASP A 18 4.42 5.94 2.21
CA ASP A 18 4.95 7.18 1.69
C ASP A 18 4.19 7.65 0.45
N PRO A 19 3.64 8.87 0.52
CA PRO A 19 2.90 9.47 -0.59
C PRO A 19 3.81 10.17 -1.60
N ILE A 20 3.23 10.53 -2.72
CA ILE A 20 3.96 11.20 -3.78
C ILE A 20 3.63 12.70 -3.78
N VAL A 21 4.63 13.50 -3.47
CA VAL A 21 4.46 14.94 -3.45
C VAL A 21 5.40 15.56 -4.48
N MET A 22 4.82 16.23 -5.46
CA MET A 22 5.59 16.84 -6.51
C MET A 22 6.10 18.18 -6.07
N VAL A 23 7.31 18.49 -6.49
CA VAL A 23 7.92 19.75 -6.16
C VAL A 23 8.46 20.40 -7.43
N ALA A 24 7.91 21.55 -7.77
CA ALA A 24 8.27 22.28 -8.97
C ALA A 24 7.91 21.45 -10.19
N GLY A 25 6.88 20.62 -10.05
CA GLY A 25 6.45 19.77 -11.15
C GLY A 25 7.17 18.44 -11.17
N ARG A 26 8.21 18.32 -10.36
CA ARG A 26 8.99 17.09 -10.29
C ARG A 26 8.39 16.18 -9.23
N PRO A 27 7.91 14.99 -9.63
CA PRO A 27 7.30 14.04 -8.70
C PRO A 27 8.30 13.38 -7.76
N PHE A 28 8.23 13.76 -6.49
CA PHE A 28 9.09 13.19 -5.47
C PHE A 28 8.24 12.51 -4.43
N SER A 29 8.87 11.75 -3.56
CA SER A 29 8.13 11.10 -2.49
C SER A 29 8.16 11.99 -1.27
N TYR A 30 7.40 11.66 -0.25
CA TYR A 30 7.36 12.48 0.95
C TYR A 30 8.70 12.43 1.67
N SER A 31 9.25 11.23 1.81
CA SER A 31 10.54 11.05 2.46
C SER A 31 11.64 11.71 1.64
N GLU A 32 11.31 11.98 0.38
CA GLU A 32 12.24 12.61 -0.54
C GLU A 32 12.19 14.12 -0.35
N VAL A 33 10.98 14.65 -0.41
CA VAL A 33 10.72 16.06 -0.25
C VAL A 33 11.17 16.55 1.14
N SER A 34 10.95 15.72 2.16
CA SER A 34 11.32 16.07 3.52
C SER A 34 12.84 16.04 3.73
N GLN A 35 13.52 15.26 2.91
CA GLN A 35 14.97 15.14 3.00
C GLN A 35 15.66 16.41 2.51
N ARG A 36 15.11 17.02 1.47
CA ARG A 36 15.70 18.22 0.91
C ARG A 36 14.92 19.49 1.27
N PRO A 37 15.45 20.28 2.20
CA PRO A 37 14.83 21.54 2.59
C PRO A 37 14.73 22.47 1.38
N GLU A 38 15.60 22.23 0.39
CA GLU A 38 15.61 23.02 -0.83
C GLU A 38 14.40 22.64 -1.67
N LEU A 39 13.97 21.39 -1.55
CA LEU A 39 12.81 20.92 -2.28
C LEU A 39 11.60 21.70 -1.82
N VAL A 40 11.40 21.76 -0.51
CA VAL A 40 10.26 22.48 0.05
C VAL A 40 10.43 23.99 -0.20
N ALA A 41 11.68 24.38 -0.40
CA ALA A 41 12.02 25.77 -0.67
C ALA A 41 11.89 26.09 -2.16
N GLN A 42 11.69 25.06 -2.96
CA GLN A 42 11.53 25.22 -4.39
C GLN A 42 10.16 24.74 -4.77
N MET A 43 9.41 24.33 -3.76
CA MET A 43 8.07 23.85 -3.96
C MET A 43 7.14 25.03 -3.95
N THR A 44 6.11 24.93 -4.74
CA THR A 44 5.14 26.01 -4.87
C THR A 44 4.21 26.02 -3.67
N PRO A 45 3.47 27.13 -3.44
CA PRO A 45 2.52 27.22 -2.33
C PRO A 45 1.56 26.04 -2.33
N GLU A 46 1.18 25.62 -3.53
CA GLU A 46 0.29 24.48 -3.72
C GLU A 46 0.97 23.22 -3.22
N GLU A 47 2.20 22.97 -3.70
CA GLU A 47 2.96 21.80 -3.32
C GLU A 47 3.27 21.82 -1.82
N LYS A 48 3.62 23.00 -1.34
CA LYS A 48 3.90 23.24 0.08
C LYS A 48 2.75 22.80 0.96
N GLU A 49 1.59 23.36 0.71
CA GLU A 49 0.41 23.04 1.49
C GLU A 49 -0.01 21.60 1.25
N ALA A 50 0.24 21.13 0.03
CA ALA A 50 -0.08 19.76 -0.33
C ALA A 50 0.81 18.80 0.45
N TYR A 51 2.09 19.13 0.53
CA TYR A 51 3.07 18.32 1.24
C TYR A 51 2.70 18.31 2.73
N ILE A 52 2.38 19.48 3.24
CA ILE A 52 2.03 19.62 4.63
C ILE A 52 0.75 18.83 4.96
N ALA A 53 -0.28 19.01 4.12
CA ALA A 53 -1.55 18.32 4.31
C ALA A 53 -1.36 16.81 4.22
N MET A 54 -0.48 16.38 3.33
CA MET A 54 -0.18 14.97 3.16
C MET A 54 0.55 14.42 4.39
N GLY A 55 1.42 15.25 4.95
CA GLY A 55 2.17 14.86 6.13
C GLY A 55 1.30 14.85 7.36
N GLN A 56 0.33 15.77 7.39
CA GLN A 56 -0.60 15.88 8.52
C GLN A 56 -1.24 14.54 8.83
N ARG A 57 -1.66 13.82 7.80
CA ARG A 57 -2.31 12.52 7.98
C ARG A 57 -1.38 11.54 8.72
N MET A 58 -0.12 11.52 8.31
CA MET A 58 0.87 10.63 8.93
C MET A 58 1.27 11.14 10.30
N PHE A 59 1.50 12.45 10.38
CA PHE A 59 1.91 13.11 11.62
C PHE A 59 0.82 13.01 12.69
N GLU A 60 -0.42 12.91 12.25
CA GLU A 60 -1.55 12.81 13.15
C GLU A 60 -1.62 11.46 13.83
N ASP A 61 -0.79 10.55 13.37
CA ASP A 61 -0.78 9.20 13.92
C ASP A 61 0.61 8.79 14.41
N LEU A 62 1.34 9.72 15.01
CA LEU A 62 2.65 9.41 15.55
C LEU A 62 2.48 8.59 16.82
N PHE A 63 1.27 8.62 17.33
CA PHE A 63 0.93 7.91 18.54
C PHE A 63 0.68 6.45 18.22
N GLU A 64 1.75 5.73 17.99
CA GLU A 64 1.68 4.30 17.68
C GLU A 64 1.13 3.52 18.88
N MET B 3 -15.38 5.06 -2.12
CA MET B 3 -16.51 5.50 -1.28
C MET B 3 -17.81 4.88 -1.78
N ALA B 4 -18.69 4.52 -0.85
CA ALA B 4 -19.97 3.90 -1.16
C ALA B 4 -20.82 4.77 -2.08
N THR B 5 -20.54 6.06 -2.10
CA THR B 5 -21.29 7.00 -2.94
C THR B 5 -20.88 6.89 -4.42
N SER B 6 -20.82 5.64 -4.92
CA SER B 6 -20.46 5.37 -6.31
C SER B 6 -19.09 5.97 -6.66
N SER B 7 -18.24 6.10 -5.65
CA SER B 7 -16.92 6.67 -5.85
C SER B 7 -15.84 5.65 -5.49
N GLU B 8 -15.91 4.49 -6.10
CA GLU B 8 -14.93 3.44 -5.84
C GLU B 8 -13.69 3.62 -6.70
N GLU B 9 -12.65 4.20 -6.10
CA GLU B 9 -11.40 4.40 -6.81
C GLU B 9 -10.64 3.09 -6.90
N VAL B 10 -11.08 2.17 -7.74
CA VAL B 10 -10.36 0.93 -7.90
C VAL B 10 -9.04 1.22 -8.54
N LEU B 11 -8.02 1.08 -7.73
CA LEU B 11 -6.67 1.37 -8.12
C LEU B 11 -6.04 0.26 -8.92
N LEU B 12 -6.04 -0.94 -8.35
CA LEU B 12 -5.45 -2.06 -9.04
C LEU B 12 -6.20 -3.36 -8.79
N ILE B 13 -6.47 -4.05 -9.89
CA ILE B 13 -7.14 -5.33 -9.86
C ILE B 13 -6.13 -6.41 -10.23
N VAL B 14 -5.59 -7.10 -9.24
CA VAL B 14 -4.62 -8.12 -9.52
C VAL B 14 -5.22 -9.50 -9.36
N LYS B 15 -4.85 -10.39 -10.24
CA LYS B 15 -5.32 -11.77 -10.19
C LYS B 15 -4.13 -12.68 -10.00
N LYS B 16 -4.38 -13.96 -9.73
CA LYS B 16 -3.33 -14.94 -9.48
C LYS B 16 -2.67 -14.65 -8.14
N VAL B 17 -3.38 -13.88 -7.32
CA VAL B 17 -2.92 -13.49 -6.00
C VAL B 17 -3.36 -14.54 -4.98
N ARG B 18 -2.41 -15.29 -4.46
CA ARG B 18 -2.72 -16.36 -3.52
C ARG B 18 -2.68 -15.88 -2.07
N GLN B 19 -3.68 -16.31 -1.32
CA GLN B 19 -3.79 -16.02 0.09
C GLN B 19 -4.36 -17.26 0.75
N LYS B 20 -3.65 -17.78 1.75
CA LYS B 20 -4.05 -19.00 2.43
C LYS B 20 -3.94 -20.15 1.44
N LYS B 21 -2.85 -20.10 0.65
CA LYS B 21 -2.55 -21.10 -0.37
C LYS B 21 -3.66 -21.21 -1.41
N GLN B 22 -4.43 -20.14 -1.59
CA GLN B 22 -5.53 -20.14 -2.54
C GLN B 22 -5.37 -19.00 -3.53
N ASP B 23 -5.43 -19.33 -4.82
CA ASP B 23 -5.27 -18.34 -5.87
C ASP B 23 -6.54 -17.53 -6.08
N GLY B 24 -6.44 -16.25 -5.80
CA GLY B 24 -7.54 -15.37 -5.97
C GLY B 24 -7.17 -14.09 -6.69
N ALA B 25 -7.53 -12.98 -6.09
CA ALA B 25 -7.28 -11.69 -6.66
C ALA B 25 -7.11 -10.65 -5.57
N LEU B 26 -6.18 -9.75 -5.78
CA LEU B 26 -5.90 -8.70 -4.82
C LEU B 26 -6.41 -7.39 -5.42
N TYR B 27 -7.39 -6.80 -4.78
CA TYR B 27 -7.98 -5.56 -5.26
C TYR B 27 -7.65 -4.37 -4.38
N LEU B 28 -7.02 -3.36 -4.97
CA LEU B 28 -6.74 -2.14 -4.24
C LEU B 28 -7.83 -1.16 -4.55
N MET B 29 -8.67 -0.86 -3.59
CA MET B 29 -9.75 0.06 -3.84
C MET B 29 -9.49 1.40 -3.19
N ALA B 30 -10.42 2.30 -3.43
CA ALA B 30 -10.32 3.68 -3.00
C ALA B 30 -9.71 3.86 -1.61
N GLU B 31 -10.29 3.22 -0.61
CA GLU B 31 -9.78 3.34 0.75
C GLU B 31 -9.66 1.98 1.41
N ARG B 32 -9.67 0.92 0.62
CA ARG B 32 -9.59 -0.40 1.19
C ARG B 32 -8.97 -1.40 0.22
N ILE B 33 -8.15 -2.27 0.77
CA ILE B 33 -7.51 -3.30 0.00
C ILE B 33 -8.26 -4.61 0.29
N ALA B 34 -8.88 -5.17 -0.73
CA ALA B 34 -9.66 -6.38 -0.53
C ALA B 34 -9.24 -7.49 -1.48
N TRP B 35 -9.14 -8.68 -0.95
CA TRP B 35 -8.75 -9.85 -1.71
C TRP B 35 -9.89 -10.87 -1.73
N ALA B 36 -10.00 -11.58 -2.84
CA ALA B 36 -11.02 -12.62 -3.00
C ALA B 36 -10.49 -13.67 -3.97
N PRO B 37 -10.87 -14.95 -3.82
CA PRO B 37 -10.37 -16.02 -4.69
C PRO B 37 -10.92 -15.91 -6.12
N GLU B 38 -10.18 -16.49 -7.07
CA GLU B 38 -10.52 -16.47 -8.50
C GLU B 38 -10.94 -15.08 -8.97
N GLY B 39 -12.25 -14.88 -9.05
CA GLY B 39 -12.79 -13.60 -9.48
C GLY B 39 -14.14 -13.37 -8.84
N LYS B 40 -14.27 -13.79 -7.59
CA LYS B 40 -15.51 -13.64 -6.85
C LYS B 40 -15.83 -12.17 -6.60
N ASP B 41 -17.12 -11.86 -6.57
CA ASP B 41 -17.59 -10.50 -6.33
C ASP B 41 -17.44 -10.15 -4.84
N ARG B 42 -17.68 -11.13 -4.00
CA ARG B 42 -17.57 -10.96 -2.57
C ARG B 42 -16.14 -11.25 -2.12
N PHE B 43 -15.50 -10.25 -1.54
CA PHE B 43 -14.14 -10.39 -1.06
C PHE B 43 -14.08 -11.14 0.25
N THR B 44 -12.94 -11.77 0.50
CA THR B 44 -12.73 -12.54 1.71
C THR B 44 -11.95 -11.72 2.75
N ILE B 45 -10.93 -11.02 2.27
CA ILE B 45 -10.10 -10.22 3.15
C ILE B 45 -10.18 -8.74 2.76
N SER B 46 -10.62 -7.91 3.69
CA SER B 46 -10.74 -6.49 3.45
C SER B 46 -10.02 -5.69 4.53
N HIS B 47 -9.06 -4.87 4.12
CA HIS B 47 -8.32 -4.04 5.05
C HIS B 47 -8.44 -2.59 4.63
N MET B 48 -8.79 -1.74 5.54
CA MET B 48 -8.93 -0.33 5.24
C MET B 48 -7.57 0.35 5.34
N TYR B 49 -7.26 1.18 4.36
CA TYR B 49 -5.96 1.88 4.32
C TYR B 49 -5.73 2.73 5.56
N ALA B 50 -6.77 2.91 6.35
CA ALA B 50 -6.68 3.70 7.57
C ALA B 50 -6.07 2.91 8.71
N ASP B 51 -6.39 1.62 8.78
CA ASP B 51 -5.89 0.76 9.85
C ASP B 51 -4.52 0.21 9.48
N ILE B 52 -4.23 0.08 8.19
CA ILE B 52 -2.95 -0.45 7.78
C ILE B 52 -1.82 0.48 8.20
N LYS B 53 -1.00 -0.01 9.11
CA LYS B 53 0.12 0.75 9.65
C LYS B 53 1.20 0.93 8.59
N CYS B 54 1.73 -0.19 8.15
CA CYS B 54 2.79 -0.20 7.15
C CYS B 54 2.68 -1.46 6.33
N GLN B 55 3.63 -1.67 5.45
CA GLN B 55 3.63 -2.83 4.60
C GLN B 55 4.94 -3.58 4.76
N LYS B 56 5.08 -4.69 4.06
CA LYS B 56 6.29 -5.49 4.07
C LYS B 56 6.33 -6.25 2.76
N ILE B 57 7.48 -6.32 2.12
CA ILE B 57 7.56 -6.98 0.82
C ILE B 57 8.79 -7.84 0.64
N SER B 58 8.69 -8.73 -0.34
CA SER B 58 9.80 -9.58 -0.72
C SER B 58 10.63 -8.82 -1.74
N PRO B 59 11.77 -8.27 -1.31
CA PRO B 59 12.64 -7.48 -2.17
C PRO B 59 13.42 -8.34 -3.15
N GLU B 60 13.71 -7.77 -4.32
CA GLU B 60 14.45 -8.46 -5.39
C GLU B 60 13.73 -9.75 -5.81
N GLY B 61 12.44 -9.82 -5.55
CA GLY B 61 11.66 -10.98 -5.92
C GLY B 61 11.73 -12.09 -4.89
N LYS B 62 12.96 -12.51 -4.58
CA LYS B 62 13.23 -13.59 -3.61
C LYS B 62 12.47 -14.89 -3.95
N ALA B 63 12.16 -15.03 -5.25
CA ALA B 63 11.44 -16.19 -5.80
C ALA B 63 9.95 -16.14 -5.47
N LYS B 64 9.63 -16.08 -4.18
CA LYS B 64 8.25 -16.00 -3.74
C LYS B 64 7.82 -14.54 -3.72
N ILE B 65 6.91 -14.17 -4.61
CA ILE B 65 6.46 -12.79 -4.66
C ILE B 65 5.38 -12.59 -3.60
N GLN B 66 5.84 -12.30 -2.39
CA GLN B 66 4.95 -12.13 -1.25
C GLN B 66 4.90 -10.69 -0.74
N LEU B 67 3.68 -10.20 -0.51
CA LEU B 67 3.45 -8.85 -0.02
C LEU B 67 2.69 -8.89 1.30
N GLN B 68 3.28 -8.37 2.36
CA GLN B 68 2.63 -8.39 3.66
C GLN B 68 2.09 -7.01 4.04
N LEU B 69 0.89 -7.00 4.60
CA LEU B 69 0.25 -5.78 5.05
C LEU B 69 0.26 -5.75 6.57
N VAL B 70 0.99 -4.81 7.13
CA VAL B 70 1.08 -4.70 8.58
C VAL B 70 0.09 -3.66 9.07
N LEU B 71 -0.99 -4.12 9.67
CA LEU B 71 -2.02 -3.23 10.16
C LEU B 71 -1.71 -2.74 11.57
N HIS B 72 -2.29 -1.59 11.94
CA HIS B 72 -2.10 -1.01 13.26
C HIS B 72 -2.74 -1.89 14.33
N ALA B 73 -3.78 -2.62 13.92
CA ALA B 73 -4.49 -3.51 14.82
C ALA B 73 -3.60 -4.60 15.40
N GLY B 74 -2.56 -4.98 14.66
CA GLY B 74 -1.67 -6.01 15.13
C GLY B 74 -1.90 -7.27 14.34
N ASP B 75 -2.25 -7.06 13.08
CA ASP B 75 -2.53 -8.12 12.17
C ASP B 75 -1.72 -7.87 10.94
N THR B 76 -1.12 -8.89 10.42
CA THR B 76 -0.33 -8.74 9.25
C THR B 76 -0.71 -9.84 8.25
N THR B 77 -1.19 -9.45 7.08
CA THR B 77 -1.62 -10.41 6.06
C THR B 77 -0.62 -10.44 4.90
N ASN B 78 -0.25 -11.63 4.44
CA ASN B 78 0.70 -11.76 3.34
C ASN B 78 -0.02 -12.21 2.07
N PHE B 79 0.22 -11.52 0.98
CA PHE B 79 -0.37 -11.83 -0.31
C PHE B 79 0.72 -12.41 -1.21
N HIS B 80 0.54 -13.64 -1.66
CA HIS B 80 1.54 -14.30 -2.48
C HIS B 80 1.14 -14.33 -3.95
N PHE B 81 1.85 -13.56 -4.75
CA PHE B 81 1.62 -13.51 -6.19
C PHE B 81 2.43 -14.65 -6.80
N SER B 82 1.81 -15.43 -7.68
CA SER B 82 2.49 -16.58 -8.25
C SER B 82 2.54 -16.57 -9.77
N ASN B 83 2.29 -15.41 -10.38
CA ASN B 83 2.32 -15.35 -11.82
C ASN B 83 3.78 -15.17 -12.25
N GLU B 84 4.39 -16.26 -12.67
CA GLU B 84 5.81 -16.27 -13.06
C GLU B 84 6.22 -15.08 -13.95
N SER B 85 5.30 -14.60 -14.77
CA SER B 85 5.58 -13.50 -15.67
C SER B 85 5.45 -12.12 -15.01
N THR B 86 4.47 -11.92 -14.14
CA THR B 86 4.27 -10.60 -13.55
C THR B 86 4.20 -10.55 -12.04
N ALA B 87 4.22 -11.70 -11.38
CA ALA B 87 4.11 -11.79 -9.91
C ALA B 87 4.80 -10.62 -9.20
N VAL B 88 6.12 -10.54 -9.36
CA VAL B 88 6.91 -9.47 -8.76
C VAL B 88 6.34 -8.08 -9.05
N LYS B 89 6.09 -7.79 -10.32
CA LYS B 89 5.57 -6.50 -10.73
C LYS B 89 4.19 -6.26 -10.13
N GLU B 90 3.39 -7.31 -10.04
CA GLU B 90 2.05 -7.21 -9.47
C GLU B 90 2.13 -6.83 -7.99
N ARG B 91 3.00 -7.52 -7.26
CA ARG B 91 3.19 -7.24 -5.84
C ARG B 91 3.78 -5.84 -5.67
N ASP B 92 4.82 -5.56 -6.45
CA ASP B 92 5.48 -4.26 -6.42
C ASP B 92 4.52 -3.16 -6.78
N ALA B 93 3.60 -3.45 -7.66
CA ALA B 93 2.62 -2.47 -8.11
C ALA B 93 1.64 -2.17 -7.01
N VAL B 94 1.10 -3.23 -6.45
CA VAL B 94 0.16 -3.14 -5.37
C VAL B 94 0.80 -2.38 -4.23
N LYS B 95 2.04 -2.75 -3.95
CA LYS B 95 2.85 -2.13 -2.91
C LYS B 95 3.06 -0.67 -3.20
N ASP B 96 3.38 -0.38 -4.45
CA ASP B 96 3.61 0.98 -4.88
C ASP B 96 2.39 1.84 -4.58
N LEU B 97 1.26 1.39 -5.11
CA LEU B 97 -0.01 2.07 -4.92
C LEU B 97 -0.36 2.13 -3.44
N LEU B 98 -0.20 0.99 -2.78
CA LEU B 98 -0.48 0.87 -1.36
C LEU B 98 0.28 1.90 -0.55
N GLN B 99 1.59 1.88 -0.68
CA GLN B 99 2.46 2.81 0.02
C GLN B 99 2.10 4.27 -0.25
N GLN B 100 1.87 4.61 -1.50
CA GLN B 100 1.54 5.98 -1.90
C GLN B 100 0.14 6.43 -1.48
N LEU B 101 -0.80 5.50 -1.48
CA LEU B 101 -2.19 5.81 -1.15
C LEU B 101 -2.49 5.71 0.34
N LEU B 102 -1.64 5.02 1.07
CA LEU B 102 -1.84 4.83 2.51
C LEU B 102 -2.00 6.14 3.26
N PRO B 103 -1.05 7.09 3.17
CA PRO B 103 -1.12 8.37 3.91
C PRO B 103 -2.34 9.22 3.58
N LYS B 104 -3.24 8.66 2.78
CA LYS B 104 -4.47 9.35 2.43
C LYS B 104 -5.54 8.98 3.46
N PHE B 105 -5.44 7.75 3.97
CA PHE B 105 -6.38 7.25 4.96
C PHE B 105 -5.69 6.80 6.24
N LYS B 106 -4.38 6.60 6.16
CA LYS B 106 -3.56 6.14 7.28
C LYS B 106 -3.80 6.97 8.53
N ARG B 107 -4.50 6.36 9.49
CA ARG B 107 -4.83 7.00 10.76
C ARG B 107 -5.63 6.02 11.62
N LYS B 108 -5.30 5.94 12.90
CA LYS B 108 -5.99 5.03 13.81
C LYS B 108 -7.43 5.49 14.09
N ALA B 109 -8.32 5.18 13.15
CA ALA B 109 -9.75 5.49 13.26
C ALA B 109 -10.01 7.00 13.34
N ASN B 110 -9.28 7.79 12.58
CA ASN B 110 -9.44 9.24 12.56
C ASN B 110 -8.69 9.85 11.39
N GLU A 3 -1.28 -25.56 7.20
CA GLU A 3 -2.09 -24.52 6.54
C GLU A 3 -2.36 -23.37 7.47
N GLU A 4 -1.47 -22.39 7.39
CA GLU A 4 -1.53 -21.18 8.18
C GLU A 4 -0.38 -20.29 7.73
N ASP A 5 0.04 -19.37 8.57
CA ASP A 5 1.15 -18.50 8.23
C ASP A 5 2.48 -19.21 8.50
N GLU A 6 2.55 -20.47 8.09
CA GLU A 6 3.75 -21.27 8.30
C GLU A 6 4.86 -20.78 7.36
N GLU A 7 4.46 -20.28 6.19
CA GLU A 7 5.40 -19.76 5.23
C GLU A 7 4.69 -18.89 4.21
N GLU A 8 5.00 -17.61 4.27
CA GLU A 8 4.47 -16.61 3.35
C GLU A 8 5.09 -15.26 3.72
N ASP A 9 6.28 -15.33 4.32
CA ASP A 9 7.05 -14.14 4.74
C ASP A 9 8.54 -14.47 4.59
N ASP A 10 9.17 -14.82 5.70
CA ASP A 10 10.59 -15.23 5.75
C ASP A 10 11.58 -14.09 5.50
N GLU A 11 11.22 -13.09 4.70
CA GLU A 11 12.13 -12.00 4.40
C GLU A 11 11.36 -10.86 3.79
N PHE A 12 10.71 -10.10 4.64
CA PHE A 12 9.90 -9.00 4.19
C PHE A 12 10.41 -7.68 4.72
N GLU A 13 10.28 -6.67 3.89
CA GLU A 13 10.69 -5.32 4.24
C GLU A 13 9.47 -4.62 4.78
N GLU A 14 9.54 -4.15 6.01
CA GLU A 14 8.42 -3.44 6.56
C GLU A 14 8.23 -2.17 5.74
N VAL A 15 7.20 -2.17 4.90
CA VAL A 15 6.96 -1.03 4.05
C VAL A 15 6.34 0.09 4.87
N ALA A 16 6.90 1.26 4.75
CA ALA A 16 6.41 2.41 5.47
C ALA A 16 5.46 3.20 4.61
N ASP A 17 4.42 3.70 5.22
CA ASP A 17 3.40 4.51 4.57
C ASP A 17 4.01 5.82 4.07
N ASP A 18 4.59 5.79 2.89
CA ASP A 18 5.19 6.98 2.32
C ASP A 18 4.37 7.50 1.16
N PRO A 19 3.84 8.73 1.29
CA PRO A 19 3.02 9.35 0.24
C PRO A 19 3.87 10.04 -0.82
N ILE A 20 3.22 10.41 -1.92
CA ILE A 20 3.89 11.07 -3.02
C ILE A 20 3.51 12.53 -3.08
N VAL A 21 4.51 13.38 -3.04
CA VAL A 21 4.32 14.81 -3.11
C VAL A 21 5.11 15.36 -4.29
N MET A 22 4.40 15.94 -5.25
CA MET A 22 5.03 16.46 -6.44
C MET A 22 5.58 17.85 -6.19
N VAL A 23 6.75 18.09 -6.73
CA VAL A 23 7.39 19.38 -6.62
C VAL A 23 7.80 19.85 -8.00
N ALA A 24 7.30 21.01 -8.38
CA ALA A 24 7.55 21.60 -9.69
C ALA A 24 7.00 20.67 -10.77
N GLY A 25 5.99 19.88 -10.41
CA GLY A 25 5.38 18.97 -11.36
C GLY A 25 6.10 17.62 -11.39
N ARG A 26 7.16 17.50 -10.61
CA ARG A 26 7.92 16.25 -10.54
C ARG A 26 7.49 15.47 -9.32
N PRO A 27 7.03 14.22 -9.51
CA PRO A 27 6.58 13.37 -8.41
C PRO A 27 7.71 12.84 -7.53
N PHE A 28 7.79 13.37 -6.32
CA PHE A 28 8.78 12.94 -5.36
C PHE A 28 8.06 12.31 -4.17
N SER A 29 8.78 11.53 -3.38
CA SER A 29 8.17 10.92 -2.22
C SER A 29 8.23 11.91 -1.07
N TYR A 30 7.48 11.65 -0.01
CA TYR A 30 7.46 12.55 1.13
C TYR A 30 8.83 12.62 1.77
N SER A 31 9.41 11.45 2.05
CA SER A 31 10.73 11.36 2.65
C SER A 31 11.78 12.00 1.75
N GLU A 32 11.47 12.06 0.46
CA GLU A 32 12.36 12.63 -0.53
C GLU A 32 12.26 14.15 -0.48
N VAL A 33 11.03 14.63 -0.46
CA VAL A 33 10.75 16.05 -0.41
C VAL A 33 11.21 16.64 0.92
N SER A 34 11.02 15.89 2.00
CA SER A 34 11.40 16.35 3.33
C SER A 34 12.92 16.40 3.49
N GLN A 35 13.61 15.56 2.75
CA GLN A 35 15.06 15.51 2.82
C GLN A 35 15.69 16.58 1.94
N ARG A 36 14.92 17.09 0.98
CA ARG A 36 15.43 18.12 0.09
C ARG A 36 14.75 19.47 0.33
N PRO A 37 15.41 20.35 1.11
CA PRO A 37 14.90 21.68 1.41
C PRO A 37 14.69 22.50 0.13
N GLU A 38 15.49 22.19 -0.90
CA GLU A 38 15.38 22.88 -2.18
C GLU A 38 14.07 22.52 -2.85
N LEU A 39 13.63 21.29 -2.62
CA LEU A 39 12.38 20.82 -3.20
C LEU A 39 11.23 21.62 -2.64
N VAL A 40 11.17 21.74 -1.32
CA VAL A 40 10.10 22.50 -0.68
C VAL A 40 10.24 23.98 -1.01
N ALA A 41 11.46 24.37 -1.37
CA ALA A 41 11.77 25.75 -1.73
C ALA A 41 11.35 26.05 -3.16
N GLN A 42 11.30 25.02 -4.00
CA GLN A 42 10.94 25.19 -5.39
C GLN A 42 9.52 24.72 -5.59
N MET A 43 8.98 24.12 -4.54
CA MET A 43 7.63 23.63 -4.58
C MET A 43 6.68 24.79 -4.45
N THR A 44 5.67 24.75 -5.26
CA THR A 44 4.67 25.81 -5.32
C THR A 44 3.79 25.77 -4.08
N PRO A 45 2.97 26.82 -3.84
CA PRO A 45 2.06 26.84 -2.69
C PRO A 45 1.20 25.58 -2.67
N GLU A 46 0.65 25.25 -3.84
CA GLU A 46 -0.17 24.05 -3.98
C GLU A 46 0.59 22.81 -3.53
N GLU A 47 1.83 22.69 -3.99
CA GLU A 47 2.67 21.56 -3.66
C GLU A 47 3.08 21.59 -2.19
N LYS A 48 3.45 22.77 -1.70
CA LYS A 48 3.83 22.96 -0.31
C LYS A 48 2.71 22.60 0.63
N GLU A 49 1.55 23.17 0.40
CA GLU A 49 0.39 22.94 1.24
C GLU A 49 -0.03 21.48 1.15
N ALA A 50 0.20 20.90 -0.02
CA ALA A 50 -0.10 19.50 -0.24
C ALA A 50 0.85 18.65 0.58
N TYR A 51 2.12 19.01 0.54
CA TYR A 51 3.16 18.32 1.29
C TYR A 51 2.90 18.46 2.78
N ILE A 52 2.56 19.68 3.20
CA ILE A 52 2.27 19.96 4.59
C ILE A 52 1.06 19.15 5.05
N ALA A 53 -0.03 19.21 4.29
CA ALA A 53 -1.24 18.47 4.61
C ALA A 53 -0.98 16.97 4.65
N MET A 54 -0.15 16.50 3.73
CA MET A 54 0.20 15.09 3.66
C MET A 54 1.02 14.69 4.88
N GLY A 55 1.84 15.62 5.36
CA GLY A 55 2.66 15.36 6.51
C GLY A 55 1.84 15.38 7.77
N GLN A 56 0.79 16.18 7.77
CA GLN A 56 -0.09 16.29 8.91
C GLN A 56 -0.65 14.92 9.32
N ARG A 57 -0.91 14.07 8.35
CA ARG A 57 -1.43 12.74 8.64
C ARG A 57 -0.41 11.90 9.39
N MET A 58 0.87 12.15 9.12
CA MET A 58 1.93 11.42 9.81
C MET A 58 2.25 12.16 11.11
N PHE A 59 2.02 13.46 11.09
CA PHE A 59 2.23 14.32 12.24
C PHE A 59 1.18 14.02 13.32
N GLU A 60 -0.04 13.77 12.87
CA GLU A 60 -1.15 13.45 13.77
C GLU A 60 -1.24 11.94 13.91
N ASP A 61 -0.09 11.27 13.81
CA ASP A 61 -0.03 9.82 13.91
C ASP A 61 1.10 9.41 14.87
N LEU A 62 1.46 10.31 15.76
CA LEU A 62 2.53 10.05 16.73
C LEU A 62 2.02 9.15 17.85
N PHE A 63 0.71 9.13 18.03
CA PHE A 63 0.06 8.32 19.05
C PHE A 63 -1.43 8.34 18.82
N GLU A 64 -1.86 9.48 18.35
CA GLU A 64 -3.23 9.79 18.02
C GLU A 64 -3.25 11.22 17.50
N MET B 3 -17.59 2.96 -0.83
CA MET B 3 -18.73 2.04 -1.00
C MET B 3 -19.53 2.41 -2.24
N ALA B 4 -19.70 1.44 -3.13
CA ALA B 4 -20.43 1.63 -4.39
C ALA B 4 -19.69 2.60 -5.31
N THR B 5 -20.23 2.84 -6.50
CA THR B 5 -19.60 3.73 -7.46
C THR B 5 -19.90 5.20 -7.15
N SER B 6 -19.62 5.60 -5.93
CA SER B 6 -19.82 6.99 -5.53
C SER B 6 -18.52 7.74 -5.76
N SER B 7 -17.45 7.19 -5.19
CA SER B 7 -16.12 7.75 -5.32
C SER B 7 -15.10 6.65 -5.02
N GLU B 8 -15.44 5.43 -5.45
CA GLU B 8 -14.57 4.28 -5.24
C GLU B 8 -13.43 4.28 -6.24
N GLU B 9 -12.30 4.84 -5.84
CA GLU B 9 -11.14 4.89 -6.71
C GLU B 9 -10.42 3.54 -6.72
N VAL B 10 -10.86 2.62 -7.59
CA VAL B 10 -10.18 1.34 -7.71
C VAL B 10 -8.80 1.61 -8.26
N LEU B 11 -7.82 1.33 -7.46
CA LEU B 11 -6.45 1.59 -7.80
C LEU B 11 -5.82 0.49 -8.61
N LEU B 12 -5.85 -0.71 -8.08
CA LEU B 12 -5.23 -1.82 -8.77
C LEU B 12 -5.99 -3.13 -8.60
N ILE B 13 -6.30 -3.74 -9.72
CA ILE B 13 -6.96 -5.03 -9.76
C ILE B 13 -5.95 -6.09 -10.15
N VAL B 14 -5.44 -6.83 -9.19
CA VAL B 14 -4.45 -7.84 -9.49
C VAL B 14 -5.07 -9.22 -9.45
N LYS B 15 -4.70 -10.05 -10.38
CA LYS B 15 -5.19 -11.42 -10.43
C LYS B 15 -4.04 -12.37 -10.19
N LYS B 16 -4.36 -13.64 -9.99
CA LYS B 16 -3.37 -14.67 -9.69
C LYS B 16 -2.72 -14.41 -8.32
N VAL B 17 -3.34 -13.53 -7.55
CA VAL B 17 -2.85 -13.18 -6.22
C VAL B 17 -3.21 -14.29 -5.24
N ARG B 18 -2.24 -15.13 -4.91
CA ARG B 18 -2.46 -16.24 -4.01
C ARG B 18 -2.25 -15.84 -2.55
N GLN B 19 -3.33 -15.65 -1.82
CA GLN B 19 -3.25 -15.30 -0.41
C GLN B 19 -3.41 -16.56 0.42
N LYS B 20 -2.45 -16.82 1.30
CA LYS B 20 -2.48 -18.01 2.14
C LYS B 20 -2.46 -19.25 1.26
N LYS B 21 -1.68 -19.17 0.19
CA LYS B 21 -1.53 -20.24 -0.79
C LYS B 21 -2.83 -20.51 -1.55
N GLN B 22 -3.73 -19.53 -1.58
CA GLN B 22 -5.00 -19.64 -2.29
C GLN B 22 -5.03 -18.62 -3.40
N ASP B 23 -5.01 -19.08 -4.64
CA ASP B 23 -5.00 -18.20 -5.81
C ASP B 23 -6.29 -17.41 -5.96
N GLY B 24 -6.15 -16.10 -5.96
CA GLY B 24 -7.27 -15.22 -6.12
C GLY B 24 -6.92 -13.93 -6.84
N ALA B 25 -7.37 -12.83 -6.26
CA ALA B 25 -7.17 -11.52 -6.81
C ALA B 25 -7.04 -10.50 -5.69
N LEU B 26 -6.19 -9.52 -5.89
CA LEU B 26 -5.99 -8.49 -4.89
C LEU B 26 -6.50 -7.17 -5.45
N TYR B 27 -7.53 -6.63 -4.83
CA TYR B 27 -8.12 -5.38 -5.26
C TYR B 27 -7.80 -4.22 -4.34
N LEU B 28 -7.03 -3.26 -4.83
CA LEU B 28 -6.74 -2.07 -4.04
C LEU B 28 -7.79 -1.06 -4.37
N MET B 29 -8.68 -0.78 -3.45
CA MET B 29 -9.70 0.20 -3.72
C MET B 29 -9.41 1.50 -3.01
N ALA B 30 -10.26 2.47 -3.26
CA ALA B 30 -10.10 3.83 -2.78
C ALA B 30 -9.53 3.92 -1.37
N GLU B 31 -10.18 3.29 -0.41
CA GLU B 31 -9.72 3.32 0.97
C GLU B 31 -9.75 1.94 1.58
N ARG B 32 -9.85 0.92 0.74
CA ARG B 32 -9.93 -0.43 1.25
C ARG B 32 -9.24 -1.41 0.32
N ILE B 33 -8.51 -2.33 0.90
CA ILE B 33 -7.82 -3.35 0.15
C ILE B 33 -8.59 -4.66 0.34
N ALA B 34 -9.17 -5.16 -0.72
CA ALA B 34 -9.96 -6.36 -0.63
C ALA B 34 -9.44 -7.43 -1.57
N TRP B 35 -9.27 -8.62 -1.03
CA TRP B 35 -8.79 -9.75 -1.80
C TRP B 35 -9.88 -10.81 -1.89
N ALA B 36 -9.90 -11.53 -3.01
CA ALA B 36 -10.85 -12.60 -3.22
C ALA B 36 -10.22 -13.68 -4.09
N PRO B 37 -10.61 -14.96 -3.94
CA PRO B 37 -10.01 -16.03 -4.75
C PRO B 37 -10.50 -15.98 -6.20
N GLU B 38 -9.75 -16.63 -7.09
CA GLU B 38 -10.10 -16.64 -8.50
C GLU B 38 -11.37 -17.43 -8.72
N GLY B 39 -12.11 -17.06 -9.75
CA GLY B 39 -13.36 -17.73 -10.04
C GLY B 39 -14.51 -17.05 -9.31
N LYS B 40 -14.24 -16.65 -8.08
CA LYS B 40 -15.22 -15.95 -7.26
C LYS B 40 -15.16 -14.46 -7.57
N ASP B 41 -13.93 -13.92 -7.51
CA ASP B 41 -13.65 -12.51 -7.78
C ASP B 41 -14.25 -11.56 -6.74
N ARG B 42 -15.38 -11.96 -6.17
CA ARG B 42 -16.03 -11.16 -5.15
C ARG B 42 -15.29 -11.30 -3.85
N PHE B 43 -14.83 -10.16 -3.36
CA PHE B 43 -14.02 -10.04 -2.15
C PHE B 43 -14.36 -11.02 -1.02
N THR B 44 -13.31 -11.50 -0.38
CA THR B 44 -13.39 -12.41 0.74
C THR B 44 -12.70 -11.77 1.95
N ILE B 45 -11.61 -11.07 1.68
CA ILE B 45 -10.84 -10.39 2.71
C ILE B 45 -10.93 -8.88 2.50
N SER B 46 -11.32 -8.15 3.53
CA SER B 46 -11.45 -6.69 3.43
C SER B 46 -10.69 -5.99 4.54
N HIS B 47 -9.74 -5.16 4.13
CA HIS B 47 -8.95 -4.38 5.07
C HIS B 47 -8.99 -2.95 4.62
N MET B 48 -8.90 -2.05 5.55
CA MET B 48 -8.93 -0.64 5.23
C MET B 48 -7.57 -0.03 5.50
N TYR B 49 -7.14 0.86 4.61
CA TYR B 49 -5.84 1.53 4.76
C TYR B 49 -5.74 2.24 6.12
N ALA B 50 -6.90 2.40 6.75
CA ALA B 50 -7.02 3.05 8.04
C ALA B 50 -6.61 2.14 9.20
N ASP B 51 -6.77 0.83 9.03
CA ASP B 51 -6.41 -0.10 10.09
C ASP B 51 -5.07 -0.75 9.82
N ILE B 52 -4.57 -0.61 8.61
CA ILE B 52 -3.28 -1.19 8.28
C ILE B 52 -2.17 -0.33 8.87
N LYS B 53 -1.29 -0.97 9.63
CA LYS B 53 -0.19 -0.31 10.30
C LYS B 53 0.97 -0.09 9.34
N CYS B 54 1.39 -1.16 8.70
CA CYS B 54 2.51 -1.11 7.77
C CYS B 54 2.38 -2.25 6.79
N GLN B 55 3.37 -2.39 5.93
CA GLN B 55 3.35 -3.44 4.95
C GLN B 55 4.62 -4.27 5.07
N LYS B 56 4.67 -5.36 4.36
CA LYS B 56 5.83 -6.23 4.33
C LYS B 56 5.96 -6.79 2.93
N ILE B 57 7.17 -6.89 2.42
CA ILE B 57 7.33 -7.38 1.06
C ILE B 57 8.55 -8.26 0.89
N SER B 58 8.44 -9.26 0.05
CA SER B 58 9.57 -10.10 -0.27
C SER B 58 10.35 -9.38 -1.35
N PRO B 59 11.46 -8.75 -0.99
CA PRO B 59 12.24 -7.93 -1.92
C PRO B 59 12.85 -8.75 -3.05
N GLU B 60 13.13 -8.06 -4.15
CA GLU B 60 13.71 -8.64 -5.36
C GLU B 60 14.84 -9.60 -5.03
N GLY B 61 14.60 -10.88 -5.25
CA GLY B 61 15.59 -11.90 -4.97
C GLY B 61 15.02 -13.01 -4.09
N LYS B 62 13.92 -12.70 -3.43
CA LYS B 62 13.24 -13.64 -2.54
C LYS B 62 12.54 -14.76 -3.32
N ALA B 63 12.49 -14.61 -4.65
CA ALA B 63 11.84 -15.58 -5.54
C ALA B 63 10.33 -15.50 -5.42
N LYS B 64 9.82 -15.75 -4.22
CA LYS B 64 8.38 -15.66 -3.97
C LYS B 64 7.98 -14.21 -3.97
N ILE B 65 6.91 -13.88 -4.69
CA ILE B 65 6.45 -12.50 -4.72
C ILE B 65 5.30 -12.36 -3.73
N GLN B 66 5.62 -12.08 -2.48
CA GLN B 66 4.60 -11.98 -1.45
C GLN B 66 4.60 -10.60 -0.76
N LEU B 67 3.40 -10.17 -0.39
CA LEU B 67 3.18 -8.89 0.27
C LEU B 67 2.38 -9.10 1.55
N GLN B 68 2.93 -8.72 2.69
CA GLN B 68 2.24 -8.89 3.96
C GLN B 68 1.64 -7.58 4.45
N LEU B 69 0.34 -7.61 4.72
CA LEU B 69 -0.35 -6.44 5.23
C LEU B 69 -0.36 -6.50 6.75
N VAL B 70 0.47 -5.68 7.37
CA VAL B 70 0.54 -5.66 8.82
C VAL B 70 -0.44 -4.62 9.35
N LEU B 71 -1.53 -5.10 9.93
CA LEU B 71 -2.55 -4.21 10.45
C LEU B 71 -2.30 -3.84 11.91
N HIS B 72 -2.93 -2.76 12.35
CA HIS B 72 -2.80 -2.29 13.73
C HIS B 72 -3.48 -3.25 14.70
N ALA B 73 -4.40 -4.04 14.18
CA ALA B 73 -5.14 -4.98 14.99
C ALA B 73 -4.28 -6.14 15.48
N GLY B 74 -3.19 -6.41 14.76
CA GLY B 74 -2.34 -7.53 15.16
C GLY B 74 -2.60 -8.69 14.25
N ASP B 75 -2.92 -8.34 13.02
CA ASP B 75 -3.22 -9.30 11.99
C ASP B 75 -2.38 -8.94 10.80
N THR B 76 -1.79 -9.93 10.21
CA THR B 76 -0.96 -9.68 9.06
C THR B 76 -1.33 -10.66 7.94
N THR B 77 -1.78 -10.15 6.81
CA THR B 77 -2.18 -10.99 5.69
C THR B 77 -1.15 -10.92 4.56
N ASN B 78 -0.60 -12.08 4.16
CA ASN B 78 0.41 -12.11 3.12
C ASN B 78 -0.20 -12.54 1.79
N PHE B 79 0.03 -11.73 0.76
CA PHE B 79 -0.46 -11.99 -0.58
C PHE B 79 0.68 -12.46 -1.47
N HIS B 80 0.60 -13.68 -1.98
CA HIS B 80 1.64 -14.23 -2.82
C HIS B 80 1.25 -14.11 -4.30
N PHE B 81 1.80 -13.10 -4.96
CA PHE B 81 1.54 -12.86 -6.37
C PHE B 81 2.37 -13.83 -7.19
N SER B 82 1.70 -14.80 -7.79
CA SER B 82 2.38 -15.82 -8.58
C SER B 82 2.15 -15.66 -10.08
N ASN B 83 2.02 -14.43 -10.58
CA ASN B 83 1.84 -14.24 -12.00
C ASN B 83 3.20 -14.35 -12.65
N GLU B 84 3.45 -15.45 -13.34
CA GLU B 84 4.75 -15.69 -13.97
C GLU B 84 5.21 -14.52 -14.86
N SER B 85 4.28 -13.67 -15.24
CA SER B 85 4.61 -12.53 -16.08
C SER B 85 4.77 -11.23 -15.29
N THR B 86 3.95 -11.02 -14.26
CA THR B 86 4.01 -9.76 -13.50
C THR B 86 4.16 -9.92 -11.99
N ALA B 87 4.31 -11.15 -11.51
CA ALA B 87 4.38 -11.44 -10.07
C ALA B 87 4.99 -10.32 -9.24
N VAL B 88 6.30 -10.17 -9.36
CA VAL B 88 7.04 -9.12 -8.64
C VAL B 88 6.44 -7.73 -8.81
N LYS B 89 6.21 -7.33 -10.05
CA LYS B 89 5.66 -6.00 -10.34
C LYS B 89 4.30 -5.82 -9.70
N GLU B 90 3.54 -6.90 -9.58
CA GLU B 90 2.22 -6.84 -8.97
C GLU B 90 2.33 -6.50 -7.49
N ARG B 91 3.13 -7.29 -6.77
CA ARG B 91 3.35 -7.06 -5.35
C ARG B 91 3.94 -5.67 -5.16
N ASP B 92 4.90 -5.34 -5.99
CA ASP B 92 5.55 -4.05 -5.94
C ASP B 92 4.59 -2.91 -6.20
N ALA B 93 3.70 -3.12 -7.15
CA ALA B 93 2.72 -2.11 -7.54
C ALA B 93 1.72 -1.89 -6.45
N VAL B 94 1.17 -3.00 -5.98
CA VAL B 94 0.21 -3.00 -4.91
C VAL B 94 0.83 -2.30 -3.71
N LYS B 95 2.05 -2.70 -3.43
CA LYS B 95 2.84 -2.14 -2.34
C LYS B 95 3.06 -0.66 -2.53
N ASP B 96 3.43 -0.30 -3.74
CA ASP B 96 3.67 1.09 -4.08
C ASP B 96 2.42 1.90 -3.78
N LEU B 97 1.30 1.46 -4.34
CA LEU B 97 0.02 2.11 -4.14
C LEU B 97 -0.35 2.11 -2.68
N LEU B 98 -0.21 0.95 -2.05
CA LEU B 98 -0.51 0.76 -0.65
C LEU B 98 0.24 1.76 0.22
N GLN B 99 1.56 1.72 0.13
CA GLN B 99 2.43 2.62 0.88
C GLN B 99 2.10 4.09 0.63
N GLN B 100 1.88 4.44 -0.63
CA GLN B 100 1.59 5.83 -1.02
C GLN B 100 0.21 6.30 -0.58
N LEU B 101 -0.76 5.40 -0.58
CA LEU B 101 -2.14 5.77 -0.23
C LEU B 101 -2.42 5.63 1.26
N LEU B 102 -1.56 4.92 1.97
CA LEU B 102 -1.71 4.72 3.41
C LEU B 102 -1.91 6.04 4.17
N PRO B 103 -1.02 7.05 4.01
CA PRO B 103 -1.12 8.33 4.72
C PRO B 103 -2.40 9.11 4.42
N LYS B 104 -3.26 8.56 3.59
CA LYS B 104 -4.52 9.23 3.25
C LYS B 104 -5.65 8.68 4.12
N PHE B 105 -5.50 7.45 4.60
CA PHE B 105 -6.55 6.82 5.40
C PHE B 105 -6.08 6.36 6.77
N LYS B 106 -4.86 6.70 7.14
CA LYS B 106 -4.31 6.29 8.44
C LYS B 106 -5.24 6.62 9.59
N ARG B 107 -5.70 5.56 10.27
CA ARG B 107 -6.60 5.66 11.42
C ARG B 107 -7.89 6.41 11.06
N LYS B 108 -8.22 6.37 9.76
CA LYS B 108 -9.41 7.01 9.21
C LYS B 108 -9.30 8.53 9.29
N ALA B 109 -8.10 9.02 9.59
CA ALA B 109 -7.86 10.44 9.66
C ALA B 109 -7.67 10.99 8.26
N ASN B 110 -8.79 11.32 7.62
CA ASN B 110 -8.78 11.84 6.28
C ASN B 110 -8.34 13.31 6.28
N GLU A 3 -6.14 -26.34 5.81
CA GLU A 3 -5.72 -25.02 5.28
C GLU A 3 -4.83 -24.30 6.28
N GLU A 4 -3.59 -24.20 5.88
CA GLU A 4 -2.55 -23.58 6.66
C GLU A 4 -2.06 -22.35 5.91
N ASP A 5 -0.85 -21.91 6.19
CA ASP A 5 -0.30 -20.76 5.50
C ASP A 5 0.56 -21.23 4.34
N GLU A 6 1.08 -20.29 3.57
CA GLU A 6 1.92 -20.62 2.43
C GLU A 6 3.37 -20.23 2.71
N GLU A 7 3.56 -19.41 3.73
CA GLU A 7 4.89 -18.95 4.09
C GLU A 7 4.92 -18.35 5.50
N GLU A 8 5.86 -17.42 5.72
CA GLU A 8 6.02 -16.77 7.01
C GLU A 8 6.49 -15.31 6.86
N ASP A 9 7.81 -15.09 6.96
CA ASP A 9 8.39 -13.75 6.84
C ASP A 9 9.77 -13.88 6.19
N ASP A 10 9.80 -14.77 5.18
CA ASP A 10 11.00 -15.11 4.40
C ASP A 10 11.92 -13.91 4.16
N GLU A 11 11.36 -12.83 3.65
CA GLU A 11 12.11 -11.63 3.35
C GLU A 11 11.11 -10.56 3.06
N PHE A 12 11.02 -9.62 3.96
CA PHE A 12 10.05 -8.58 3.79
C PHE A 12 10.59 -7.22 4.17
N GLU A 13 10.47 -6.29 3.25
CA GLU A 13 10.89 -4.92 3.48
C GLU A 13 9.70 -4.19 4.04
N GLU A 14 9.81 -3.64 5.23
CA GLU A 14 8.69 -2.90 5.77
C GLU A 14 8.50 -1.70 4.87
N VAL A 15 7.45 -1.76 4.05
CA VAL A 15 7.19 -0.69 3.12
C VAL A 15 6.59 0.48 3.87
N ALA A 16 7.26 1.60 3.82
CA ALA A 16 6.79 2.78 4.49
C ALA A 16 5.70 3.44 3.68
N ASP A 17 4.66 3.87 4.37
CA ASP A 17 3.55 4.56 3.76
C ASP A 17 3.99 5.94 3.30
N ASP A 18 4.82 5.95 2.27
CA ASP A 18 5.37 7.17 1.74
C ASP A 18 4.59 7.68 0.54
N PRO A 19 4.01 8.87 0.67
CA PRO A 19 3.25 9.50 -0.40
C PRO A 19 4.16 10.18 -1.41
N ILE A 20 3.60 10.56 -2.54
CA ILE A 20 4.36 11.22 -3.57
C ILE A 20 3.99 12.69 -3.63
N VAL A 21 4.91 13.52 -3.17
CA VAL A 21 4.70 14.95 -3.18
C VAL A 21 5.66 15.59 -4.18
N MET A 22 5.09 16.22 -5.19
CA MET A 22 5.88 16.83 -6.24
C MET A 22 6.34 18.21 -5.81
N VAL A 23 7.58 18.50 -6.14
CA VAL A 23 8.17 19.78 -5.83
C VAL A 23 8.82 20.33 -7.08
N ALA A 24 8.39 21.51 -7.49
CA ALA A 24 8.89 22.15 -8.69
C ALA A 24 8.57 21.29 -9.91
N GLY A 25 7.55 20.45 -9.77
CA GLY A 25 7.17 19.57 -10.85
C GLY A 25 7.90 18.25 -10.81
N ARG A 26 8.80 18.10 -9.84
CA ARG A 26 9.56 16.86 -9.68
C ARG A 26 8.87 15.98 -8.66
N PRO A 27 8.55 14.74 -9.03
CA PRO A 27 7.87 13.81 -8.13
C PRO A 27 8.81 13.22 -7.09
N PHE A 28 8.74 13.74 -5.88
CA PHE A 28 9.54 13.24 -4.78
C PHE A 28 8.63 12.58 -3.75
N SER A 29 9.20 11.82 -2.86
CA SER A 29 8.41 11.20 -1.82
C SER A 29 8.36 12.15 -0.63
N TYR A 30 7.55 11.83 0.36
CA TYR A 30 7.42 12.69 1.52
C TYR A 30 8.71 12.68 2.33
N SER A 31 9.24 11.49 2.58
CA SER A 31 10.49 11.35 3.33
C SER A 31 11.65 11.97 2.55
N GLU A 32 11.39 12.22 1.27
CA GLU A 32 12.36 12.82 0.39
C GLU A 32 12.27 14.33 0.49
N VAL A 33 11.07 14.84 0.30
CA VAL A 33 10.78 16.26 0.36
C VAL A 33 11.12 16.83 1.73
N SER A 34 10.86 16.06 2.79
CA SER A 34 11.12 16.50 4.15
C SER A 34 12.62 16.54 4.45
N GLN A 35 13.39 15.70 3.76
CA GLN A 35 14.83 15.66 3.97
C GLN A 35 15.51 16.89 3.40
N ARG A 36 14.97 17.44 2.31
CA ARG A 36 15.58 18.62 1.70
C ARG A 36 14.75 19.88 1.95
N PRO A 37 15.19 20.73 2.89
CA PRO A 37 14.52 21.99 3.19
C PRO A 37 14.48 22.89 1.96
N GLU A 38 15.44 22.70 1.05
CA GLU A 38 15.50 23.48 -0.18
C GLU A 38 14.35 23.08 -1.08
N LEU A 39 13.97 21.81 -0.99
CA LEU A 39 12.86 21.30 -1.79
C LEU A 39 11.58 22.01 -1.38
N VAL A 40 11.33 22.04 -0.08
CA VAL A 40 10.13 22.71 0.42
C VAL A 40 10.22 24.21 0.17
N ALA A 41 11.44 24.69 0.07
CA ALA A 41 11.72 26.09 -0.18
C ALA A 41 11.56 26.42 -1.66
N GLN A 42 11.58 25.39 -2.50
CA GLN A 42 11.43 25.56 -3.94
C GLN A 42 10.07 25.05 -4.35
N MET A 43 9.36 24.51 -3.38
CA MET A 43 8.05 23.98 -3.61
C MET A 43 7.05 25.12 -3.61
N THR A 44 6.18 25.07 -4.57
CA THR A 44 5.17 26.11 -4.75
C THR A 44 4.12 26.03 -3.65
N PRO A 45 3.24 27.04 -3.52
CA PRO A 45 2.17 27.02 -2.53
C PRO A 45 1.35 25.75 -2.66
N GLU A 46 1.00 25.42 -3.90
CA GLU A 46 0.22 24.22 -4.18
C GLU A 46 0.95 22.98 -3.64
N GLU A 47 2.25 22.91 -3.92
CA GLU A 47 3.07 21.80 -3.48
C GLU A 47 3.25 21.82 -1.96
N LYS A 48 3.47 23.01 -1.41
CA LYS A 48 3.61 23.20 0.03
C LYS A 48 2.37 22.73 0.77
N GLU A 49 1.23 23.25 0.37
CA GLU A 49 -0.04 22.92 1.01
C GLU A 49 -0.34 21.44 0.81
N ALA A 50 0.07 20.92 -0.33
CA ALA A 50 -0.10 19.52 -0.64
C ALA A 50 0.73 18.68 0.32
N TYR A 51 1.99 19.09 0.49
CA TYR A 51 2.92 18.42 1.38
C TYR A 51 2.40 18.49 2.81
N ILE A 52 1.99 19.69 3.22
CA ILE A 52 1.47 19.90 4.57
C ILE A 52 0.25 19.03 4.84
N ALA A 53 -0.71 19.06 3.91
CA ALA A 53 -1.94 18.29 4.04
C ALA A 53 -1.66 16.78 4.02
N MET A 54 -0.60 16.38 3.33
CA MET A 54 -0.23 14.98 3.24
C MET A 54 0.48 14.53 4.51
N GLY A 55 1.26 15.43 5.09
CA GLY A 55 1.99 15.13 6.29
C GLY A 55 1.08 14.99 7.48
N GLN A 56 0.01 15.78 7.48
CA GLN A 56 -0.97 15.78 8.56
C GLN A 56 -1.39 14.35 8.93
N ARG A 57 -1.71 13.56 7.92
CA ARG A 57 -2.14 12.17 8.14
C ARG A 57 -1.09 11.36 8.87
N MET A 58 0.16 11.45 8.44
CA MET A 58 1.25 10.72 9.07
C MET A 58 1.57 11.33 10.42
N PHE A 59 1.34 12.63 10.53
CA PHE A 59 1.58 13.37 11.75
C PHE A 59 0.63 12.91 12.85
N GLU A 60 -0.61 12.62 12.47
CA GLU A 60 -1.62 12.15 13.41
C GLU A 60 -1.63 10.63 13.44
N ASP A 61 -0.67 10.04 12.76
CA ASP A 61 -0.55 8.59 12.66
C ASP A 61 0.47 8.06 13.66
N LEU A 62 1.25 8.98 14.24
CA LEU A 62 2.26 8.61 15.23
C LEU A 62 1.64 7.87 16.40
N PHE A 63 0.38 8.18 16.66
CA PHE A 63 -0.35 7.54 17.73
C PHE A 63 -0.94 6.23 17.21
N GLU A 64 -0.03 5.30 16.91
CA GLU A 64 -0.41 3.97 16.40
C GLU A 64 -1.59 3.40 17.18
N MET B 3 -23.70 0.70 -12.27
CA MET B 3 -23.79 -0.57 -11.50
C MET B 3 -22.40 -1.16 -11.32
N ALA B 4 -22.19 -1.84 -10.18
CA ALA B 4 -20.90 -2.44 -9.85
C ALA B 4 -19.82 -1.37 -9.72
N THR B 5 -19.08 -1.14 -10.80
CA THR B 5 -18.04 -0.14 -10.81
C THR B 5 -18.64 1.25 -10.96
N SER B 6 -19.24 1.75 -9.90
CA SER B 6 -19.86 3.07 -9.90
C SER B 6 -19.63 3.76 -8.57
N SER B 7 -18.67 3.25 -7.81
CA SER B 7 -18.34 3.81 -6.51
C SER B 7 -16.88 3.51 -6.16
N GLU B 8 -16.24 4.46 -5.48
CA GLU B 8 -14.84 4.35 -5.05
C GLU B 8 -13.88 4.41 -6.24
N GLU B 9 -12.63 4.69 -5.92
CA GLU B 9 -11.58 4.76 -6.92
C GLU B 9 -10.75 3.49 -6.90
N VAL B 10 -11.10 2.51 -7.72
CA VAL B 10 -10.34 1.27 -7.77
C VAL B 10 -8.96 1.58 -8.32
N LEU B 11 -7.97 1.25 -7.54
CA LEU B 11 -6.60 1.53 -7.87
C LEU B 11 -5.98 0.45 -8.73
N LEU B 12 -5.92 -0.75 -8.20
CA LEU B 12 -5.32 -1.84 -8.92
C LEU B 12 -6.01 -3.17 -8.70
N ILE B 13 -6.31 -3.84 -9.80
CA ILE B 13 -6.93 -5.15 -9.77
C ILE B 13 -5.88 -6.21 -10.11
N VAL B 14 -5.41 -6.93 -9.11
CA VAL B 14 -4.42 -7.96 -9.34
C VAL B 14 -5.12 -9.30 -9.33
N LYS B 15 -4.72 -10.18 -10.23
CA LYS B 15 -5.33 -11.50 -10.32
C LYS B 15 -4.27 -12.57 -10.07
N LYS B 16 -4.72 -13.81 -9.91
CA LYS B 16 -3.84 -14.94 -9.63
C LYS B 16 -3.10 -14.71 -8.31
N VAL B 17 -3.71 -13.90 -7.47
CA VAL B 17 -3.18 -13.58 -6.15
C VAL B 17 -3.60 -14.67 -5.19
N ARG B 18 -2.63 -15.40 -4.66
CA ARG B 18 -2.90 -16.50 -3.76
C ARG B 18 -2.78 -16.09 -2.31
N GLN B 19 -3.76 -16.52 -1.52
CA GLN B 19 -3.77 -16.25 -0.10
C GLN B 19 -4.31 -17.49 0.60
N LYS B 20 -3.48 -18.08 1.44
CA LYS B 20 -3.81 -19.31 2.16
C LYS B 20 -3.85 -20.45 1.17
N LYS B 21 -2.95 -20.34 0.18
CA LYS B 21 -2.80 -21.32 -0.89
C LYS B 21 -4.05 -21.38 -1.77
N GLN B 22 -4.78 -20.26 -1.84
CA GLN B 22 -6.00 -20.20 -2.63
C GLN B 22 -5.85 -19.13 -3.70
N ASP B 23 -6.13 -19.49 -4.95
CA ASP B 23 -6.00 -18.56 -6.06
C ASP B 23 -7.19 -17.62 -6.15
N GLY B 24 -6.90 -16.34 -6.13
CA GLY B 24 -7.89 -15.32 -6.25
C GLY B 24 -7.35 -14.07 -6.91
N ALA B 25 -7.73 -12.92 -6.38
CA ALA B 25 -7.31 -11.66 -6.91
C ALA B 25 -7.24 -10.61 -5.80
N LEU B 26 -6.28 -9.71 -5.91
CA LEU B 26 -6.08 -8.67 -4.93
C LEU B 26 -6.58 -7.35 -5.49
N TYR B 27 -7.61 -6.80 -4.88
CA TYR B 27 -8.21 -5.56 -5.33
C TYR B 27 -7.86 -4.37 -4.45
N LEU B 28 -7.13 -3.41 -4.98
CA LEU B 28 -6.84 -2.21 -4.23
C LEU B 28 -7.93 -1.21 -4.52
N MET B 29 -8.84 -1.02 -3.60
CA MET B 29 -9.89 -0.05 -3.82
C MET B 29 -9.57 1.23 -3.10
N ALA B 30 -10.37 2.24 -3.38
CA ALA B 30 -10.17 3.58 -2.87
C ALA B 30 -9.70 3.63 -1.42
N GLU B 31 -10.45 3.05 -0.51
CA GLU B 31 -10.07 3.08 0.90
C GLU B 31 -9.93 1.70 1.47
N ARG B 32 -10.05 0.68 0.63
CA ARG B 32 -10.00 -0.68 1.11
C ARG B 32 -9.32 -1.63 0.14
N ILE B 33 -8.34 -2.35 0.65
CA ILE B 33 -7.66 -3.35 -0.14
C ILE B 33 -8.32 -4.68 0.16
N ALA B 34 -9.05 -5.20 -0.80
CA ALA B 34 -9.78 -6.44 -0.60
C ALA B 34 -9.38 -7.51 -1.58
N TRP B 35 -9.28 -8.73 -1.08
CA TRP B 35 -8.91 -9.87 -1.89
C TRP B 35 -10.07 -10.86 -1.94
N ALA B 36 -10.23 -11.50 -3.09
CA ALA B 36 -11.26 -12.51 -3.28
C ALA B 36 -10.69 -13.59 -4.19
N PRO B 37 -11.20 -14.84 -4.14
CA PRO B 37 -10.67 -15.93 -4.97
C PRO B 37 -11.12 -15.83 -6.43
N GLU B 38 -10.90 -16.93 -7.16
CA GLU B 38 -11.24 -17.07 -8.59
C GLU B 38 -12.44 -16.23 -9.03
N GLY B 39 -13.58 -16.44 -8.42
CA GLY B 39 -14.77 -15.70 -8.77
C GLY B 39 -15.80 -15.69 -7.67
N LYS B 40 -15.64 -14.78 -6.73
CA LYS B 40 -16.57 -14.65 -5.62
C LYS B 40 -17.01 -13.21 -5.46
N ASP B 41 -18.31 -13.02 -5.29
CA ASP B 41 -18.87 -11.68 -5.11
C ASP B 41 -18.50 -11.10 -3.75
N ARG B 42 -18.40 -11.98 -2.77
CA ARG B 42 -18.03 -11.57 -1.42
C ARG B 42 -16.54 -11.71 -1.22
N PHE B 43 -15.90 -10.60 -0.88
CA PHE B 43 -14.46 -10.58 -0.64
C PHE B 43 -14.11 -11.43 0.58
N THR B 44 -12.91 -11.97 0.58
CA THR B 44 -12.46 -12.81 1.66
C THR B 44 -11.64 -12.00 2.67
N ILE B 45 -10.88 -11.05 2.15
CA ILE B 45 -10.03 -10.23 2.97
C ILE B 45 -10.24 -8.75 2.67
N SER B 46 -10.57 -7.98 3.69
CA SER B 46 -10.78 -6.55 3.55
C SER B 46 -9.94 -5.80 4.58
N HIS B 47 -9.13 -4.87 4.09
CA HIS B 47 -8.27 -4.07 4.94
C HIS B 47 -8.45 -2.63 4.53
N MET B 48 -8.51 -1.76 5.50
CA MET B 48 -8.68 -0.36 5.23
C MET B 48 -7.33 0.33 5.27
N TYR B 49 -7.03 1.16 4.28
CA TYR B 49 -5.75 1.87 4.22
C TYR B 49 -5.57 2.75 5.46
N ALA B 50 -6.68 2.95 6.17
CA ALA B 50 -6.72 3.75 7.37
C ALA B 50 -6.25 2.96 8.59
N ASP B 51 -6.30 1.63 8.51
CA ASP B 51 -5.89 0.77 9.61
C ASP B 51 -4.56 0.09 9.32
N ILE B 52 -4.16 0.09 8.05
CA ILE B 52 -2.91 -0.53 7.67
C ILE B 52 -1.74 0.36 8.10
N LYS B 53 -0.83 -0.22 8.87
CA LYS B 53 0.32 0.50 9.38
C LYS B 53 1.38 0.66 8.31
N CYS B 54 1.90 -0.47 7.86
CA CYS B 54 2.94 -0.49 6.84
C CYS B 54 2.77 -1.72 5.99
N GLN B 55 3.70 -1.94 5.09
CA GLN B 55 3.63 -3.10 4.23
C GLN B 55 4.91 -3.90 4.35
N LYS B 56 4.95 -5.04 3.70
CA LYS B 56 6.12 -5.91 3.68
C LYS B 56 6.22 -6.54 2.31
N ILE B 57 7.40 -6.57 1.73
CA ILE B 57 7.55 -7.13 0.38
C ILE B 57 8.76 -8.03 0.25
N SER B 58 8.77 -8.83 -0.81
CA SER B 58 9.88 -9.70 -1.11
C SER B 58 10.86 -8.95 -2.00
N PRO B 59 11.92 -8.40 -1.42
CA PRO B 59 12.91 -7.58 -2.13
C PRO B 59 14.00 -8.42 -2.80
N GLU B 60 15.05 -7.72 -3.25
CA GLU B 60 16.20 -8.33 -3.90
C GLU B 60 15.76 -9.32 -4.99
N GLY B 61 16.19 -10.57 -4.85
CA GLY B 61 15.86 -11.59 -5.82
C GLY B 61 15.01 -12.69 -5.22
N LYS B 62 13.93 -12.28 -4.55
CA LYS B 62 13.03 -13.23 -3.93
C LYS B 62 12.24 -13.99 -4.99
N ALA B 63 12.34 -15.31 -4.97
CA ALA B 63 11.65 -16.17 -5.92
C ALA B 63 10.14 -16.06 -5.80
N LYS B 64 9.62 -16.22 -4.58
CA LYS B 64 8.19 -16.11 -4.37
C LYS B 64 7.81 -14.64 -4.26
N ILE B 65 6.76 -14.24 -4.94
CA ILE B 65 6.32 -12.87 -4.93
C ILE B 65 5.15 -12.71 -3.98
N GLN B 66 5.33 -11.93 -2.92
CA GLN B 66 4.26 -11.75 -1.96
C GLN B 66 4.36 -10.41 -1.25
N LEU B 67 3.25 -9.99 -0.66
CA LEU B 67 3.15 -8.73 0.04
C LEU B 67 2.48 -8.92 1.41
N GLN B 68 3.15 -8.54 2.47
CA GLN B 68 2.59 -8.68 3.81
C GLN B 68 2.03 -7.35 4.30
N LEU B 69 0.72 -7.27 4.41
CA LEU B 69 0.06 -6.08 4.88
C LEU B 69 0.11 -6.00 6.39
N VAL B 70 0.94 -5.12 6.91
CA VAL B 70 1.07 -4.96 8.35
C VAL B 70 0.12 -3.88 8.83
N LEU B 71 -0.94 -4.31 9.49
CA LEU B 71 -1.94 -3.37 9.97
C LEU B 71 -1.63 -2.92 11.40
N HIS B 72 -2.15 -1.76 11.78
CA HIS B 72 -1.94 -1.21 13.12
C HIS B 72 -2.61 -2.09 14.17
N ALA B 73 -3.65 -2.80 13.73
CA ALA B 73 -4.41 -3.67 14.61
C ALA B 73 -3.57 -4.81 15.19
N GLY B 74 -2.52 -5.21 14.46
CA GLY B 74 -1.69 -6.29 14.93
C GLY B 74 -1.95 -7.52 14.11
N ASP B 75 -2.30 -7.27 12.86
CA ASP B 75 -2.60 -8.30 11.91
C ASP B 75 -1.76 -8.05 10.70
N THR B 76 -1.18 -9.07 10.16
CA THR B 76 -0.38 -8.92 9.00
C THR B 76 -0.75 -10.01 7.98
N THR B 77 -1.21 -9.62 6.81
CA THR B 77 -1.63 -10.58 5.80
C THR B 77 -0.68 -10.60 4.59
N ASN B 78 -0.13 -11.76 4.27
CA ASN B 78 0.79 -11.89 3.14
C ASN B 78 0.04 -12.40 1.90
N PHE B 79 0.10 -11.63 0.83
CA PHE B 79 -0.54 -12.01 -0.44
C PHE B 79 0.50 -12.55 -1.40
N HIS B 80 0.35 -13.80 -1.82
CA HIS B 80 1.31 -14.44 -2.71
C HIS B 80 0.90 -14.27 -4.18
N PHE B 81 1.59 -13.37 -4.87
CA PHE B 81 1.32 -13.10 -6.27
C PHE B 81 2.05 -14.13 -7.12
N SER B 82 1.33 -15.13 -7.60
CA SER B 82 1.93 -16.19 -8.40
C SER B 82 1.66 -16.02 -9.90
N ASN B 83 1.64 -14.78 -10.39
CA ASN B 83 1.44 -14.55 -11.81
C ASN B 83 2.80 -14.70 -12.48
N GLU B 84 3.06 -15.86 -13.08
CA GLU B 84 4.35 -16.10 -13.74
C GLU B 84 4.79 -14.96 -14.66
N SER B 85 3.84 -14.19 -15.16
CA SER B 85 4.14 -13.09 -16.04
C SER B 85 4.31 -11.76 -15.30
N THR B 86 3.46 -11.48 -14.30
CA THR B 86 3.52 -10.20 -13.59
C THR B 86 3.61 -10.32 -12.07
N ALA B 87 3.96 -11.48 -11.55
CA ALA B 87 4.04 -11.72 -10.12
C ALA B 87 4.66 -10.55 -9.37
N VAL B 88 5.97 -10.40 -9.53
CA VAL B 88 6.72 -9.31 -8.89
C VAL B 88 6.11 -7.94 -9.14
N LYS B 89 5.85 -7.63 -10.42
CA LYS B 89 5.31 -6.34 -10.81
C LYS B 89 3.97 -6.04 -10.16
N GLU B 90 3.04 -6.99 -10.18
CA GLU B 90 1.72 -6.76 -9.59
C GLU B 90 1.84 -6.59 -8.08
N ARG B 91 2.75 -7.31 -7.45
CA ARG B 91 2.99 -7.18 -6.01
C ARG B 91 3.56 -5.80 -5.74
N ASP B 92 4.61 -5.49 -6.47
CA ASP B 92 5.29 -4.22 -6.38
C ASP B 92 4.36 -3.08 -6.72
N ALA B 93 3.41 -3.37 -7.59
CA ALA B 93 2.43 -2.38 -8.03
C ALA B 93 1.46 -2.07 -6.90
N VAL B 94 0.95 -3.14 -6.32
CA VAL B 94 0.03 -3.05 -5.21
C VAL B 94 0.70 -2.28 -4.10
N LYS B 95 1.94 -2.65 -3.85
CA LYS B 95 2.78 -2.03 -2.84
C LYS B 95 3.00 -0.58 -3.17
N ASP B 96 3.29 -0.30 -4.43
CA ASP B 96 3.54 1.05 -4.87
C ASP B 96 2.34 1.93 -4.55
N LEU B 97 1.17 1.45 -5.00
CA LEU B 97 -0.08 2.16 -4.76
C LEU B 97 -0.36 2.24 -3.27
N LEU B 98 -0.22 1.11 -2.60
CA LEU B 98 -0.45 1.01 -1.17
C LEU B 98 0.37 2.04 -0.40
N GLN B 99 1.68 1.97 -0.53
CA GLN B 99 2.60 2.88 0.14
C GLN B 99 2.27 4.35 -0.13
N GLN B 100 1.98 4.68 -1.39
CA GLN B 100 1.67 6.08 -1.76
C GLN B 100 0.29 6.52 -1.31
N LEU B 101 -0.67 5.62 -1.34
CA LEU B 101 -2.05 5.95 -0.98
C LEU B 101 -2.32 5.87 0.52
N LEU B 102 -1.50 5.14 1.25
CA LEU B 102 -1.67 4.97 2.69
C LEU B 102 -1.88 6.31 3.43
N PRO B 103 -0.96 7.30 3.29
CA PRO B 103 -1.09 8.60 3.96
C PRO B 103 -2.31 9.41 3.49
N LYS B 104 -3.07 8.84 2.57
CA LYS B 104 -4.26 9.49 2.09
C LYS B 104 -5.50 8.95 2.82
N PHE B 105 -5.37 7.75 3.41
CA PHE B 105 -6.49 7.13 4.10
C PHE B 105 -6.17 6.82 5.54
N LYS B 106 -4.89 6.85 5.90
CA LYS B 106 -4.46 6.54 7.27
C LYS B 106 -5.24 7.35 8.29
N ARG B 107 -5.85 6.64 9.23
CA ARG B 107 -6.64 7.22 10.33
C ARG B 107 -7.94 7.85 9.81
N LYS B 108 -8.15 7.77 8.49
CA LYS B 108 -9.33 8.33 7.83
C LYS B 108 -9.44 9.83 8.10
N ALA B 109 -8.30 10.49 8.23
CA ALA B 109 -8.25 11.92 8.47
C ALA B 109 -8.22 12.68 7.16
N ASN B 110 -8.89 12.12 6.16
CA ASN B 110 -8.97 12.71 4.84
C ASN B 110 -10.14 12.08 4.10
N GLU A 3 -2.97 -25.85 3.75
CA GLU A 3 -3.09 -24.39 3.46
C GLU A 3 -3.05 -23.62 4.77
N GLU A 4 -1.94 -23.79 5.47
CA GLU A 4 -1.75 -23.17 6.75
C GLU A 4 -0.80 -22.00 6.61
N ASP A 5 -0.28 -21.52 7.73
CA ASP A 5 0.65 -20.41 7.71
C ASP A 5 2.08 -20.94 7.66
N GLU A 6 2.33 -21.77 6.65
CA GLU A 6 3.63 -22.37 6.44
C GLU A 6 4.70 -21.31 6.23
N GLU A 7 4.54 -20.52 5.16
CA GLU A 7 5.47 -19.46 4.86
C GLU A 7 4.87 -18.48 3.87
N GLU A 8 4.69 -17.26 4.32
CA GLU A 8 4.18 -16.18 3.49
C GLU A 8 4.85 -14.88 3.92
N ASP A 9 5.85 -15.02 4.79
CA ASP A 9 6.62 -13.91 5.33
C ASP A 9 7.91 -14.47 5.90
N ASP A 10 8.99 -13.68 5.82
CA ASP A 10 10.31 -14.11 6.30
C ASP A 10 11.37 -13.07 5.97
N GLU A 11 11.14 -12.33 4.88
CA GLU A 11 12.09 -11.33 4.44
C GLU A 11 11.31 -10.18 3.86
N PHE A 12 10.63 -9.46 4.70
CA PHE A 12 9.82 -8.37 4.23
C PHE A 12 10.31 -7.02 4.70
N GLU A 13 10.18 -6.05 3.82
CA GLU A 13 10.54 -4.68 4.10
C GLU A 13 9.31 -4.00 4.60
N GLU A 14 9.31 -3.50 5.82
CA GLU A 14 8.14 -2.82 6.30
C GLU A 14 7.94 -1.60 5.42
N VAL A 15 6.96 -1.68 4.55
CA VAL A 15 6.69 -0.60 3.64
C VAL A 15 5.99 0.50 4.40
N ALA A 16 6.62 1.64 4.44
CA ALA A 16 6.07 2.77 5.13
C ALA A 16 4.99 3.41 4.28
N ASP A 17 3.96 3.86 4.94
CA ASP A 17 2.84 4.54 4.32
C ASP A 17 3.28 5.91 3.82
N ASP A 18 4.17 5.88 2.84
CA ASP A 18 4.75 7.07 2.26
C ASP A 18 3.85 7.70 1.21
N PRO A 19 3.41 8.94 1.45
CA PRO A 19 2.57 9.66 0.51
C PRO A 19 3.41 10.28 -0.60
N ILE A 20 2.75 10.66 -1.67
CA ILE A 20 3.45 11.27 -2.80
C ILE A 20 3.17 12.75 -2.85
N VAL A 21 4.24 13.53 -2.76
CA VAL A 21 4.14 14.97 -2.81
C VAL A 21 4.98 15.46 -3.99
N MET A 22 4.31 16.09 -4.94
CA MET A 22 4.98 16.57 -6.13
C MET A 22 5.68 17.88 -5.85
N VAL A 23 6.83 18.03 -6.44
CA VAL A 23 7.62 19.24 -6.31
C VAL A 23 8.07 19.68 -7.69
N ALA A 24 7.66 20.88 -8.09
CA ALA A 24 7.99 21.42 -9.40
C ALA A 24 7.40 20.53 -10.49
N GLY A 25 6.31 19.82 -10.15
CA GLY A 25 5.68 18.95 -11.11
C GLY A 25 6.35 17.59 -11.16
N ARG A 26 7.23 17.34 -10.19
CA ARG A 26 7.92 16.06 -10.10
C ARG A 26 7.38 15.28 -8.91
N PRO A 27 6.84 14.08 -9.14
CA PRO A 27 6.27 13.27 -8.07
C PRO A 27 7.33 12.62 -7.18
N PHE A 28 7.50 13.18 -5.99
CA PHE A 28 8.44 12.66 -5.02
C PHE A 28 7.69 12.13 -3.82
N SER A 29 8.32 11.30 -3.02
CA SER A 29 7.67 10.78 -1.84
C SER A 29 7.91 11.75 -0.70
N TYR A 30 7.14 11.62 0.37
CA TYR A 30 7.27 12.51 1.51
C TYR A 30 8.62 12.35 2.16
N SER A 31 9.05 11.09 2.36
CA SER A 31 10.35 10.83 2.97
C SER A 31 11.47 11.32 2.07
N GLU A 32 11.11 11.65 0.83
CA GLU A 32 12.04 12.16 -0.14
C GLU A 32 12.06 13.68 -0.10
N VAL A 33 10.89 14.27 -0.17
CA VAL A 33 10.74 15.72 -0.14
C VAL A 33 11.22 16.29 1.21
N SER A 34 11.09 15.49 2.26
CA SER A 34 11.49 15.92 3.60
C SER A 34 13.01 15.88 3.77
N GLN A 35 13.65 14.92 3.13
CA GLN A 35 15.10 14.78 3.24
C GLN A 35 15.81 15.73 2.29
N ARG A 36 15.08 16.26 1.32
CA ARG A 36 15.67 17.17 0.35
C ARG A 36 15.14 18.59 0.52
N PRO A 37 15.88 19.43 1.26
CA PRO A 37 15.50 20.82 1.51
C PRO A 37 15.40 21.61 0.20
N GLU A 38 16.18 21.21 -0.81
CA GLU A 38 16.18 21.88 -2.09
C GLU A 38 14.84 21.66 -2.77
N LEU A 39 14.27 20.48 -2.55
CA LEU A 39 12.99 20.14 -3.12
C LEU A 39 11.92 21.06 -2.55
N VAL A 40 11.90 21.20 -1.24
CA VAL A 40 10.92 22.06 -0.59
C VAL A 40 11.21 23.52 -0.94
N ALA A 41 12.47 23.79 -1.26
CA ALA A 41 12.92 25.13 -1.64
C ALA A 41 12.55 25.44 -3.08
N GLN A 42 12.27 24.40 -3.86
CA GLN A 42 11.91 24.57 -5.26
C GLN A 42 10.45 24.21 -5.43
N MET A 43 9.83 23.83 -4.33
CA MET A 43 8.45 23.45 -4.34
C MET A 43 7.61 24.71 -4.25
N THR A 44 6.60 24.73 -5.08
CA THR A 44 5.69 25.86 -5.17
C THR A 44 4.88 26.01 -3.90
N PRO A 45 4.19 27.14 -3.69
CA PRO A 45 3.34 27.31 -2.52
C PRO A 45 2.31 26.19 -2.44
N GLU A 46 1.72 25.90 -3.60
CA GLU A 46 0.74 24.83 -3.71
C GLU A 46 1.34 23.51 -3.25
N GLU A 47 2.55 23.22 -3.71
CA GLU A 47 3.23 21.99 -3.34
C GLU A 47 3.68 22.04 -1.88
N LYS A 48 4.15 23.20 -1.44
CA LYS A 48 4.57 23.41 -0.06
C LYS A 48 3.43 23.13 0.91
N GLU A 49 2.31 23.79 0.68
CA GLU A 49 1.15 23.63 1.54
C GLU A 49 0.64 22.20 1.47
N ALA A 50 0.78 21.60 0.29
CA ALA A 50 0.38 20.22 0.07
C ALA A 50 1.25 19.31 0.92
N TYR A 51 2.55 19.57 0.87
CA TYR A 51 3.53 18.81 1.65
C TYR A 51 3.26 19.01 3.12
N ILE A 52 3.05 20.26 3.52
CA ILE A 52 2.78 20.60 4.91
C ILE A 52 1.53 19.89 5.40
N ALA A 53 0.45 19.97 4.62
CA ALA A 53 -0.81 19.34 4.97
C ALA A 53 -0.66 17.82 5.08
N MET A 54 0.06 17.24 4.12
CA MET A 54 0.28 15.80 4.11
C MET A 54 1.12 15.39 5.31
N GLY A 55 2.03 16.26 5.71
CA GLY A 55 2.89 15.99 6.83
C GLY A 55 2.13 16.07 8.12
N GLN A 56 1.23 17.05 8.23
CA GLN A 56 0.42 17.23 9.41
C GLN A 56 -0.35 15.95 9.73
N ARG A 57 -0.82 15.28 8.69
CA ARG A 57 -1.55 14.03 8.84
C ARG A 57 -0.67 12.99 9.53
N MET A 58 0.56 12.84 9.06
CA MET A 58 1.49 11.88 9.65
C MET A 58 2.00 12.41 10.99
N PHE A 59 1.87 13.71 11.17
CA PHE A 59 2.29 14.36 12.39
C PHE A 59 1.29 14.10 13.51
N GLU A 60 0.02 14.06 13.15
CA GLU A 60 -1.04 13.77 14.12
C GLU A 60 -1.35 12.28 14.08
N ASP A 61 -0.51 11.57 13.35
CA ASP A 61 -0.66 10.13 13.18
C ASP A 61 -0.11 9.41 14.40
N LEU A 62 0.42 10.18 15.34
CA LEU A 62 0.95 9.63 16.58
C LEU A 62 -0.19 9.15 17.45
N PHE A 63 -1.40 9.50 17.05
CA PHE A 63 -2.61 9.10 17.74
C PHE A 63 -3.43 8.25 16.78
N GLU A 64 -2.70 7.44 16.00
CA GLU A 64 -3.27 6.54 15.00
C GLU A 64 -4.61 5.93 15.42
N MET B 3 -11.98 7.62 -13.02
CA MET B 3 -11.61 9.06 -13.17
C MET B 3 -11.78 9.75 -11.84
N ALA B 4 -11.93 11.07 -11.87
CA ALA B 4 -12.13 11.84 -10.64
C ALA B 4 -13.58 11.70 -10.19
N THR B 5 -13.91 10.54 -9.64
CA THR B 5 -15.26 10.26 -9.20
C THR B 5 -15.26 9.74 -7.75
N SER B 6 -16.38 9.21 -7.33
CA SER B 6 -16.52 8.65 -5.99
C SER B 6 -17.45 7.44 -6.05
N SER B 7 -16.93 6.37 -6.63
CA SER B 7 -17.68 5.14 -6.80
C SER B 7 -16.82 3.94 -6.42
N GLU B 8 -16.05 4.09 -5.35
CA GLU B 8 -15.16 3.04 -4.88
C GLU B 8 -14.13 2.73 -5.96
N GLU B 9 -13.51 3.79 -6.43
CA GLU B 9 -12.50 3.76 -7.47
C GLU B 9 -11.50 2.62 -7.30
N VAL B 10 -11.64 1.61 -8.13
CA VAL B 10 -10.72 0.49 -8.08
C VAL B 10 -9.40 0.91 -8.67
N LEU B 11 -8.42 0.90 -7.82
CA LEU B 11 -7.08 1.31 -8.16
C LEU B 11 -6.35 0.24 -8.93
N LEU B 12 -6.34 -0.96 -8.39
CA LEU B 12 -5.63 -2.04 -9.03
C LEU B 12 -6.32 -3.38 -8.88
N ILE B 13 -6.46 -4.07 -10.00
CA ILE B 13 -7.05 -5.39 -10.04
C ILE B 13 -5.97 -6.39 -10.37
N VAL B 14 -5.45 -7.08 -9.37
CA VAL B 14 -4.40 -8.05 -9.62
C VAL B 14 -4.96 -9.44 -9.61
N LYS B 15 -4.53 -10.26 -10.54
CA LYS B 15 -4.97 -11.65 -10.62
C LYS B 15 -3.80 -12.55 -10.33
N LYS B 16 -4.07 -13.85 -10.16
CA LYS B 16 -3.03 -14.83 -9.84
C LYS B 16 -2.43 -14.53 -8.47
N VAL B 17 -3.12 -13.70 -7.69
CA VAL B 17 -2.69 -13.32 -6.36
C VAL B 17 -3.01 -14.44 -5.37
N ARG B 18 -2.01 -15.19 -4.99
CA ARG B 18 -2.20 -16.32 -4.09
C ARG B 18 -2.02 -15.92 -2.63
N GLN B 19 -3.11 -15.93 -1.88
CA GLN B 19 -3.05 -15.61 -0.46
C GLN B 19 -2.99 -16.92 0.30
N LYS B 20 -1.85 -17.20 0.91
CA LYS B 20 -1.64 -18.46 1.64
C LYS B 20 -1.70 -19.62 0.66
N LYS B 21 -1.16 -19.35 -0.53
CA LYS B 21 -1.10 -20.31 -1.64
C LYS B 21 -2.44 -20.45 -2.38
N GLN B 22 -3.43 -19.65 -1.98
CA GLN B 22 -4.74 -19.70 -2.61
C GLN B 22 -4.77 -18.72 -3.78
N ASP B 23 -4.82 -19.24 -5.00
CA ASP B 23 -4.84 -18.40 -6.19
C ASP B 23 -6.11 -17.58 -6.27
N GLY B 24 -5.95 -16.28 -6.24
CA GLY B 24 -7.06 -15.37 -6.32
C GLY B 24 -6.70 -14.05 -6.97
N ALA B 25 -7.29 -13.00 -6.45
CA ALA B 25 -7.11 -11.67 -6.96
C ALA B 25 -6.99 -10.68 -5.83
N LEU B 26 -6.12 -9.70 -6.01
CA LEU B 26 -5.92 -8.69 -5.00
C LEU B 26 -6.48 -7.37 -5.55
N TYR B 27 -7.60 -6.96 -5.02
CA TYR B 27 -8.27 -5.75 -5.47
C TYR B 27 -8.00 -4.56 -4.54
N LEU B 28 -7.36 -3.52 -5.06
CA LEU B 28 -7.15 -2.32 -4.29
C LEU B 28 -8.27 -1.37 -4.61
N MET B 29 -9.20 -1.19 -3.72
CA MET B 29 -10.29 -0.29 -3.98
C MET B 29 -10.01 1.05 -3.35
N ALA B 30 -10.84 2.01 -3.71
CA ALA B 30 -10.70 3.39 -3.29
C ALA B 30 -10.23 3.55 -1.85
N GLU B 31 -10.96 2.96 -0.92
CA GLU B 31 -10.60 3.08 0.49
C GLU B 31 -10.41 1.73 1.16
N ARG B 32 -10.48 0.64 0.41
CA ARG B 32 -10.38 -0.67 1.03
C ARG B 32 -9.73 -1.67 0.09
N ILE B 33 -8.88 -2.51 0.65
CA ILE B 33 -8.20 -3.54 -0.11
C ILE B 33 -8.88 -4.87 0.14
N ALA B 34 -9.37 -5.50 -0.91
CA ALA B 34 -10.06 -6.77 -0.76
C ALA B 34 -9.51 -7.83 -1.72
N TRP B 35 -9.36 -9.04 -1.20
CA TRP B 35 -8.85 -10.16 -1.96
C TRP B 35 -9.89 -11.28 -2.04
N ALA B 36 -9.89 -11.99 -3.16
CA ALA B 36 -10.78 -13.12 -3.39
C ALA B 36 -10.07 -14.13 -4.30
N PRO B 37 -10.41 -15.43 -4.28
CA PRO B 37 -9.73 -16.44 -5.12
C PRO B 37 -10.24 -16.44 -6.57
N GLU B 38 -9.45 -17.06 -7.46
CA GLU B 38 -9.80 -17.13 -8.87
C GLU B 38 -10.99 -18.08 -9.06
N GLY B 39 -12.09 -17.50 -9.48
CA GLY B 39 -13.31 -18.26 -9.68
C GLY B 39 -14.39 -17.72 -8.79
N LYS B 40 -13.95 -17.08 -7.73
CA LYS B 40 -14.82 -16.45 -6.76
C LYS B 40 -14.33 -15.02 -6.58
N ASP B 41 -14.52 -14.21 -7.62
CA ASP B 41 -14.08 -12.81 -7.60
C ASP B 41 -14.76 -12.02 -6.51
N ARG B 42 -15.72 -12.63 -5.82
CA ARG B 42 -16.38 -11.98 -4.72
C ARG B 42 -15.41 -12.01 -3.55
N PHE B 43 -15.02 -10.83 -3.10
CA PHE B 43 -14.04 -10.67 -2.04
C PHE B 43 -14.26 -11.58 -0.83
N THR B 44 -13.15 -12.08 -0.32
CA THR B 44 -13.11 -12.94 0.84
C THR B 44 -12.50 -12.19 2.01
N ILE B 45 -11.37 -11.57 1.74
CA ILE B 45 -10.64 -10.81 2.74
C ILE B 45 -10.75 -9.32 2.43
N SER B 46 -11.23 -8.54 3.40
CA SER B 46 -11.38 -7.10 3.21
C SER B 46 -10.69 -6.33 4.33
N HIS B 47 -9.80 -5.42 3.96
CA HIS B 47 -9.09 -4.61 4.93
C HIS B 47 -9.18 -3.16 4.53
N MET B 48 -9.49 -2.32 5.48
CA MET B 48 -9.61 -0.90 5.25
C MET B 48 -8.24 -0.25 5.36
N TYR B 49 -7.87 0.60 4.39
CA TYR B 49 -6.57 1.28 4.43
C TYR B 49 -6.45 2.07 5.73
N ALA B 50 -7.60 2.37 6.30
CA ALA B 50 -7.71 3.13 7.54
C ALA B 50 -7.19 2.33 8.73
N ASP B 51 -7.18 1.02 8.61
CA ASP B 51 -6.68 0.16 9.68
C ASP B 51 -5.29 -0.33 9.34
N ILE B 52 -4.99 -0.42 8.05
CA ILE B 52 -3.68 -0.87 7.63
C ILE B 52 -2.61 0.15 8.02
N LYS B 53 -1.74 -0.27 8.92
CA LYS B 53 -0.66 0.57 9.41
C LYS B 53 0.41 0.75 8.35
N CYS B 54 1.00 -0.36 7.96
CA CYS B 54 2.07 -0.35 6.98
C CYS B 54 1.99 -1.61 6.15
N GLN B 55 3.02 -1.86 5.36
CA GLN B 55 3.05 -3.04 4.52
C GLN B 55 4.39 -3.72 4.67
N LYS B 56 4.58 -4.82 3.97
CA LYS B 56 5.83 -5.55 3.97
C LYS B 56 5.97 -6.21 2.61
N ILE B 57 7.20 -6.42 2.17
CA ILE B 57 7.43 -7.01 0.84
C ILE B 57 8.74 -7.78 0.78
N SER B 58 8.81 -8.73 -0.15
CA SER B 58 10.04 -9.47 -0.38
C SER B 58 10.88 -8.62 -1.33
N PRO B 59 11.88 -7.91 -0.82
CA PRO B 59 12.70 -6.99 -1.61
C PRO B 59 13.71 -7.68 -2.51
N GLU B 60 13.17 -8.42 -3.46
CA GLU B 60 13.92 -9.17 -4.47
C GLU B 60 14.85 -10.23 -3.87
N GLY B 61 14.78 -10.42 -2.56
CA GLY B 61 15.60 -11.43 -1.92
C GLY B 61 14.89 -12.77 -1.91
N LYS B 62 13.59 -12.71 -2.14
CA LYS B 62 12.76 -13.91 -2.15
C LYS B 62 12.17 -14.10 -3.53
N ALA B 63 12.38 -15.27 -4.10
CA ALA B 63 11.88 -15.60 -5.44
C ALA B 63 10.36 -15.43 -5.53
N LYS B 64 9.66 -15.87 -4.50
CA LYS B 64 8.21 -15.72 -4.50
C LYS B 64 7.85 -14.27 -4.21
N ILE B 65 6.95 -13.74 -5.00
CA ILE B 65 6.55 -12.35 -4.89
C ILE B 65 5.55 -12.20 -3.74
N GLN B 66 6.07 -12.03 -2.53
CA GLN B 66 5.24 -11.94 -1.34
C GLN B 66 5.14 -10.52 -0.79
N LEU B 67 3.90 -10.12 -0.49
CA LEU B 67 3.57 -8.81 0.07
C LEU B 67 2.88 -9.02 1.41
N GLN B 68 2.86 -8.01 2.26
CA GLN B 68 2.20 -8.12 3.56
C GLN B 68 1.51 -6.82 3.95
N LEU B 69 0.33 -6.94 4.55
CA LEU B 69 -0.44 -5.80 5.01
C LEU B 69 -0.39 -5.75 6.52
N VAL B 70 0.47 -4.92 7.06
CA VAL B 70 0.57 -4.80 8.51
C VAL B 70 -0.47 -3.84 9.01
N LEU B 71 -1.55 -4.38 9.55
CA LEU B 71 -2.64 -3.55 10.04
C LEU B 71 -2.39 -3.09 11.47
N HIS B 72 -3.09 -2.03 11.86
CA HIS B 72 -2.97 -1.46 13.20
C HIS B 72 -3.62 -2.39 14.20
N ALA B 73 -4.56 -3.20 13.73
CA ALA B 73 -5.28 -4.15 14.56
C ALA B 73 -4.34 -5.17 15.19
N GLY B 74 -3.25 -5.49 14.50
CA GLY B 74 -2.32 -6.45 15.03
C GLY B 74 -2.37 -7.70 14.19
N ASP B 75 -2.60 -7.47 12.91
CA ASP B 75 -2.72 -8.53 11.96
C ASP B 75 -1.91 -8.13 10.76
N THR B 76 -1.48 -9.10 10.00
CA THR B 76 -0.69 -8.83 8.84
C THR B 76 -1.11 -9.77 7.71
N THR B 77 -1.59 -9.22 6.61
CA THR B 77 -2.05 -10.02 5.47
C THR B 77 -0.97 -10.20 4.41
N ASN B 78 -0.47 -11.41 4.27
CA ASN B 78 0.57 -11.66 3.27
C ASN B 78 -0.07 -12.16 1.97
N PHE B 79 0.36 -11.58 0.85
CA PHE B 79 -0.15 -11.93 -0.47
C PHE B 79 0.99 -12.40 -1.37
N HIS B 80 0.82 -13.54 -2.01
CA HIS B 80 1.85 -14.09 -2.89
C HIS B 80 1.45 -13.93 -4.35
N PHE B 81 2.08 -13.01 -5.05
CA PHE B 81 1.82 -12.77 -6.45
C PHE B 81 2.62 -13.76 -7.28
N SER B 82 1.94 -14.50 -8.14
CA SER B 82 2.60 -15.51 -8.95
C SER B 82 2.37 -15.32 -10.45
N ASN B 83 2.19 -14.10 -10.91
CA ASN B 83 2.02 -13.87 -12.33
C ASN B 83 3.38 -13.89 -12.98
N GLU B 84 3.69 -14.95 -13.71
CA GLU B 84 5.01 -15.08 -14.35
C GLU B 84 5.38 -13.83 -15.16
N SER B 85 4.38 -13.08 -15.59
CA SER B 85 4.62 -11.88 -16.37
C SER B 85 4.74 -10.61 -15.49
N THR B 86 3.93 -10.49 -14.44
CA THR B 86 3.95 -9.28 -13.62
C THR B 86 4.11 -9.49 -12.12
N ALA B 87 4.35 -10.73 -11.70
CA ALA B 87 4.46 -11.09 -10.28
C ALA B 87 5.01 -9.96 -9.41
N VAL B 88 6.30 -9.69 -9.53
CA VAL B 88 6.98 -8.62 -8.79
C VAL B 88 6.29 -7.27 -8.95
N LYS B 89 6.04 -6.89 -10.20
CA LYS B 89 5.42 -5.60 -10.50
C LYS B 89 4.06 -5.48 -9.84
N GLU B 90 3.34 -6.59 -9.71
CA GLU B 90 2.03 -6.59 -9.08
C GLU B 90 2.17 -6.29 -7.58
N ARG B 91 3.04 -7.04 -6.93
CA ARG B 91 3.30 -6.85 -5.50
C ARG B 91 3.74 -5.41 -5.27
N ASP B 92 4.67 -5.00 -6.10
CA ASP B 92 5.22 -3.67 -6.04
C ASP B 92 4.19 -2.60 -6.35
N ALA B 93 3.34 -2.87 -7.30
CA ALA B 93 2.31 -1.92 -7.71
C ALA B 93 1.29 -1.73 -6.62
N VAL B 94 0.80 -2.86 -6.14
CA VAL B 94 -0.16 -2.89 -5.07
C VAL B 94 0.41 -2.15 -3.88
N LYS B 95 1.65 -2.47 -3.58
CA LYS B 95 2.39 -1.88 -2.48
C LYS B 95 2.53 -0.38 -2.70
N ASP B 96 2.87 -0.01 -3.93
CA ASP B 96 3.03 1.38 -4.26
C ASP B 96 1.76 2.15 -3.95
N LEU B 97 0.65 1.66 -4.49
CA LEU B 97 -0.65 2.29 -4.26
C LEU B 97 -0.97 2.28 -2.78
N LEU B 98 -0.74 1.13 -2.16
CA LEU B 98 -0.98 0.95 -0.74
C LEU B 98 -0.24 2.01 0.08
N GLN B 99 1.08 1.94 0.02
CA GLN B 99 1.96 2.87 0.72
C GLN B 99 1.57 4.34 0.52
N GLN B 100 1.28 4.69 -0.72
CA GLN B 100 0.93 6.08 -1.06
C GLN B 100 -0.42 6.53 -0.52
N LEU B 101 -1.41 5.64 -0.54
CA LEU B 101 -2.75 5.97 -0.10
C LEU B 101 -2.93 5.85 1.41
N LEU B 102 -2.26 4.87 2.00
CA LEU B 102 -2.35 4.56 3.43
C LEU B 102 -2.47 5.79 4.36
N PRO B 103 -1.52 6.74 4.34
CA PRO B 103 -1.56 7.90 5.25
C PRO B 103 -2.80 8.76 5.10
N LYS B 104 -3.55 8.58 4.03
CA LYS B 104 -4.75 9.36 3.79
C LYS B 104 -6.00 8.63 4.24
N PHE B 105 -5.88 7.35 4.57
CA PHE B 105 -7.03 6.59 4.99
C PHE B 105 -6.86 6.10 6.41
N LYS B 106 -5.63 5.78 6.79
CA LYS B 106 -5.36 5.29 8.12
C LYS B 106 -5.85 6.29 9.17
N ARG B 107 -6.68 5.79 10.07
CA ARG B 107 -7.26 6.58 11.15
C ARG B 107 -8.17 5.69 12.01
N LYS B 108 -7.82 5.52 13.27
CA LYS B 108 -8.62 4.71 14.18
C LYS B 108 -9.34 5.59 15.20
N ALA B 109 -9.31 6.89 14.96
CA ALA B 109 -9.96 7.85 15.85
C ALA B 109 -11.35 8.22 15.32
N ASN B 110 -12.06 7.21 14.84
CA ASN B 110 -13.40 7.40 14.29
C ASN B 110 -14.14 6.08 14.30
N GLU A 3 1.44 -27.20 -1.23
CA GLU A 3 1.00 -26.14 -0.28
C GLU A 3 1.04 -26.65 1.14
N GLU A 4 2.12 -26.32 1.80
CA GLU A 4 2.35 -26.67 3.19
C GLU A 4 2.23 -25.40 4.01
N ASP A 5 1.69 -25.50 5.22
CA ASP A 5 1.52 -24.31 6.03
C ASP A 5 2.68 -24.09 6.98
N GLU A 6 3.57 -23.21 6.58
CA GLU A 6 4.72 -22.83 7.38
C GLU A 6 4.54 -21.37 7.77
N GLU A 7 4.56 -20.51 6.75
CA GLU A 7 4.37 -19.07 6.87
C GLU A 7 4.92 -18.36 5.65
N GLU A 8 4.43 -17.16 5.43
CA GLU A 8 4.85 -16.36 4.29
C GLU A 8 5.79 -15.24 4.74
N ASP A 9 5.55 -14.71 5.93
CA ASP A 9 6.38 -13.62 6.47
C ASP A 9 7.78 -14.11 6.82
N ASP A 10 8.71 -13.95 5.86
CA ASP A 10 10.08 -14.39 6.07
C ASP A 10 11.10 -13.34 5.63
N GLU A 11 10.65 -12.28 4.97
CA GLU A 11 11.54 -11.25 4.48
C GLU A 11 10.70 -10.19 3.81
N PHE A 12 10.30 -9.20 4.59
CA PHE A 12 9.45 -8.15 4.07
C PHE A 12 9.93 -6.80 4.52
N GLU A 13 9.82 -5.85 3.62
CA GLU A 13 10.19 -4.48 3.87
C GLU A 13 8.95 -3.77 4.36
N GLU A 14 8.96 -3.28 5.58
CA GLU A 14 7.80 -2.58 6.08
C GLU A 14 7.57 -1.37 5.21
N VAL A 15 6.56 -1.45 4.36
CA VAL A 15 6.27 -0.37 3.46
C VAL A 15 5.56 0.74 4.22
N ALA A 16 6.17 1.90 4.22
CA ALA A 16 5.60 3.02 4.90
C ALA A 16 4.55 3.66 4.01
N ASP A 17 3.47 4.06 4.63
CA ASP A 17 2.37 4.73 3.95
C ASP A 17 2.83 6.12 3.52
N ASP A 18 3.66 6.12 2.49
CA ASP A 18 4.22 7.32 1.93
C ASP A 18 3.30 7.95 0.90
N PRO A 19 2.89 9.20 1.12
CA PRO A 19 2.00 9.90 0.22
C PRO A 19 2.72 10.54 -0.96
N ILE A 20 1.94 11.18 -1.82
CA ILE A 20 2.47 11.85 -3.00
C ILE A 20 2.39 13.36 -2.82
N VAL A 21 3.53 14.01 -2.96
CA VAL A 21 3.63 15.45 -2.82
C VAL A 21 4.27 16.03 -4.08
N MET A 22 3.55 16.92 -4.74
CA MET A 22 4.02 17.51 -5.96
C MET A 22 4.87 18.73 -5.66
N VAL A 23 5.96 18.84 -6.39
CA VAL A 23 6.87 19.96 -6.25
C VAL A 23 7.10 20.60 -7.60
N ALA A 24 6.70 21.85 -7.73
CA ALA A 24 6.82 22.59 -8.97
C ALA A 24 5.98 21.92 -10.05
N GLY A 25 4.92 21.23 -9.62
CA GLY A 25 4.04 20.55 -10.54
C GLY A 25 4.47 19.11 -10.80
N ARG A 26 5.69 18.78 -10.37
CA ARG A 26 6.22 17.44 -10.55
C ARG A 26 5.81 16.55 -9.38
N PRO A 27 5.07 15.49 -9.65
CA PRO A 27 4.60 14.58 -8.60
C PRO A 27 5.69 13.67 -8.04
N PHE A 28 6.12 13.97 -6.82
CA PHE A 28 7.14 13.18 -6.14
C PHE A 28 6.51 12.52 -4.93
N SER A 29 7.17 11.52 -4.38
CA SER A 29 6.67 10.86 -3.19
C SER A 29 7.16 11.64 -1.98
N TYR A 30 6.58 11.42 -0.82
CA TYR A 30 6.99 12.13 0.39
C TYR A 30 8.43 11.80 0.71
N SER A 31 8.74 10.51 0.74
CA SER A 31 10.10 10.04 1.02
C SER A 31 11.07 10.53 -0.05
N GLU A 32 10.52 10.89 -1.19
CA GLU A 32 11.30 11.39 -2.31
C GLU A 32 11.60 12.86 -2.11
N VAL A 33 10.55 13.60 -1.77
CA VAL A 33 10.64 15.02 -1.53
C VAL A 33 11.53 15.29 -0.30
N SER A 34 11.45 14.41 0.68
CA SER A 34 12.25 14.55 1.90
C SER A 34 13.71 14.22 1.63
N GLN A 35 13.95 13.45 0.59
CA GLN A 35 15.31 13.06 0.22
C GLN A 35 16.06 14.22 -0.39
N ARG A 36 15.36 15.05 -1.16
CA ARG A 36 16.00 16.19 -1.79
C ARG A 36 15.54 17.52 -1.21
N PRO A 37 16.40 18.12 -0.36
CA PRO A 37 16.10 19.43 0.23
C PRO A 37 15.91 20.49 -0.84
N GLU A 38 16.53 20.28 -2.01
CA GLU A 38 16.40 21.20 -3.13
C GLU A 38 14.99 21.15 -3.65
N LEU A 39 14.37 19.98 -3.59
CA LEU A 39 13.01 19.81 -4.04
C LEU A 39 12.09 20.64 -3.16
N VAL A 40 12.31 20.56 -1.87
CA VAL A 40 11.50 21.33 -0.91
C VAL A 40 11.82 22.81 -1.07
N ALA A 41 13.00 23.09 -1.60
CA ALA A 41 13.45 24.45 -1.83
C ALA A 41 12.85 24.98 -3.14
N GLN A 42 12.40 24.06 -3.99
CA GLN A 42 11.81 24.41 -5.27
C GLN A 42 10.31 24.32 -5.13
N MET A 43 9.90 23.78 -3.99
CA MET A 43 8.51 23.61 -3.70
C MET A 43 7.95 24.93 -3.19
N THR A 44 6.83 25.28 -3.74
CA THR A 44 6.15 26.52 -3.42
C THR A 44 5.57 26.47 -2.01
N PRO A 45 5.09 27.61 -1.47
CA PRO A 45 4.47 27.63 -0.14
C PRO A 45 3.35 26.59 -0.06
N GLU A 46 2.51 26.57 -1.09
CA GLU A 46 1.40 25.63 -1.16
C GLU A 46 1.92 24.21 -1.06
N GLU A 47 2.97 23.91 -1.84
CA GLU A 47 3.57 22.59 -1.85
C GLU A 47 4.26 22.30 -0.53
N LYS A 48 4.96 23.29 0.00
CA LYS A 48 5.65 23.19 1.29
C LYS A 48 4.67 22.82 2.40
N GLU A 49 3.62 23.62 2.53
CA GLU A 49 2.62 23.41 3.56
C GLU A 49 1.93 22.08 3.33
N ALA A 50 1.79 21.71 2.06
CA ALA A 50 1.18 20.45 1.69
C ALA A 50 2.07 19.31 2.17
N TYR A 51 3.36 19.42 1.90
CA TYR A 51 4.34 18.43 2.30
C TYR A 51 4.38 18.35 3.82
N ILE A 52 4.42 19.51 4.46
CA ILE A 52 4.45 19.58 5.91
C ILE A 52 3.22 18.91 6.52
N ALA A 53 2.05 19.27 6.01
CA ALA A 53 0.79 18.71 6.50
C ALA A 53 0.73 17.21 6.24
N MET A 54 1.23 16.78 5.09
CA MET A 54 1.26 15.37 4.72
C MET A 54 2.14 14.59 5.68
N GLY A 55 3.22 15.23 6.13
CA GLY A 55 4.11 14.60 7.05
C GLY A 55 3.54 14.59 8.43
N GLN A 56 2.87 15.68 8.78
CA GLN A 56 2.23 15.80 10.08
C GLN A 56 1.20 14.69 10.27
N ARG A 57 0.56 14.27 9.19
CA ARG A 57 -0.43 13.20 9.28
C ARG A 57 0.21 11.92 9.75
N MET A 58 1.45 11.68 9.34
CA MET A 58 2.18 10.49 9.75
C MET A 58 2.83 10.74 11.10
N PHE A 59 3.08 12.01 11.38
CA PHE A 59 3.69 12.42 12.63
C PHE A 59 2.69 12.33 13.78
N GLU A 60 1.43 12.63 13.50
CA GLU A 60 0.37 12.54 14.50
C GLU A 60 -0.21 11.14 14.50
N ASP A 61 0.65 10.16 14.29
CA ASP A 61 0.26 8.76 14.26
C ASP A 61 1.39 7.91 14.82
N LEU A 62 1.96 8.35 15.94
CA LEU A 62 3.08 7.65 16.56
C LEU A 62 2.96 7.58 18.07
N PHE A 63 1.91 8.18 18.62
CA PHE A 63 1.72 8.18 20.07
C PHE A 63 0.37 7.59 20.42
N GLU A 64 -0.21 6.91 19.46
CA GLU A 64 -1.51 6.27 19.63
C GLU A 64 -1.51 4.94 18.87
N MET B 3 -25.38 11.26 -7.04
CA MET B 3 -24.10 10.62 -7.40
C MET B 3 -23.19 10.59 -6.18
N ALA B 4 -22.49 9.48 -5.99
CA ALA B 4 -21.58 9.33 -4.85
C ALA B 4 -20.56 8.23 -5.14
N THR B 5 -20.16 8.15 -6.41
CA THR B 5 -19.20 7.14 -6.83
C THR B 5 -17.77 7.64 -6.64
N SER B 6 -17.20 7.30 -5.49
CA SER B 6 -15.83 7.68 -5.16
C SER B 6 -15.28 6.76 -4.08
N SER B 7 -15.55 5.47 -4.22
CA SER B 7 -15.10 4.49 -3.24
C SER B 7 -15.12 3.06 -3.80
N GLU B 8 -16.19 2.74 -4.53
CA GLU B 8 -16.35 1.40 -5.09
C GLU B 8 -15.42 1.17 -6.28
N GLU B 9 -14.84 2.24 -6.81
CA GLU B 9 -13.92 2.16 -7.94
C GLU B 9 -12.70 1.33 -7.58
N VAL B 10 -12.09 0.72 -8.58
CA VAL B 10 -10.92 -0.10 -8.36
C VAL B 10 -9.71 0.50 -9.04
N LEU B 11 -8.61 0.52 -8.30
CA LEU B 11 -7.36 1.07 -8.78
C LEU B 11 -6.57 0.01 -9.53
N LEU B 12 -6.47 -1.15 -8.93
CA LEU B 12 -5.71 -2.23 -9.51
C LEU B 12 -6.35 -3.59 -9.27
N ILE B 13 -6.27 -4.46 -10.27
CA ILE B 13 -6.80 -5.80 -10.19
C ILE B 13 -5.67 -6.78 -10.47
N VAL B 14 -5.15 -7.41 -9.43
CA VAL B 14 -4.06 -8.33 -9.61
C VAL B 14 -4.52 -9.76 -9.46
N LYS B 15 -4.17 -10.58 -10.42
CA LYS B 15 -4.51 -11.98 -10.38
C LYS B 15 -3.29 -12.77 -10.00
N LYS B 16 -3.47 -14.06 -9.73
CA LYS B 16 -2.38 -14.94 -9.34
C LYS B 16 -1.89 -14.59 -7.94
N VAL B 17 -2.68 -13.78 -7.26
CA VAL B 17 -2.36 -13.34 -5.91
C VAL B 17 -2.82 -14.39 -4.91
N ARG B 18 -1.89 -15.16 -4.40
CA ARG B 18 -2.18 -16.25 -3.49
C ARG B 18 -1.99 -15.84 -2.04
N GLN B 19 -3.07 -15.67 -1.29
CA GLN B 19 -2.97 -15.31 0.12
C GLN B 19 -2.70 -16.56 0.93
N LYS B 20 -1.52 -16.66 1.50
CA LYS B 20 -1.13 -17.84 2.28
C LYS B 20 -1.20 -19.08 1.38
N LYS B 21 -0.80 -18.88 0.12
CA LYS B 21 -0.73 -19.93 -0.90
C LYS B 21 -2.07 -20.26 -1.57
N GLN B 22 -3.14 -19.51 -1.32
CA GLN B 22 -4.40 -19.78 -2.02
C GLN B 22 -4.52 -18.78 -3.17
N ASP B 23 -4.35 -19.28 -4.38
CA ASP B 23 -4.38 -18.44 -5.58
C ASP B 23 -5.71 -17.73 -5.79
N GLY B 24 -5.66 -16.41 -5.75
CA GLY B 24 -6.81 -15.59 -5.96
C GLY B 24 -6.47 -14.31 -6.69
N ALA B 25 -7.05 -13.23 -6.23
CA ALA B 25 -6.86 -11.94 -6.83
C ALA B 25 -6.84 -10.84 -5.77
N LEU B 26 -5.92 -9.90 -5.94
CA LEU B 26 -5.81 -8.80 -5.01
C LEU B 26 -6.38 -7.55 -5.67
N TYR B 27 -7.49 -7.06 -5.14
CA TYR B 27 -8.15 -5.90 -5.69
C TYR B 27 -7.94 -4.65 -4.83
N LEU B 28 -7.35 -3.62 -5.41
CA LEU B 28 -7.19 -2.37 -4.68
C LEU B 28 -8.32 -1.47 -5.05
N MET B 29 -9.20 -1.21 -4.11
CA MET B 29 -10.31 -0.32 -4.38
C MET B 29 -9.92 1.07 -3.97
N ALA B 30 -10.72 2.03 -4.40
CA ALA B 30 -10.48 3.43 -4.16
C ALA B 30 -9.93 3.73 -2.76
N GLU B 31 -10.63 3.24 -1.72
CA GLU B 31 -10.20 3.49 -0.35
C GLU B 31 -10.13 2.20 0.46
N ARG B 32 -10.19 1.06 -0.20
CA ARG B 32 -10.17 -0.22 0.50
C ARG B 32 -9.43 -1.27 -0.31
N ILE B 33 -8.94 -2.29 0.36
CA ILE B 33 -8.24 -3.35 -0.31
C ILE B 33 -8.92 -4.68 -0.01
N ALA B 34 -9.40 -5.32 -1.04
CA ALA B 34 -10.09 -6.59 -0.87
C ALA B 34 -9.52 -7.65 -1.80
N TRP B 35 -9.35 -8.84 -1.27
CA TRP B 35 -8.82 -9.97 -1.99
C TRP B 35 -9.82 -11.12 -2.03
N ALA B 36 -9.84 -11.85 -3.13
CA ALA B 36 -10.71 -13.01 -3.30
C ALA B 36 -10.03 -13.99 -4.25
N PRO B 37 -10.27 -15.31 -4.10
CA PRO B 37 -9.63 -16.31 -4.97
C PRO B 37 -10.07 -16.22 -6.43
N GLU B 38 -9.24 -16.81 -7.31
CA GLU B 38 -9.45 -16.84 -8.77
C GLU B 38 -10.17 -15.60 -9.31
N GLY B 39 -11.48 -15.74 -9.55
CA GLY B 39 -12.26 -14.64 -10.06
C GLY B 39 -13.60 -14.55 -9.36
N LYS B 40 -13.59 -14.78 -8.05
CA LYS B 40 -14.80 -14.72 -7.27
C LYS B 40 -15.19 -13.27 -7.00
N ASP B 41 -16.49 -12.99 -7.09
CA ASP B 41 -17.01 -11.65 -6.84
C ASP B 41 -17.03 -11.37 -5.34
N ARG B 42 -17.28 -12.41 -4.57
CA ARG B 42 -17.30 -12.29 -3.12
C ARG B 42 -15.86 -12.30 -2.60
N PHE B 43 -15.48 -11.23 -1.95
CA PHE B 43 -14.14 -11.09 -1.41
C PHE B 43 -13.98 -11.87 -0.11
N THR B 44 -12.79 -12.39 0.10
CA THR B 44 -12.47 -13.16 1.28
C THR B 44 -11.79 -12.28 2.32
N ILE B 45 -10.88 -11.44 1.84
CA ILE B 45 -10.13 -10.55 2.71
C ILE B 45 -10.47 -9.10 2.40
N SER B 46 -10.95 -8.39 3.39
CA SER B 46 -11.31 -6.98 3.23
C SER B 46 -10.64 -6.13 4.29
N HIS B 47 -9.86 -5.15 3.85
CA HIS B 47 -9.17 -4.24 4.74
C HIS B 47 -9.38 -2.83 4.25
N MET B 48 -9.52 -1.92 5.18
CA MET B 48 -9.71 -0.53 4.86
C MET B 48 -8.39 0.20 5.01
N TYR B 49 -8.05 1.05 4.06
CA TYR B 49 -6.79 1.80 4.12
C TYR B 49 -6.70 2.61 5.42
N ALA B 50 -7.83 2.74 6.09
CA ALA B 50 -7.93 3.49 7.34
C ALA B 50 -7.38 2.71 8.53
N ASP B 51 -7.50 1.39 8.51
CA ASP B 51 -7.03 0.57 9.61
C ASP B 51 -5.66 -0.01 9.32
N ILE B 52 -5.27 -0.02 8.06
CA ILE B 52 -3.97 -0.55 7.69
C ILE B 52 -2.89 0.43 8.10
N LYS B 53 -2.04 -0.01 9.02
CA LYS B 53 -0.97 0.81 9.53
C LYS B 53 0.07 1.04 8.45
N CYS B 54 0.64 -0.05 7.98
CA CYS B 54 1.68 -0.02 6.95
C CYS B 54 1.64 -1.32 6.16
N GLN B 55 2.63 -1.53 5.33
CA GLN B 55 2.70 -2.73 4.53
C GLN B 55 4.04 -3.39 4.76
N LYS B 56 4.25 -4.52 4.11
CA LYS B 56 5.50 -5.25 4.18
C LYS B 56 5.62 -6.03 2.89
N ILE B 57 6.79 -6.04 2.29
CA ILE B 57 6.93 -6.72 1.00
C ILE B 57 8.17 -7.57 0.87
N SER B 58 8.03 -8.67 0.17
CA SER B 58 9.16 -9.50 -0.15
C SER B 58 9.80 -8.86 -1.36
N PRO B 59 10.93 -8.19 -1.16
CA PRO B 59 11.63 -7.43 -2.20
C PRO B 59 12.17 -8.30 -3.33
N GLU B 60 12.95 -7.69 -4.22
CA GLU B 60 13.51 -8.36 -5.40
C GLU B 60 14.48 -9.49 -5.03
N GLY B 61 14.93 -9.52 -3.79
CA GLY B 61 15.86 -10.55 -3.37
C GLY B 61 15.18 -11.81 -2.89
N LYS B 62 13.92 -11.99 -3.27
CA LYS B 62 13.16 -13.15 -2.85
C LYS B 62 12.52 -13.86 -4.04
N ALA B 63 12.30 -15.16 -3.88
CA ALA B 63 11.69 -15.96 -4.92
C ALA B 63 10.17 -15.79 -4.92
N LYS B 64 9.57 -15.85 -3.74
CA LYS B 64 8.12 -15.68 -3.64
C LYS B 64 7.81 -14.22 -3.36
N ILE B 65 7.04 -13.63 -4.27
CA ILE B 65 6.66 -12.23 -4.20
C ILE B 65 5.47 -12.06 -3.27
N GLN B 66 5.67 -11.50 -2.09
CA GLN B 66 4.57 -11.38 -1.14
C GLN B 66 4.42 -9.97 -0.57
N LEU B 67 3.17 -9.59 -0.34
CA LEU B 67 2.82 -8.30 0.22
C LEU B 67 2.02 -8.49 1.51
N GLN B 68 2.58 -8.08 2.62
CA GLN B 68 1.91 -8.22 3.91
C GLN B 68 1.27 -6.90 4.33
N LEU B 69 -0.01 -6.94 4.60
CA LEU B 69 -0.74 -5.76 5.04
C LEU B 69 -0.71 -5.70 6.56
N VAL B 70 0.08 -4.77 7.10
CA VAL B 70 0.18 -4.63 8.53
C VAL B 70 -0.85 -3.62 9.03
N LEU B 71 -1.91 -4.13 9.63
CA LEU B 71 -2.97 -3.28 10.12
C LEU B 71 -2.70 -2.80 11.53
N HIS B 72 -3.31 -1.69 11.90
CA HIS B 72 -3.15 -1.12 13.24
C HIS B 72 -3.74 -2.04 14.31
N ALA B 73 -4.69 -2.87 13.89
CA ALA B 73 -5.36 -3.78 14.79
C ALA B 73 -4.43 -4.85 15.35
N GLY B 74 -3.36 -5.16 14.61
CA GLY B 74 -2.44 -6.17 15.07
C GLY B 74 -2.63 -7.42 14.25
N ASP B 75 -3.00 -7.19 13.00
CA ASP B 75 -3.25 -8.24 12.05
C ASP B 75 -2.45 -7.92 10.84
N THR B 76 -1.80 -8.90 10.29
CA THR B 76 -1.00 -8.69 9.12
C THR B 76 -1.30 -9.80 8.11
N THR B 77 -1.82 -9.44 6.94
CA THR B 77 -2.16 -10.43 5.92
C THR B 77 -1.13 -10.44 4.78
N ASN B 78 -0.60 -11.62 4.47
CA ASN B 78 0.41 -11.75 3.42
C ASN B 78 -0.20 -12.22 2.09
N PHE B 79 0.04 -11.46 1.04
CA PHE B 79 -0.45 -11.79 -0.29
C PHE B 79 0.73 -12.25 -1.15
N HIS B 80 0.72 -13.50 -1.56
CA HIS B 80 1.81 -14.06 -2.35
C HIS B 80 1.49 -14.04 -3.85
N PHE B 81 2.11 -13.12 -4.55
CA PHE B 81 1.93 -12.98 -6.00
C PHE B 81 2.80 -14.00 -6.70
N SER B 82 2.19 -14.81 -7.54
CA SER B 82 2.91 -15.85 -8.25
C SER B 82 2.75 -15.74 -9.76
N ASN B 83 3.30 -14.68 -10.32
CA ASN B 83 3.28 -14.48 -11.75
C ASN B 83 4.70 -14.27 -12.23
N GLU B 84 5.61 -14.92 -11.49
CA GLU B 84 7.07 -14.91 -11.70
C GLU B 84 7.59 -13.64 -12.36
N SER B 85 7.60 -13.64 -13.68
CA SER B 85 8.09 -12.54 -14.48
C SER B 85 7.58 -11.17 -14.00
N THR B 86 6.33 -11.09 -13.58
CA THR B 86 5.78 -9.82 -13.13
C THR B 86 5.29 -9.87 -11.70
N ALA B 87 5.46 -11.01 -11.04
CA ALA B 87 5.02 -11.17 -9.65
C ALA B 87 5.46 -9.99 -8.82
N VAL B 88 6.77 -9.74 -8.80
CA VAL B 88 7.35 -8.61 -8.07
C VAL B 88 6.69 -7.29 -8.43
N LYS B 89 6.57 -7.03 -9.74
CA LYS B 89 5.98 -5.79 -10.23
C LYS B 89 4.51 -5.67 -9.82
N GLU B 90 3.78 -6.77 -9.87
CA GLU B 90 2.37 -6.76 -9.49
C GLU B 90 2.23 -6.43 -8.00
N ARG B 91 3.09 -7.03 -7.17
CA ARG B 91 3.09 -6.75 -5.74
C ARG B 91 3.50 -5.32 -5.50
N ASP B 92 4.60 -4.94 -6.15
CA ASP B 92 5.14 -3.60 -6.06
C ASP B 92 4.13 -2.57 -6.51
N ALA B 93 3.33 -2.94 -7.48
CA ALA B 93 2.31 -2.05 -8.02
C ALA B 93 1.23 -1.80 -6.99
N VAL B 94 0.75 -2.89 -6.45
CA VAL B 94 -0.27 -2.86 -5.41
C VAL B 94 0.24 -2.06 -4.24
N LYS B 95 1.47 -2.39 -3.86
CA LYS B 95 2.17 -1.75 -2.77
C LYS B 95 2.34 -0.28 -3.04
N ASP B 96 2.67 0.05 -4.27
CA ASP B 96 2.86 1.42 -4.65
C ASP B 96 1.61 2.22 -4.37
N LEU B 97 0.51 1.80 -4.99
CA LEU B 97 -0.78 2.43 -4.82
C LEU B 97 -1.18 2.45 -3.35
N LEU B 98 -1.01 1.31 -2.70
CA LEU B 98 -1.32 1.15 -1.29
C LEU B 98 -0.60 2.20 -0.45
N GLN B 99 0.73 2.14 -0.50
CA GLN B 99 1.58 3.07 0.23
C GLN B 99 1.18 4.54 0.00
N GLN B 100 0.86 4.89 -1.25
CA GLN B 100 0.49 6.27 -1.60
C GLN B 100 -0.84 6.71 -1.00
N LEU B 101 -1.84 5.87 -1.14
CA LEU B 101 -3.19 6.18 -0.68
C LEU B 101 -3.35 6.03 0.83
N LEU B 102 -2.63 5.07 1.39
CA LEU B 102 -2.70 4.76 2.82
C LEU B 102 -2.80 5.97 3.75
N PRO B 103 -1.81 6.89 3.77
CA PRO B 103 -1.80 8.02 4.73
C PRO B 103 -2.98 8.98 4.58
N LYS B 104 -3.86 8.74 3.63
CA LYS B 104 -5.02 9.59 3.46
C LYS B 104 -6.24 9.00 4.14
N PHE B 105 -6.16 7.71 4.43
CA PHE B 105 -7.24 7.01 5.10
C PHE B 105 -6.74 6.44 6.43
N LYS B 106 -5.47 6.08 6.44
CA LYS B 106 -4.80 5.52 7.60
C LYS B 106 -5.00 6.41 8.82
N ARG B 107 -5.84 5.93 9.75
CA ARG B 107 -6.16 6.64 10.98
C ARG B 107 -6.49 8.09 10.68
N LYS B 108 -7.43 8.30 9.77
CA LYS B 108 -7.83 9.64 9.36
C LYS B 108 -8.64 10.36 10.45
N ALA B 109 -7.97 10.67 11.54
CA ALA B 109 -8.58 11.40 12.64
C ALA B 109 -7.97 12.78 12.69
N ASN B 110 -7.30 13.10 11.59
CA ASN B 110 -6.61 14.37 11.40
C ASN B 110 -6.22 14.47 9.94
N GLU A 3 -4.49 -25.63 6.02
CA GLU A 3 -3.63 -26.45 5.13
C GLU A 3 -2.18 -26.21 5.50
N GLU A 4 -1.29 -26.18 4.51
CA GLU A 4 0.12 -25.91 4.78
C GLU A 4 0.28 -24.41 5.01
N ASP A 5 -0.28 -23.94 6.11
CA ASP A 5 -0.24 -22.53 6.49
C ASP A 5 1.17 -21.97 6.45
N GLU A 6 1.45 -21.14 5.45
CA GLU A 6 2.76 -20.54 5.31
C GLU A 6 2.70 -19.03 5.48
N GLU A 7 2.80 -18.29 4.37
CA GLU A 7 2.81 -16.81 4.36
C GLU A 7 4.11 -16.28 4.99
N GLU A 8 4.43 -16.85 6.16
CA GLU A 8 5.62 -16.56 6.97
C GLU A 8 6.22 -15.15 6.80
N ASP A 9 7.50 -15.09 6.51
CA ASP A 9 8.25 -13.84 6.36
C ASP A 9 9.66 -14.23 5.91
N ASP A 10 9.83 -14.49 4.63
CA ASP A 10 11.12 -14.92 4.09
C ASP A 10 12.06 -13.74 3.90
N GLU A 11 11.51 -12.58 3.55
CA GLU A 11 12.29 -11.41 3.30
C GLU A 11 11.36 -10.29 2.92
N PHE A 12 11.00 -9.46 3.89
CA PHE A 12 10.07 -8.40 3.62
C PHE A 12 10.62 -7.04 4.00
N GLU A 13 10.30 -6.07 3.17
CA GLU A 13 10.70 -4.69 3.36
C GLU A 13 9.54 -3.99 3.97
N GLU A 14 9.71 -3.44 5.17
CA GLU A 14 8.61 -2.74 5.80
C GLU A 14 8.28 -1.54 4.92
N VAL A 15 7.19 -1.62 4.19
CA VAL A 15 6.82 -0.55 3.32
C VAL A 15 6.18 0.57 4.11
N ALA A 16 6.70 1.76 3.93
CA ALA A 16 6.18 2.90 4.64
C ALA A 16 5.08 3.56 3.84
N ASP A 17 4.05 3.99 4.53
CA ASP A 17 2.91 4.69 3.92
C ASP A 17 3.34 6.07 3.46
N ASP A 18 4.13 6.09 2.39
CA ASP A 18 4.66 7.30 1.85
C ASP A 18 3.82 7.82 0.69
N PRO A 19 3.27 9.03 0.83
CA PRO A 19 2.45 9.66 -0.20
C PRO A 19 3.29 10.35 -1.28
N ILE A 20 2.62 10.76 -2.34
CA ILE A 20 3.27 11.44 -3.45
C ILE A 20 3.01 12.94 -3.36
N VAL A 21 4.07 13.72 -3.25
CA VAL A 21 3.97 15.16 -3.16
C VAL A 21 4.75 15.80 -4.31
N MET A 22 4.05 16.58 -5.11
CA MET A 22 4.67 17.22 -6.25
C MET A 22 5.36 18.50 -5.84
N VAL A 23 6.52 18.72 -6.41
CA VAL A 23 7.29 19.91 -6.14
C VAL A 23 7.67 20.58 -7.46
N ALA A 24 7.16 21.77 -7.67
CA ALA A 24 7.41 22.52 -8.90
C ALA A 24 6.80 21.76 -10.08
N GLY A 25 5.75 20.99 -9.80
CA GLY A 25 5.09 20.22 -10.84
C GLY A 25 5.70 18.84 -11.02
N ARG A 26 6.84 18.62 -10.38
CA ARG A 26 7.54 17.34 -10.46
C ARG A 26 7.04 16.42 -9.36
N PRO A 27 6.48 15.25 -9.72
CA PRO A 27 5.95 14.30 -8.75
C PRO A 27 7.05 13.57 -7.97
N PHE A 28 7.18 13.92 -6.71
CA PHE A 28 8.15 13.29 -5.83
C PHE A 28 7.45 12.58 -4.70
N SER A 29 8.14 11.72 -3.99
CA SER A 29 7.55 11.03 -2.87
C SER A 29 7.82 11.85 -1.61
N TYR A 30 7.10 11.57 -0.54
CA TYR A 30 7.28 12.28 0.69
C TYR A 30 8.67 11.99 1.25
N SER A 31 9.08 10.73 1.14
CA SER A 31 10.40 10.30 1.59
C SER A 31 11.48 10.99 0.76
N GLU A 32 11.06 11.53 -0.37
CA GLU A 32 11.94 12.25 -1.27
C GLU A 32 11.97 13.72 -0.92
N VAL A 33 10.78 14.32 -0.87
CA VAL A 33 10.63 15.73 -0.57
C VAL A 33 11.15 16.06 0.84
N SER A 34 10.98 15.13 1.77
CA SER A 34 11.40 15.35 3.16
C SER A 34 12.92 15.26 3.31
N GLN A 35 13.52 14.37 2.54
CA GLN A 35 14.96 14.18 2.62
C GLN A 35 15.71 15.18 1.75
N ARG A 36 14.99 15.88 0.90
CA ARG A 36 15.61 16.86 0.03
C ARG A 36 15.15 18.28 0.37
N PRO A 37 15.97 19.00 1.15
CA PRO A 37 15.67 20.38 1.54
C PRO A 37 15.58 21.30 0.33
N GLU A 38 16.22 20.90 -0.77
CA GLU A 38 16.20 21.70 -1.99
C GLU A 38 14.83 21.58 -2.63
N LEU A 39 14.21 20.43 -2.48
CA LEU A 39 12.89 20.20 -3.04
C LEU A 39 11.88 21.09 -2.35
N VAL A 40 11.94 21.12 -1.02
CA VAL A 40 11.02 21.97 -0.25
C VAL A 40 11.37 23.44 -0.49
N ALA A 41 12.60 23.66 -0.93
CA ALA A 41 13.08 25.00 -1.22
C ALA A 41 12.68 25.41 -2.63
N GLN A 42 12.28 24.43 -3.43
CA GLN A 42 11.86 24.66 -4.80
C GLN A 42 10.37 24.43 -4.90
N MET A 43 9.79 24.06 -3.76
CA MET A 43 8.38 23.80 -3.69
C MET A 43 7.66 25.09 -3.38
N THR A 44 6.56 25.25 -4.06
CA THR A 44 5.74 26.45 -3.91
C THR A 44 5.07 26.46 -2.55
N PRO A 45 4.59 27.61 -2.07
CA PRO A 45 3.88 27.70 -0.79
C PRO A 45 2.77 26.66 -0.75
N GLU A 46 2.07 26.54 -1.87
CA GLU A 46 0.99 25.58 -2.01
C GLU A 46 1.51 24.16 -1.83
N GLU A 47 2.61 23.83 -2.51
CA GLU A 47 3.20 22.51 -2.41
C GLU A 47 3.74 22.27 -1.00
N LYS A 48 4.34 23.30 -0.42
CA LYS A 48 4.85 23.22 0.94
C LYS A 48 3.73 22.92 1.91
N GLU A 49 2.62 23.63 1.78
CA GLU A 49 1.48 23.43 2.66
C GLU A 49 0.92 22.04 2.43
N ALA A 50 0.92 21.64 1.17
CA ALA A 50 0.44 20.32 0.78
C ALA A 50 1.32 19.25 1.42
N TYR A 51 2.64 19.44 1.29
CA TYR A 51 3.61 18.52 1.86
C TYR A 51 3.42 18.43 3.37
N ILE A 52 3.27 19.58 4.00
CA ILE A 52 3.08 19.65 5.45
C ILE A 52 1.78 18.93 5.84
N ALA A 53 0.69 19.29 5.16
CA ALA A 53 -0.61 18.68 5.44
C ALA A 53 -0.58 17.17 5.22
N MET A 54 0.15 16.74 4.19
CA MET A 54 0.28 15.33 3.89
C MET A 54 1.06 14.64 5.00
N GLY A 55 2.16 15.25 5.39
CA GLY A 55 2.99 14.71 6.45
C GLY A 55 2.25 14.57 7.75
N GLN A 56 1.35 15.49 8.02
CA GLN A 56 0.55 15.47 9.24
C GLN A 56 -0.34 14.22 9.33
N ARG A 57 -0.48 13.50 8.22
CA ARG A 57 -1.30 12.32 8.22
C ARG A 57 -0.51 11.09 8.63
N MET A 58 0.77 11.04 8.25
CA MET A 58 1.62 9.92 8.61
C MET A 58 2.31 10.20 9.94
N PHE A 59 2.73 11.45 10.11
CA PHE A 59 3.43 11.88 11.31
C PHE A 59 2.52 11.82 12.53
N GLU A 60 1.24 12.12 12.34
CA GLU A 60 0.31 12.10 13.46
C GLU A 60 -0.45 10.78 13.49
N ASP A 61 0.18 9.74 12.96
CA ASP A 61 -0.40 8.40 12.94
C ASP A 61 0.69 7.35 13.03
N LEU A 62 1.33 7.31 14.18
CA LEU A 62 2.39 6.35 14.45
C LEU A 62 2.17 5.74 15.83
N PHE A 63 3.16 5.93 16.71
CA PHE A 63 3.11 5.43 18.08
C PHE A 63 2.94 3.90 18.11
N GLU A 64 3.42 3.26 17.06
CA GLU A 64 3.33 1.81 16.92
C GLU A 64 4.39 1.35 15.93
N MET B 3 -15.97 7.29 -0.18
CA MET B 3 -17.30 7.16 0.47
C MET B 3 -18.12 6.10 -0.23
N ALA B 4 -18.02 4.86 0.25
CA ALA B 4 -18.75 3.73 -0.30
C ALA B 4 -18.35 3.46 -1.76
N THR B 5 -19.10 2.60 -2.42
CA THR B 5 -18.83 2.24 -3.80
C THR B 5 -19.20 3.38 -4.76
N SER B 6 -19.86 4.41 -4.22
CA SER B 6 -20.27 5.57 -5.00
C SER B 6 -19.04 6.32 -5.52
N SER B 7 -17.90 6.05 -4.90
CA SER B 7 -16.64 6.66 -5.28
C SER B 7 -15.55 5.60 -5.25
N GLU B 8 -15.88 4.42 -5.76
CA GLU B 8 -14.95 3.31 -5.76
C GLU B 8 -13.95 3.41 -6.91
N GLU B 9 -12.91 4.21 -6.70
CA GLU B 9 -11.85 4.36 -7.69
C GLU B 9 -10.92 3.15 -7.60
N VAL B 10 -11.27 2.06 -8.30
CA VAL B 10 -10.42 0.87 -8.30
C VAL B 10 -9.05 1.24 -8.83
N LEU B 11 -8.06 0.96 -8.02
CA LEU B 11 -6.69 1.30 -8.33
C LEU B 11 -6.00 0.20 -9.11
N LEU B 12 -5.98 -1.00 -8.54
CA LEU B 12 -5.31 -2.10 -9.19
C LEU B 12 -6.02 -3.43 -8.97
N ILE B 13 -6.26 -4.12 -10.07
CA ILE B 13 -6.89 -5.43 -10.05
C ILE B 13 -5.84 -6.48 -10.38
N VAL B 14 -5.32 -7.15 -9.37
CA VAL B 14 -4.31 -8.16 -9.58
C VAL B 14 -4.94 -9.54 -9.52
N LYS B 15 -4.47 -10.43 -10.38
CA LYS B 15 -4.96 -11.80 -10.41
C LYS B 15 -3.83 -12.75 -10.07
N LYS B 16 -4.17 -14.02 -9.86
CA LYS B 16 -3.19 -15.04 -9.49
C LYS B 16 -2.58 -14.72 -8.13
N VAL B 17 -3.27 -13.85 -7.40
CA VAL B 17 -2.83 -13.45 -6.07
C VAL B 17 -3.17 -14.54 -5.06
N ARG B 18 -2.18 -15.34 -4.71
CA ARG B 18 -2.37 -16.46 -3.80
C ARG B 18 -2.23 -16.06 -2.34
N GLN B 19 -3.35 -15.92 -1.64
CA GLN B 19 -3.32 -15.64 -0.23
C GLN B 19 -3.49 -16.97 0.47
N LYS B 20 -2.48 -17.38 1.23
CA LYS B 20 -2.50 -18.67 1.91
C LYS B 20 -2.50 -19.79 0.86
N LYS B 21 -1.87 -19.48 -0.29
CA LYS B 21 -1.74 -20.40 -1.43
C LYS B 21 -2.99 -20.42 -2.31
N GLN B 22 -3.99 -19.62 -1.98
CA GLN B 22 -5.21 -19.56 -2.78
C GLN B 22 -5.04 -18.48 -3.84
N ASP B 23 -4.80 -18.87 -5.08
CA ASP B 23 -4.61 -17.87 -6.13
C ASP B 23 -5.93 -17.28 -6.56
N GLY B 24 -6.13 -16.05 -6.15
CA GLY B 24 -7.31 -15.33 -6.49
C GLY B 24 -7.01 -13.98 -7.09
N ALA B 25 -7.39 -12.95 -6.38
CA ALA B 25 -7.21 -11.60 -6.86
C ALA B 25 -7.03 -10.62 -5.73
N LEU B 26 -6.15 -9.66 -5.94
CA LEU B 26 -5.89 -8.63 -4.96
C LEU B 26 -6.40 -7.33 -5.55
N TYR B 27 -7.53 -6.87 -5.05
CA TYR B 27 -8.17 -5.66 -5.55
C TYR B 27 -7.89 -4.44 -4.69
N LEU B 28 -7.10 -3.51 -5.19
CA LEU B 28 -6.86 -2.29 -4.45
C LEU B 28 -7.96 -1.33 -4.85
N MET B 29 -8.93 -1.14 -4.00
CA MET B 29 -10.00 -0.23 -4.33
C MET B 29 -9.79 1.10 -3.67
N ALA B 30 -10.59 2.05 -4.08
CA ALA B 30 -10.49 3.43 -3.66
C ALA B 30 -10.10 3.62 -2.20
N GLU B 31 -10.86 3.02 -1.31
CA GLU B 31 -10.60 3.17 0.11
C GLU B 31 -10.32 1.84 0.79
N ARG B 32 -10.50 0.74 0.09
CA ARG B 32 -10.35 -0.57 0.70
C ARG B 32 -9.61 -1.55 -0.21
N ILE B 33 -8.66 -2.26 0.36
CA ILE B 33 -7.92 -3.28 -0.36
C ILE B 33 -8.59 -4.61 -0.07
N ALA B 34 -9.24 -5.18 -1.06
CA ALA B 34 -9.95 -6.43 -0.88
C ALA B 34 -9.43 -7.53 -1.78
N TRP B 35 -9.23 -8.68 -1.20
CA TRP B 35 -8.73 -9.84 -1.91
C TRP B 35 -9.81 -10.93 -1.96
N ALA B 36 -9.80 -11.73 -3.03
CA ALA B 36 -10.74 -12.84 -3.18
C ALA B 36 -10.05 -13.98 -3.93
N PRO B 37 -10.52 -15.23 -3.76
CA PRO B 37 -9.91 -16.39 -4.42
C PRO B 37 -10.48 -16.64 -5.82
N GLU B 38 -9.64 -17.23 -6.69
CA GLU B 38 -10.01 -17.55 -8.07
C GLU B 38 -10.65 -16.34 -8.76
N GLY B 39 -11.96 -16.42 -8.91
CA GLY B 39 -12.72 -15.36 -9.54
C GLY B 39 -14.00 -15.08 -8.80
N LYS B 40 -13.95 -15.24 -7.48
CA LYS B 40 -15.12 -15.01 -6.64
C LYS B 40 -15.47 -13.52 -6.60
N ASP B 41 -16.75 -13.22 -6.67
CA ASP B 41 -17.23 -11.84 -6.62
C ASP B 41 -17.22 -11.35 -5.18
N ARG B 42 -17.33 -12.29 -4.26
CA ARG B 42 -17.33 -11.97 -2.85
C ARG B 42 -15.90 -11.94 -2.33
N PHE B 43 -15.49 -10.79 -1.82
CA PHE B 43 -14.16 -10.62 -1.29
C PHE B 43 -14.02 -11.28 0.07
N THR B 44 -12.87 -11.87 0.31
CA THR B 44 -12.58 -12.56 1.55
C THR B 44 -11.95 -11.61 2.57
N ILE B 45 -10.93 -10.90 2.14
CA ILE B 45 -10.21 -9.98 3.02
C ILE B 45 -10.35 -8.54 2.51
N SER B 46 -10.98 -7.70 3.31
CA SER B 46 -11.17 -6.31 2.95
C SER B 46 -10.68 -5.39 4.07
N HIS B 47 -9.74 -4.52 3.75
CA HIS B 47 -9.19 -3.59 4.71
C HIS B 47 -9.03 -2.23 4.09
N MET B 48 -9.36 -1.22 4.83
CA MET B 48 -9.21 0.13 4.35
C MET B 48 -7.81 0.56 4.64
N TYR B 49 -7.30 1.48 3.87
CA TYR B 49 -5.96 1.99 4.09
C TYR B 49 -5.94 2.88 5.34
N ALA B 50 -6.91 2.64 6.21
CA ALA B 50 -7.09 3.36 7.46
C ALA B 50 -6.60 2.53 8.64
N ASP B 51 -6.94 1.24 8.64
CA ASP B 51 -6.54 0.35 9.72
C ASP B 51 -5.22 -0.32 9.40
N ILE B 52 -4.72 -0.10 8.19
CA ILE B 52 -3.45 -0.67 7.79
C ILE B 52 -2.32 0.26 8.23
N LYS B 53 -1.41 -0.28 9.00
CA LYS B 53 -0.29 0.49 9.53
C LYS B 53 0.79 0.68 8.47
N CYS B 54 1.32 -0.44 8.00
CA CYS B 54 2.37 -0.43 7.00
C CYS B 54 2.23 -1.67 6.12
N GLN B 55 3.18 -1.86 5.24
CA GLN B 55 3.16 -3.01 4.36
C GLN B 55 4.52 -3.67 4.40
N LYS B 56 4.66 -4.78 3.72
CA LYS B 56 5.93 -5.49 3.65
C LYS B 56 6.03 -6.17 2.31
N ILE B 57 7.08 -5.87 1.57
CA ILE B 57 7.27 -6.46 0.25
C ILE B 57 8.48 -7.35 0.22
N SER B 58 8.59 -8.14 -0.82
CA SER B 58 9.72 -9.01 -1.00
C SER B 58 10.74 -8.28 -1.88
N PRO B 59 11.78 -7.69 -1.26
CA PRO B 59 12.79 -6.91 -1.98
C PRO B 59 13.70 -7.79 -2.83
N GLU B 60 14.42 -7.17 -3.77
CA GLU B 60 15.34 -7.87 -4.68
C GLU B 60 14.57 -8.64 -5.76
N GLY B 61 13.43 -9.19 -5.37
CA GLY B 61 12.61 -9.94 -6.28
C GLY B 61 11.92 -11.05 -5.55
N LYS B 62 12.74 -11.95 -4.99
CA LYS B 62 12.27 -13.11 -4.22
C LYS B 62 11.48 -14.09 -5.08
N ALA B 63 11.55 -15.36 -4.70
CA ALA B 63 10.82 -16.40 -5.40
C ALA B 63 9.36 -16.34 -4.99
N LYS B 64 9.15 -15.94 -3.74
CA LYS B 64 7.83 -15.79 -3.20
C LYS B 64 7.46 -14.32 -3.30
N ILE B 65 6.71 -13.94 -4.33
CA ILE B 65 6.33 -12.55 -4.47
C ILE B 65 5.19 -12.28 -3.49
N GLN B 66 5.52 -11.97 -2.26
CA GLN B 66 4.48 -11.74 -1.27
C GLN B 66 4.50 -10.33 -0.70
N LEU B 67 3.29 -9.86 -0.38
CA LEU B 67 3.08 -8.56 0.20
C LEU B 67 2.37 -8.70 1.53
N GLN B 68 3.02 -8.28 2.60
CA GLN B 68 2.43 -8.38 3.93
C GLN B 68 1.75 -7.09 4.36
N LEU B 69 0.44 -7.17 4.52
CA LEU B 69 -0.34 -6.03 4.96
C LEU B 69 -0.29 -5.94 6.47
N VAL B 70 0.56 -5.08 6.99
CA VAL B 70 0.69 -4.92 8.43
C VAL B 70 -0.33 -3.92 8.92
N LEU B 71 -1.36 -4.41 9.60
CA LEU B 71 -2.42 -3.55 10.08
C LEU B 71 -2.18 -3.14 11.53
N HIS B 72 -2.82 -2.05 11.94
CA HIS B 72 -2.69 -1.53 13.31
C HIS B 72 -3.35 -2.48 14.31
N ALA B 73 -4.17 -3.38 13.79
CA ALA B 73 -4.88 -4.33 14.64
C ALA B 73 -3.94 -5.40 15.17
N GLY B 74 -2.82 -5.61 14.49
CA GLY B 74 -1.89 -6.63 14.93
C GLY B 74 -2.05 -7.85 14.09
N ASP B 75 -2.43 -7.59 12.84
CA ASP B 75 -2.67 -8.62 11.87
C ASP B 75 -1.89 -8.25 10.65
N THR B 76 -1.25 -9.22 10.07
CA THR B 76 -0.48 -8.97 8.89
C THR B 76 -0.79 -10.04 7.84
N THR B 77 -1.30 -9.64 6.69
CA THR B 77 -1.66 -10.59 5.63
C THR B 77 -0.62 -10.61 4.50
N ASN B 78 -0.04 -11.76 4.22
CA ASN B 78 0.96 -11.88 3.16
C ASN B 78 0.33 -12.41 1.87
N PHE B 79 0.08 -11.52 0.93
CA PHE B 79 -0.48 -11.90 -0.36
C PHE B 79 0.64 -12.40 -1.26
N HIS B 80 0.55 -13.65 -1.69
CA HIS B 80 1.60 -14.23 -2.51
C HIS B 80 1.23 -14.24 -3.99
N PHE B 81 1.88 -13.40 -4.75
CA PHE B 81 1.65 -13.30 -6.18
C PHE B 81 2.49 -14.36 -6.86
N SER B 82 1.88 -15.17 -7.71
CA SER B 82 2.59 -16.25 -8.37
C SER B 82 2.56 -16.16 -9.89
N ASN B 83 2.09 -15.05 -10.45
CA ASN B 83 2.06 -14.90 -11.88
C ASN B 83 3.32 -14.13 -12.22
N GLU B 84 4.48 -14.75 -11.99
CA GLU B 84 5.80 -14.10 -12.17
C GLU B 84 5.93 -13.26 -13.42
N SER B 85 5.11 -13.50 -14.42
CA SER B 85 5.14 -12.64 -15.59
C SER B 85 5.01 -11.20 -15.10
N THR B 86 4.19 -11.06 -14.06
CA THR B 86 3.96 -9.78 -13.41
C THR B 86 4.12 -9.82 -11.89
N ALA B 87 4.00 -11.01 -11.27
CA ALA B 87 4.02 -11.20 -9.79
C ALA B 87 4.81 -10.13 -9.05
N VAL B 88 6.12 -10.20 -9.15
CA VAL B 88 7.00 -9.21 -8.54
C VAL B 88 6.53 -7.78 -8.77
N LYS B 89 6.23 -7.47 -10.01
CA LYS B 89 5.79 -6.15 -10.40
C LYS B 89 4.37 -5.88 -9.87
N GLU B 90 3.60 -6.95 -9.68
CA GLU B 90 2.24 -6.84 -9.14
C GLU B 90 2.31 -6.46 -7.68
N ARG B 91 3.08 -7.23 -6.92
CA ARG B 91 3.29 -6.98 -5.50
C ARG B 91 3.83 -5.58 -5.32
N ASP B 92 4.84 -5.27 -6.11
CA ASP B 92 5.47 -3.96 -6.08
C ASP B 92 4.50 -2.87 -6.51
N ALA B 93 3.61 -3.20 -7.43
CA ALA B 93 2.62 -2.24 -7.91
C ALA B 93 1.59 -1.97 -6.85
N VAL B 94 1.10 -3.05 -6.29
CA VAL B 94 0.11 -2.99 -5.25
C VAL B 94 0.68 -2.20 -4.09
N LYS B 95 1.93 -2.51 -3.76
CA LYS B 95 2.66 -1.85 -2.71
C LYS B 95 2.80 -0.38 -3.04
N ASP B 96 3.17 -0.10 -4.27
CA ASP B 96 3.36 1.27 -4.71
C ASP B 96 2.11 2.09 -4.44
N LEU B 97 0.99 1.55 -4.92
CA LEU B 97 -0.31 2.19 -4.73
C LEU B 97 -0.67 2.24 -3.26
N LEU B 98 -0.50 1.11 -2.59
CA LEU B 98 -0.79 0.98 -1.16
C LEU B 98 -0.07 2.04 -0.35
N GLN B 99 1.25 2.03 -0.46
CA GLN B 99 2.11 2.98 0.24
C GLN B 99 1.69 4.43 0.01
N GLN B 100 1.37 4.78 -1.23
CA GLN B 100 1.00 6.15 -1.58
C GLN B 100 -0.42 6.52 -1.14
N LEU B 101 -1.33 5.55 -1.15
CA LEU B 101 -2.72 5.83 -0.80
C LEU B 101 -3.00 5.66 0.70
N LEU B 102 -2.09 5.00 1.40
CA LEU B 102 -2.25 4.77 2.84
C LEU B 102 -2.48 6.08 3.62
N PRO B 103 -1.60 7.10 3.46
CA PRO B 103 -1.74 8.38 4.16
C PRO B 103 -3.03 9.12 3.80
N LYS B 104 -3.82 8.56 2.88
CA LYS B 104 -5.07 9.18 2.49
C LYS B 104 -6.22 8.62 3.30
N PHE B 105 -6.01 7.47 3.94
CA PHE B 105 -7.07 6.85 4.71
C PHE B 105 -6.70 6.63 6.16
N LYS B 106 -5.41 6.56 6.46
CA LYS B 106 -4.99 6.36 7.83
C LYS B 106 -5.56 7.49 8.71
N ARG B 107 -6.30 7.06 9.72
CA ARG B 107 -7.00 7.93 10.67
C ARG B 107 -6.27 9.25 10.96
N LYS B 108 -4.98 9.16 11.28
CA LYS B 108 -4.13 10.32 11.60
C LYS B 108 -4.60 11.08 12.85
N ALA B 109 -5.55 10.50 13.58
CA ALA B 109 -6.07 11.11 14.79
C ALA B 109 -6.89 10.13 15.60
N ASN B 110 -6.59 8.85 15.44
CA ASN B 110 -7.30 7.78 16.16
C ASN B 110 -6.67 6.45 15.82
N GLU A 3 -1.42 -25.56 6.83
CA GLU A 3 -0.96 -24.39 6.05
C GLU A 3 0.08 -23.61 6.83
N GLU A 4 1.24 -24.21 6.95
CA GLU A 4 2.37 -23.66 7.68
C GLU A 4 3.63 -24.37 7.25
N ASP A 5 3.55 -24.91 6.04
CA ASP A 5 4.62 -25.69 5.44
C ASP A 5 5.58 -24.84 4.62
N GLU A 6 5.36 -23.55 4.65
CA GLU A 6 6.19 -22.61 3.93
C GLU A 6 5.96 -21.17 4.42
N GLU A 7 4.68 -20.86 4.63
CA GLU A 7 4.25 -19.54 5.09
C GLU A 7 4.49 -18.46 4.03
N GLU A 8 3.70 -17.42 4.07
CA GLU A 8 3.81 -16.33 3.11
C GLU A 8 4.64 -15.19 3.68
N ASP A 9 5.55 -15.53 4.58
CA ASP A 9 6.44 -14.54 5.18
C ASP A 9 7.85 -14.82 4.67
N ASP A 10 8.81 -13.97 4.99
CA ASP A 10 10.19 -14.13 4.50
C ASP A 10 11.06 -12.96 4.93
N GLU A 11 10.80 -11.81 4.35
CA GLU A 11 11.57 -10.61 4.60
C GLU A 11 10.76 -9.49 4.01
N PHE A 12 10.40 -8.53 4.82
CA PHE A 12 9.58 -7.46 4.33
C PHE A 12 10.05 -6.10 4.80
N GLU A 13 9.86 -5.13 3.93
CA GLU A 13 10.21 -3.76 4.20
C GLU A 13 8.99 -3.10 4.77
N GLU A 14 9.09 -2.54 5.96
CA GLU A 14 7.94 -1.88 6.55
C GLU A 14 7.56 -0.72 5.65
N VAL A 15 6.48 -0.88 4.89
CA VAL A 15 6.05 0.15 3.99
C VAL A 15 5.32 1.22 4.78
N ALA A 16 5.79 2.43 4.67
CA ALA A 16 5.17 3.53 5.36
C ALA A 16 4.09 4.11 4.48
N ASP A 17 3.05 4.62 5.13
CA ASP A 17 1.94 5.27 4.45
C ASP A 17 2.40 6.59 3.84
N ASP A 18 3.26 6.46 2.84
CA ASP A 18 3.85 7.61 2.16
C ASP A 18 2.88 8.20 1.16
N PRO A 19 2.51 9.47 1.35
CA PRO A 19 1.60 10.18 0.48
C PRO A 19 2.30 10.73 -0.76
N ILE A 20 1.52 11.42 -1.57
CA ILE A 20 2.04 12.01 -2.80
C ILE A 20 2.06 13.52 -2.67
N VAL A 21 3.24 14.10 -2.81
CA VAL A 21 3.43 15.53 -2.69
C VAL A 21 3.88 16.13 -4.02
N MET A 22 3.25 17.23 -4.41
CA MET A 22 3.58 17.89 -5.66
C MET A 22 4.71 18.86 -5.45
N VAL A 23 5.72 18.77 -6.29
CA VAL A 23 6.85 19.66 -6.23
C VAL A 23 7.10 20.24 -7.60
N ALA A 24 6.92 21.54 -7.73
CA ALA A 24 7.08 22.25 -8.99
C ALA A 24 6.06 21.73 -9.99
N GLY A 25 4.96 21.18 -9.48
CA GLY A 25 3.92 20.65 -10.35
C GLY A 25 4.25 19.24 -10.80
N ARG A 26 5.16 18.60 -10.09
CA ARG A 26 5.56 17.24 -10.39
C ARG A 26 5.13 16.33 -9.24
N PRO A 27 4.43 15.23 -9.56
CA PRO A 27 3.95 14.30 -8.54
C PRO A 27 5.06 13.42 -7.97
N PHE A 28 5.56 13.81 -6.80
CA PHE A 28 6.61 13.05 -6.14
C PHE A 28 6.06 12.47 -4.86
N SER A 29 6.73 11.48 -4.31
CA SER A 29 6.29 10.89 -3.08
C SER A 29 6.98 11.59 -1.92
N TYR A 30 6.47 11.42 -0.73
CA TYR A 30 7.07 12.05 0.44
C TYR A 30 8.45 11.48 0.66
N SER A 31 8.58 10.16 0.53
CA SER A 31 9.86 9.48 0.69
C SER A 31 10.85 9.99 -0.37
N GLU A 32 10.30 10.59 -1.42
CA GLU A 32 11.09 11.15 -2.49
C GLU A 32 11.51 12.56 -2.12
N VAL A 33 10.51 13.39 -1.86
CA VAL A 33 10.71 14.77 -1.52
C VAL A 33 11.52 14.92 -0.22
N SER A 34 11.40 13.98 0.68
CA SER A 34 12.10 14.05 1.97
C SER A 34 13.56 13.67 1.83
N GLN A 35 13.84 12.71 0.98
CA GLN A 35 15.20 12.23 0.79
C GLN A 35 15.92 13.03 -0.29
N ARG A 36 15.18 13.91 -0.96
CA ARG A 36 15.75 14.70 -2.03
C ARG A 36 15.72 16.19 -1.72
N PRO A 37 16.87 16.75 -1.33
CA PRO A 37 17.00 18.16 -1.01
C PRO A 37 16.67 19.04 -2.21
N GLU A 38 16.81 18.49 -3.41
CA GLU A 38 16.53 19.25 -4.64
C GLU A 38 15.05 19.47 -4.76
N LEU A 39 14.28 18.48 -4.35
CA LEU A 39 12.84 18.56 -4.44
C LEU A 39 12.33 19.64 -3.50
N VAL A 40 12.78 19.63 -2.26
CA VAL A 40 12.34 20.65 -1.31
C VAL A 40 12.98 22.00 -1.66
N ALA A 41 14.01 21.94 -2.50
CA ALA A 41 14.71 23.13 -2.95
C ALA A 41 14.01 23.73 -4.16
N GLN A 42 13.20 22.92 -4.81
CA GLN A 42 12.48 23.34 -6.00
C GLN A 42 11.00 23.40 -5.68
N MET A 43 10.67 23.05 -4.45
CA MET A 43 9.31 23.07 -4.01
C MET A 43 9.00 24.44 -3.45
N THR A 44 7.85 24.93 -3.80
CA THR A 44 7.41 26.25 -3.37
C THR A 44 7.02 26.22 -1.90
N PRO A 45 6.87 27.39 -1.25
CA PRO A 45 6.46 27.44 0.15
C PRO A 45 5.20 26.61 0.38
N GLU A 46 4.26 26.74 -0.55
CA GLU A 46 3.01 26.00 -0.50
C GLU A 46 3.30 24.50 -0.52
N GLU A 47 4.12 24.07 -1.47
CA GLU A 47 4.49 22.67 -1.61
C GLU A 47 5.23 22.19 -0.38
N LYS A 48 6.15 23.01 0.13
CA LYS A 48 6.90 22.68 1.34
C LYS A 48 5.97 22.47 2.51
N GLU A 49 5.01 23.37 2.68
CA GLU A 49 4.05 23.26 3.77
C GLU A 49 3.18 22.02 3.56
N ALA A 50 2.85 21.78 2.30
CA ALA A 50 2.05 20.62 1.95
C ALA A 50 2.81 19.34 2.29
N TYR A 51 4.10 19.32 1.94
CA TYR A 51 4.97 18.20 2.22
C TYR A 51 5.08 18.00 3.73
N ILE A 52 5.30 19.09 4.45
CA ILE A 52 5.44 19.05 5.89
C ILE A 52 4.15 18.52 6.53
N ALA A 53 3.02 19.08 6.12
CA ALA A 53 1.72 18.69 6.65
C ALA A 53 1.42 17.21 6.33
N MET A 54 1.96 16.73 5.23
CA MET A 54 1.78 15.35 4.81
C MET A 54 2.52 14.41 5.76
N GLY A 55 3.72 14.82 6.16
CA GLY A 55 4.51 14.01 7.06
C GLY A 55 3.86 13.86 8.41
N GLN A 56 3.10 14.88 8.80
CA GLN A 56 2.39 14.87 10.06
C GLN A 56 1.42 13.71 10.15
N ARG A 57 1.01 13.18 9.01
CA ARG A 57 0.08 12.05 8.98
C ARG A 57 0.80 10.73 9.24
N MET A 58 2.08 10.70 8.93
CA MET A 58 2.88 9.52 9.17
C MET A 58 3.62 9.66 10.49
N PHE A 59 3.53 10.85 11.06
CA PHE A 59 4.22 11.17 12.30
C PHE A 59 3.27 11.35 13.48
N GLU A 60 2.25 12.18 13.32
CA GLU A 60 1.31 12.44 14.42
C GLU A 60 0.16 11.44 14.44
N ASP A 61 0.23 10.50 13.53
CA ASP A 61 -0.80 9.46 13.43
C ASP A 61 -0.20 8.11 13.81
N LEU A 62 0.49 8.09 14.93
CA LEU A 62 1.10 6.87 15.43
C LEU A 62 0.74 6.67 16.89
N PHE A 63 1.77 6.66 17.75
CA PHE A 63 1.61 6.48 19.19
C PHE A 63 1.13 5.07 19.53
N GLU A 64 1.38 4.16 18.60
CA GLU A 64 1.00 2.76 18.74
C GLU A 64 1.75 1.94 17.69
N MET B 3 -27.58 8.39 -5.05
CA MET B 3 -28.23 7.46 -6.00
C MET B 3 -27.19 6.56 -6.64
N ALA B 4 -27.63 5.46 -7.26
CA ALA B 4 -26.74 4.51 -7.91
C ALA B 4 -25.71 3.96 -6.93
N THR B 5 -26.18 3.12 -6.02
CA THR B 5 -25.30 2.52 -5.01
C THR B 5 -24.48 1.38 -5.61
N SER B 6 -23.51 1.74 -6.43
CA SER B 6 -22.65 0.76 -7.08
C SER B 6 -21.20 1.23 -7.04
N SER B 7 -20.86 1.96 -5.99
CA SER B 7 -19.51 2.49 -5.83
C SER B 7 -18.52 1.38 -5.50
N GLU B 8 -17.95 0.79 -6.54
CA GLU B 8 -16.96 -0.27 -6.39
C GLU B 8 -15.72 0.10 -7.18
N GLU B 9 -15.24 1.30 -6.93
CA GLU B 9 -14.05 1.83 -7.58
C GLU B 9 -12.88 0.90 -7.37
N VAL B 10 -12.16 0.62 -8.43
CA VAL B 10 -11.01 -0.25 -8.32
C VAL B 10 -9.80 0.41 -8.93
N LEU B 11 -8.78 0.48 -8.12
CA LEU B 11 -7.52 1.09 -8.49
C LEU B 11 -6.64 0.08 -9.20
N LEU B 12 -6.56 -1.11 -8.63
CA LEU B 12 -5.72 -2.14 -9.21
C LEU B 12 -6.32 -3.53 -9.05
N ILE B 13 -6.24 -4.30 -10.13
CA ILE B 13 -6.72 -5.67 -10.15
C ILE B 13 -5.55 -6.60 -10.38
N VAL B 14 -5.07 -7.25 -9.33
CA VAL B 14 -3.96 -8.16 -9.48
C VAL B 14 -4.45 -9.58 -9.48
N LYS B 15 -3.89 -10.40 -10.36
CA LYS B 15 -4.29 -11.80 -10.45
C LYS B 15 -3.14 -12.69 -10.02
N LYS B 16 -3.44 -13.97 -9.85
CA LYS B 16 -2.47 -14.96 -9.41
C LYS B 16 -1.90 -14.58 -8.04
N VAL B 17 -2.62 -13.71 -7.34
CA VAL B 17 -2.22 -13.26 -6.02
C VAL B 17 -2.47 -14.35 -5.00
N ARG B 18 -1.41 -14.95 -4.49
CA ARG B 18 -1.54 -16.04 -3.55
C ARG B 18 -1.60 -15.58 -2.10
N GLN B 19 -2.51 -16.18 -1.36
CA GLN B 19 -2.67 -15.91 0.06
C GLN B 19 -2.67 -17.24 0.78
N LYS B 20 -1.50 -17.64 1.24
CA LYS B 20 -1.30 -18.91 1.93
C LYS B 20 -1.50 -20.07 0.96
N LYS B 21 -0.67 -20.07 -0.09
CA LYS B 21 -0.67 -21.11 -1.12
C LYS B 21 -1.99 -21.14 -1.90
N GLN B 22 -2.73 -20.04 -1.88
CA GLN B 22 -3.99 -19.95 -2.60
C GLN B 22 -3.94 -18.76 -3.54
N ASP B 23 -3.72 -18.99 -4.82
CA ASP B 23 -3.63 -17.89 -5.77
C ASP B 23 -5.00 -17.45 -6.26
N GLY B 24 -5.22 -16.15 -6.15
CA GLY B 24 -6.46 -15.58 -6.60
C GLY B 24 -6.27 -14.20 -7.18
N ALA B 25 -6.76 -13.20 -6.48
CA ALA B 25 -6.69 -11.84 -6.95
C ALA B 25 -6.63 -10.86 -5.80
N LEU B 26 -5.85 -9.82 -5.96
CA LEU B 26 -5.75 -8.78 -4.95
C LEU B 26 -6.32 -7.51 -5.55
N TYR B 27 -7.49 -7.15 -5.08
CA TYR B 27 -8.19 -5.98 -5.57
C TYR B 27 -8.01 -4.77 -4.67
N LEU B 28 -7.47 -3.70 -5.22
CA LEU B 28 -7.34 -2.47 -4.46
C LEU B 28 -8.51 -1.62 -4.85
N MET B 29 -9.50 -1.54 -3.99
CA MET B 29 -10.64 -0.74 -4.30
C MET B 29 -10.41 0.66 -3.80
N ALA B 30 -11.33 1.54 -4.17
CA ALA B 30 -11.23 2.95 -3.85
C ALA B 30 -10.66 3.23 -2.46
N GLU B 31 -11.28 2.64 -1.45
CA GLU B 31 -10.86 2.82 -0.07
C GLU B 31 -10.75 1.49 0.66
N ARG B 32 -10.78 0.38 -0.06
CA ARG B 32 -10.72 -0.91 0.58
C ARG B 32 -9.94 -1.93 -0.23
N ILE B 33 -9.02 -2.62 0.42
CA ILE B 33 -8.24 -3.65 -0.23
C ILE B 33 -8.88 -5.00 0.04
N ALA B 34 -9.28 -5.69 -1.01
CA ALA B 34 -9.91 -6.98 -0.85
C ALA B 34 -9.31 -8.02 -1.77
N TRP B 35 -9.06 -9.19 -1.22
CA TRP B 35 -8.46 -10.29 -1.94
C TRP B 35 -9.43 -11.47 -2.01
N ALA B 36 -9.38 -12.21 -3.11
CA ALA B 36 -10.21 -13.40 -3.30
C ALA B 36 -9.42 -14.42 -4.11
N PRO B 37 -9.68 -15.72 -3.94
CA PRO B 37 -8.95 -16.76 -4.69
C PRO B 37 -9.37 -16.82 -6.16
N GLU B 38 -8.63 -17.56 -6.96
CA GLU B 38 -8.90 -17.70 -8.39
C GLU B 38 -10.31 -18.18 -8.65
N GLY B 39 -10.95 -17.54 -9.63
CA GLY B 39 -12.30 -17.90 -10.03
C GLY B 39 -13.35 -17.49 -9.01
N LYS B 40 -13.21 -16.29 -8.45
CA LYS B 40 -14.16 -15.78 -7.47
C LYS B 40 -14.44 -14.31 -7.74
N ASP B 41 -15.72 -13.94 -7.72
CA ASP B 41 -16.10 -12.55 -7.94
C ASP B 41 -16.06 -11.78 -6.64
N ARG B 42 -16.65 -12.37 -5.60
CA ARG B 42 -16.68 -11.74 -4.30
C ARG B 42 -15.40 -12.06 -3.54
N PHE B 43 -14.84 -11.04 -2.91
CA PHE B 43 -13.60 -11.15 -2.16
C PHE B 43 -13.77 -11.97 -0.90
N THR B 44 -12.66 -12.53 -0.45
CA THR B 44 -12.61 -13.35 0.75
C THR B 44 -12.04 -12.55 1.92
N ILE B 45 -10.99 -11.79 1.65
CA ILE B 45 -10.34 -10.97 2.66
C ILE B 45 -10.52 -9.50 2.32
N SER B 46 -11.10 -8.74 3.24
CA SER B 46 -11.34 -7.32 3.02
C SER B 46 -10.78 -6.48 4.15
N HIS B 47 -9.99 -5.47 3.81
CA HIS B 47 -9.40 -4.56 4.78
C HIS B 47 -9.53 -3.14 4.25
N MET B 48 -10.00 -2.25 5.08
CA MET B 48 -10.14 -0.87 4.67
C MET B 48 -8.84 -0.14 4.97
N TYR B 49 -8.39 0.69 4.02
CA TYR B 49 -7.13 1.43 4.17
C TYR B 49 -7.14 2.28 5.43
N ALA B 50 -8.33 2.53 5.94
CA ALA B 50 -8.53 3.33 7.13
C ALA B 50 -7.95 2.68 8.38
N ASP B 51 -7.97 1.35 8.44
CA ASP B 51 -7.45 0.65 9.60
C ASP B 51 -6.02 0.17 9.36
N ILE B 52 -5.57 0.20 8.12
CA ILE B 52 -4.23 -0.26 7.83
C ILE B 52 -3.19 0.72 8.36
N LYS B 53 -2.42 0.25 9.32
CA LYS B 53 -1.39 1.04 9.98
C LYS B 53 -0.18 1.23 9.08
N CYS B 54 0.36 0.12 8.60
CA CYS B 54 1.52 0.14 7.74
C CYS B 54 1.51 -1.10 6.86
N GLN B 55 2.54 -1.26 6.07
CA GLN B 55 2.63 -2.42 5.21
C GLN B 55 4.02 -3.01 5.30
N LYS B 56 4.23 -4.09 4.58
CA LYS B 56 5.52 -4.75 4.51
C LYS B 56 5.64 -5.38 3.13
N ILE B 57 6.84 -5.49 2.61
CA ILE B 57 7.02 -6.06 1.27
C ILE B 57 8.29 -6.86 1.14
N SER B 58 8.22 -7.95 0.41
CA SER B 58 9.40 -8.72 0.12
C SER B 58 10.07 -8.06 -1.07
N PRO B 59 11.15 -7.31 -0.81
CA PRO B 59 11.85 -6.51 -1.82
C PRO B 59 12.63 -7.35 -2.85
N GLU B 60 13.49 -6.69 -3.61
CA GLU B 60 14.29 -7.35 -4.66
C GLU B 60 15.22 -8.43 -4.11
N GLY B 61 15.52 -8.36 -2.82
CA GLY B 61 16.39 -9.36 -2.22
C GLY B 61 15.60 -10.58 -1.80
N LYS B 62 14.46 -10.80 -2.45
CA LYS B 62 13.58 -11.91 -2.15
C LYS B 62 13.22 -12.67 -3.40
N ALA B 63 12.87 -13.94 -3.23
CA ALA B 63 12.46 -14.77 -4.36
C ALA B 63 10.94 -14.78 -4.43
N LYS B 64 10.31 -14.72 -3.27
CA LYS B 64 8.87 -14.69 -3.18
C LYS B 64 8.43 -13.23 -3.16
N ILE B 65 7.65 -12.83 -4.15
CA ILE B 65 7.17 -11.47 -4.22
C ILE B 65 5.98 -11.33 -3.29
N GLN B 66 6.19 -10.83 -2.09
CA GLN B 66 5.10 -10.74 -1.14
C GLN B 66 4.91 -9.34 -0.58
N LEU B 67 3.75 -9.16 0.02
CA LEU B 67 3.33 -7.93 0.63
C LEU B 67 2.69 -8.26 1.97
N GLN B 68 2.60 -7.29 2.87
CA GLN B 68 1.99 -7.52 4.17
C GLN B 68 1.20 -6.30 4.60
N LEU B 69 -0.03 -6.51 5.01
CA LEU B 69 -0.89 -5.45 5.47
C LEU B 69 -0.92 -5.42 6.98
N VAL B 70 -0.22 -4.48 7.56
CA VAL B 70 -0.19 -4.35 9.01
C VAL B 70 -1.26 -3.37 9.43
N LEU B 71 -2.35 -3.90 9.96
CA LEU B 71 -3.47 -3.06 10.35
C LEU B 71 -3.34 -2.59 11.80
N HIS B 72 -4.05 -1.50 12.11
CA HIS B 72 -4.05 -0.92 13.45
C HIS B 72 -4.79 -1.83 14.40
N ALA B 73 -5.65 -2.70 13.85
CA ALA B 73 -6.42 -3.63 14.65
C ALA B 73 -5.54 -4.66 15.33
N GLY B 74 -4.40 -4.97 14.72
CA GLY B 74 -3.51 -5.96 15.31
C GLY B 74 -3.54 -7.21 14.47
N ASP B 75 -3.75 -6.99 13.19
CA ASP B 75 -3.83 -8.05 12.22
C ASP B 75 -2.90 -7.69 11.10
N THR B 76 -2.18 -8.66 10.62
CA THR B 76 -1.28 -8.42 9.53
C THR B 76 -1.44 -9.54 8.50
N THR B 77 -1.84 -9.20 7.28
CA THR B 77 -2.04 -10.20 6.25
C THR B 77 -0.98 -10.10 5.15
N ASN B 78 -0.37 -11.24 4.82
CA ASN B 78 0.66 -11.28 3.78
C ASN B 78 0.08 -11.75 2.45
N PHE B 79 0.42 -11.05 1.39
CA PHE B 79 -0.04 -11.39 0.04
C PHE B 79 1.16 -11.78 -0.80
N HIS B 80 1.10 -12.94 -1.43
CA HIS B 80 2.21 -13.43 -2.23
C HIS B 80 1.88 -13.38 -3.72
N PHE B 81 2.47 -12.42 -4.41
CA PHE B 81 2.26 -12.26 -5.84
C PHE B 81 3.24 -13.17 -6.56
N SER B 82 2.72 -14.25 -7.11
CA SER B 82 3.56 -15.22 -7.79
C SER B 82 3.32 -15.26 -9.28
N ASN B 83 2.86 -14.17 -9.88
CA ASN B 83 2.65 -14.14 -11.31
C ASN B 83 4.02 -14.18 -11.96
N GLU B 84 4.32 -15.28 -12.62
CA GLU B 84 5.63 -15.45 -13.25
C GLU B 84 5.79 -14.54 -14.48
N SER B 85 5.60 -13.25 -14.26
CA SER B 85 5.73 -12.25 -15.30
C SER B 85 5.64 -10.84 -14.69
N THR B 86 4.76 -10.68 -13.71
CA THR B 86 4.57 -9.38 -13.07
C THR B 86 4.69 -9.43 -11.55
N ALA B 87 4.97 -10.61 -11.00
CA ALA B 87 5.06 -10.83 -9.56
C ALA B 87 5.50 -9.58 -8.78
N VAL B 88 6.77 -9.23 -8.91
CA VAL B 88 7.34 -8.04 -8.26
C VAL B 88 6.56 -6.76 -8.53
N LYS B 89 6.24 -6.49 -9.78
CA LYS B 89 5.51 -5.28 -10.15
C LYS B 89 4.14 -5.27 -9.50
N GLU B 90 3.55 -6.44 -9.33
CA GLU B 90 2.25 -6.54 -8.69
C GLU B 90 2.34 -6.13 -7.23
N ARG B 91 3.32 -6.70 -6.52
CA ARG B 91 3.55 -6.37 -5.13
C ARG B 91 3.78 -4.89 -5.00
N ASP B 92 4.66 -4.41 -5.86
CA ASP B 92 5.02 -3.02 -5.89
C ASP B 92 3.87 -2.11 -6.24
N ALA B 93 3.06 -2.53 -7.17
CA ALA B 93 1.93 -1.72 -7.62
C ALA B 93 0.90 -1.58 -6.54
N VAL B 94 0.54 -2.71 -5.99
CA VAL B 94 -0.43 -2.77 -4.92
C VAL B 94 0.06 -1.93 -3.75
N LYS B 95 1.33 -2.14 -3.43
CA LYS B 95 2.01 -1.42 -2.37
C LYS B 95 2.01 0.07 -2.64
N ASP B 96 2.30 0.41 -3.88
CA ASP B 96 2.35 1.81 -4.28
C ASP B 96 1.03 2.51 -3.97
N LEU B 97 -0.05 1.97 -4.51
CA LEU B 97 -1.38 2.52 -4.28
C LEU B 97 -1.70 2.51 -2.80
N LEU B 98 -1.41 1.39 -2.17
CA LEU B 98 -1.64 1.20 -0.73
C LEU B 98 -0.97 2.31 0.09
N GLN B 99 0.36 2.33 0.05
CA GLN B 99 1.16 3.30 0.76
C GLN B 99 0.72 4.75 0.48
N GLN B 100 0.43 5.05 -0.78
CA GLN B 100 0.04 6.41 -1.18
C GLN B 100 -1.36 6.80 -0.71
N LEU B 101 -2.27 5.85 -0.60
CA LEU B 101 -3.63 6.15 -0.20
C LEU B 101 -3.83 6.06 1.31
N LEU B 102 -3.00 5.25 1.95
CA LEU B 102 -3.08 5.02 3.40
C LEU B 102 -3.25 6.29 4.24
N PRO B 103 -2.35 7.29 4.13
CA PRO B 103 -2.42 8.51 4.96
C PRO B 103 -3.70 9.32 4.77
N LYS B 104 -4.50 8.98 3.77
CA LYS B 104 -5.74 9.70 3.53
C LYS B 104 -6.93 8.98 4.14
N PHE B 105 -6.83 7.67 4.26
CA PHE B 105 -7.91 6.88 4.84
C PHE B 105 -7.58 6.54 6.28
N LYS B 106 -6.33 6.77 6.65
CA LYS B 106 -5.81 6.49 7.98
C LYS B 106 -6.70 7.12 9.05
N ARG B 107 -7.44 6.28 9.75
CA ARG B 107 -8.34 6.71 10.81
C ARG B 107 -8.63 5.54 11.75
N LYS B 108 -9.58 4.70 11.34
CA LYS B 108 -9.97 3.53 12.12
C LYS B 108 -11.17 2.86 11.48
N ALA B 109 -12.16 3.67 11.15
CA ALA B 109 -13.38 3.20 10.52
C ALA B 109 -13.67 4.04 9.29
N ASN B 110 -14.79 4.73 9.36
CA ASN B 110 -15.21 5.60 8.27
C ASN B 110 -14.18 6.69 8.02
N GLU A 3 0.10 -25.74 4.75
CA GLU A 3 0.50 -27.15 4.59
C GLU A 3 2.01 -27.27 4.80
N GLU A 4 2.74 -27.10 3.72
CA GLU A 4 4.20 -27.12 3.75
C GLU A 4 4.68 -25.69 3.66
N ASP A 5 3.69 -24.83 3.55
CA ASP A 5 3.86 -23.40 3.44
C ASP A 5 2.52 -22.75 3.83
N GLU A 6 2.59 -21.62 4.51
CA GLU A 6 1.39 -20.93 4.97
C GLU A 6 1.45 -19.45 4.63
N GLU A 7 2.29 -19.09 3.66
CA GLU A 7 2.47 -17.70 3.24
C GLU A 7 2.79 -16.83 4.46
N GLU A 8 3.92 -17.17 5.09
CA GLU A 8 4.41 -16.49 6.28
C GLU A 8 5.10 -15.15 5.97
N ASP A 9 6.41 -15.10 6.11
CA ASP A 9 7.19 -13.88 5.88
C ASP A 9 8.28 -14.16 4.88
N ASP A 10 9.21 -15.05 5.26
CA ASP A 10 10.32 -15.46 4.39
C ASP A 10 11.38 -14.36 4.26
N GLU A 11 10.96 -13.16 3.86
CA GLU A 11 11.87 -12.05 3.66
C GLU A 11 11.06 -10.82 3.32
N PHE A 12 10.58 -10.12 4.31
CA PHE A 12 9.77 -8.94 4.05
C PHE A 12 10.40 -7.67 4.59
N GLU A 13 10.34 -6.63 3.76
CA GLU A 13 10.85 -5.32 4.12
C GLU A 13 9.68 -4.53 4.67
N GLU A 14 9.82 -3.96 5.85
CA GLU A 14 8.73 -3.16 6.38
C GLU A 14 8.60 -1.93 5.51
N VAL A 15 7.56 -1.91 4.68
CA VAL A 15 7.34 -0.80 3.79
C VAL A 15 6.78 0.35 4.60
N ALA A 16 7.22 1.55 4.32
CA ALA A 16 6.74 2.70 5.03
C ALA A 16 5.75 3.46 4.18
N ASP A 17 4.63 3.82 4.79
CA ASP A 17 3.59 4.58 4.14
C ASP A 17 4.15 5.90 3.64
N ASP A 18 4.57 5.92 2.40
CA ASP A 18 5.14 7.11 1.81
C ASP A 18 4.30 7.58 0.63
N PRO A 19 3.75 8.79 0.72
CA PRO A 19 2.91 9.37 -0.33
C PRO A 19 3.72 10.10 -1.38
N ILE A 20 3.08 10.38 -2.50
CA ILE A 20 3.72 11.08 -3.59
C ILE A 20 3.33 12.55 -3.54
N VAL A 21 4.33 13.39 -3.33
CA VAL A 21 4.12 14.81 -3.25
C VAL A 21 4.84 15.50 -4.41
N MET A 22 4.07 16.19 -5.24
CA MET A 22 4.61 16.85 -6.41
C MET A 22 5.29 18.14 -6.01
N VAL A 23 6.42 18.40 -6.63
CA VAL A 23 7.16 19.61 -6.39
C VAL A 23 7.55 20.23 -7.73
N ALA A 24 7.07 21.44 -7.96
CA ALA A 24 7.31 22.14 -9.20
C ALA A 24 6.71 21.36 -10.37
N GLY A 25 5.71 20.53 -10.05
CA GLY A 25 5.06 19.73 -11.06
C GLY A 25 5.76 18.40 -11.29
N ARG A 26 6.79 18.15 -10.48
CA ARG A 26 7.54 16.90 -10.59
C ARG A 26 7.13 15.96 -9.46
N PRO A 27 6.81 14.71 -9.79
CA PRO A 27 6.39 13.73 -8.80
C PRO A 27 7.54 13.19 -7.93
N PHE A 28 7.57 13.63 -6.69
CA PHE A 28 8.57 13.17 -5.74
C PHE A 28 7.88 12.47 -4.59
N SER A 29 8.59 11.64 -3.87
CA SER A 29 8.01 10.95 -2.74
C SER A 29 8.16 11.84 -1.50
N TYR A 30 7.50 11.50 -0.42
CA TYR A 30 7.57 12.29 0.79
C TYR A 30 8.96 12.22 1.40
N SER A 31 9.51 11.01 1.48
CA SER A 31 10.86 10.84 2.02
C SER A 31 11.88 11.53 1.11
N GLU A 32 11.44 11.83 -0.10
CA GLU A 32 12.27 12.49 -1.09
C GLU A 32 12.20 13.99 -0.87
N VAL A 33 10.97 14.50 -0.85
CA VAL A 33 10.71 15.91 -0.65
C VAL A 33 11.23 16.37 0.71
N SER A 34 11.09 15.52 1.72
CA SER A 34 11.54 15.86 3.07
C SER A 34 13.06 15.88 3.17
N GLN A 35 13.72 15.08 2.34
CA GLN A 35 15.17 15.02 2.34
C GLN A 35 15.76 16.13 1.50
N ARG A 36 14.92 16.81 0.73
CA ARG A 36 15.37 17.91 -0.10
C ARG A 36 14.73 19.23 0.28
N PRO A 37 15.42 20.03 1.12
CA PRO A 37 14.94 21.33 1.56
C PRO A 37 14.79 22.29 0.37
N GLU A 38 15.55 22.03 -0.69
CA GLU A 38 15.51 22.86 -1.89
C GLU A 38 14.23 22.57 -2.64
N LEU A 39 13.80 21.31 -2.60
CA LEU A 39 12.58 20.93 -3.28
C LEU A 39 11.41 21.65 -2.65
N VAL A 40 11.39 21.68 -1.32
CA VAL A 40 10.32 22.36 -0.59
C VAL A 40 10.45 23.87 -0.78
N ALA A 41 11.66 24.29 -1.12
CA ALA A 41 11.96 25.69 -1.36
C ALA A 41 11.64 26.07 -2.81
N GLN A 42 11.39 25.07 -3.63
CA GLN A 42 11.05 25.28 -5.02
C GLN A 42 9.65 24.79 -5.26
N MET A 43 9.05 24.28 -4.20
CA MET A 43 7.70 23.77 -4.26
C MET A 43 6.75 24.93 -4.09
N THR A 44 5.66 24.87 -4.79
CA THR A 44 4.67 25.94 -4.74
C THR A 44 3.91 25.90 -3.44
N PRO A 45 3.20 27.00 -3.08
CA PRO A 45 2.41 27.05 -1.85
C PRO A 45 1.48 25.84 -1.76
N GLU A 46 0.86 25.51 -2.89
CA GLU A 46 -0.04 24.37 -2.99
C GLU A 46 0.71 23.09 -2.66
N GLU A 47 1.88 22.93 -3.26
CA GLU A 47 2.69 21.74 -3.04
C GLU A 47 3.20 21.68 -1.60
N LYS A 48 3.62 22.83 -1.07
CA LYS A 48 4.08 22.91 0.31
C LYS A 48 2.97 22.55 1.28
N GLU A 49 1.79 23.10 1.06
CA GLU A 49 0.65 22.83 1.92
C GLU A 49 0.26 21.37 1.79
N ALA A 50 0.36 20.88 0.56
CA ALA A 50 0.06 19.49 0.27
C ALA A 50 1.03 18.58 1.00
N TYR A 51 2.31 18.93 0.93
CA TYR A 51 3.36 18.17 1.60
C TYR A 51 3.13 18.19 3.11
N ILE A 52 2.89 19.38 3.65
CA ILE A 52 2.64 19.54 5.08
C ILE A 52 1.43 18.72 5.52
N ALA A 53 0.32 18.85 4.79
CA ALA A 53 -0.91 18.14 5.11
C ALA A 53 -0.71 16.63 5.01
N MET A 54 0.06 16.20 4.01
CA MET A 54 0.33 14.78 3.81
C MET A 54 1.20 14.24 4.94
N GLY A 55 2.13 15.07 5.40
CA GLY A 55 3.01 14.68 6.47
C GLY A 55 2.29 14.61 7.79
N GLN A 56 1.36 15.54 8.01
CA GLN A 56 0.57 15.60 9.23
C GLN A 56 -0.10 14.26 9.51
N ARG A 57 -0.76 13.71 8.50
CA ARG A 57 -1.48 12.45 8.62
C ARG A 57 -0.55 11.31 9.01
N MET A 58 0.70 11.38 8.59
CA MET A 58 1.68 10.35 8.90
C MET A 58 2.33 10.61 10.25
N PHE A 59 2.81 11.83 10.41
CA PHE A 59 3.51 12.27 11.60
C PHE A 59 2.77 11.96 12.91
N GLU A 60 1.46 11.96 12.89
CA GLU A 60 0.73 11.66 14.13
C GLU A 60 0.20 10.23 14.14
N ASP A 61 0.83 9.36 13.35
CA ASP A 61 0.44 7.96 13.28
C ASP A 61 1.60 7.06 12.88
N LEU A 62 2.76 7.27 13.50
CA LEU A 62 3.95 6.46 13.22
C LEU A 62 4.55 5.94 14.51
N PHE A 63 3.91 6.28 15.62
CA PHE A 63 4.40 5.89 16.93
C PHE A 63 3.71 4.63 17.44
N GLU A 64 3.11 3.89 16.52
CA GLU A 64 2.41 2.66 16.86
C GLU A 64 1.83 2.05 15.58
N MET B 3 -24.52 4.76 2.59
CA MET B 3 -23.95 3.93 1.49
C MET B 3 -22.55 3.48 1.86
N ALA B 4 -22.19 2.27 1.47
CA ALA B 4 -20.86 1.74 1.77
C ALA B 4 -19.84 2.26 0.77
N THR B 5 -20.24 2.35 -0.48
CA THR B 5 -19.38 2.84 -1.54
C THR B 5 -19.36 4.37 -1.55
N SER B 6 -18.41 4.95 -0.83
CA SER B 6 -18.27 6.39 -0.76
C SER B 6 -17.66 6.91 -2.07
N SER B 7 -16.39 6.64 -2.28
CA SER B 7 -15.69 7.06 -3.49
C SER B 7 -14.63 6.02 -3.81
N GLU B 8 -15.08 4.82 -4.15
CA GLU B 8 -14.18 3.71 -4.45
C GLU B 8 -13.53 3.79 -5.82
N GLU B 9 -12.50 4.62 -5.92
CA GLU B 9 -11.73 4.76 -7.14
C GLU B 9 -10.73 3.60 -7.17
N VAL B 10 -11.16 2.47 -7.72
CA VAL B 10 -10.31 1.29 -7.80
C VAL B 10 -8.97 1.62 -8.41
N LEU B 11 -7.94 1.33 -7.66
CA LEU B 11 -6.59 1.63 -8.05
C LEU B 11 -5.99 0.52 -8.89
N LEU B 12 -5.94 -0.68 -8.32
CA LEU B 12 -5.34 -1.79 -9.02
C LEU B 12 -6.03 -3.12 -8.75
N ILE B 13 -6.33 -3.82 -9.83
CA ILE B 13 -6.94 -5.14 -9.77
C ILE B 13 -5.91 -6.18 -10.16
N VAL B 14 -5.38 -6.92 -9.20
CA VAL B 14 -4.38 -7.92 -9.51
C VAL B 14 -4.98 -9.30 -9.44
N LYS B 15 -4.68 -10.12 -10.44
CA LYS B 15 -5.17 -11.48 -10.46
C LYS B 15 -4.05 -12.44 -10.13
N LYS B 16 -4.41 -13.71 -9.93
CA LYS B 16 -3.46 -14.75 -9.56
C LYS B 16 -2.86 -14.49 -8.18
N VAL B 17 -3.46 -13.54 -7.47
CA VAL B 17 -3.02 -13.19 -6.13
C VAL B 17 -3.50 -14.27 -5.16
N ARG B 18 -2.57 -15.06 -4.65
CA ARG B 18 -2.90 -16.15 -3.77
C ARG B 18 -2.87 -15.73 -2.31
N GLN B 19 -3.84 -16.23 -1.56
CA GLN B 19 -3.94 -15.96 -0.13
C GLN B 19 -4.19 -17.28 0.57
N LYS B 20 -3.11 -17.90 1.02
CA LYS B 20 -3.16 -19.18 1.70
C LYS B 20 -3.38 -20.29 0.68
N LYS B 21 -2.52 -20.30 -0.34
CA LYS B 21 -2.52 -21.29 -1.40
C LYS B 21 -3.76 -21.22 -2.32
N GLN B 22 -4.53 -20.14 -2.25
CA GLN B 22 -5.71 -20.04 -3.10
C GLN B 22 -5.56 -18.87 -4.05
N ASP B 23 -5.70 -19.15 -5.34
CA ASP B 23 -5.58 -18.14 -6.38
C ASP B 23 -6.79 -17.23 -6.42
N GLY B 24 -6.55 -15.96 -6.21
CA GLY B 24 -7.60 -14.98 -6.24
C GLY B 24 -7.17 -13.70 -6.90
N ALA B 25 -7.60 -12.61 -6.31
CA ALA B 25 -7.33 -11.29 -6.82
C ALA B 25 -7.15 -10.30 -5.69
N LEU B 26 -6.19 -9.42 -5.83
CA LEU B 26 -5.95 -8.40 -4.84
C LEU B 26 -6.46 -7.08 -5.40
N TYR B 27 -7.55 -6.61 -4.82
CA TYR B 27 -8.19 -5.39 -5.26
C TYR B 27 -7.81 -4.21 -4.37
N LEU B 28 -7.06 -3.27 -4.93
CA LEU B 28 -6.72 -2.07 -4.17
C LEU B 28 -7.77 -1.04 -4.48
N MET B 29 -8.69 -0.83 -3.56
CA MET B 29 -9.70 0.16 -3.78
C MET B 29 -9.33 1.44 -3.10
N ALA B 30 -9.96 2.50 -3.56
CA ALA B 30 -9.70 3.84 -3.12
C ALA B 30 -9.45 3.98 -1.62
N GLU B 31 -10.40 3.52 -0.83
CA GLU B 31 -10.31 3.66 0.62
C GLU B 31 -9.94 2.37 1.33
N ARG B 32 -10.00 1.24 0.63
CA ARG B 32 -9.70 -0.02 1.28
C ARG B 32 -9.20 -1.07 0.31
N ILE B 33 -8.34 -1.93 0.82
CA ILE B 33 -7.76 -3.00 0.04
C ILE B 33 -8.54 -4.29 0.34
N ALA B 34 -9.10 -4.88 -0.69
CA ALA B 34 -9.88 -6.10 -0.51
C ALA B 34 -9.42 -7.20 -1.44
N TRP B 35 -9.28 -8.40 -0.90
CA TRP B 35 -8.85 -9.55 -1.65
C TRP B 35 -9.97 -10.57 -1.71
N ALA B 36 -10.08 -11.24 -2.84
CA ALA B 36 -11.05 -12.29 -3.07
C ALA B 36 -10.47 -13.26 -4.08
N PRO B 37 -10.85 -14.55 -4.08
CA PRO B 37 -10.32 -15.52 -5.04
C PRO B 37 -10.82 -15.20 -6.46
N GLU B 38 -10.58 -16.08 -7.44
CA GLU B 38 -11.05 -15.83 -8.80
C GLU B 38 -12.55 -15.48 -8.76
N GLY B 39 -13.26 -16.10 -7.82
CA GLY B 39 -14.66 -15.81 -7.64
C GLY B 39 -14.81 -14.58 -6.77
N LYS B 40 -14.14 -13.50 -7.21
CA LYS B 40 -14.11 -12.21 -6.52
C LYS B 40 -15.47 -11.53 -6.41
N ASP B 41 -16.51 -12.23 -6.83
CA ASP B 41 -17.86 -11.73 -6.74
C ASP B 41 -18.23 -11.66 -5.27
N ARG B 42 -17.37 -12.27 -4.46
CA ARG B 42 -17.50 -12.28 -3.02
C ARG B 42 -16.11 -12.05 -2.42
N PHE B 43 -15.96 -10.99 -1.65
CA PHE B 43 -14.65 -10.68 -1.07
C PHE B 43 -14.40 -11.53 0.17
N THR B 44 -13.11 -11.70 0.49
CA THR B 44 -12.72 -12.50 1.63
C THR B 44 -11.99 -11.65 2.67
N ILE B 45 -11.06 -10.82 2.21
CA ILE B 45 -10.27 -9.98 3.10
C ILE B 45 -10.42 -8.50 2.74
N SER B 46 -10.89 -7.71 3.69
CA SER B 46 -11.06 -6.27 3.49
C SER B 46 -10.39 -5.47 4.60
N HIS B 47 -9.44 -4.63 4.22
CA HIS B 47 -8.73 -3.80 5.18
C HIS B 47 -8.69 -2.38 4.66
N MET B 48 -8.87 -1.43 5.55
CA MET B 48 -8.86 -0.04 5.18
C MET B 48 -7.48 0.52 5.37
N TYR B 49 -7.07 1.39 4.46
CA TYR B 49 -5.74 2.01 4.52
C TYR B 49 -5.52 2.77 5.83
N ALA B 50 -6.60 2.95 6.59
CA ALA B 50 -6.55 3.64 7.86
C ALA B 50 -6.09 2.74 8.99
N ASP B 51 -6.49 1.47 8.95
CA ASP B 51 -6.11 0.53 10.01
C ASP B 51 -4.78 -0.15 9.70
N ILE B 52 -4.31 0.00 8.47
CA ILE B 52 -3.03 -0.59 8.10
C ILE B 52 -1.90 0.28 8.61
N LYS B 53 -0.97 -0.33 9.33
CA LYS B 53 0.15 0.37 9.92
C LYS B 53 1.29 0.52 8.91
N CYS B 54 1.81 -0.60 8.48
CA CYS B 54 2.91 -0.63 7.54
C CYS B 54 2.75 -1.82 6.62
N GLN B 55 3.70 -2.01 5.73
CA GLN B 55 3.63 -3.10 4.79
C GLN B 55 4.89 -3.94 4.90
N LYS B 56 4.89 -5.08 4.23
CA LYS B 56 6.02 -5.98 4.20
C LYS B 56 6.11 -6.55 2.80
N ILE B 57 7.32 -6.66 2.25
CA ILE B 57 7.46 -7.15 0.89
C ILE B 57 8.68 -8.02 0.68
N SER B 58 8.59 -8.88 -0.32
CA SER B 58 9.69 -9.75 -0.70
C SER B 58 10.59 -8.95 -1.64
N PRO B 59 11.72 -8.45 -1.14
CA PRO B 59 12.65 -7.62 -1.90
C PRO B 59 13.58 -8.41 -2.81
N GLU B 60 14.40 -7.69 -3.56
CA GLU B 60 15.38 -8.26 -4.49
C GLU B 60 14.79 -9.35 -5.38
N GLY B 61 15.43 -10.51 -5.40
CA GLY B 61 14.98 -11.60 -6.23
C GLY B 61 14.40 -12.73 -5.41
N LYS B 62 13.28 -12.45 -4.75
CA LYS B 62 12.62 -13.45 -3.92
C LYS B 62 11.71 -14.33 -4.75
N ALA B 63 11.81 -15.64 -4.53
CA ALA B 63 10.98 -16.62 -5.24
C ALA B 63 9.52 -16.46 -4.83
N LYS B 64 9.32 -16.17 -3.56
CA LYS B 64 8.00 -15.96 -3.01
C LYS B 64 7.66 -14.49 -3.10
N ILE B 65 6.74 -14.12 -3.97
CA ILE B 65 6.38 -12.73 -4.09
C ILE B 65 5.21 -12.45 -3.16
N GLN B 66 5.50 -12.15 -1.90
CA GLN B 66 4.43 -11.92 -0.94
C GLN B 66 4.48 -10.51 -0.35
N LEU B 67 3.31 -10.00 -0.03
CA LEU B 67 3.14 -8.67 0.54
C LEU B 67 2.39 -8.80 1.87
N GLN B 68 3.03 -8.46 2.97
CA GLN B 68 2.40 -8.55 4.27
C GLN B 68 1.90 -7.20 4.77
N LEU B 69 0.59 -7.04 4.80
CA LEU B 69 -0.01 -5.80 5.26
C LEU B 69 -0.08 -5.79 6.78
N VAL B 70 0.87 -5.11 7.38
CA VAL B 70 0.94 -5.02 8.83
C VAL B 70 -0.03 -3.96 9.32
N LEU B 71 -1.14 -4.39 9.90
CA LEU B 71 -2.14 -3.46 10.38
C LEU B 71 -1.86 -3.03 11.82
N HIS B 72 -2.44 -1.89 12.20
CA HIS B 72 -2.27 -1.35 13.55
C HIS B 72 -2.94 -2.25 14.58
N ALA B 73 -3.92 -3.02 14.12
CA ALA B 73 -4.67 -3.91 14.99
C ALA B 73 -3.80 -5.03 15.55
N GLY B 74 -2.75 -5.39 14.85
CA GLY B 74 -1.89 -6.45 15.31
C GLY B 74 -2.11 -7.68 14.47
N ASP B 75 -2.39 -7.41 13.21
CA ASP B 75 -2.65 -8.43 12.24
C ASP B 75 -1.84 -8.08 11.03
N THR B 76 -1.49 -9.07 10.27
CA THR B 76 -0.71 -8.83 9.08
C THR B 76 -1.24 -9.67 7.92
N THR B 77 -1.67 -9.00 6.87
CA THR B 77 -2.22 -9.66 5.70
C THR B 77 -1.15 -9.99 4.67
N ASN B 78 -0.69 -11.23 4.65
CA ASN B 78 0.36 -11.63 3.71
C ASN B 78 -0.27 -12.17 2.42
N PHE B 79 -0.09 -11.46 1.33
CA PHE B 79 -0.62 -11.87 0.04
C PHE B 79 0.50 -12.46 -0.81
N HIS B 80 0.25 -13.60 -1.44
CA HIS B 80 1.26 -14.27 -2.26
C HIS B 80 0.96 -14.08 -3.74
N PHE B 81 1.77 -13.28 -4.39
CA PHE B 81 1.60 -12.99 -5.81
C PHE B 81 2.35 -14.03 -6.62
N SER B 82 1.61 -14.89 -7.28
CA SER B 82 2.19 -15.94 -8.10
C SER B 82 1.67 -15.87 -9.53
N ASN B 83 2.08 -14.85 -10.27
CA ASN B 83 1.68 -14.71 -11.65
C ASN B 83 2.90 -14.89 -12.55
N GLU B 84 3.88 -15.59 -11.98
CA GLU B 84 5.13 -15.92 -12.66
C GLU B 84 5.85 -14.68 -13.23
N SER B 85 5.55 -14.38 -14.49
CA SER B 85 6.18 -13.28 -15.21
C SER B 85 6.01 -11.91 -14.53
N THR B 86 4.92 -11.70 -13.81
CA THR B 86 4.71 -10.40 -13.18
C THR B 86 4.54 -10.47 -11.67
N ALA B 87 4.62 -11.67 -11.11
CA ALA B 87 4.44 -11.87 -9.66
C ALA B 87 5.05 -10.72 -8.85
N VAL B 88 6.38 -10.62 -8.89
CA VAL B 88 7.11 -9.55 -8.19
C VAL B 88 6.57 -8.15 -8.50
N LYS B 89 6.46 -7.82 -9.77
CA LYS B 89 5.99 -6.50 -10.20
C LYS B 89 4.59 -6.20 -9.66
N GLU B 90 3.75 -7.22 -9.60
CA GLU B 90 2.40 -7.06 -9.10
C GLU B 90 2.41 -6.69 -7.63
N ARG B 91 3.17 -7.45 -6.84
CA ARG B 91 3.31 -7.18 -5.42
C ARG B 91 3.91 -5.81 -5.22
N ASP B 92 4.96 -5.54 -5.99
CA ASP B 92 5.65 -4.27 -5.93
C ASP B 92 4.73 -3.12 -6.31
N ALA B 93 3.85 -3.38 -7.26
CA ALA B 93 2.90 -2.38 -7.73
C ALA B 93 1.88 -2.08 -6.67
N VAL B 94 1.31 -3.15 -6.15
CA VAL B 94 0.32 -3.07 -5.11
C VAL B 94 0.91 -2.33 -3.94
N LYS B 95 2.14 -2.69 -3.62
CA LYS B 95 2.90 -2.10 -2.55
C LYS B 95 3.11 -0.63 -2.80
N ASP B 96 3.46 -0.30 -4.03
CA ASP B 96 3.69 1.07 -4.41
C ASP B 96 2.45 1.90 -4.13
N LEU B 97 1.33 1.46 -4.69
CA LEU B 97 0.06 2.13 -4.51
C LEU B 97 -0.33 2.15 -3.03
N LEU B 98 -0.14 1.02 -2.38
CA LEU B 98 -0.46 0.86 -0.98
C LEU B 98 0.32 1.85 -0.13
N GLN B 99 1.64 1.84 -0.29
CA GLN B 99 2.52 2.74 0.45
C GLN B 99 2.17 4.21 0.20
N GLN B 100 1.88 4.54 -1.06
CA GLN B 100 1.56 5.92 -1.44
C GLN B 100 0.19 6.39 -0.95
N LEU B 101 -0.79 5.52 -1.02
CA LEU B 101 -2.15 5.87 -0.61
C LEU B 101 -2.40 5.72 0.89
N LEU B 102 -1.46 5.13 1.59
CA LEU B 102 -1.59 4.94 3.02
C LEU B 102 -1.75 6.27 3.77
N PRO B 103 -0.83 7.25 3.56
CA PRO B 103 -0.91 8.56 4.23
C PRO B 103 -2.15 9.35 3.86
N LYS B 104 -2.98 8.77 3.02
CA LYS B 104 -4.23 9.39 2.60
C LYS B 104 -5.34 8.98 3.57
N PHE B 105 -5.22 7.77 4.12
CA PHE B 105 -6.22 7.26 5.06
C PHE B 105 -5.62 6.91 6.40
N LYS B 106 -4.32 7.10 6.54
CA LYS B 106 -3.60 6.77 7.78
C LYS B 106 -4.29 7.40 8.98
N ARG B 107 -4.87 6.56 9.82
CA ARG B 107 -5.56 7.01 11.01
C ARG B 107 -5.78 5.84 11.97
N LYS B 108 -5.00 5.83 13.04
CA LYS B 108 -5.07 4.80 14.08
C LYS B 108 -6.51 4.46 14.44
N ALA B 109 -6.86 3.20 14.25
CA ALA B 109 -8.20 2.71 14.56
C ALA B 109 -8.13 1.68 15.68
N ASN B 110 -7.32 1.97 16.68
CA ASN B 110 -7.15 1.10 17.82
C ASN B 110 -6.82 1.92 19.05
#